data_7NFY
#
_entry.id   7NFY
#
_cell.length_a   1.00
_cell.length_b   1.00
_cell.length_c   1.00
_cell.angle_alpha   90.00
_cell.angle_beta   90.00
_cell.angle_gamma   90.00
#
_symmetry.space_group_name_H-M   'P 1'
#
loop_
_entity.id
_entity.type
_entity.pdbx_description
1 polymer 'Lon protease homolog, mitochondrial'
2 polymer 'substrate protein'
3 non-polymer 'PHOSPHOTHIOPHOSPHORIC ACID-ADENYLATE ESTER'
4 non-polymer 'MAGNESIUM ION'
5 non-polymer "ADENOSINE-5'-DIPHOSPHATE"
#
loop_
_entity_poly.entity_id
_entity_poly.type
_entity_poly.pdbx_seq_one_letter_code
_entity_poly.pdbx_strand_id
1 'polypeptide(L)'
;HHHHHHGSMTIPDVFPHLPLIAITRNPVFPRFIKIIEVKNKKLVELLRRKVRLAQPYVGVFLKRDDSNESDVVESLDEIY
HTGTFAQIHEMQDLGDKLRMIVMGHRRVHISRQLEVEPEEPEAENKHKPRRKSKRGKKEAEDELSARHPAELAMEPTPEL
PAEVLMVEVENVVHEDFQVTEEVKALTAEIVKTIRDIIALNPLYRESVLQMMQAGQRVVDNPIYLSDMGAALTGAESHEL
QDVLEETNIPKRLYKALSLLKKEFELSKLQQRLGREVEEKIKQTHRKYLLQEQLKIIKKELGLEKDDKDAIEEKFRERLK
ELVVPKHVMDVVDEELSKLGLLDNHSSEFNVTRNYLDWLTSIPWGKYSNENLDLARAQAVLEEDHYGMEDVKKRILEFIA
VSQLRGSTQGKILCFYGPPGVGKTSIARSIARALNREYFRFSVGGMTDVAEIKGHRRTYVGAMPGKIIQCLKKTKTENPL
ILIDEVDKIGRGYQGDPSSALLELLDPEQNANFLDHYLDVPVDLSKVLFICTANVTDTIPEPLRDRMEMINVSGYVAQEK
LAIAERYLVPQARALCGLDESKAKLSSDVLTLLIKQYCRESGVRNLQKQVEKVLRKSAYKIVSGEAESVEVTPENLQDFV
GKPVFTVERMYDVTPPGVVMGLAWTAMGGSTLFVETSLRRPQDKDAKGDKDGSLEVTGQLGEVMKESARIAYTFARAFLM
QHAPANDYLVTSHIHLHVPEGATPKDGPSAGCTIVTALLSLAMGRPVRQNLAMTGEVSLTGKILPVGGIKEKTIAAKRAG
VTCIVLPAENKKDFYDLAAFITEGLEVHFVEHYREIFDIAFPDEQAEALAVER
;
A,B,C,D,E,F
2 'polypeptide(L)'
;(UNK)(UNK)(UNK)(UNK)(UNK)(UNK)(UNK)(UNK)(UNK)(UNK)(UNK)(UNK)(UNK)(UNK)(UNK)(UNK)
(UNK)(UNK)(UNK)(UNK)(UNK)(UNK)(UNK)(UNK)(UNK)(UNK)(UNK)(UNK)(UNK)(UNK)(UNK)(UNK)
(UNK)(UNK)(UNK)(UNK)(UNK)(UNK)(UNK)(UNK)(UNK)(UNK)(UNK)(UNK)(UNK)(UNK)(UNK)(UNK)
(UNK)(UNK)(UNK)(UNK)(UNK)(UNK)(UNK)
;
G
#
# COMPACT_ATOMS: atom_id res chain seq x y z
N HIS A 17 -71.76 17.70 -1.81
CA HIS A 17 -71.21 16.94 -2.92
C HIS A 17 -69.88 17.54 -3.39
N LEU A 18 -68.87 17.44 -2.53
CA LEU A 18 -67.52 17.90 -2.83
C LEU A 18 -66.52 16.78 -2.56
N PRO A 19 -65.39 16.73 -3.27
CA PRO A 19 -64.38 15.71 -2.95
C PRO A 19 -63.79 15.94 -1.56
N LEU A 20 -63.43 14.85 -0.89
CA LEU A 20 -62.87 14.96 0.45
C LEU A 20 -61.54 15.70 0.40
N ILE A 21 -61.32 16.54 1.41
CA ILE A 21 -60.08 17.32 1.48
C ILE A 21 -58.91 16.42 1.84
N ALA A 22 -57.74 16.79 1.31
CA ALA A 22 -56.45 16.16 1.57
C ALA A 22 -55.87 16.84 2.80
N ILE A 23 -56.03 16.20 3.96
CA ILE A 23 -55.54 16.78 5.22
C ILE A 23 -54.03 17.01 5.17
N THR A 24 -53.30 16.03 4.63
CA THR A 24 -51.84 16.06 4.50
C THR A 24 -51.14 16.37 5.83
N ARG A 25 -51.29 15.40 6.72
CA ARG A 25 -50.71 15.34 8.06
C ARG A 25 -50.93 16.65 8.84
N ASN A 26 -52.14 17.20 8.78
CA ASN A 26 -52.47 18.43 9.49
C ASN A 26 -53.62 18.14 10.45
N PRO A 27 -53.35 17.65 11.66
CA PRO A 27 -54.44 17.36 12.60
C PRO A 27 -54.98 18.67 13.10
N VAL A 28 -56.27 18.92 12.88
CA VAL A 28 -56.92 20.15 13.29
C VAL A 28 -57.78 19.78 14.49
N PHE A 29 -57.29 20.14 15.64
CA PHE A 29 -57.94 19.76 16.88
C PHE A 29 -59.16 20.66 17.01
N PRO A 30 -60.26 20.19 17.63
CA PRO A 30 -61.44 21.07 17.75
C PRO A 30 -61.06 22.34 18.51
N ARG A 31 -61.59 23.48 18.06
CA ARG A 31 -61.30 24.77 18.69
C ARG A 31 -59.79 25.02 18.78
N PHE A 32 -59.13 24.81 17.64
CA PHE A 32 -57.69 25.00 17.52
C PHE A 32 -57.39 25.51 16.12
N ILE A 33 -56.83 26.72 16.05
CA ILE A 33 -56.52 27.34 14.77
C ILE A 33 -55.38 26.56 14.10
N LYS A 34 -55.47 26.39 12.78
CA LYS A 34 -54.49 25.61 12.02
C LYS A 34 -54.42 26.06 10.57
N ILE A 35 -53.30 25.75 9.94
CA ILE A 35 -53.02 26.07 8.54
C ILE A 35 -52.83 24.74 7.83
N ILE A 36 -53.23 24.69 6.56
CA ILE A 36 -53.11 23.50 5.72
C ILE A 36 -52.46 23.92 4.40
N GLU A 37 -51.41 23.17 3.99
CA GLU A 37 -50.58 23.45 2.81
C GLU A 37 -50.39 22.14 2.06
N VAL A 38 -51.43 21.73 1.32
CA VAL A 38 -51.34 20.56 0.46
C VAL A 38 -50.48 20.86 -0.77
N LYS A 39 -49.72 19.85 -1.22
CA LYS A 39 -48.87 20.05 -2.40
C LYS A 39 -49.65 19.99 -3.71
N ASN A 40 -50.73 19.23 -3.74
CA ASN A 40 -51.56 19.13 -4.93
C ASN A 40 -52.22 20.47 -5.25
N LYS A 41 -52.28 20.78 -6.54
CA LYS A 41 -52.91 21.99 -7.05
C LYS A 41 -54.37 21.76 -7.46
N LYS A 42 -54.90 20.56 -7.23
CA LYS A 42 -56.29 20.28 -7.57
C LYS A 42 -57.26 20.91 -6.58
N LEU A 43 -56.87 20.98 -5.30
CA LEU A 43 -57.73 21.59 -4.28
C LEU A 43 -57.95 23.06 -4.53
N VAL A 44 -56.98 23.78 -5.11
CA VAL A 44 -57.17 25.21 -5.31
C VAL A 44 -58.30 25.48 -6.29
N GLU A 45 -58.54 24.57 -7.25
CA GLU A 45 -59.69 24.76 -8.14
C GLU A 45 -60.99 24.75 -7.33
N LEU A 46 -61.05 23.89 -6.31
CA LEU A 46 -62.18 23.90 -5.40
C LEU A 46 -62.20 25.12 -4.49
N LEU A 47 -61.03 25.58 -4.04
CA LEU A 47 -61.02 26.75 -3.15
C LEU A 47 -61.47 27.99 -3.88
N ARG A 48 -61.13 28.11 -5.15
CA ARG A 48 -61.57 29.22 -5.97
C ARG A 48 -63.04 29.06 -6.37
N ARG A 49 -63.50 27.82 -6.54
CA ARG A 49 -64.91 27.65 -6.89
C ARG A 49 -65.83 28.07 -5.73
N LYS A 50 -65.36 27.99 -4.48
CA LYS A 50 -66.15 28.43 -3.33
C LYS A 50 -65.98 29.91 -2.96
N VAL A 51 -65.05 30.66 -3.58
CA VAL A 51 -64.92 32.08 -3.23
C VAL A 51 -66.16 32.87 -3.66
N ARG A 52 -66.86 32.40 -4.70
CA ARG A 52 -68.07 33.07 -5.15
C ARG A 52 -69.21 32.90 -4.16
N LEU A 53 -69.15 31.91 -3.27
CA LEU A 53 -70.21 31.69 -2.30
C LEU A 53 -70.18 32.78 -1.22
N ALA A 54 -71.38 33.18 -0.78
CA ALA A 54 -71.49 34.20 0.27
C ALA A 54 -71.02 33.69 1.62
N GLN A 55 -71.06 32.37 1.84
CA GLN A 55 -70.72 31.73 3.11
C GLN A 55 -69.76 30.61 2.76
N PRO A 56 -68.51 30.93 2.42
CA PRO A 56 -67.58 29.86 2.04
C PRO A 56 -67.29 28.95 3.21
N TYR A 57 -67.05 27.68 2.89
CA TYR A 57 -66.83 26.69 3.93
C TYR A 57 -65.91 25.61 3.41
N VAL A 58 -65.33 24.88 4.35
CA VAL A 58 -64.45 23.75 4.07
C VAL A 58 -64.67 22.78 5.21
N GLY A 59 -64.54 21.50 4.91
CA GLY A 59 -64.62 20.49 5.95
C GLY A 59 -63.22 20.11 6.37
N VAL A 60 -63.14 19.47 7.52
CA VAL A 60 -61.88 18.98 8.05
C VAL A 60 -62.14 17.62 8.65
N PHE A 61 -61.42 16.64 8.18
CA PHE A 61 -61.49 15.25 8.60
C PHE A 61 -60.14 14.87 9.16
N LEU A 62 -60.05 13.65 9.65
CA LEU A 62 -58.80 13.08 10.14
C LEU A 62 -58.49 11.86 9.30
N LYS A 63 -57.23 11.68 8.97
CA LYS A 63 -56.82 10.50 8.22
C LYS A 63 -56.76 9.28 9.12
N ARG A 64 -57.03 8.12 8.54
CA ARG A 64 -57.01 6.85 9.26
C ARG A 64 -55.60 6.26 9.23
N ASP A 65 -55.50 5.02 9.68
CA ASP A 65 -54.23 4.33 9.72
C ASP A 65 -53.79 4.07 8.27
N ASP A 66 -52.48 3.99 8.07
CA ASP A 66 -51.88 3.83 6.75
C ASP A 66 -52.27 4.99 5.84
N SER A 67 -51.64 6.14 6.06
CA SER A 67 -51.85 7.29 5.22
C SER A 67 -51.38 6.98 3.79
N ASN A 68 -52.14 7.42 2.80
CA ASN A 68 -51.72 7.18 1.43
C ASN A 68 -52.40 8.25 0.58
N GLU A 69 -51.60 9.12 -0.05
CA GLU A 69 -52.17 10.21 -0.83
C GLU A 69 -52.90 9.68 -2.07
N SER A 70 -52.43 8.56 -2.61
CA SER A 70 -53.09 7.98 -3.77
C SER A 70 -54.43 7.41 -3.38
N ASP A 71 -54.57 6.93 -2.13
CA ASP A 71 -55.88 6.43 -1.74
C ASP A 71 -56.80 7.59 -1.38
N VAL A 72 -56.24 8.73 -0.94
CA VAL A 72 -57.10 9.87 -0.63
C VAL A 72 -57.76 10.37 -1.90
N VAL A 73 -57.03 10.30 -3.03
CA VAL A 73 -57.62 10.70 -4.32
C VAL A 73 -58.29 9.56 -5.09
N GLU A 74 -58.10 8.29 -4.68
CA GLU A 74 -58.72 7.17 -5.36
C GLU A 74 -60.06 6.73 -4.74
N SER A 75 -60.05 6.43 -3.45
CA SER A 75 -61.22 5.98 -2.71
C SER A 75 -61.59 7.03 -1.67
N LEU A 76 -62.88 7.08 -1.32
CA LEU A 76 -63.36 8.00 -0.30
C LEU A 76 -63.69 7.35 1.04
N ASP A 77 -63.57 6.02 1.18
CA ASP A 77 -63.83 5.41 2.48
C ASP A 77 -62.67 5.54 3.46
N GLU A 78 -61.48 5.87 2.98
CA GLU A 78 -60.28 5.93 3.83
C GLU A 78 -60.37 7.02 4.86
N ILE A 79 -60.97 8.14 4.50
CA ILE A 79 -61.17 9.23 5.46
C ILE A 79 -62.25 8.84 6.45
N TYR A 80 -62.08 9.26 7.69
CA TYR A 80 -63.04 8.90 8.74
C TYR A 80 -64.34 9.63 8.57
N HIS A 81 -65.42 9.02 9.09
CA HIS A 81 -66.73 9.66 9.07
C HIS A 81 -66.69 10.99 9.83
N THR A 82 -65.79 11.11 10.82
CA THR A 82 -65.69 12.34 11.57
C THR A 82 -65.26 13.47 10.64
N GLY A 83 -65.90 14.62 10.82
CA GLY A 83 -65.62 15.79 10.02
C GLY A 83 -65.81 16.99 10.91
N THR A 84 -65.07 18.06 10.63
CA THR A 84 -65.14 19.28 11.46
C THR A 84 -65.35 20.40 10.46
N PHE A 85 -66.61 20.58 10.06
CA PHE A 85 -66.95 21.67 9.16
C PHE A 85 -66.76 23.01 9.87
N ALA A 86 -66.27 23.99 9.11
CA ALA A 86 -65.95 25.30 9.64
C ALA A 86 -65.87 26.28 8.48
N GLN A 87 -66.10 27.55 8.79
CA GLN A 87 -66.00 28.60 7.79
C GLN A 87 -64.54 28.94 7.55
N ILE A 88 -64.25 29.34 6.31
CA ILE A 88 -62.89 29.72 5.97
C ILE A 88 -62.61 31.09 6.58
N HIS A 89 -61.33 31.33 6.89
CA HIS A 89 -60.85 32.55 7.51
C HIS A 89 -60.22 33.49 6.49
N GLU A 90 -58.98 33.23 6.07
CA GLU A 90 -58.35 34.13 5.12
C GLU A 90 -57.23 33.42 4.39
N MET A 91 -57.13 33.69 3.09
CA MET A 91 -56.03 33.18 2.28
C MET A 91 -54.81 34.03 2.55
N GLN A 92 -53.64 33.42 2.38
CA GLN A 92 -52.37 34.11 2.59
C GLN A 92 -51.47 33.88 1.38
N ASP A 93 -51.08 32.63 1.15
CA ASP A 93 -50.18 32.26 0.06
C ASP A 93 -48.91 33.10 0.11
N LEU A 94 -48.23 33.00 1.25
CA LEU A 94 -46.96 33.72 1.41
C LEU A 94 -45.89 33.10 0.53
N GLY A 95 -45.76 31.76 0.56
CA GLY A 95 -44.84 31.03 -0.28
C GLY A 95 -45.51 30.12 -1.30
N ASP A 96 -46.21 29.11 -0.80
CA ASP A 96 -46.96 28.19 -1.64
C ASP A 96 -48.23 28.82 -2.18
N LYS A 97 -48.74 28.23 -3.26
CA LYS A 97 -49.98 28.67 -3.90
C LYS A 97 -51.23 28.18 -3.20
N LEU A 98 -51.10 27.35 -2.16
CA LEU A 98 -52.22 26.70 -1.48
C LEU A 98 -51.90 26.70 0.02
N ARG A 99 -52.38 27.75 0.72
CA ARG A 99 -52.19 27.94 2.18
C ARG A 99 -53.54 28.27 2.82
N MET A 100 -54.44 27.30 2.87
CA MET A 100 -55.69 27.51 3.57
C MET A 100 -55.52 27.57 5.09
N ILE A 101 -56.37 28.39 5.74
CA ILE A 101 -56.49 28.38 7.20
C ILE A 101 -57.75 27.60 7.53
N VAL A 102 -57.68 26.85 8.62
CA VAL A 102 -58.76 26.00 9.11
C VAL A 102 -58.87 26.15 10.62
N MET A 103 -60.00 25.72 11.15
CA MET A 103 -60.32 25.90 12.57
C MET A 103 -61.42 24.90 12.89
N GLY A 104 -61.60 24.62 14.18
CA GLY A 104 -62.55 23.61 14.62
C GLY A 104 -63.80 24.10 15.31
N HIS A 105 -64.91 24.10 14.56
CA HIS A 105 -66.20 24.62 15.02
C HIS A 105 -67.26 23.52 15.05
N ARG A 106 -67.74 23.03 13.90
CA ARG A 106 -68.87 22.10 13.85
C ARG A 106 -68.34 20.70 13.61
N ARG A 107 -68.19 19.93 14.69
CA ARG A 107 -67.93 18.51 14.55
C ARG A 107 -69.18 17.81 14.03
N VAL A 108 -68.96 16.74 13.27
CA VAL A 108 -70.02 15.94 12.71
C VAL A 108 -69.49 14.52 12.54
N HIS A 109 -70.43 13.58 12.58
CA HIS A 109 -70.17 12.14 12.47
C HIS A 109 -71.15 11.67 11.40
N ILE A 110 -70.70 11.59 10.15
CA ILE A 110 -71.59 11.16 9.07
C ILE A 110 -71.90 9.67 9.21
N SER A 111 -73.15 9.32 8.92
CA SER A 111 -73.57 7.93 9.02
C SER A 111 -72.89 7.06 7.96
N ARG A 112 -72.65 7.61 6.78
CA ARG A 112 -72.04 6.88 5.66
C ARG A 112 -71.41 7.91 4.74
N GLN A 113 -70.10 8.01 4.75
CA GLN A 113 -69.41 8.93 3.84
C GLN A 113 -69.50 8.47 2.40
N LEU A 114 -69.67 7.16 2.16
CA LEU A 114 -69.77 6.67 0.78
C LEU A 114 -71.02 7.20 0.09
N GLU A 115 -72.08 7.44 0.86
CA GLU A 115 -73.34 7.94 0.30
C GLU A 115 -73.24 9.45 0.17
N MET A 166 -73.92 15.15 -0.02
CA MET A 166 -73.73 14.03 0.89
C MET A 166 -74.31 14.37 2.27
N VAL A 167 -75.17 13.46 2.75
CA VAL A 167 -75.96 13.67 3.94
C VAL A 167 -75.08 13.88 5.18
N GLU A 168 -75.54 14.78 6.06
CA GLU A 168 -74.86 15.09 7.30
C GLU A 168 -75.90 15.60 8.29
N VAL A 169 -75.60 15.48 9.58
CA VAL A 169 -76.50 15.93 10.64
C VAL A 169 -75.67 16.31 11.86
N GLU A 170 -76.16 17.28 12.64
CA GLU A 170 -75.44 17.75 13.83
C GLU A 170 -75.74 16.85 15.04
N ASN A 171 -75.18 15.64 15.00
CA ASN A 171 -75.30 14.69 16.10
C ASN A 171 -74.21 14.89 17.15
N VAL A 172 -74.09 16.12 17.64
CA VAL A 172 -73.09 16.51 18.63
C VAL A 172 -73.62 16.17 20.01
N VAL A 173 -73.61 14.88 20.38
CA VAL A 173 -74.18 14.48 21.66
C VAL A 173 -73.35 15.10 22.80
N HIS A 174 -74.03 15.53 23.86
CA HIS A 174 -73.34 16.15 24.98
C HIS A 174 -74.17 16.02 26.27
N GLU A 175 -74.62 14.80 26.61
CA GLU A 175 -75.44 14.62 27.80
C GLU A 175 -74.67 14.86 29.11
N ASP A 176 -75.35 15.47 30.08
CA ASP A 176 -74.78 15.83 31.38
C ASP A 176 -75.90 15.81 32.43
N PHE A 177 -75.52 15.58 33.70
CA PHE A 177 -76.53 15.58 34.75
C PHE A 177 -76.96 17.00 35.10
N GLN A 178 -78.22 17.13 35.56
CA GLN A 178 -78.78 18.42 35.96
C GLN A 178 -78.10 19.01 37.19
N VAL A 179 -77.60 18.17 38.10
CA VAL A 179 -77.02 18.64 39.35
C VAL A 179 -75.56 18.96 39.03
N THR A 180 -75.32 20.23 38.72
CA THR A 180 -74.00 20.75 38.40
C THR A 180 -73.48 21.53 39.61
N GLU A 181 -72.99 20.77 40.60
CA GLU A 181 -72.40 21.40 41.77
C GLU A 181 -71.12 20.65 42.14
N GLU A 182 -71.22 19.36 42.48
CA GLU A 182 -70.04 18.53 42.72
C GLU A 182 -69.45 17.95 41.43
N VAL A 183 -70.15 18.01 40.30
CA VAL A 183 -69.61 17.49 39.03
C VAL A 183 -68.44 18.33 38.54
N LYS A 184 -68.39 19.61 38.91
CA LYS A 184 -67.29 20.47 38.48
C LYS A 184 -66.03 20.27 39.33
N ALA A 185 -66.09 19.51 40.42
CA ALA A 185 -64.89 19.31 41.23
C ALA A 185 -63.82 18.59 40.43
N LEU A 186 -64.23 17.71 39.51
CA LEU A 186 -63.27 17.00 38.67
C LEU A 186 -62.57 17.98 37.74
N THR A 187 -63.27 19.07 37.37
CA THR A 187 -62.70 20.05 36.46
C THR A 187 -61.49 20.71 37.09
N ALA A 188 -61.50 20.86 38.42
CA ALA A 188 -60.37 21.48 39.09
C ALA A 188 -59.11 20.63 38.96
N GLU A 189 -59.26 19.31 39.02
CA GLU A 189 -58.09 18.46 38.82
C GLU A 189 -57.69 18.44 37.36
N ILE A 190 -58.65 18.64 36.46
CA ILE A 190 -58.33 18.69 35.05
C ILE A 190 -57.56 19.96 34.73
N VAL A 191 -57.99 21.11 35.30
CA VAL A 191 -57.21 22.31 35.04
C VAL A 191 -55.87 22.24 35.76
N LYS A 192 -55.83 21.58 36.92
CA LYS A 192 -54.54 21.41 37.59
C LYS A 192 -53.65 20.48 36.77
N THR A 193 -54.25 19.46 36.15
CA THR A 193 -53.47 18.62 35.25
C THR A 193 -53.00 19.45 34.06
N ILE A 194 -53.90 20.25 33.46
CA ILE A 194 -53.49 21.04 32.32
C ILE A 194 -52.38 22.01 32.72
N ARG A 195 -52.47 22.58 33.94
CA ARG A 195 -51.38 23.43 34.43
C ARG A 195 -50.12 22.63 34.67
N ASP A 196 -50.25 21.36 35.02
CA ASP A 196 -49.04 20.57 35.16
C ASP A 196 -48.42 20.23 33.81
N ILE A 197 -49.24 20.07 32.76
CA ILE A 197 -48.66 19.73 31.46
C ILE A 197 -47.91 20.91 30.89
N ILE A 198 -48.47 22.12 30.99
CA ILE A 198 -47.74 23.25 30.45
C ILE A 198 -46.60 23.67 31.37
N ALA A 199 -46.64 23.31 32.67
CA ALA A 199 -45.54 23.70 33.54
C ALA A 199 -44.34 22.76 33.54
N LEU A 200 -44.57 21.46 33.59
CA LEU A 200 -43.50 20.47 33.52
C LEU A 200 -43.14 20.07 32.10
N ASN A 201 -44.05 20.23 31.13
CA ASN A 201 -43.77 19.98 29.71
C ASN A 201 -44.35 21.14 28.91
N PRO A 202 -43.76 22.33 29.03
CA PRO A 202 -44.27 23.48 28.26
C PRO A 202 -44.24 23.25 26.76
N LEU A 203 -45.34 23.61 26.11
CA LEU A 203 -45.50 23.51 24.67
C LEU A 203 -45.92 24.84 24.05
N TYR A 204 -47.06 25.36 24.48
CA TYR A 204 -47.60 26.65 24.03
C TYR A 204 -47.54 27.67 25.15
N ARG A 205 -47.85 28.91 24.79
CA ARG A 205 -47.86 30.00 25.76
C ARG A 205 -48.93 29.77 26.83
N GLU A 206 -48.61 30.21 28.04
CA GLU A 206 -49.55 30.13 29.15
C GLU A 206 -50.57 31.27 29.11
N SER A 207 -50.40 32.25 28.20
CA SER A 207 -51.31 33.38 28.13
C SER A 207 -52.73 32.95 27.82
N VAL A 208 -52.90 31.90 27.01
CA VAL A 208 -54.25 31.41 26.71
C VAL A 208 -54.93 30.90 27.99
N LEU A 209 -54.16 30.29 28.89
CA LEU A 209 -54.71 29.84 30.16
C LEU A 209 -55.11 31.03 31.02
N GLN A 210 -54.36 32.13 30.93
CA GLN A 210 -54.75 33.36 31.63
C GLN A 210 -56.01 33.97 31.00
N MET A 211 -56.26 33.69 29.71
CA MET A 211 -57.47 34.22 29.10
C MET A 211 -58.70 33.48 29.61
N MET A 212 -58.62 32.16 29.75
CA MET A 212 -59.75 31.31 30.17
C MET A 212 -59.40 30.71 31.53
N GLN A 213 -59.86 31.37 32.59
CA GLN A 213 -59.70 30.94 33.97
C GLN A 213 -61.05 30.42 34.46
N ALA A 214 -61.04 29.50 35.41
CA ALA A 214 -62.27 28.93 35.93
C ALA A 214 -63.06 29.83 36.87
N GLY A 215 -62.43 30.85 37.49
CA GLY A 215 -63.17 31.70 38.40
C GLY A 215 -64.00 32.79 37.75
N GLN A 216 -63.88 32.96 36.44
CA GLN A 216 -64.53 34.05 35.72
C GLN A 216 -65.89 33.64 35.14
N ARG A 217 -66.19 32.34 35.07
CA ARG A 217 -67.47 31.80 34.62
C ARG A 217 -67.65 31.98 33.11
N VAL A 218 -66.57 32.25 32.36
CA VAL A 218 -66.67 32.35 30.92
C VAL A 218 -66.58 31.00 30.22
N VAL A 219 -66.34 29.91 30.96
CA VAL A 219 -66.20 28.59 30.35
C VAL A 219 -67.61 28.09 30.03
N ASP A 220 -68.27 28.72 29.07
CA ASP A 220 -69.62 28.35 28.66
C ASP A 220 -69.73 26.94 28.07
N ASN A 221 -68.63 26.39 27.57
CA ASN A 221 -68.61 25.10 26.89
C ASN A 221 -67.49 24.22 27.43
N PRO A 222 -67.67 23.59 28.61
CA PRO A 222 -66.56 22.81 29.19
C PRO A 222 -66.03 21.68 28.31
N ILE A 223 -66.89 21.01 27.51
CA ILE A 223 -66.35 19.96 26.65
C ILE A 223 -65.36 20.54 25.66
N TYR A 224 -65.60 21.76 25.18
CA TYR A 224 -64.63 22.37 24.27
C TYR A 224 -63.36 22.79 25.00
N LEU A 225 -63.44 23.23 26.26
CA LEU A 225 -62.20 23.55 26.96
C LEU A 225 -61.39 22.28 27.20
N SER A 226 -62.08 21.16 27.48
CA SER A 226 -61.36 19.89 27.63
C SER A 226 -60.79 19.43 26.29
N ASP A 227 -61.44 19.78 25.17
CA ASP A 227 -60.88 19.46 23.87
C ASP A 227 -59.65 20.33 23.59
N MET A 228 -59.72 21.62 23.94
CA MET A 228 -58.57 22.51 23.74
C MET A 228 -57.39 22.02 24.57
N GLY A 229 -57.66 21.54 25.79
CA GLY A 229 -56.58 21.06 26.62
C GLY A 229 -56.05 19.73 26.14
N ALA A 230 -56.94 18.88 25.59
CA ALA A 230 -56.49 17.65 24.97
C ALA A 230 -55.69 17.91 23.71
N ALA A 231 -55.87 19.07 23.07
CA ALA A 231 -55.08 19.39 21.90
C ALA A 231 -53.60 19.54 22.26
N LEU A 232 -53.30 19.95 23.50
CA LEU A 232 -51.92 20.02 23.95
C LEU A 232 -51.27 18.65 24.06
N THR A 233 -52.06 17.58 24.21
CA THR A 233 -51.51 16.24 24.33
C THR A 233 -50.74 15.87 23.06
N GLY A 234 -49.63 15.15 23.26
CA GLY A 234 -48.86 14.65 22.15
C GLY A 234 -49.35 13.31 21.66
N ALA A 235 -50.48 12.82 22.20
CA ALA A 235 -51.02 11.52 21.83
C ALA A 235 -51.40 11.49 20.35
N GLU A 236 -51.24 10.31 19.77
CA GLU A 236 -51.49 10.10 18.35
C GLU A 236 -52.94 10.39 17.98
N SER A 237 -53.13 10.80 16.73
CA SER A 237 -54.46 11.16 16.24
C SER A 237 -55.46 10.02 16.37
N HIS A 238 -54.98 8.77 16.32
CA HIS A 238 -55.87 7.64 16.55
C HIS A 238 -56.43 7.68 17.97
N GLU A 239 -55.63 8.12 18.93
CA GLU A 239 -56.15 8.30 20.28
C GLU A 239 -57.20 9.41 20.31
N LEU A 240 -57.06 10.45 19.49
CA LEU A 240 -58.10 11.47 19.45
C LEU A 240 -59.38 10.88 18.88
N GLN A 241 -59.25 10.02 17.85
CA GLN A 241 -60.43 9.36 17.31
C GLN A 241 -61.08 8.48 18.37
N ASP A 242 -60.25 7.84 19.21
CA ASP A 242 -60.80 7.01 20.28
C ASP A 242 -61.54 7.87 21.30
N VAL A 243 -61.01 9.07 21.59
CA VAL A 243 -61.70 9.94 22.52
C VAL A 243 -63.02 10.40 21.91
N LEU A 244 -63.06 10.59 20.59
CA LEU A 244 -64.33 10.93 19.95
C LEU A 244 -65.30 9.77 19.97
N GLU A 245 -64.80 8.52 19.97
CA GLU A 245 -65.71 7.38 20.04
C GLU A 245 -66.48 7.34 21.34
N GLU A 246 -65.88 7.82 22.43
CA GLU A 246 -66.59 7.88 23.71
C GLU A 246 -67.77 8.82 23.54
N THR A 247 -68.94 8.43 24.04
CA THR A 247 -70.13 9.27 23.99
C THR A 247 -70.43 9.99 25.31
N ASN A 248 -70.34 9.29 26.43
CA ASN A 248 -70.60 9.90 27.71
C ASN A 248 -69.55 10.94 28.04
N ILE A 249 -69.97 12.07 28.60
CA ILE A 249 -69.03 13.12 28.98
C ILE A 249 -68.00 12.67 30.01
N PRO A 250 -68.38 12.06 31.15
CA PRO A 250 -67.32 11.63 32.08
C PRO A 250 -66.36 10.64 31.42
N LYS A 251 -66.84 9.80 30.50
CA LYS A 251 -65.95 8.85 29.82
C LYS A 251 -64.94 9.55 28.92
N ARG A 252 -65.40 10.47 28.05
CA ARG A 252 -64.44 11.16 27.19
C ARG A 252 -63.52 12.06 28.01
N LEU A 253 -64.01 12.65 29.10
CA LEU A 253 -63.16 13.43 29.98
C LEU A 253 -62.10 12.53 30.62
N TYR A 254 -62.51 11.31 30.95
CA TYR A 254 -61.61 10.34 31.56
C TYR A 254 -60.56 9.87 30.59
N LYS A 255 -60.94 9.63 29.34
CA LYS A 255 -59.95 9.22 28.36
C LYS A 255 -58.99 10.36 28.07
N ALA A 256 -59.49 11.60 27.99
CA ALA A 256 -58.60 12.71 27.72
C ALA A 256 -57.62 12.93 28.87
N LEU A 257 -58.06 12.71 30.11
CA LEU A 257 -57.12 12.74 31.23
C LEU A 257 -56.16 11.56 31.19
N SER A 258 -56.62 10.40 30.74
CA SER A 258 -55.71 9.26 30.65
C SER A 258 -54.66 9.51 29.58
N LEU A 259 -55.06 10.10 28.46
CA LEU A 259 -54.10 10.44 27.41
C LEU A 259 -53.11 11.47 27.93
N LEU A 260 -53.58 12.38 28.79
CA LEU A 260 -52.73 13.40 29.36
C LEU A 260 -51.68 12.74 30.25
N LYS A 261 -52.12 11.75 31.04
CA LYS A 261 -51.20 10.98 31.88
C LYS A 261 -50.22 10.17 31.04
N LYS A 262 -50.71 9.66 29.90
CA LYS A 262 -49.88 8.84 29.02
C LYS A 262 -48.72 9.62 28.42
N GLU A 263 -49.00 10.84 27.98
CA GLU A 263 -47.92 11.73 27.55
C GLU A 263 -47.06 12.21 28.73
N PHE A 264 -47.69 12.46 29.88
CA PHE A 264 -46.96 13.02 31.00
C PHE A 264 -45.93 12.06 31.58
N GLU A 265 -46.19 10.75 31.48
CA GLU A 265 -45.20 9.78 31.96
C GLU A 265 -43.99 9.76 31.04
N LEU A 266 -44.23 9.73 29.72
CA LEU A 266 -43.12 9.69 28.78
C LEU A 266 -42.28 10.95 28.86
N SER A 267 -42.93 12.09 29.08
CA SER A 267 -42.19 13.33 29.26
C SER A 267 -41.30 13.24 30.49
N LYS A 268 -41.90 12.89 31.64
CA LYS A 268 -41.17 12.88 32.91
C LYS A 268 -39.98 11.94 32.84
N LEU A 269 -40.15 10.81 32.17
CA LEU A 269 -39.04 9.88 32.05
C LEU A 269 -37.93 10.47 31.19
N GLN A 270 -38.30 11.22 30.13
CA GLN A 270 -37.24 11.79 29.31
C GLN A 270 -36.48 12.84 30.08
N GLN A 271 -37.17 13.69 30.84
CA GLN A 271 -36.45 14.73 31.57
C GLN A 271 -35.57 14.13 32.65
N ARG A 272 -36.08 13.15 33.43
CA ARG A 272 -35.23 12.49 34.42
C ARG A 272 -34.03 11.81 33.77
N LEU A 273 -34.20 11.26 32.57
CA LEU A 273 -33.06 10.64 31.91
C LEU A 273 -32.05 11.69 31.48
N GLY A 274 -32.55 12.80 30.92
CA GLY A 274 -31.66 13.84 30.44
C GLY A 274 -30.85 14.46 31.56
N ARG A 275 -31.52 14.88 32.64
CA ARG A 275 -30.82 15.36 33.83
C ARG A 275 -29.81 14.31 34.28
N GLU A 276 -30.26 13.04 34.45
CA GLU A 276 -29.44 11.97 35.01
C GLU A 276 -28.10 11.90 34.30
N VAL A 277 -28.13 11.95 32.97
CA VAL A 277 -26.88 11.94 32.23
C VAL A 277 -26.11 13.21 32.54
N GLU A 278 -26.81 14.33 32.79
CA GLU A 278 -26.08 15.57 32.97
C GLU A 278 -25.35 15.60 34.31
N GLU A 279 -26.05 15.33 35.42
CA GLU A 279 -25.35 15.29 36.71
C GLU A 279 -24.28 14.22 36.72
N LYS A 280 -24.50 13.12 35.99
CA LYS A 280 -23.44 12.12 35.88
C LYS A 280 -22.19 12.73 35.27
N ILE A 281 -22.36 13.60 34.26
CA ILE A 281 -21.23 14.32 33.69
C ILE A 281 -20.63 15.28 34.70
N LYS A 282 -21.47 15.96 35.47
CA LYS A 282 -20.96 16.91 36.45
C LYS A 282 -20.12 16.16 37.48
N GLN A 283 -20.58 14.98 37.87
CA GLN A 283 -19.86 14.17 38.84
C GLN A 283 -18.58 13.66 38.22
N THR A 284 -18.59 13.44 36.90
CA THR A 284 -17.40 12.97 36.22
C THR A 284 -16.36 14.07 36.13
N HIS A 285 -16.78 15.34 36.12
CA HIS A 285 -15.86 16.46 36.03
C HIS A 285 -15.45 17.02 37.38
N ARG A 286 -16.25 16.79 38.41
CA ARG A 286 -15.88 17.30 39.72
C ARG A 286 -14.70 16.53 40.27
N LYS A 287 -14.58 15.26 39.88
CA LYS A 287 -13.44 14.50 40.37
C LYS A 287 -12.19 15.01 39.68
N TYR A 288 -12.34 15.51 38.46
CA TYR A 288 -11.20 16.09 37.78
C TYR A 288 -10.85 17.41 38.42
N LEU A 289 -11.83 18.13 38.93
CA LEU A 289 -11.53 19.38 39.59
C LEU A 289 -10.71 19.12 40.84
N LEU A 290 -11.08 18.07 41.57
CA LEU A 290 -10.31 17.71 42.76
C LEU A 290 -8.92 17.24 42.39
N GLN A 291 -8.82 16.42 41.34
CA GLN A 291 -7.50 15.95 40.90
C GLN A 291 -6.61 17.12 40.51
N GLU A 292 -7.19 18.10 39.81
CA GLU A 292 -6.46 19.29 39.41
C GLU A 292 -5.98 20.04 40.65
N GLN A 293 -6.83 20.13 41.66
CA GLN A 293 -6.43 20.79 42.89
C GLN A 293 -5.27 20.06 43.55
N LEU A 294 -5.30 18.72 43.51
CA LEU A 294 -4.19 17.96 44.10
C LEU A 294 -2.89 18.24 43.38
N LYS A 295 -2.97 18.37 42.05
CA LYS A 295 -1.75 18.66 41.30
C LYS A 295 -1.26 20.05 41.62
N ILE A 296 -2.16 21.02 41.66
CA ILE A 296 -1.75 22.41 41.86
C ILE A 296 -1.15 22.55 43.25
N ILE A 297 -1.71 21.86 44.24
CA ILE A 297 -1.16 21.95 45.59
C ILE A 297 0.23 21.31 45.63
N LYS A 298 0.42 20.17 44.93
CA LYS A 298 1.77 19.61 44.85
C LYS A 298 2.74 20.49 44.06
N LYS A 299 2.25 21.29 43.12
CA LYS A 299 3.16 22.08 42.30
C LYS A 299 3.51 23.36 43.04
N GLU A 300 2.50 24.13 43.44
CA GLU A 300 2.72 25.40 44.11
C GLU A 300 3.51 25.22 45.39
N LEU A 301 3.38 24.06 46.06
CA LEU A 301 4.08 23.79 47.30
C LEU A 301 4.71 22.40 47.26
N GLY A 302 5.85 22.31 46.59
CA GLY A 302 6.63 21.09 46.55
C GLY A 302 7.53 20.92 45.33
N LEU A 303 6.98 21.16 44.14
CA LEU A 303 7.73 20.97 42.90
C LEU A 303 7.33 22.00 41.85
N GLU A 304 7.27 23.28 42.23
CA GLU A 304 7.02 24.33 41.25
C GLU A 304 8.33 24.84 40.66
N LYS A 305 8.58 24.53 39.39
CA LYS A 305 9.69 25.05 38.61
C LYS A 305 11.00 24.85 39.39
N ASP A 306 11.24 23.58 39.68
CA ASP A 306 12.39 23.08 40.44
C ASP A 306 12.90 21.84 39.73
N ASP A 307 12.09 20.79 39.62
CA ASP A 307 12.55 19.54 39.01
C ASP A 307 12.98 19.83 37.59
N LYS A 308 12.07 20.38 36.79
CA LYS A 308 12.41 20.72 35.41
C LYS A 308 13.57 21.69 35.36
N ASP A 309 13.67 22.61 36.31
CA ASP A 309 14.82 23.53 36.28
C ASP A 309 16.11 22.79 36.51
N ALA A 310 16.12 21.82 37.44
CA ALA A 310 17.32 21.04 37.62
C ALA A 310 17.65 20.30 36.33
N ILE A 311 16.62 19.86 35.61
CA ILE A 311 16.83 19.23 34.32
C ILE A 311 17.37 20.24 33.31
N GLU A 312 16.87 21.47 33.38
CA GLU A 312 17.29 22.53 32.46
C GLU A 312 18.76 22.84 32.62
N GLU A 313 19.17 23.10 33.86
CA GLU A 313 20.56 23.39 34.15
C GLU A 313 21.44 22.18 33.87
N LYS A 314 20.93 20.97 34.12
CA LYS A 314 21.70 19.76 33.88
C LYS A 314 22.02 19.66 32.39
N PHE A 315 21.00 19.83 31.57
CA PHE A 315 21.24 19.78 30.13
C PHE A 315 22.09 20.96 29.68
N ARG A 316 22.00 22.10 30.35
CA ARG A 316 22.85 23.23 29.98
C ARG A 316 24.32 22.89 30.20
N GLU A 317 24.67 22.40 31.40
CA GLU A 317 26.04 22.03 31.65
C GLU A 317 26.48 20.90 30.73
N ARG A 318 25.56 20.00 30.40
CA ARG A 318 25.89 18.95 29.46
C ARG A 318 26.22 19.53 28.10
N LEU A 319 25.55 20.61 27.72
CA LEU A 319 25.90 21.29 26.48
C LEU A 319 27.23 21.99 26.59
N LYS A 320 27.61 22.43 27.80
CA LYS A 320 28.66 23.43 27.94
C LYS A 320 29.98 22.96 27.35
N GLU A 321 30.46 21.80 27.80
CA GLU A 321 31.76 21.31 27.36
C GLU A 321 31.76 21.06 25.85
N LEU A 322 30.61 20.80 25.26
CA LEU A 322 30.52 20.64 23.84
C LEU A 322 30.85 21.95 23.15
N VAL A 323 31.47 21.86 21.97
CA VAL A 323 31.64 23.04 21.09
C VAL A 323 30.35 23.09 20.29
N VAL A 324 29.32 23.66 20.90
CA VAL A 324 27.96 23.55 20.39
C VAL A 324 27.84 24.32 19.07
N PRO A 325 27.42 23.68 17.97
CA PRO A 325 27.10 24.47 16.78
C PRO A 325 25.91 25.37 17.03
N LYS A 326 25.92 26.50 16.35
CA LYS A 326 24.87 27.50 16.49
C LYS A 326 23.50 26.92 16.15
N HIS A 327 23.42 26.03 15.15
CA HIS A 327 22.16 25.42 14.74
C HIS A 327 21.48 24.75 15.92
N VAL A 328 22.15 23.73 16.46
CA VAL A 328 21.59 23.03 17.60
C VAL A 328 21.46 23.96 18.78
N MET A 329 22.36 24.95 18.90
CA MET A 329 22.28 25.87 20.02
C MET A 329 20.94 26.58 20.02
N ASP A 330 20.58 27.16 18.87
CA ASP A 330 19.34 27.91 18.78
C ASP A 330 18.12 27.00 18.88
N VAL A 331 18.16 25.84 18.21
CA VAL A 331 17.00 24.94 18.28
C VAL A 331 16.81 24.47 19.70
N VAL A 332 17.91 24.27 20.43
CA VAL A 332 17.80 23.89 21.82
C VAL A 332 17.22 25.02 22.63
N ASP A 333 17.61 26.25 22.34
CA ASP A 333 17.03 27.36 23.09
C ASP A 333 15.53 27.42 22.86
N GLU A 334 15.10 27.17 21.63
CA GLU A 334 13.67 27.16 21.34
C GLU A 334 12.99 26.04 22.10
N GLU A 335 13.54 24.83 22.00
CA GLU A 335 12.93 23.69 22.68
C GLU A 335 12.96 23.84 24.19
N LEU A 336 14.00 24.46 24.74
CA LEU A 336 14.04 24.66 26.18
C LEU A 336 12.99 25.66 26.60
N SER A 337 12.76 26.66 25.78
CA SER A 337 11.66 27.57 26.05
C SER A 337 10.34 26.81 26.03
N LYS A 338 10.18 25.91 25.06
CA LYS A 338 8.96 25.11 25.00
C LYS A 338 8.84 24.23 26.23
N LEU A 339 9.98 23.74 26.71
CA LEU A 339 9.99 22.96 27.94
C LEU A 339 9.59 23.82 29.12
N GLY A 340 9.95 25.10 29.07
CA GLY A 340 9.62 26.04 30.12
C GLY A 340 8.18 26.52 30.08
N LEU A 341 7.50 26.33 28.95
CA LEU A 341 6.08 26.69 28.88
C LEU A 341 5.20 25.58 29.45
N LEU A 342 5.46 24.34 29.08
CA LEU A 342 4.55 23.25 29.40
C LEU A 342 4.68 22.81 30.84
N ASP A 343 3.60 22.23 31.35
CA ASP A 343 3.60 21.55 32.64
C ASP A 343 4.50 20.32 32.62
N ASN A 344 5.07 20.02 33.79
CA ASN A 344 6.03 18.92 33.90
C ASN A 344 5.42 17.57 33.56
N HIS A 345 4.15 17.36 33.85
CA HIS A 345 3.59 15.99 33.83
C HIS A 345 2.94 15.61 32.50
N SER A 346 2.62 16.57 31.64
CA SER A 346 1.88 16.26 30.43
C SER A 346 2.73 15.54 29.40
N SER A 347 2.03 14.82 28.52
CA SER A 347 2.67 13.97 27.52
C SER A 347 3.61 14.76 26.62
N GLU A 348 3.15 15.90 26.10
CA GLU A 348 3.98 16.68 25.19
C GLU A 348 5.23 17.20 25.88
N PHE A 349 5.13 17.51 27.17
CA PHE A 349 6.34 17.82 27.92
C PHE A 349 7.27 16.62 27.93
N ASN A 350 6.71 15.42 27.98
CA ASN A 350 7.57 14.25 28.04
C ASN A 350 8.29 14.03 26.73
N VAL A 351 7.57 14.13 25.62
CA VAL A 351 8.22 13.99 24.32
C VAL A 351 9.23 15.12 24.13
N THR A 352 8.94 16.28 24.70
CA THR A 352 9.90 17.38 24.68
C THR A 352 11.18 16.98 25.39
N ARG A 353 11.03 16.41 26.60
CA ARG A 353 12.20 16.03 27.37
C ARG A 353 13.01 15.00 26.62
N ASN A 354 12.35 14.03 26.01
CA ASN A 354 13.08 12.97 25.36
C ASN A 354 13.85 13.50 24.16
N TYR A 355 13.23 14.39 23.38
CA TYR A 355 13.96 14.98 22.26
C TYR A 355 15.17 15.74 22.77
N LEU A 356 14.99 16.42 23.89
CA LEU A 356 16.10 17.18 24.46
C LEU A 356 17.21 16.26 24.94
N ASP A 357 16.84 15.12 25.52
CA ASP A 357 17.87 14.21 26.03
C ASP A 357 18.69 13.69 24.88
N TRP A 358 18.01 13.27 23.83
CA TRP A 358 18.73 12.74 22.70
C TRP A 358 19.56 13.82 22.03
N LEU A 359 19.10 15.06 22.05
CA LEU A 359 19.84 16.11 21.38
C LEU A 359 21.10 16.51 22.14
N THR A 360 20.95 16.79 23.43
CA THR A 360 22.11 17.12 24.23
C THR A 360 23.08 15.97 24.31
N SER A 361 22.58 14.74 24.29
CA SER A 361 23.42 13.60 24.53
C SER A 361 24.45 13.39 23.43
N ILE A 362 24.15 13.80 22.20
CA ILE A 362 25.14 13.58 21.14
C ILE A 362 26.37 14.43 21.46
N PRO A 363 27.58 13.88 21.51
CA PRO A 363 28.73 14.73 21.74
C PRO A 363 28.85 15.71 20.59
N TRP A 364 29.25 16.94 20.89
CA TRP A 364 29.36 17.99 19.90
C TRP A 364 30.71 18.67 20.11
N GLY A 365 31.55 18.61 19.08
CA GLY A 365 32.86 19.18 19.12
C GLY A 365 33.94 18.23 19.56
N LYS A 366 33.60 17.17 20.27
CA LYS A 366 34.61 16.24 20.70
C LYS A 366 35.19 15.51 19.50
N TYR A 367 36.50 15.26 19.54
CA TYR A 367 37.21 14.57 18.48
C TYR A 367 38.28 13.76 19.18
N SER A 368 38.08 12.45 19.29
CA SER A 368 39.07 11.61 19.93
C SER A 368 40.38 11.79 19.19
N ASN A 369 41.46 11.99 19.93
CA ASN A 369 42.74 12.27 19.30
C ASN A 369 43.18 11.06 18.49
N GLU A 370 43.60 11.30 17.27
CA GLU A 370 44.08 10.25 16.40
C GLU A 370 45.53 9.93 16.72
N ASN A 371 45.95 8.70 16.41
CA ASN A 371 47.37 8.36 16.43
C ASN A 371 48.06 8.98 15.22
N LEU A 372 49.32 9.33 15.40
CA LEU A 372 50.14 9.95 14.36
C LEU A 372 51.50 9.32 14.19
N ASP A 373 52.05 8.67 15.20
CA ASP A 373 53.28 7.91 14.99
C ASP A 373 52.98 6.75 14.06
N LEU A 374 53.90 6.49 13.14
CA LEU A 374 53.66 5.45 12.15
C LEU A 374 54.10 4.11 12.66
N ALA A 375 55.37 3.96 13.04
CA ALA A 375 55.94 2.63 13.31
C ALA A 375 55.17 1.88 14.38
N ARG A 376 54.60 2.59 15.35
CA ARG A 376 53.76 1.92 16.34
C ARG A 376 52.54 1.33 15.66
N ALA A 377 51.82 2.15 14.88
CA ALA A 377 50.64 1.65 14.19
C ALA A 377 51.00 0.54 13.23
N GLN A 378 52.18 0.62 12.66
CA GLN A 378 52.63 -0.40 11.75
C GLN A 378 52.80 -1.72 12.49
N ALA A 379 53.48 -1.68 13.63
CA ALA A 379 53.66 -2.90 14.39
C ALA A 379 52.35 -3.46 14.87
N VAL A 380 51.41 -2.58 15.23
CA VAL A 380 50.14 -3.04 15.75
C VAL A 380 49.38 -3.78 14.68
N LEU A 381 49.26 -3.17 13.50
CA LEU A 381 48.59 -3.87 12.41
C LEU A 381 49.32 -5.15 12.03
N GLU A 382 50.63 -5.17 12.17
CA GLU A 382 51.35 -6.41 11.91
C GLU A 382 51.03 -7.49 12.93
N GLU A 383 50.70 -7.09 14.14
CA GLU A 383 50.73 -8.00 15.27
C GLU A 383 49.45 -8.75 15.53
N ASP A 384 48.41 -8.60 14.70
CA ASP A 384 47.17 -9.33 14.89
C ASP A 384 46.64 -10.00 13.63
N HIS A 385 47.33 -9.93 12.50
CA HIS A 385 46.90 -10.60 11.27
C HIS A 385 48.15 -10.86 10.45
N TYR A 386 48.57 -12.12 10.35
CA TYR A 386 49.71 -12.40 9.50
C TYR A 386 49.34 -12.09 8.06
N GLY A 387 50.32 -11.62 7.31
CA GLY A 387 50.18 -11.51 5.87
C GLY A 387 49.46 -10.25 5.41
N MET A 388 48.87 -10.36 4.22
CA MET A 388 48.10 -9.30 3.55
C MET A 388 48.89 -8.00 3.54
N GLU A 389 50.11 -8.09 3.02
CA GLU A 389 51.02 -6.96 3.02
C GLU A 389 50.45 -5.78 2.24
N ASP A 390 49.73 -6.05 1.17
CA ASP A 390 49.26 -4.97 0.30
C ASP A 390 48.29 -4.05 1.05
N VAL A 391 47.30 -4.64 1.70
CA VAL A 391 46.32 -3.84 2.41
C VAL A 391 46.95 -3.10 3.57
N LYS A 392 47.91 -3.73 4.24
CA LYS A 392 48.60 -3.03 5.31
C LYS A 392 49.33 -1.83 4.76
N LYS A 393 49.98 -1.98 3.60
CA LYS A 393 50.66 -0.84 3.02
C LYS A 393 49.67 0.24 2.65
N ARG A 394 48.47 -0.14 2.21
CA ARG A 394 47.50 0.88 1.84
C ARG A 394 47.05 1.67 3.05
N ILE A 395 46.87 1.00 4.18
CA ILE A 395 46.48 1.74 5.38
C ILE A 395 47.63 2.61 5.85
N LEU A 396 48.86 2.12 5.73
CA LEU A 396 50.01 2.95 6.09
C LEU A 396 50.05 4.21 5.25
N GLU A 397 49.89 4.06 3.93
CA GLU A 397 49.93 5.20 3.05
C GLU A 397 48.77 6.13 3.30
N PHE A 398 47.63 5.60 3.75
CA PHE A 398 46.55 6.48 4.14
C PHE A 398 46.96 7.32 5.34
N ILE A 399 47.60 6.69 6.34
CA ILE A 399 48.04 7.47 7.50
C ILE A 399 49.00 8.55 7.05
N ALA A 400 49.90 8.20 6.12
CA ALA A 400 50.89 9.14 5.66
C ALA A 400 50.23 10.35 5.01
N VAL A 401 49.49 10.11 3.92
CA VAL A 401 48.90 11.21 3.15
C VAL A 401 47.93 11.99 4.01
N SER A 402 47.29 11.34 4.96
CA SER A 402 46.38 12.07 5.84
C SER A 402 47.14 13.03 6.73
N GLN A 403 48.22 12.54 7.34
CA GLN A 403 49.05 13.39 8.18
C GLN A 403 49.64 14.53 7.37
N LEU A 404 50.28 14.20 6.25
CA LEU A 404 51.08 15.17 5.51
C LEU A 404 50.24 16.31 4.98
N ARG A 405 49.03 16.03 4.53
CA ARG A 405 48.08 17.11 4.23
C ARG A 405 47.23 17.34 5.47
N GLY A 406 47.89 17.53 6.63
CA GLY A 406 47.21 17.95 7.84
C GLY A 406 46.05 17.08 8.26
N SER A 407 44.84 17.61 8.09
CA SER A 407 43.63 16.99 8.62
C SER A 407 43.47 15.57 8.11
N THR A 408 43.06 14.69 9.01
CA THR A 408 42.88 13.28 8.69
C THR A 408 41.49 13.10 8.09
N GLN A 409 41.36 13.50 6.83
CA GLN A 409 40.08 13.35 6.15
C GLN A 409 39.70 11.88 6.10
N GLY A 410 38.41 11.60 6.29
CA GLY A 410 37.94 10.22 6.27
C GLY A 410 37.47 9.84 4.89
N LYS A 411 38.22 9.01 4.17
CA LYS A 411 37.88 8.57 2.82
C LYS A 411 37.55 7.09 2.81
N ILE A 412 36.50 6.73 2.07
CA ILE A 412 35.97 5.39 2.08
C ILE A 412 36.89 4.47 1.29
N LEU A 413 36.81 3.18 1.59
CA LEU A 413 37.40 2.17 0.73
C LEU A 413 36.73 0.86 1.08
N CYS A 414 36.73 -0.06 0.12
CA CYS A 414 35.90 -1.25 0.18
C CYS A 414 36.72 -2.47 -0.13
N PHE A 415 36.99 -3.29 0.87
CA PHE A 415 37.65 -4.55 0.62
C PHE A 415 36.67 -5.48 -0.07
N TYR A 416 37.21 -6.42 -0.84
CA TYR A 416 36.36 -7.42 -1.44
C TYR A 416 37.22 -8.60 -1.80
N GLY A 417 36.64 -9.79 -1.71
CA GLY A 417 37.39 -10.97 -2.02
C GLY A 417 36.74 -12.26 -1.59
N PRO A 418 37.46 -13.36 -1.69
CA PRO A 418 36.90 -14.65 -1.35
C PRO A 418 36.49 -14.71 0.11
N PRO A 419 35.44 -15.45 0.44
CA PRO A 419 34.90 -15.44 1.80
C PRO A 419 35.90 -15.96 2.81
N GLY A 420 35.89 -15.38 4.00
CA GLY A 420 36.63 -15.89 5.13
C GLY A 420 37.99 -15.28 5.32
N VAL A 421 38.53 -14.63 4.31
CA VAL A 421 39.92 -14.20 4.26
C VAL A 421 40.32 -13.19 5.35
N GLY A 422 39.37 -12.73 6.17
CA GLY A 422 39.63 -11.76 7.22
C GLY A 422 39.20 -10.36 6.92
N LYS A 423 38.54 -10.12 5.79
CA LYS A 423 38.00 -8.80 5.49
C LYS A 423 37.20 -8.26 6.65
N THR A 424 36.26 -9.05 7.16
CA THR A 424 35.55 -8.63 8.35
C THR A 424 36.49 -8.56 9.54
N SER A 425 37.49 -9.43 9.59
CA SER A 425 38.33 -9.56 10.78
C SER A 425 39.44 -8.54 10.87
N ILE A 426 39.66 -7.71 9.85
CA ILE A 426 40.74 -6.72 9.94
C ILE A 426 40.29 -5.45 10.61
N ALA A 427 39.03 -5.07 10.43
CA ALA A 427 38.55 -3.73 10.76
C ALA A 427 38.89 -3.35 12.18
N ARG A 428 38.64 -4.28 13.12
CA ARG A 428 38.87 -4.01 14.53
C ARG A 428 40.30 -3.58 14.76
N SER A 429 41.23 -4.38 14.23
CA SER A 429 42.64 -4.09 14.42
C SER A 429 42.99 -2.72 13.85
N ILE A 430 42.40 -2.37 12.71
CA ILE A 430 42.66 -1.07 12.12
C ILE A 430 42.24 0.02 13.07
N ALA A 431 41.04 -0.12 13.64
CA ALA A 431 40.55 0.90 14.54
C ALA A 431 41.43 1.02 15.77
N ARG A 432 42.05 -0.09 16.19
CA ARG A 432 42.92 -0.01 17.34
C ARG A 432 44.30 0.51 16.98
N ALA A 433 44.68 0.42 15.70
CA ALA A 433 45.95 0.99 15.30
C ALA A 433 45.81 2.44 14.93
N LEU A 434 44.76 2.76 14.19
CA LEU A 434 44.51 4.14 13.83
C LEU A 434 43.98 4.94 15.01
N ASN A 435 43.53 4.29 16.08
CA ASN A 435 43.19 4.80 17.40
C ASN A 435 41.77 5.40 17.48
N ARG A 436 41.04 5.50 16.38
CA ARG A 436 39.67 5.98 16.50
C ARG A 436 38.74 4.85 16.96
N GLU A 437 37.63 5.23 17.59
CA GLU A 437 36.68 4.27 18.13
C GLU A 437 35.96 3.49 17.05
N TYR A 438 35.82 2.19 17.26
CA TYR A 438 35.26 1.24 16.31
C TYR A 438 33.74 1.17 16.44
N PHE A 439 33.09 0.75 15.36
CA PHE A 439 31.70 0.33 15.43
C PHE A 439 31.31 -0.32 14.12
N ARG A 440 30.78 -1.54 14.17
CA ARG A 440 30.38 -2.24 12.98
C ARG A 440 28.90 -1.98 12.73
N PHE A 441 28.43 -2.42 11.58
CA PHE A 441 27.11 -2.00 11.14
C PHE A 441 26.79 -2.91 9.98
N SER A 442 25.66 -3.60 10.01
CA SER A 442 25.39 -4.67 9.03
C SER A 442 24.19 -4.25 8.23
N VAL A 443 24.45 -3.44 7.19
CA VAL A 443 23.36 -3.05 6.32
C VAL A 443 22.82 -4.21 5.53
N GLY A 444 23.60 -5.28 5.35
CA GLY A 444 23.24 -6.35 4.46
C GLY A 444 21.88 -6.93 4.76
N GLY A 445 21.03 -6.98 3.73
CA GLY A 445 19.68 -7.48 3.89
C GLY A 445 18.72 -6.46 4.47
N MET A 446 19.18 -5.28 4.84
CA MET A 446 18.29 -4.29 5.39
C MET A 446 17.30 -3.86 4.33
N THR A 447 16.08 -3.57 4.75
CA THR A 447 15.02 -3.09 3.88
C THR A 447 14.38 -1.82 4.38
N ASP A 448 14.21 -1.70 5.69
CA ASP A 448 13.53 -0.55 6.26
C ASP A 448 14.53 0.58 6.38
N VAL A 449 14.35 1.61 5.55
CA VAL A 449 15.25 2.75 5.55
C VAL A 449 15.27 3.44 6.90
N ALA A 450 14.19 3.31 7.68
CA ALA A 450 14.07 4.02 8.94
C ALA A 450 15.19 3.68 9.89
N GLU A 451 15.76 2.48 9.78
CA GLU A 451 16.83 2.11 10.67
C GLU A 451 18.02 3.04 10.50
N ILE A 452 18.27 3.51 9.29
CA ILE A 452 19.31 4.51 9.08
C ILE A 452 18.79 5.93 9.31
N LYS A 453 17.47 6.11 9.48
CA LYS A 453 16.87 7.43 9.51
C LYS A 453 16.00 7.75 10.72
N GLY A 454 15.49 6.78 11.44
CA GLY A 454 14.56 7.07 12.52
C GLY A 454 13.18 7.44 12.02
N HIS A 455 12.46 8.20 12.85
CA HIS A 455 11.07 8.54 12.59
C HIS A 455 10.79 9.95 13.07
N ARG A 456 9.60 10.44 12.71
CA ARG A 456 9.29 11.86 12.78
C ARG A 456 9.22 12.43 14.19
N ARG A 457 9.18 11.60 15.24
CA ARG A 457 9.11 11.92 16.66
C ARG A 457 7.72 12.31 17.10
N THR A 458 6.79 12.59 16.19
CA THR A 458 5.40 12.71 16.60
C THR A 458 4.78 11.35 16.86
N TYR A 459 5.25 10.32 16.14
CA TYR A 459 4.76 8.97 16.36
C TYR A 459 5.17 8.45 17.71
N VAL A 460 4.28 7.69 18.34
CA VAL A 460 4.59 7.11 19.65
C VAL A 460 5.74 6.13 19.49
N GLY A 461 6.69 6.21 20.40
CA GLY A 461 7.79 5.27 20.42
C GLY A 461 8.85 5.50 19.37
N ALA A 462 8.83 6.63 18.68
CA ALA A 462 9.79 6.87 17.60
C ALA A 462 11.20 6.94 18.17
N MET A 463 12.16 6.44 17.39
CA MET A 463 13.57 6.46 17.77
C MET A 463 14.43 6.93 16.62
N PRO A 464 15.57 7.57 16.90
CA PRO A 464 16.42 8.09 15.83
C PRO A 464 17.07 7.00 15.03
N GLY A 465 17.43 7.33 13.79
CA GLY A 465 18.18 6.43 12.92
C GLY A 465 19.41 5.87 13.60
N LYS A 466 19.92 4.75 13.10
CA LYS A 466 20.94 4.01 13.84
C LYS A 466 22.23 4.79 14.00
N ILE A 467 22.63 5.57 12.99
CA ILE A 467 23.94 6.20 13.02
C ILE A 467 24.04 7.17 14.17
N ILE A 468 22.95 7.83 14.52
CA ILE A 468 22.97 8.69 15.70
C ILE A 468 23.22 7.85 16.94
N GLN A 469 22.69 6.63 16.96
CA GLN A 469 22.99 5.76 18.09
C GLN A 469 24.47 5.44 18.11
N CYS A 470 25.04 5.23 16.93
CA CYS A 470 26.46 4.92 16.89
C CYS A 470 27.28 6.06 17.41
N LEU A 471 26.87 7.29 17.10
CA LEU A 471 27.62 8.42 17.62
C LEU A 471 27.52 8.47 19.12
N LYS A 472 26.28 8.44 19.63
CA LYS A 472 26.07 8.61 21.05
C LYS A 472 26.76 7.50 21.84
N LYS A 473 26.81 6.31 21.27
CA LYS A 473 27.44 5.20 21.97
C LYS A 473 28.95 5.31 21.89
N THR A 474 29.47 5.63 20.71
CA THR A 474 30.89 5.73 20.52
C THR A 474 31.49 6.95 21.20
N LYS A 475 30.66 7.91 21.60
CA LYS A 475 31.10 9.07 22.38
C LYS A 475 32.16 9.89 21.62
N THR A 476 32.10 9.89 20.29
CA THR A 476 32.97 10.74 19.49
C THR A 476 32.27 11.05 18.20
N GLU A 477 32.73 12.12 17.56
CA GLU A 477 32.29 12.48 16.23
C GLU A 477 33.20 11.93 15.13
N ASN A 478 34.22 11.15 15.47
CA ASN A 478 35.10 10.53 14.48
C ASN A 478 35.35 9.05 14.78
N PRO A 479 34.33 8.20 14.68
CA PRO A 479 34.54 6.75 14.75
C PRO A 479 34.69 6.12 13.38
N LEU A 480 35.09 4.85 13.40
CA LEU A 480 35.34 4.04 12.21
C LEU A 480 34.14 3.16 11.99
N ILE A 481 33.09 3.74 11.41
CA ILE A 481 31.93 2.95 11.06
C ILE A 481 32.37 1.93 10.03
N LEU A 482 31.79 0.74 10.10
CA LEU A 482 32.15 -0.36 9.23
C LEU A 482 30.85 -0.96 8.74
N ILE A 483 30.45 -0.55 7.55
CA ILE A 483 29.31 -1.17 6.94
C ILE A 483 29.76 -2.56 6.53
N ASP A 484 28.82 -3.49 6.42
CA ASP A 484 29.16 -4.88 6.11
C ASP A 484 28.17 -5.44 5.11
N GLU A 485 28.70 -6.31 4.23
CA GLU A 485 27.90 -7.02 3.22
C GLU A 485 27.05 -6.05 2.43
N VAL A 486 27.68 -4.96 1.96
CA VAL A 486 26.95 -3.91 1.27
C VAL A 486 26.27 -4.44 0.02
N ASP A 487 26.87 -5.44 -0.62
CA ASP A 487 26.33 -5.93 -1.88
C ASP A 487 24.95 -6.58 -1.72
N LYS A 488 24.59 -6.99 -0.50
CA LYS A 488 23.35 -7.71 -0.27
C LYS A 488 22.14 -6.81 -0.21
N ILE A 489 22.29 -5.49 -0.28
CA ILE A 489 21.14 -4.61 -0.22
C ILE A 489 20.24 -4.90 -1.40
N GLY A 490 18.95 -4.99 -1.14
CA GLY A 490 17.98 -5.29 -2.18
C GLY A 490 17.31 -4.09 -2.81
N ARG A 491 17.43 -2.90 -2.19
CA ARG A 491 16.88 -1.62 -2.65
C ARG A 491 15.50 -1.72 -3.32
N GLY A 492 14.63 -2.54 -2.74
CA GLY A 492 13.37 -2.92 -3.35
C GLY A 492 12.21 -2.05 -2.94
N TYR A 493 11.03 -2.67 -2.90
CA TYR A 493 9.79 -1.95 -2.65
C TYR A 493 9.81 -1.26 -1.29
N GLN A 494 9.34 0.00 -1.24
CA GLN A 494 9.18 0.79 -0.02
C GLN A 494 10.44 0.84 0.88
N GLY A 495 11.61 0.50 0.33
CA GLY A 495 12.86 0.39 1.06
C GLY A 495 13.87 1.42 0.62
N ASP A 496 14.67 1.03 -0.36
CA ASP A 496 15.64 1.92 -0.98
C ASP A 496 16.60 2.49 0.06
N PRO A 497 17.15 1.69 0.99
CA PRO A 497 18.20 2.24 1.85
C PRO A 497 19.39 2.74 1.07
N SER A 498 19.69 2.14 -0.09
CA SER A 498 20.91 2.47 -0.82
C SER A 498 21.00 3.94 -1.13
N SER A 499 19.86 4.61 -1.35
CA SER A 499 19.90 6.04 -1.52
C SER A 499 20.38 6.73 -0.25
N ALA A 500 19.90 6.26 0.92
CA ALA A 500 20.37 6.83 2.17
C ALA A 500 21.85 6.58 2.34
N LEU A 501 22.33 5.41 1.88
CA LEU A 501 23.75 5.15 1.94
C LEU A 501 24.50 6.13 1.08
N LEU A 502 24.06 6.33 -0.17
CA LEU A 502 24.76 7.26 -1.06
C LEU A 502 24.79 8.64 -0.47
N GLU A 503 23.75 9.02 0.28
CA GLU A 503 23.85 10.27 1.01
C GLU A 503 24.94 10.20 2.05
N LEU A 504 25.14 9.02 2.66
CA LEU A 504 26.16 8.92 3.70
C LEU A 504 27.57 8.91 3.12
N LEU A 505 27.77 8.21 2.02
CA LEU A 505 29.09 8.12 1.43
C LEU A 505 29.44 9.35 0.60
N ASP A 506 28.51 10.27 0.40
CA ASP A 506 28.75 11.45 -0.40
C ASP A 506 29.89 12.26 0.24
N PRO A 507 30.94 12.65 -0.49
CA PRO A 507 32.07 13.34 0.15
C PRO A 507 31.71 14.62 0.87
N GLU A 508 30.71 15.35 0.41
CA GLU A 508 30.33 16.64 0.98
C GLU A 508 28.99 16.63 1.70
N GLN A 509 27.96 15.98 1.15
CA GLN A 509 26.65 16.02 1.78
C GLN A 509 26.70 15.38 3.16
N ASN A 510 27.63 14.46 3.39
CA ASN A 510 27.80 13.92 4.73
C ASN A 510 28.14 15.03 5.73
N ALA A 511 28.74 16.13 5.27
CA ALA A 511 29.05 17.25 6.15
C ALA A 511 27.78 17.85 6.77
N ASN A 512 26.62 17.67 6.13
CA ASN A 512 25.37 18.25 6.60
C ASN A 512 24.25 17.23 6.59
N PHE A 513 24.57 15.94 6.77
CA PHE A 513 23.53 14.91 6.80
C PHE A 513 22.59 15.17 7.98
N LEU A 514 21.34 14.76 7.80
CA LEU A 514 20.30 14.91 8.80
C LEU A 514 19.35 13.73 8.63
N ASP A 515 18.86 13.22 9.73
CA ASP A 515 17.93 12.10 9.75
C ASP A 515 16.50 12.62 9.84
N HIS A 516 15.55 11.73 9.57
CA HIS A 516 14.16 12.14 9.70
C HIS A 516 13.81 12.49 11.14
N TYR A 517 14.49 11.91 12.14
CA TYR A 517 14.12 12.20 13.52
C TYR A 517 14.73 13.50 14.01
N LEU A 518 16.04 13.54 14.12
CA LEU A 518 16.78 14.75 14.42
C LEU A 518 17.17 15.39 13.11
N ASP A 519 16.51 16.50 12.80
CA ASP A 519 16.57 17.16 11.51
C ASP A 519 17.78 18.09 11.36
N VAL A 520 18.58 18.29 12.40
CA VAL A 520 19.74 19.18 12.28
C VAL A 520 20.72 18.52 11.31
N PRO A 521 21.45 19.27 10.51
CA PRO A 521 22.59 18.68 9.80
C PRO A 521 23.67 18.23 10.76
N VAL A 522 24.44 17.20 10.38
CA VAL A 522 25.54 16.75 11.22
C VAL A 522 26.77 16.51 10.36
N ASP A 523 27.94 16.76 10.95
CA ASP A 523 29.22 16.63 10.24
C ASP A 523 29.66 15.18 10.19
N LEU A 524 29.85 14.64 9.00
CA LEU A 524 30.29 13.27 8.82
C LEU A 524 31.36 13.21 7.74
N SER A 525 32.36 14.07 7.84
CA SER A 525 33.51 14.00 6.96
C SER A 525 34.68 13.25 7.56
N LYS A 526 34.91 13.37 8.87
CA LYS A 526 36.05 12.73 9.51
C LYS A 526 35.86 11.25 9.73
N VAL A 527 34.62 10.78 9.78
CA VAL A 527 34.36 9.36 9.94
C VAL A 527 34.91 8.60 8.75
N LEU A 528 35.62 7.52 9.02
CA LEU A 528 36.32 6.74 8.02
C LEU A 528 35.55 5.45 7.80
N PHE A 529 34.67 5.47 6.81
CA PHE A 529 33.89 4.29 6.51
C PHE A 529 34.75 3.20 5.91
N ILE A 530 34.28 1.98 6.03
CA ILE A 530 34.84 0.82 5.36
C ILE A 530 33.62 0.09 4.83
N CYS A 531 33.83 -0.79 3.86
CA CYS A 531 32.75 -1.59 3.31
C CYS A 531 33.36 -2.93 2.96
N THR A 532 32.52 -3.92 2.79
CA THR A 532 33.00 -5.24 2.41
C THR A 532 31.95 -5.89 1.52
N ALA A 533 32.39 -6.80 0.68
CA ALA A 533 31.47 -7.56 -0.13
C ALA A 533 32.20 -8.74 -0.69
N ASN A 534 31.48 -9.83 -0.89
CA ASN A 534 32.10 -10.99 -1.47
C ASN A 534 32.32 -10.87 -2.97
N VAL A 535 31.67 -9.92 -3.63
CA VAL A 535 31.86 -9.71 -5.05
C VAL A 535 31.40 -8.30 -5.36
N THR A 536 32.10 -7.64 -6.26
CA THR A 536 31.82 -6.26 -6.61
C THR A 536 30.70 -6.13 -7.64
N ASP A 537 30.21 -7.24 -8.19
CA ASP A 537 29.33 -7.11 -9.34
C ASP A 537 27.94 -6.65 -8.92
N THR A 538 27.39 -7.23 -7.87
CA THR A 538 26.01 -6.96 -7.50
C THR A 538 25.83 -5.64 -6.78
N ILE A 539 26.89 -4.99 -6.33
CA ILE A 539 26.71 -3.71 -5.62
C ILE A 539 26.19 -2.68 -6.60
N PRO A 540 25.24 -1.80 -6.24
CA PRO A 540 24.74 -0.84 -7.22
C PRO A 540 25.85 0.07 -7.72
N GLU A 541 25.80 0.37 -9.03
CA GLU A 541 26.87 1.13 -9.66
C GLU A 541 27.10 2.51 -9.04
N PRO A 542 26.08 3.35 -8.81
CA PRO A 542 26.36 4.70 -8.29
C PRO A 542 27.12 4.68 -6.99
N LEU A 543 26.82 3.69 -6.16
CA LEU A 543 27.66 3.47 -4.99
C LEU A 543 29.03 2.97 -5.39
N ARG A 544 29.11 2.15 -6.45
CA ARG A 544 30.36 1.54 -6.83
C ARG A 544 31.41 2.55 -7.27
N ASP A 545 30.96 3.69 -7.81
CA ASP A 545 31.94 4.66 -8.31
C ASP A 545 32.74 5.32 -7.19
N ARG A 546 32.17 5.40 -6.00
CA ARG A 546 32.57 6.42 -5.04
C ARG A 546 33.78 6.04 -4.21
N MET A 547 34.36 4.85 -4.36
CA MET A 547 35.53 4.52 -3.54
C MET A 547 36.40 3.51 -4.25
N GLU A 548 37.70 3.58 -3.93
CA GLU A 548 38.63 2.56 -4.40
C GLU A 548 38.33 1.27 -3.70
N MET A 549 38.68 0.17 -4.35
CA MET A 549 38.30 -1.16 -3.93
C MET A 549 39.55 -2.01 -3.86
N ILE A 550 40.24 -1.97 -2.70
CA ILE A 550 41.37 -2.84 -2.52
C ILE A 550 40.88 -4.26 -2.66
N ASN A 551 41.71 -5.14 -3.21
CA ASN A 551 41.33 -6.53 -3.48
C ASN A 551 42.14 -7.40 -2.55
N VAL A 552 41.58 -7.69 -1.39
CA VAL A 552 42.12 -8.78 -0.60
C VAL A 552 41.87 -10.07 -1.36
N SER A 553 42.79 -11.02 -1.28
CA SER A 553 42.56 -12.31 -1.93
C SER A 553 43.69 -13.28 -1.61
N GLY A 554 43.31 -14.55 -1.48
CA GLY A 554 44.25 -15.65 -1.57
C GLY A 554 45.00 -15.87 -0.29
N TYR A 555 45.66 -17.03 -0.22
CA TYR A 555 46.63 -17.33 0.83
C TYR A 555 47.45 -18.52 0.36
N VAL A 556 48.73 -18.27 0.10
CA VAL A 556 49.60 -19.35 -0.34
C VAL A 556 49.81 -20.33 0.81
N ALA A 557 50.03 -21.61 0.46
CA ALA A 557 50.08 -22.66 1.47
C ALA A 557 51.18 -22.42 2.49
N GLN A 558 52.27 -21.79 2.07
CA GLN A 558 53.31 -21.43 3.03
C GLN A 558 52.77 -20.44 4.04
N GLU A 559 52.10 -19.41 3.54
CA GLU A 559 51.55 -18.40 4.41
C GLU A 559 50.48 -19.00 5.31
N LYS A 560 49.68 -19.93 4.76
CA LYS A 560 48.63 -20.55 5.57
C LYS A 560 49.22 -21.40 6.67
N LEU A 561 50.33 -22.10 6.38
CA LEU A 561 51.00 -22.86 7.42
C LEU A 561 51.48 -21.94 8.52
N ALA A 562 52.00 -20.76 8.15
CA ALA A 562 52.44 -19.82 9.17
C ALA A 562 51.27 -19.38 10.03
N ILE A 563 50.17 -18.95 9.38
CA ILE A 563 48.98 -18.46 10.10
C ILE A 563 48.51 -19.52 11.07
N ALA A 564 48.41 -20.75 10.58
CA ALA A 564 47.86 -21.82 11.39
C ALA A 564 48.70 -22.05 12.62
N GLU A 565 49.99 -22.28 12.45
CA GLU A 565 50.78 -22.69 13.60
C GLU A 565 50.89 -21.62 14.65
N ARG A 566 50.80 -20.33 14.27
CA ARG A 566 51.03 -19.29 15.27
C ARG A 566 49.78 -18.61 15.78
N TYR A 567 48.67 -18.63 15.04
CA TYR A 567 47.44 -17.99 15.49
C TYR A 567 46.31 -18.97 15.71
N LEU A 568 46.02 -19.85 14.75
CA LEU A 568 44.85 -20.70 14.92
C LEU A 568 45.04 -21.70 16.04
N VAL A 569 46.12 -22.48 15.99
CA VAL A 569 46.26 -23.61 16.90
C VAL A 569 46.19 -23.20 18.37
N PRO A 570 46.97 -22.24 18.85
CA PRO A 570 46.83 -21.88 20.27
C PRO A 570 45.44 -21.42 20.62
N GLN A 571 44.78 -20.73 19.69
CA GLN A 571 43.47 -20.18 19.97
C GLN A 571 42.47 -21.30 20.14
N ALA A 572 42.40 -22.19 19.15
CA ALA A 572 41.51 -23.33 19.27
C ALA A 572 41.91 -24.22 20.42
N ARG A 573 43.19 -24.24 20.78
CA ARG A 573 43.62 -25.11 21.86
C ARG A 573 43.10 -24.61 23.18
N ALA A 574 43.15 -23.30 23.41
CA ALA A 574 42.52 -22.78 24.61
C ALA A 574 41.01 -22.92 24.53
N LEU A 575 40.45 -22.86 23.33
CA LEU A 575 39.01 -23.05 23.18
C LEU A 575 38.59 -24.47 23.53
N CYS A 576 39.44 -25.47 23.24
CA CYS A 576 39.19 -26.85 23.60
C CYS A 576 39.91 -27.25 24.88
N GLY A 577 40.70 -26.37 25.48
CA GLY A 577 41.20 -26.56 26.81
C GLY A 577 42.34 -27.52 26.95
N LEU A 578 42.70 -28.23 25.90
CA LEU A 578 43.84 -29.13 26.00
C LEU A 578 45.08 -28.33 26.29
N ASP A 579 45.91 -28.86 27.17
CA ASP A 579 47.18 -28.23 27.47
C ASP A 579 48.07 -28.35 26.26
N GLU A 580 49.01 -27.41 26.15
CA GLU A 580 49.99 -27.45 25.06
C GLU A 580 50.77 -28.76 25.05
N SER A 581 50.92 -29.39 26.21
CA SER A 581 51.65 -30.64 26.29
C SER A 581 50.84 -31.80 25.73
N LYS A 582 49.56 -31.88 26.09
CA LYS A 582 48.81 -33.12 25.92
C LYS A 582 48.60 -33.51 24.45
N ALA A 583 48.43 -32.55 23.55
CA ALA A 583 48.09 -32.84 22.15
C ALA A 583 49.12 -32.20 21.27
N LYS A 584 50.23 -32.89 21.08
CA LYS A 584 51.28 -32.36 20.23
C LYS A 584 50.82 -32.29 18.79
N LEU A 585 51.18 -31.20 18.11
CA LEU A 585 50.96 -31.06 16.67
C LEU A 585 52.19 -30.43 16.05
N SER A 586 52.89 -31.23 15.30
CA SER A 586 54.06 -30.80 14.56
C SER A 586 53.65 -29.85 13.45
N SER A 587 54.60 -29.00 13.05
CA SER A 587 54.44 -28.27 11.81
C SER A 587 54.31 -29.22 10.62
N ASP A 588 54.84 -30.44 10.72
CA ASP A 588 54.72 -31.43 9.67
C ASP A 588 53.26 -31.81 9.47
N VAL A 589 52.57 -32.16 10.55
CA VAL A 589 51.19 -32.60 10.41
C VAL A 589 50.35 -31.49 9.82
N LEU A 590 50.63 -30.25 10.21
CA LEU A 590 49.90 -29.13 9.64
C LEU A 590 50.21 -28.98 8.17
N THR A 591 51.47 -29.22 7.78
CA THR A 591 51.81 -29.14 6.37
C THR A 591 51.00 -30.15 5.59
N LEU A 592 50.79 -31.32 6.19
CA LEU A 592 50.04 -32.35 5.50
C LEU A 592 48.58 -31.96 5.37
N LEU A 593 47.99 -31.47 6.46
CA LEU A 593 46.59 -31.08 6.39
C LEU A 593 46.36 -29.95 5.43
N ILE A 594 47.35 -29.08 5.25
CA ILE A 594 47.19 -28.01 4.27
C ILE A 594 47.30 -28.58 2.87
N LYS A 595 48.31 -29.41 2.62
CA LYS A 595 48.55 -29.86 1.27
C LYS A 595 47.45 -30.76 0.77
N GLN A 596 46.84 -31.56 1.64
CA GLN A 596 45.91 -32.59 1.19
C GLN A 596 44.44 -32.24 1.34
N TYR A 597 44.06 -31.36 2.26
CA TYR A 597 42.66 -31.12 2.57
C TYR A 597 42.21 -29.70 2.27
N CYS A 598 42.80 -28.69 2.90
CA CYS A 598 42.31 -27.34 2.78
C CYS A 598 43.07 -26.65 1.68
N ARG A 599 42.55 -26.70 0.46
CA ARG A 599 43.13 -26.01 -0.69
C ARG A 599 42.08 -25.05 -1.22
N GLU A 600 41.99 -23.90 -0.58
CA GLU A 600 41.05 -22.86 -0.97
C GLU A 600 41.46 -21.57 -0.29
N SER A 601 40.92 -20.46 -0.80
CA SER A 601 41.37 -19.15 -0.36
C SER A 601 41.05 -18.88 1.10
N GLY A 602 39.94 -19.41 1.61
CA GLY A 602 39.53 -19.07 2.96
C GLY A 602 40.44 -19.71 3.99
N VAL A 603 40.46 -19.12 5.18
CA VAL A 603 41.22 -19.71 6.29
C VAL A 603 40.35 -20.58 7.19
N ARG A 604 39.01 -20.40 7.16
CA ARG A 604 38.15 -21.08 8.12
C ARG A 604 38.27 -22.58 8.02
N ASN A 605 38.37 -23.10 6.80
CA ASN A 605 38.30 -24.53 6.60
C ASN A 605 39.44 -25.23 7.31
N LEU A 606 40.62 -24.61 7.29
CA LEU A 606 41.73 -25.14 8.06
C LEU A 606 41.40 -25.13 9.53
N GLN A 607 40.65 -24.12 9.98
CA GLN A 607 40.28 -24.08 11.37
C GLN A 607 39.41 -25.28 11.70
N LYS A 608 38.52 -25.65 10.79
CA LYS A 608 37.66 -26.79 11.07
C LYS A 608 38.47 -28.06 11.18
N GLN A 609 39.47 -28.23 10.32
CA GLN A 609 40.26 -29.46 10.40
C GLN A 609 41.03 -29.55 11.71
N VAL A 610 41.73 -28.48 12.08
CA VAL A 610 42.50 -28.50 13.32
C VAL A 610 41.57 -28.74 14.50
N GLU A 611 40.40 -28.11 14.45
CA GLU A 611 39.44 -28.26 15.52
C GLU A 611 39.04 -29.71 15.64
N LYS A 612 38.86 -30.36 14.50
CA LYS A 612 38.43 -31.73 14.52
C LYS A 612 39.46 -32.60 15.21
N VAL A 613 40.73 -32.42 14.85
CA VAL A 613 41.72 -33.31 15.44
C VAL A 613 41.83 -33.07 16.93
N LEU A 614 41.75 -31.81 17.34
CA LEU A 614 41.85 -31.56 18.76
C LEU A 614 40.66 -32.17 19.50
N ARG A 615 39.48 -32.14 18.88
CA ARG A 615 38.31 -32.73 19.51
C ARG A 615 38.53 -34.20 19.74
N LYS A 616 38.91 -34.92 18.68
CA LYS A 616 39.01 -36.37 18.81
C LYS A 616 40.08 -36.74 19.80
N SER A 617 41.14 -35.94 19.88
CA SER A 617 42.09 -36.19 20.95
C SER A 617 41.47 -35.95 22.32
N ALA A 618 40.58 -34.97 22.43
CA ALA A 618 39.94 -34.73 23.72
C ALA A 618 39.08 -35.89 24.13
N TYR A 619 38.31 -36.42 23.19
CA TYR A 619 37.46 -37.56 23.53
C TYR A 619 38.29 -38.78 23.86
N LYS A 620 39.37 -38.99 23.12
CA LYS A 620 40.20 -40.15 23.40
C LYS A 620 40.93 -40.02 24.73
N ILE A 621 41.12 -38.80 25.23
CA ILE A 621 41.70 -38.66 26.57
C ILE A 621 40.64 -38.83 27.64
N VAL A 622 39.46 -38.25 27.43
CA VAL A 622 38.49 -38.17 28.51
C VAL A 622 37.97 -39.54 28.90
N SER A 623 37.90 -40.48 27.95
CA SER A 623 37.48 -41.84 28.27
C SER A 623 38.29 -42.93 27.59
N GLY A 624 39.25 -42.59 26.74
CA GLY A 624 40.14 -43.60 26.21
C GLY A 624 41.15 -43.96 27.27
N GLU A 625 42.41 -44.09 26.86
CA GLU A 625 43.47 -44.57 27.75
C GLU A 625 44.61 -43.57 27.91
N ALA A 626 45.15 -43.04 26.82
CA ALA A 626 46.35 -42.23 26.89
C ALA A 626 46.08 -40.95 27.65
N GLU A 627 47.09 -40.50 28.40
CA GLU A 627 47.05 -39.16 28.95
C GLU A 627 47.47 -38.11 27.93
N SER A 628 47.92 -38.54 26.74
CA SER A 628 48.22 -37.60 25.69
C SER A 628 48.09 -38.31 24.36
N VAL A 629 47.57 -37.61 23.39
CA VAL A 629 47.63 -38.08 22.01
C VAL A 629 48.97 -37.67 21.42
N GLU A 630 49.39 -38.34 20.34
CA GLU A 630 50.62 -37.97 19.64
C GLU A 630 50.32 -38.15 18.16
N VAL A 631 49.84 -37.09 17.54
CA VAL A 631 49.45 -37.16 16.15
C VAL A 631 50.70 -37.14 15.29
N THR A 632 50.84 -38.14 14.43
CA THR A 632 51.87 -38.26 13.40
C THR A 632 51.12 -38.54 12.12
N PRO A 633 51.67 -38.19 10.95
CA PRO A 633 50.89 -38.26 9.70
C PRO A 633 50.34 -39.64 9.43
N GLU A 634 51.08 -40.68 9.82
CA GLU A 634 50.58 -42.04 9.66
C GLU A 634 49.32 -42.25 10.49
N ASN A 635 49.24 -41.63 11.66
CA ASN A 635 48.02 -41.73 12.44
C ASN A 635 46.89 -40.94 11.84
N LEU A 636 47.21 -39.88 11.07
CA LEU A 636 46.23 -38.84 10.73
C LEU A 636 45.02 -39.41 10.02
N GLN A 637 45.19 -40.51 9.29
CA GLN A 637 44.17 -41.02 8.39
C GLN A 637 42.87 -41.28 9.13
N ASP A 638 42.95 -41.66 10.40
CA ASP A 638 41.71 -41.95 11.13
C ASP A 638 41.12 -40.73 11.80
N PHE A 639 41.92 -39.74 12.20
CA PHE A 639 41.33 -38.59 12.90
C PHE A 639 40.65 -37.63 11.95
N VAL A 640 41.32 -37.25 10.88
CA VAL A 640 40.68 -36.45 9.84
C VAL A 640 39.94 -37.31 8.84
N GLY A 641 40.09 -38.63 8.89
CA GLY A 641 39.37 -39.47 7.95
C GLY A 641 39.93 -39.43 6.54
N LYS A 642 39.05 -39.65 5.59
CA LYS A 642 39.45 -39.85 4.20
C LYS A 642 40.09 -38.59 3.61
N PRO A 643 41.31 -38.67 3.05
CA PRO A 643 41.82 -37.53 2.30
C PRO A 643 40.97 -37.26 1.08
N VAL A 644 40.83 -35.99 0.76
CA VAL A 644 40.02 -35.60 -0.38
C VAL A 644 40.82 -35.77 -1.66
N PHE A 645 41.89 -35.01 -1.79
CA PHE A 645 42.74 -35.09 -2.97
C PHE A 645 43.65 -36.29 -2.89
N THR A 646 44.02 -36.81 -4.06
CA THR A 646 44.93 -37.95 -4.17
C THR A 646 46.33 -37.47 -4.50
N VAL A 647 47.31 -38.07 -3.83
CA VAL A 647 48.70 -37.71 -4.08
C VAL A 647 49.11 -38.22 -5.46
N GLU A 648 50.07 -37.54 -6.07
CA GLU A 648 50.51 -37.85 -7.42
C GLU A 648 51.34 -39.13 -7.45
N ARG A 649 51.29 -39.81 -8.59
CA ARG A 649 52.05 -41.06 -8.77
C ARG A 649 53.52 -40.70 -8.88
N MET A 650 54.15 -40.50 -7.73
CA MET A 650 55.52 -40.02 -7.68
C MET A 650 56.46 -41.11 -8.19
N TYR A 651 56.84 -41.02 -9.46
CA TYR A 651 57.80 -41.94 -10.05
C TYR A 651 59.22 -41.62 -9.60
N ASP A 652 60.06 -42.66 -9.59
CA ASP A 652 61.42 -42.53 -9.08
C ASP A 652 62.42 -42.11 -10.15
N VAL A 653 62.58 -42.92 -11.20
CA VAL A 653 63.55 -42.70 -12.26
C VAL A 653 62.89 -42.39 -13.60
N THR A 654 61.59 -42.17 -13.64
CA THR A 654 60.91 -41.67 -14.82
C THR A 654 61.06 -42.59 -16.03
N PRO A 655 60.37 -43.73 -16.09
CA PRO A 655 60.46 -44.57 -17.27
C PRO A 655 59.94 -43.82 -18.48
N PRO A 656 60.46 -44.09 -19.68
CA PRO A 656 60.30 -43.15 -20.80
C PRO A 656 58.85 -42.89 -21.13
N GLY A 657 58.55 -41.64 -21.50
CA GLY A 657 57.19 -41.22 -21.62
C GLY A 657 56.62 -40.56 -20.38
N VAL A 658 57.46 -40.16 -19.43
CA VAL A 658 57.01 -39.41 -18.26
C VAL A 658 58.10 -38.42 -17.92
N VAL A 659 57.73 -37.25 -17.43
CA VAL A 659 58.76 -36.29 -17.01
C VAL A 659 58.14 -35.24 -16.10
N MET A 660 58.94 -34.73 -15.17
CA MET A 660 58.47 -33.70 -14.27
C MET A 660 58.37 -32.38 -14.99
N GLY A 661 57.40 -31.58 -14.57
CA GLY A 661 57.17 -30.27 -15.11
C GLY A 661 56.62 -29.37 -14.01
N LEU A 662 57.29 -28.25 -13.80
CA LEU A 662 56.91 -27.34 -12.76
C LEU A 662 55.57 -26.71 -13.08
N ALA A 663 54.76 -26.49 -12.06
CA ALA A 663 53.46 -25.85 -12.26
C ALA A 663 53.18 -24.92 -11.11
N TRP A 664 52.67 -23.74 -11.46
CA TRP A 664 52.29 -22.73 -10.48
C TRP A 664 50.83 -22.97 -10.17
N THR A 665 50.58 -23.84 -9.21
CA THR A 665 49.22 -24.13 -8.81
C THR A 665 48.57 -22.90 -8.17
N ALA A 666 47.33 -23.07 -7.73
CA ALA A 666 46.63 -21.97 -7.10
C ALA A 666 47.30 -21.52 -5.81
N MET A 667 48.00 -22.42 -5.12
CA MET A 667 48.75 -22.07 -3.91
C MET A 667 50.11 -22.76 -3.96
N GLY A 668 51.17 -21.98 -4.00
CA GLY A 668 52.48 -22.58 -4.10
C GLY A 668 52.65 -23.16 -5.49
N GLY A 669 53.59 -24.10 -5.59
CA GLY A 669 53.87 -24.77 -6.84
C GLY A 669 54.12 -26.23 -6.59
N SER A 670 54.07 -27.02 -7.66
CA SER A 670 54.24 -28.45 -7.53
C SER A 670 54.90 -29.01 -8.78
N THR A 671 55.65 -30.09 -8.58
CA THR A 671 56.38 -30.74 -9.68
C THR A 671 55.45 -31.76 -10.32
N LEU A 672 54.51 -31.26 -11.11
CA LEU A 672 53.53 -32.13 -11.73
C LEU A 672 54.19 -33.03 -12.76
N PHE A 673 53.86 -34.31 -12.76
CA PHE A 673 54.47 -35.26 -13.68
C PHE A 673 53.60 -35.35 -14.91
N VAL A 674 54.07 -34.85 -16.05
CA VAL A 674 53.37 -35.19 -17.27
C VAL A 674 53.56 -36.67 -17.50
N GLU A 675 52.47 -37.35 -17.85
CA GLU A 675 52.44 -38.78 -18.11
C GLU A 675 52.00 -38.99 -19.55
N THR A 676 52.68 -39.89 -20.25
CA THR A 676 52.35 -40.17 -21.65
C THR A 676 52.52 -41.65 -21.89
N SER A 677 51.61 -42.23 -22.64
CA SER A 677 51.71 -43.66 -22.88
C SER A 677 50.82 -44.03 -24.03
N LEU A 678 51.24 -45.05 -24.76
CA LEU A 678 50.37 -45.66 -25.75
C LEU A 678 49.16 -46.22 -25.03
N ARG A 679 47.97 -45.93 -25.55
CA ARG A 679 46.72 -46.30 -24.90
C ARG A 679 45.88 -47.33 -25.63
N ARG A 680 46.24 -47.68 -26.85
CA ARG A 680 45.46 -48.59 -27.65
C ARG A 680 46.46 -49.04 -28.68
N PRO A 681 46.51 -50.33 -29.06
CA PRO A 681 47.66 -50.80 -29.83
C PRO A 681 47.83 -50.08 -31.16
N GLN A 682 49.09 -49.87 -31.50
CA GLN A 682 49.49 -49.09 -32.67
C GLN A 682 49.03 -49.71 -33.98
N ASP A 683 48.75 -51.01 -34.01
CA ASP A 683 48.73 -51.77 -35.25
C ASP A 683 47.31 -51.92 -35.82
N LYS A 684 46.50 -50.84 -35.82
CA LYS A 684 45.19 -50.89 -36.45
C LYS A 684 45.26 -51.38 -37.90
N ASP A 685 46.37 -51.12 -38.58
CA ASP A 685 46.74 -51.83 -39.78
C ASP A 685 48.20 -51.53 -40.04
N ALA A 686 48.95 -52.52 -40.50
CA ALA A 686 50.35 -52.26 -40.84
C ALA A 686 50.46 -51.30 -42.01
N LYS A 687 49.53 -51.37 -42.96
CA LYS A 687 49.46 -50.45 -44.09
C LYS A 687 48.69 -49.17 -43.76
N GLY A 688 47.97 -49.12 -42.64
CA GLY A 688 47.11 -47.99 -42.35
C GLY A 688 47.85 -46.66 -42.20
N ASP A 689 47.35 -45.65 -42.90
CA ASP A 689 47.86 -44.29 -42.80
C ASP A 689 47.23 -43.48 -41.67
N LYS A 690 46.35 -44.10 -40.87
CA LYS A 690 45.53 -43.37 -39.92
C LYS A 690 46.39 -42.64 -38.90
N ASP A 691 45.94 -41.45 -38.52
CA ASP A 691 46.70 -40.66 -37.56
C ASP A 691 46.59 -41.23 -36.16
N GLY A 692 47.62 -40.96 -35.38
CA GLY A 692 47.53 -41.23 -33.97
C GLY A 692 46.77 -40.11 -33.29
N SER A 693 45.45 -40.06 -33.45
CA SER A 693 44.69 -39.03 -32.78
C SER A 693 44.89 -39.14 -31.29
N LEU A 694 45.12 -38.02 -30.65
CA LEU A 694 45.40 -37.97 -29.23
C LEU A 694 44.13 -37.76 -28.44
N GLU A 695 44.12 -38.26 -27.19
CA GLU A 695 42.99 -38.10 -26.27
C GLU A 695 43.53 -37.54 -24.98
N VAL A 696 43.59 -36.21 -24.89
CA VAL A 696 44.05 -35.61 -23.65
C VAL A 696 43.03 -35.89 -22.57
N THR A 697 43.51 -35.97 -21.33
CA THR A 697 42.63 -36.12 -20.18
C THR A 697 43.29 -35.43 -19.00
N GLY A 698 42.54 -35.34 -17.92
CA GLY A 698 42.93 -34.50 -16.81
C GLY A 698 42.19 -33.19 -16.94
N GLN A 699 40.86 -33.25 -17.03
CA GLN A 699 39.95 -32.09 -17.08
C GLN A 699 40.43 -31.04 -18.07
N LEU A 700 40.42 -31.44 -19.32
CA LEU A 700 40.87 -30.54 -20.36
C LEU A 700 40.02 -29.28 -20.35
N GLY A 701 40.70 -28.13 -20.40
CA GLY A 701 40.05 -26.87 -20.69
C GLY A 701 40.02 -26.60 -22.16
N GLU A 702 39.23 -25.61 -22.54
CA GLU A 702 39.16 -25.23 -23.94
C GLU A 702 40.51 -24.72 -24.42
N VAL A 703 41.24 -24.04 -23.54
CA VAL A 703 42.56 -23.53 -23.93
C VAL A 703 43.56 -24.67 -23.97
N MET A 704 43.53 -25.54 -22.97
CA MET A 704 44.50 -26.63 -22.93
C MET A 704 44.31 -27.62 -24.05
N LYS A 705 43.09 -27.82 -24.53
CA LYS A 705 42.92 -28.72 -25.65
C LYS A 705 43.72 -28.22 -26.85
N GLU A 706 43.56 -26.94 -27.18
CA GLU A 706 44.27 -26.41 -28.32
C GLU A 706 45.77 -26.37 -28.07
N SER A 707 46.18 -26.08 -26.83
CA SER A 707 47.62 -26.02 -26.55
C SER A 707 48.25 -27.39 -26.74
N ALA A 708 47.58 -28.43 -26.26
CA ALA A 708 48.12 -29.76 -26.44
C ALA A 708 48.13 -30.16 -27.89
N ARG A 709 47.10 -29.81 -28.65
CA ARG A 709 47.10 -30.19 -30.06
C ARG A 709 48.20 -29.46 -30.83
N ILE A 710 48.49 -28.20 -30.46
CA ILE A 710 49.62 -27.48 -31.06
C ILE A 710 50.91 -28.24 -30.79
N ALA A 711 51.12 -28.61 -29.54
CA ALA A 711 52.31 -29.36 -29.19
C ALA A 711 52.36 -30.68 -29.93
N TYR A 712 51.20 -31.28 -30.19
CA TYR A 712 51.17 -32.55 -30.89
C TYR A 712 51.71 -32.41 -32.30
N THR A 713 51.18 -31.43 -33.04
CA THR A 713 51.65 -31.22 -34.40
C THR A 713 53.11 -30.85 -34.44
N PHE A 714 53.56 -30.10 -33.43
CA PHE A 714 54.95 -29.70 -33.44
C PHE A 714 55.84 -30.92 -33.22
N ALA A 715 55.49 -31.77 -32.25
CA ALA A 715 56.31 -32.95 -32.00
C ALA A 715 56.36 -33.82 -33.22
N ARG A 716 55.25 -33.88 -33.94
CA ARG A 716 55.21 -34.71 -35.13
C ARG A 716 56.18 -34.18 -36.18
N ALA A 717 56.09 -32.89 -36.48
CA ALA A 717 56.98 -32.31 -37.48
C ALA A 717 58.42 -32.40 -37.04
N PHE A 718 58.69 -32.26 -35.74
CA PHE A 718 60.06 -32.28 -35.26
C PHE A 718 60.68 -33.64 -35.49
N LEU A 719 59.93 -34.68 -35.14
CA LEU A 719 60.47 -36.02 -35.31
C LEU A 719 60.69 -36.31 -36.77
N MET A 720 59.83 -35.79 -37.66
CA MET A 720 60.13 -35.94 -39.07
C MET A 720 61.41 -35.21 -39.43
N GLN A 721 61.63 -34.03 -38.84
CA GLN A 721 62.81 -33.25 -39.16
C GLN A 721 64.09 -33.93 -38.72
N HIS A 722 64.02 -34.73 -37.66
CA HIS A 722 65.25 -35.23 -37.04
C HIS A 722 65.68 -36.58 -37.57
N ALA A 723 64.85 -37.62 -37.40
CA ALA A 723 65.16 -39.00 -37.78
C ALA A 723 64.03 -39.60 -38.59
N PRO A 724 64.00 -39.42 -39.93
CA PRO A 724 62.80 -39.73 -40.71
C PRO A 724 62.31 -41.15 -40.56
N ALA A 725 63.23 -42.11 -40.39
CA ALA A 725 62.82 -43.50 -40.26
C ALA A 725 61.89 -43.69 -39.07
N ASN A 726 62.04 -42.87 -38.03
CA ASN A 726 61.09 -42.89 -36.94
C ASN A 726 59.75 -42.44 -37.46
N ASP A 727 58.71 -43.18 -37.12
CA ASP A 727 57.35 -42.79 -37.44
C ASP A 727 56.33 -43.09 -36.36
N TYR A 728 56.72 -43.76 -35.27
CA TYR A 728 55.82 -44.16 -34.19
C TYR A 728 54.83 -43.06 -33.85
N LEU A 729 55.35 -41.90 -33.45
CA LEU A 729 54.49 -40.81 -33.00
C LEU A 729 53.60 -40.31 -34.11
N VAL A 730 54.04 -40.44 -35.37
CA VAL A 730 53.25 -39.92 -36.47
C VAL A 730 51.95 -40.69 -36.64
N THR A 731 51.96 -42.01 -36.33
CA THR A 731 50.77 -42.86 -36.45
C THR A 731 50.71 -43.84 -35.28
N SER A 732 50.19 -43.37 -34.15
CA SER A 732 49.79 -44.23 -33.04
C SER A 732 49.10 -43.38 -31.99
N HIS A 733 47.92 -43.78 -31.57
CA HIS A 733 47.16 -42.98 -30.62
C HIS A 733 47.84 -43.04 -29.26
N ILE A 734 47.82 -41.93 -28.54
CA ILE A 734 48.67 -41.75 -27.36
C ILE A 734 47.89 -41.00 -26.30
N HIS A 735 47.56 -41.67 -25.21
CA HIS A 735 46.95 -40.99 -24.08
C HIS A 735 48.02 -40.27 -23.31
N LEU A 736 47.66 -39.16 -22.70
CA LEU A 736 48.55 -38.48 -21.79
C LEU A 736 47.71 -37.87 -20.69
N HIS A 737 48.33 -37.70 -19.54
CA HIS A 737 47.69 -37.21 -18.35
C HIS A 737 48.61 -36.17 -17.74
N VAL A 738 48.18 -34.92 -17.74
CA VAL A 738 48.87 -33.85 -17.03
C VAL A 738 48.04 -33.54 -15.79
N PRO A 739 48.56 -33.72 -14.56
CA PRO A 739 47.73 -33.47 -13.39
C PRO A 739 47.27 -32.03 -13.33
N GLU A 740 46.05 -31.84 -12.88
CA GLU A 740 45.43 -30.52 -12.80
C GLU A 740 45.63 -29.93 -11.41
N GLY A 741 45.27 -28.66 -11.31
CA GLY A 741 45.45 -27.87 -10.12
C GLY A 741 46.02 -26.54 -10.55
N ALA A 742 46.72 -26.51 -11.69
CA ALA A 742 47.19 -25.23 -12.19
C ALA A 742 46.04 -24.33 -12.58
N THR A 743 46.20 -23.06 -12.27
CA THR A 743 45.23 -22.06 -12.66
C THR A 743 45.23 -21.96 -14.18
N PRO A 744 44.10 -21.66 -14.82
CA PRO A 744 44.08 -21.67 -16.30
C PRO A 744 45.09 -20.76 -16.96
N LYS A 745 45.39 -19.61 -16.35
CA LYS A 745 46.34 -18.69 -16.96
C LYS A 745 47.73 -19.30 -17.09
N ASP A 746 48.08 -20.20 -16.17
CA ASP A 746 49.37 -20.87 -16.19
C ASP A 746 49.36 -22.11 -17.07
N GLY A 747 48.21 -22.50 -17.62
CA GLY A 747 48.10 -23.79 -18.28
C GLY A 747 49.01 -24.02 -19.47
N PRO A 748 49.26 -23.00 -20.33
CA PRO A 748 50.17 -23.24 -21.47
C PRO A 748 51.56 -23.67 -21.05
N SER A 749 52.00 -23.28 -19.85
CA SER A 749 53.36 -23.52 -19.42
C SER A 749 53.72 -25.00 -19.45
N ALA A 750 52.74 -25.88 -19.28
CA ALA A 750 53.03 -27.30 -19.31
C ALA A 750 53.47 -27.77 -20.70
N GLY A 751 53.14 -27.00 -21.75
CA GLY A 751 53.22 -27.55 -23.10
C GLY A 751 54.59 -28.00 -23.52
N CYS A 752 55.64 -27.28 -23.09
CA CYS A 752 56.98 -27.69 -23.47
C CYS A 752 57.32 -29.04 -22.91
N THR A 753 56.94 -29.27 -21.64
CA THR A 753 57.09 -30.58 -21.03
C THR A 753 56.37 -31.63 -21.85
N ILE A 754 55.14 -31.32 -22.30
CA ILE A 754 54.35 -32.25 -23.09
C ILE A 754 55.11 -32.67 -24.33
N VAL A 755 55.74 -31.70 -25.01
CA VAL A 755 56.49 -32.01 -26.23
C VAL A 755 57.57 -33.04 -25.92
N THR A 756 58.43 -32.73 -24.95
CA THR A 756 59.54 -33.62 -24.64
C THR A 756 59.02 -34.97 -24.19
N ALA A 757 57.87 -34.98 -23.49
CA ALA A 757 57.21 -36.22 -23.11
C ALA A 757 57.04 -37.09 -24.34
N LEU A 758 56.28 -36.60 -25.32
CA LEU A 758 55.96 -37.38 -26.51
C LEU A 758 57.23 -37.85 -27.18
N LEU A 759 58.23 -36.97 -27.22
CA LEU A 759 59.45 -37.30 -27.94
C LEU A 759 60.17 -38.45 -27.27
N SER A 760 60.26 -38.40 -25.94
CA SER A 760 60.82 -39.51 -25.18
C SER A 760 60.10 -40.80 -25.56
N LEU A 761 58.76 -40.74 -25.54
CA LEU A 761 57.95 -41.91 -25.82
C LEU A 761 58.19 -42.38 -27.23
N ALA A 762 58.42 -41.45 -28.15
CA ALA A 762 58.58 -41.86 -29.53
C ALA A 762 59.81 -42.71 -29.73
N MET A 763 60.87 -42.47 -28.94
CA MET A 763 62.10 -43.22 -29.09
C MET A 763 62.34 -44.19 -27.95
N GLY A 764 61.59 -44.09 -26.86
CA GLY A 764 61.80 -44.98 -25.75
C GLY A 764 62.94 -44.60 -24.83
N ARG A 765 63.64 -43.52 -25.11
CA ARG A 765 64.74 -43.12 -24.25
C ARG A 765 64.19 -42.34 -23.05
N PRO A 766 64.49 -42.73 -21.81
CA PRO A 766 64.07 -41.88 -20.70
C PRO A 766 64.75 -40.53 -20.78
N VAL A 767 64.02 -39.49 -20.38
CA VAL A 767 64.63 -38.17 -20.21
C VAL A 767 65.67 -38.30 -19.12
N ARG A 768 66.72 -37.46 -19.21
CA ARG A 768 67.72 -37.45 -18.15
C ARG A 768 67.05 -37.17 -16.82
N GLN A 769 67.50 -37.86 -15.79
CA GLN A 769 66.80 -37.86 -14.51
C GLN A 769 66.88 -36.49 -13.86
N ASN A 770 65.88 -36.19 -13.03
CA ASN A 770 65.80 -34.99 -12.20
C ASN A 770 66.06 -33.72 -13.01
N LEU A 771 65.34 -33.60 -14.13
CA LEU A 771 65.36 -32.42 -14.99
C LEU A 771 63.96 -31.85 -15.03
N ALA A 772 63.76 -30.67 -14.45
CA ALA A 772 62.51 -29.95 -14.52
C ALA A 772 62.62 -28.90 -15.62
N MET A 773 61.49 -28.52 -16.19
CA MET A 773 61.49 -27.53 -17.24
C MET A 773 60.13 -26.86 -17.25
N THR A 774 60.03 -25.77 -17.98
CA THR A 774 58.74 -25.14 -18.18
C THR A 774 58.85 -24.10 -19.28
N GLY A 775 57.74 -23.86 -19.94
CA GLY A 775 57.70 -22.89 -21.02
C GLY A 775 56.47 -23.09 -21.88
N GLU A 776 56.48 -22.43 -23.02
CA GLU A 776 55.36 -22.48 -23.96
C GLU A 776 55.91 -22.61 -25.35
N VAL A 777 55.16 -23.28 -26.23
CA VAL A 777 55.61 -23.56 -27.59
C VAL A 777 54.46 -23.29 -28.55
N SER A 778 54.81 -22.76 -29.72
CA SER A 778 53.89 -22.10 -30.63
C SER A 778 54.08 -22.60 -32.04
N LEU A 779 54.07 -23.90 -32.22
CA LEU A 779 54.08 -24.57 -33.51
C LEU A 779 55.34 -24.32 -34.34
N THR A 780 56.37 -23.66 -33.80
CA THR A 780 57.67 -23.67 -34.44
C THR A 780 58.83 -23.70 -33.44
N GLY A 781 58.55 -23.78 -32.14
CA GLY A 781 59.58 -24.02 -31.16
C GLY A 781 60.23 -22.80 -30.58
N LYS A 782 59.78 -21.60 -30.88
CA LYS A 782 60.36 -20.42 -30.25
C LYS A 782 59.66 -20.25 -28.91
N ILE A 783 60.39 -20.63 -27.85
CA ILE A 783 59.82 -20.66 -26.51
C ILE A 783 59.45 -19.23 -26.14
N LEU A 784 58.43 -19.09 -25.29
CA LEU A 784 57.83 -17.83 -24.91
C LEU A 784 57.87 -17.66 -23.39
N PRO A 785 57.90 -16.44 -22.87
CA PRO A 785 57.99 -16.25 -21.42
C PRO A 785 56.79 -16.82 -20.68
N VAL A 786 57.05 -17.30 -19.46
CA VAL A 786 55.99 -17.68 -18.53
C VAL A 786 56.21 -16.93 -17.23
N GLY A 787 55.14 -16.76 -16.46
CA GLY A 787 55.14 -15.94 -15.28
C GLY A 787 55.15 -16.68 -13.96
N GLY A 788 55.24 -15.90 -12.88
CA GLY A 788 55.20 -16.45 -11.56
C GLY A 788 56.41 -17.22 -11.15
N ILE A 789 57.57 -16.92 -11.74
CA ILE A 789 58.70 -17.85 -11.73
C ILE A 789 59.20 -18.17 -10.34
N LYS A 790 59.01 -17.26 -9.37
CA LYS A 790 59.54 -17.48 -8.03
C LYS A 790 58.90 -18.70 -7.39
N GLU A 791 57.61 -18.92 -7.64
CA GLU A 791 56.91 -20.01 -6.97
C GLU A 791 57.32 -21.35 -7.54
N LYS A 792 57.40 -21.43 -8.87
CA LYS A 792 57.93 -22.62 -9.49
C LYS A 792 59.36 -22.87 -9.07
N THR A 793 60.11 -21.80 -8.81
CA THR A 793 61.50 -21.99 -8.42
C THR A 793 61.59 -22.64 -7.05
N ILE A 794 60.82 -22.13 -6.07
CA ILE A 794 60.87 -22.74 -4.75
C ILE A 794 60.39 -24.17 -4.80
N ALA A 795 59.39 -24.45 -5.65
CA ALA A 795 58.90 -25.82 -5.72
C ALA A 795 59.97 -26.74 -6.28
N ALA A 796 60.69 -26.28 -7.30
CA ALA A 796 61.73 -27.10 -7.87
C ALA A 796 62.84 -27.33 -6.87
N LYS A 797 63.18 -26.31 -6.08
CA LYS A 797 64.19 -26.51 -5.06
C LYS A 797 63.70 -27.50 -4.00
N ARG A 798 62.40 -27.47 -3.70
CA ARG A 798 61.84 -28.40 -2.73
C ARG A 798 61.89 -29.83 -3.25
N ALA A 799 61.72 -30.02 -4.56
CA ALA A 799 61.69 -31.36 -5.12
C ALA A 799 63.08 -31.95 -5.33
N GLY A 800 64.14 -31.15 -5.17
CA GLY A 800 65.47 -31.64 -5.37
C GLY A 800 65.92 -31.67 -6.80
N VAL A 801 65.08 -31.24 -7.74
CA VAL A 801 65.48 -31.22 -9.14
C VAL A 801 66.62 -30.23 -9.31
N THR A 802 67.64 -30.64 -10.04
CA THR A 802 68.88 -29.87 -10.12
C THR A 802 68.97 -28.97 -11.34
N CYS A 803 68.25 -29.29 -12.42
CA CYS A 803 68.38 -28.59 -13.71
C CYS A 803 67.02 -28.06 -14.12
N ILE A 804 66.67 -26.89 -13.61
CA ILE A 804 65.54 -26.17 -14.16
C ILE A 804 65.98 -25.57 -15.49
N VAL A 805 65.04 -25.40 -16.42
CA VAL A 805 65.32 -24.84 -17.74
C VAL A 805 64.18 -23.88 -18.04
N LEU A 806 64.52 -22.68 -18.52
CA LEU A 806 63.56 -21.59 -18.61
C LEU A 806 63.57 -20.89 -19.97
N PRO A 807 62.47 -20.27 -20.37
CA PRO A 807 62.51 -19.43 -21.56
C PRO A 807 63.47 -18.28 -21.32
N ALA A 808 64.17 -17.87 -22.39
CA ALA A 808 65.21 -16.87 -22.23
C ALA A 808 64.67 -15.56 -21.69
N GLU A 809 63.45 -15.20 -22.06
CA GLU A 809 62.89 -13.93 -21.64
C GLU A 809 62.65 -13.88 -20.13
N ASN A 810 62.40 -15.04 -19.52
CA ASN A 810 62.20 -15.09 -18.08
C ASN A 810 63.50 -14.98 -17.32
N LYS A 811 64.66 -15.00 -17.99
CA LYS A 811 65.96 -15.15 -17.34
C LYS A 811 66.17 -14.13 -16.23
N LYS A 812 66.04 -12.85 -16.56
CA LYS A 812 66.28 -11.81 -15.56
C LYS A 812 65.29 -11.91 -14.42
N ASP A 813 64.06 -12.36 -14.70
CA ASP A 813 63.07 -12.51 -13.65
C ASP A 813 63.54 -13.57 -12.66
N PHE A 814 64.20 -14.62 -13.14
CA PHE A 814 64.76 -15.56 -12.19
C PHE A 814 65.92 -14.94 -11.44
N TYR A 815 66.68 -14.06 -12.07
CA TYR A 815 67.77 -13.41 -11.35
C TYR A 815 67.25 -12.44 -10.30
N ASP A 816 66.02 -11.95 -10.45
CA ASP A 816 65.45 -11.06 -9.45
C ASP A 816 65.26 -11.77 -8.11
N LEU A 817 65.20 -13.10 -8.11
CA LEU A 817 65.01 -13.84 -6.88
C LEU A 817 66.18 -13.62 -5.93
N ALA A 818 65.88 -13.68 -4.64
CA ALA A 818 66.90 -13.56 -3.61
C ALA A 818 67.92 -14.67 -3.78
N ALA A 819 69.18 -14.34 -3.49
CA ALA A 819 70.28 -15.25 -3.79
C ALA A 819 70.15 -16.59 -3.08
N PHE A 820 69.62 -16.59 -1.85
CA PHE A 820 69.66 -17.78 -1.00
C PHE A 820 68.93 -18.97 -1.61
N ILE A 821 67.88 -18.72 -2.41
CA ILE A 821 67.10 -19.81 -2.96
C ILE A 821 67.77 -20.43 -4.18
N THR A 822 68.72 -19.74 -4.80
CA THR A 822 69.23 -20.16 -6.09
C THR A 822 70.36 -21.19 -6.03
N GLU A 823 70.90 -21.50 -4.86
CA GLU A 823 72.13 -22.29 -4.80
C GLU A 823 71.90 -23.72 -5.24
N GLY A 824 72.85 -24.23 -6.02
CA GLY A 824 72.94 -25.64 -6.33
C GLY A 824 72.25 -26.07 -7.60
N LEU A 825 71.29 -25.30 -8.10
CA LEU A 825 70.59 -25.66 -9.33
C LEU A 825 71.37 -25.13 -10.52
N GLU A 826 71.39 -25.93 -11.58
CA GLU A 826 72.09 -25.59 -12.82
C GLU A 826 71.06 -25.09 -13.84
N VAL A 827 70.63 -23.84 -13.63
CA VAL A 827 69.61 -23.27 -14.49
C VAL A 827 70.17 -23.08 -15.90
N HIS A 828 69.32 -23.31 -16.89
CA HIS A 828 69.63 -23.06 -18.29
C HIS A 828 68.63 -22.06 -18.84
N PHE A 829 69.10 -21.21 -19.74
CA PHE A 829 68.28 -20.25 -20.43
C PHE A 829 68.24 -20.60 -21.90
N VAL A 830 67.05 -20.74 -22.46
CA VAL A 830 66.88 -21.09 -23.87
C VAL A 830 65.71 -20.30 -24.42
N GLU A 831 65.69 -20.17 -25.74
CA GLU A 831 64.62 -19.51 -26.48
C GLU A 831 64.01 -20.39 -27.55
N HIS A 832 64.85 -21.05 -28.33
CA HIS A 832 64.41 -21.97 -29.38
C HIS A 832 64.35 -23.36 -28.79
N TYR A 833 63.26 -24.09 -29.07
CA TYR A 833 63.07 -25.36 -28.40
C TYR A 833 64.18 -26.35 -28.71
N ARG A 834 64.85 -26.22 -29.85
CA ARG A 834 65.81 -27.22 -30.33
C ARG A 834 66.87 -27.50 -29.27
N GLU A 835 67.29 -26.44 -28.58
CA GLU A 835 68.35 -26.56 -27.60
C GLU A 835 67.94 -27.51 -26.47
N ILE A 836 66.66 -27.49 -26.08
CA ILE A 836 66.21 -28.34 -24.99
C ILE A 836 66.38 -29.79 -25.38
N PHE A 837 66.08 -30.11 -26.63
CA PHE A 837 66.25 -31.48 -27.06
C PHE A 837 67.72 -31.84 -27.13
N ASP A 838 68.59 -30.86 -27.30
CA ASP A 838 70.01 -31.16 -27.29
C ASP A 838 70.55 -31.35 -25.87
N ILE A 839 69.77 -30.99 -24.85
CA ILE A 839 70.20 -31.11 -23.46
C ILE A 839 69.45 -32.23 -22.75
N ALA A 840 68.13 -32.24 -22.87
CA ALA A 840 67.34 -33.20 -22.13
C ALA A 840 67.58 -34.65 -22.53
N PHE A 841 68.05 -34.91 -23.75
CA PHE A 841 68.30 -36.27 -24.25
C PHE A 841 69.70 -36.37 -24.82
N PRO A 842 70.74 -36.38 -23.97
CA PRO A 842 72.10 -36.47 -24.50
C PRO A 842 72.39 -37.76 -25.25
N HIS B 17 -51.01 59.29 77.71
CA HIS B 17 -51.77 58.31 78.48
C HIS B 17 -51.86 56.98 77.71
N LEU B 18 -50.71 56.34 77.57
CA LEU B 18 -50.51 55.09 76.86
C LEU B 18 -49.77 54.14 77.79
N PRO B 19 -49.98 52.82 77.68
CA PRO B 19 -49.25 51.91 78.56
C PRO B 19 -47.77 51.95 78.22
N LEU B 20 -46.94 51.70 79.23
CA LEU B 20 -45.50 51.71 79.00
C LEU B 20 -45.12 50.62 78.01
N ILE B 21 -44.22 50.96 77.10
CA ILE B 21 -43.76 49.99 76.12
C ILE B 21 -42.78 49.06 76.84
N ALA B 22 -42.72 47.83 76.34
CA ALA B 22 -41.77 46.82 76.82
C ALA B 22 -40.55 46.97 75.94
N ILE B 23 -39.53 47.71 76.41
CA ILE B 23 -38.33 47.89 75.58
C ILE B 23 -37.69 46.54 75.30
N THR B 24 -37.66 45.66 76.31
CA THR B 24 -37.16 44.29 76.25
C THR B 24 -35.82 44.22 75.49
N ARG B 25 -34.84 44.94 76.04
CA ARG B 25 -33.45 44.88 75.57
C ARG B 25 -33.34 45.21 74.07
N ASN B 26 -33.71 46.45 73.75
CA ASN B 26 -33.71 46.94 72.37
C ASN B 26 -33.36 48.43 72.40
N PRO B 27 -32.07 48.79 72.37
CA PRO B 27 -31.74 50.22 72.28
C PRO B 27 -32.23 50.80 70.96
N VAL B 28 -32.66 52.06 71.04
CA VAL B 28 -33.12 52.82 69.88
C VAL B 28 -32.40 54.17 69.97
N PHE B 29 -31.24 54.26 69.31
CA PHE B 29 -30.46 55.48 69.41
C PHE B 29 -31.26 56.60 68.72
N PRO B 30 -31.09 57.87 69.14
CA PRO B 30 -31.85 58.94 68.48
C PRO B 30 -31.55 59.01 67.00
N ARG B 31 -32.59 59.27 66.19
CA ARG B 31 -32.45 59.35 64.73
C ARG B 31 -31.75 58.12 64.15
N PHE B 32 -32.25 56.96 64.57
CA PHE B 32 -31.67 55.67 64.18
C PHE B 32 -32.83 54.70 64.04
N ILE B 33 -33.02 54.18 62.82
CA ILE B 33 -34.07 53.20 62.59
C ILE B 33 -33.78 51.96 63.40
N LYS B 34 -34.84 51.37 63.96
CA LYS B 34 -34.68 50.15 64.74
C LYS B 34 -35.98 49.38 64.68
N ILE B 35 -35.88 48.07 64.88
CA ILE B 35 -37.02 47.16 64.85
C ILE B 35 -37.18 46.63 66.26
N ILE B 36 -38.42 46.37 66.67
CA ILE B 36 -38.73 45.81 67.98
C ILE B 36 -39.62 44.59 67.78
N GLU B 37 -39.29 43.51 68.52
CA GLU B 37 -40.00 42.23 68.52
C GLU B 37 -40.04 41.72 69.96
N VAL B 38 -40.94 42.29 70.76
CA VAL B 38 -41.21 41.79 72.11
C VAL B 38 -41.99 40.49 71.98
N LYS B 39 -41.74 39.54 72.87
CA LYS B 39 -42.41 38.24 72.77
C LYS B 39 -43.87 38.29 73.23
N ASN B 40 -44.24 39.23 74.08
CA ASN B 40 -45.62 39.35 74.52
C ASN B 40 -46.50 39.77 73.35
N LYS B 41 -47.73 39.25 73.35
CA LYS B 41 -48.75 39.58 72.35
C LYS B 41 -49.65 40.73 72.82
N LYS B 42 -49.54 41.16 74.07
CA LYS B 42 -50.41 42.23 74.58
C LYS B 42 -50.15 43.55 73.87
N LEU B 43 -48.92 43.78 73.40
CA LEU B 43 -48.64 45.01 72.66
C LEU B 43 -49.31 45.03 71.28
N VAL B 44 -49.55 43.85 70.68
CA VAL B 44 -50.20 43.82 69.37
C VAL B 44 -51.62 44.36 69.46
N GLU B 45 -52.29 44.13 70.60
CA GLU B 45 -53.64 44.64 70.76
C GLU B 45 -53.61 46.16 70.74
N LEU B 46 -52.61 46.77 71.37
CA LEU B 46 -52.46 48.22 71.32
C LEU B 46 -52.14 48.70 69.91
N LEU B 47 -51.36 47.93 69.15
CA LEU B 47 -51.07 48.36 67.78
C LEU B 47 -52.31 48.32 66.89
N ARG B 48 -53.17 47.32 67.08
CA ARG B 48 -54.42 47.31 66.32
C ARG B 48 -55.39 48.38 66.82
N ARG B 49 -55.39 48.63 68.14
CA ARG B 49 -56.25 49.67 68.69
C ARG B 49 -55.88 51.07 68.21
N LYS B 50 -54.61 51.32 67.91
CA LYS B 50 -54.28 52.67 67.45
C LYS B 50 -54.64 52.88 65.98
N VAL B 51 -54.91 51.81 65.22
CA VAL B 51 -55.27 52.04 63.82
C VAL B 51 -56.60 52.75 63.73
N ARG B 52 -57.50 52.51 64.70
CA ARG B 52 -58.79 53.21 64.72
C ARG B 52 -58.65 54.63 65.28
N LEU B 53 -57.54 54.95 65.93
CA LEU B 53 -57.35 56.28 66.48
C LEU B 53 -57.14 57.24 65.33
N ALA B 54 -57.48 58.51 65.55
CA ALA B 54 -57.32 59.50 64.48
C ALA B 54 -55.85 59.69 64.12
N GLN B 55 -54.96 59.78 65.11
CA GLN B 55 -53.52 59.96 64.88
C GLN B 55 -52.76 58.74 65.39
N PRO B 56 -52.27 57.84 64.53
CA PRO B 56 -51.46 56.73 65.05
C PRO B 56 -50.04 57.18 65.37
N TYR B 57 -49.55 56.83 66.57
CA TYR B 57 -48.20 57.16 66.99
C TYR B 57 -47.82 56.24 68.15
N VAL B 58 -46.52 56.23 68.47
CA VAL B 58 -46.00 55.39 69.54
C VAL B 58 -44.78 56.07 70.15
N GLY B 59 -44.62 55.91 71.48
CA GLY B 59 -43.48 56.43 72.18
C GLY B 59 -42.40 55.39 72.40
N VAL B 60 -41.18 55.89 72.62
CA VAL B 60 -40.00 55.06 72.88
C VAL B 60 -39.35 55.60 74.14
N PHE B 61 -39.11 54.71 75.10
CA PHE B 61 -38.51 55.04 76.38
C PHE B 61 -37.31 54.12 76.62
N LEU B 62 -36.55 54.40 77.69
CA LEU B 62 -35.41 53.60 78.10
C LEU B 62 -35.65 53.01 79.49
N LYS B 63 -35.27 51.74 79.66
CA LYS B 63 -35.36 51.03 80.94
C LYS B 63 -34.18 51.41 81.86
N ARG B 64 -34.39 51.25 83.17
CA ARG B 64 -33.33 51.55 84.13
C ARG B 64 -32.46 50.33 84.41
N ASP B 65 -31.52 50.52 85.33
CA ASP B 65 -30.56 49.48 85.69
C ASP B 65 -31.28 48.33 86.40
N ASP B 66 -30.70 47.14 86.27
CA ASP B 66 -31.25 45.91 86.82
C ASP B 66 -32.63 45.64 86.23
N SER B 67 -32.63 45.31 84.95
CA SER B 67 -33.89 45.10 84.24
C SER B 67 -34.64 43.89 84.78
N ASN B 68 -35.96 44.02 84.83
CA ASN B 68 -36.84 42.98 85.37
C ASN B 68 -38.19 43.24 84.73
N GLU B 69 -38.61 42.37 83.80
CA GLU B 69 -39.89 42.57 83.12
C GLU B 69 -41.05 42.49 84.09
N SER B 70 -40.94 41.67 85.15
CA SER B 70 -42.02 41.62 86.11
C SER B 70 -42.13 42.94 86.84
N ASP B 71 -41.01 43.67 86.99
CA ASP B 71 -41.12 44.96 87.64
C ASP B 71 -41.53 46.01 86.63
N VAL B 72 -41.34 45.75 85.32
CA VAL B 72 -41.80 46.70 84.33
C VAL B 72 -43.32 46.74 84.34
N VAL B 73 -43.95 45.57 84.47
CA VAL B 73 -45.41 45.50 84.52
C VAL B 73 -46.00 45.71 85.92
N GLU B 74 -45.21 45.55 86.97
CA GLU B 74 -45.69 45.75 88.35
C GLU B 74 -45.60 47.22 88.75
N SER B 75 -44.44 47.83 88.57
CA SER B 75 -44.16 49.22 88.92
C SER B 75 -43.85 49.97 87.63
N LEU B 76 -44.15 51.26 87.64
CA LEU B 76 -43.89 52.13 86.49
C LEU B 76 -42.65 52.99 86.65
N ASP B 77 -41.89 52.85 87.74
CA ASP B 77 -40.66 53.63 87.92
C ASP B 77 -39.45 53.03 87.21
N GLU B 78 -39.50 51.79 86.75
CA GLU B 78 -38.32 51.18 86.11
C GLU B 78 -37.95 51.88 84.82
N ILE B 79 -38.95 52.30 84.04
CA ILE B 79 -38.63 52.99 82.81
C ILE B 79 -38.13 54.38 83.17
N TYR B 80 -37.17 54.91 82.42
CA TYR B 80 -36.72 56.26 82.71
C TYR B 80 -37.75 57.28 82.26
N HIS B 81 -37.76 58.42 82.96
CA HIS B 81 -38.70 59.49 82.66
C HIS B 81 -38.46 60.07 81.27
N THR B 82 -37.24 59.95 80.74
CA THR B 82 -36.99 60.39 79.38
C THR B 82 -37.78 59.50 78.42
N GLY B 83 -38.28 60.10 77.34
CA GLY B 83 -39.01 59.38 76.32
C GLY B 83 -38.75 60.00 74.96
N THR B 84 -39.12 59.25 73.92
CA THR B 84 -38.84 59.64 72.53
C THR B 84 -40.03 59.30 71.62
N PHE B 85 -40.99 60.22 71.49
CA PHE B 85 -42.13 59.98 70.62
C PHE B 85 -41.71 59.94 69.16
N ALA B 86 -42.42 59.11 68.39
CA ALA B 86 -42.14 58.97 66.98
C ALA B 86 -43.36 58.36 66.28
N GLN B 87 -43.44 58.59 64.97
CA GLN B 87 -44.49 58.02 64.14
C GLN B 87 -44.13 56.62 63.67
N ILE B 88 -45.14 55.75 63.66
CA ILE B 88 -44.97 54.37 63.22
C ILE B 88 -44.78 54.37 61.72
N HIS B 89 -44.05 53.38 61.20
CA HIS B 89 -43.79 53.27 59.77
C HIS B 89 -44.75 52.27 59.14
N GLU B 90 -44.55 50.97 59.33
CA GLU B 90 -45.46 50.00 58.72
C GLU B 90 -45.36 48.66 59.43
N MET B 91 -46.50 48.00 59.61
CA MET B 91 -46.53 46.66 60.17
C MET B 91 -46.19 45.62 59.10
N GLN B 92 -45.61 44.51 59.55
CA GLN B 92 -45.20 43.40 58.69
C GLN B 92 -45.73 42.06 59.21
N ASP B 93 -45.26 41.68 60.40
CA ASP B 93 -45.62 40.43 61.09
C ASP B 93 -45.27 39.22 60.22
N LEU B 94 -43.97 39.12 59.89
CA LEU B 94 -43.52 38.01 59.06
C LEU B 94 -43.49 36.68 59.82
N GLY B 95 -42.83 36.66 60.99
CA GLY B 95 -42.74 35.48 61.83
C GLY B 95 -43.44 35.65 63.16
N ASP B 96 -42.95 36.61 63.93
CA ASP B 96 -43.60 37.01 65.16
C ASP B 96 -44.79 37.89 64.85
N LYS B 97 -45.74 37.92 65.77
CA LYS B 97 -46.92 38.77 65.64
C LYS B 97 -46.64 40.21 66.03
N LEU B 98 -45.39 40.54 66.40
CA LEU B 98 -44.97 41.88 66.81
C LEU B 98 -43.62 42.18 66.19
N ARG B 99 -43.61 42.92 65.08
CA ARG B 99 -42.39 43.40 64.43
C ARG B 99 -42.61 44.88 64.08
N MET B 100 -42.73 45.72 65.12
CA MET B 100 -42.87 47.15 64.89
C MET B 100 -41.53 47.78 64.54
N ILE B 101 -41.59 48.91 63.78
CA ILE B 101 -40.42 49.74 63.53
C ILE B 101 -40.52 50.94 64.45
N VAL B 102 -39.36 51.43 64.90
CA VAL B 102 -39.24 52.56 65.80
C VAL B 102 -38.13 53.48 65.32
N MET B 103 -38.24 54.73 65.75
CA MET B 103 -37.35 55.82 65.34
C MET B 103 -37.21 56.78 66.50
N GLY B 104 -36.09 57.51 66.51
CA GLY B 104 -35.84 58.53 67.51
C GLY B 104 -36.06 59.86 66.85
N HIS B 105 -37.27 60.39 66.99
CA HIS B 105 -37.70 61.60 66.30
C HIS B 105 -37.90 62.78 67.24
N ARG B 106 -38.84 62.68 68.19
CA ARG B 106 -39.19 63.75 69.14
C ARG B 106 -38.76 63.33 70.54
N ARG B 107 -37.67 63.90 71.05
CA ARG B 107 -37.30 63.65 72.45
C ARG B 107 -38.13 64.47 73.43
N VAL B 108 -38.25 63.95 74.64
CA VAL B 108 -39.01 64.60 75.71
C VAL B 108 -38.50 64.06 77.03
N HIS B 109 -38.82 64.74 78.12
CA HIS B 109 -38.51 64.27 79.47
C HIS B 109 -39.75 64.59 80.31
N ILE B 110 -40.59 63.56 80.47
CA ILE B 110 -41.82 63.72 81.23
C ILE B 110 -41.46 64.06 82.67
N SER B 111 -42.20 65.01 83.24
CA SER B 111 -41.95 65.44 84.61
C SER B 111 -42.21 64.33 85.63
N ARG B 112 -43.20 63.48 85.37
CA ARG B 112 -43.56 62.42 86.31
C ARG B 112 -44.23 61.29 85.55
N GLN B 113 -43.48 60.22 85.28
CA GLN B 113 -44.05 59.06 84.58
C GLN B 113 -45.17 58.43 85.37
N LEU B 114 -45.13 58.54 86.70
CA LEU B 114 -46.20 57.98 87.53
C LEU B 114 -47.52 58.66 87.23
N GLU B 115 -47.47 59.94 86.85
CA GLU B 115 -48.64 60.73 86.53
C GLU B 115 -49.06 60.47 85.09
N MET B 166 -50.65 61.76 80.39
CA MET B 166 -49.62 62.33 81.25
C MET B 166 -49.17 63.67 80.70
N VAL B 167 -48.96 64.68 81.56
CA VAL B 167 -48.56 65.99 81.10
C VAL B 167 -47.22 65.88 80.40
N GLU B 168 -47.05 66.62 79.31
CA GLU B 168 -45.81 66.60 78.58
C GLU B 168 -45.70 67.90 77.80
N VAL B 169 -44.45 68.26 77.48
CA VAL B 169 -44.15 69.47 76.74
C VAL B 169 -42.91 69.17 75.92
N GLU B 170 -42.83 69.78 74.75
CA GLU B 170 -41.65 69.60 73.90
C GLU B 170 -40.57 70.57 74.39
N ASN B 171 -39.99 70.23 75.53
CA ASN B 171 -38.86 70.97 76.08
C ASN B 171 -37.55 70.38 75.55
N VAL B 172 -37.47 70.29 74.22
CA VAL B 172 -36.27 69.82 73.53
C VAL B 172 -35.43 71.07 73.41
N VAL B 173 -34.79 71.49 74.51
CA VAL B 173 -34.02 72.72 74.45
C VAL B 173 -32.90 72.55 73.43
N HIS B 174 -32.78 73.54 72.56
CA HIS B 174 -31.74 73.56 71.55
C HIS B 174 -31.39 75.01 71.30
N GLU B 175 -31.09 75.73 72.37
CA GLU B 175 -30.64 77.09 72.22
C GLU B 175 -29.28 77.04 71.54
N ASP B 176 -29.01 77.99 70.64
CA ASP B 176 -27.73 78.00 69.94
C ASP B 176 -27.33 79.44 69.73
N PHE B 177 -26.04 79.63 69.88
CA PHE B 177 -25.34 80.89 69.75
C PHE B 177 -25.31 81.49 68.36
N GLN B 178 -25.17 82.81 68.36
CA GLN B 178 -24.95 83.63 67.18
C GLN B 178 -23.64 83.32 66.47
N VAL B 179 -22.59 83.00 67.24
CA VAL B 179 -21.21 82.91 66.74
C VAL B 179 -20.88 81.55 66.16
N THR B 180 -20.97 81.41 64.81
CA THR B 180 -20.66 80.15 64.13
C THR B 180 -19.44 80.29 63.23
N GLU B 181 -18.26 80.59 63.76
CA GLU B 181 -17.03 80.70 62.98
C GLU B 181 -15.86 79.88 63.55
N GLU B 182 -15.63 79.98 64.87
CA GLU B 182 -14.59 79.24 65.56
C GLU B 182 -15.10 77.95 66.16
N VAL B 183 -16.42 77.69 66.04
CA VAL B 183 -17.10 76.51 66.59
C VAL B 183 -17.17 75.33 65.65
N LYS B 184 -17.21 75.56 64.33
CA LYS B 184 -17.20 74.45 63.39
C LYS B 184 -15.80 73.88 63.12
N ALA B 185 -14.85 74.20 64.02
CA ALA B 185 -13.58 73.52 64.21
C ALA B 185 -13.75 72.40 65.27
N LEU B 186 -15.02 72.16 65.70
CA LEU B 186 -15.51 71.05 66.52
C LEU B 186 -16.08 69.96 65.66
N THR B 187 -16.51 70.30 64.44
CA THR B 187 -16.93 69.27 63.51
C THR B 187 -15.71 68.46 63.10
N ALA B 188 -14.54 69.11 63.06
CA ALA B 188 -13.32 68.52 62.50
C ALA B 188 -12.67 67.58 63.49
N GLU B 189 -13.08 67.61 64.76
CA GLU B 189 -12.79 66.53 65.71
C GLU B 189 -13.90 65.47 65.76
N ILE B 190 -15.18 65.86 65.60
CA ILE B 190 -16.30 64.90 65.71
C ILE B 190 -16.40 63.95 64.52
N VAL B 191 -16.46 64.50 63.30
CA VAL B 191 -16.49 63.64 62.12
C VAL B 191 -15.18 62.89 61.94
N LYS B 192 -14.06 63.50 62.30
CA LYS B 192 -12.77 62.84 62.17
C LYS B 192 -12.64 61.69 63.17
N THR B 193 -13.16 61.85 64.38
CA THR B 193 -13.25 60.73 65.31
C THR B 193 -14.12 59.63 64.73
N ILE B 194 -15.28 60.01 64.20
CA ILE B 194 -16.17 59.02 63.58
C ILE B 194 -15.47 58.30 62.43
N ARG B 195 -14.61 59.01 61.69
CA ARG B 195 -13.78 58.36 60.66
C ARG B 195 -12.75 57.42 61.26
N ASP B 196 -12.24 57.71 62.45
CA ASP B 196 -11.31 56.76 63.05
C ASP B 196 -12.05 55.55 63.61
N ILE B 197 -13.33 55.70 63.98
CA ILE B 197 -14.06 54.56 64.51
C ILE B 197 -14.46 53.64 63.38
N ILE B 198 -14.97 54.19 62.27
CA ILE B 198 -15.37 53.32 61.18
C ILE B 198 -14.17 52.79 60.41
N ALA B 199 -13.02 53.48 60.43
CA ALA B 199 -11.86 52.95 59.71
C ALA B 199 -11.18 51.83 60.47
N LEU B 200 -10.89 52.03 61.76
CA LEU B 200 -10.25 50.94 62.51
C LEU B 200 -11.24 49.88 62.95
N ASN B 201 -12.50 50.24 63.21
CA ASN B 201 -13.55 49.30 63.59
C ASN B 201 -14.81 49.52 62.76
N PRO B 202 -14.79 49.17 61.47
CA PRO B 202 -15.99 49.34 60.65
C PRO B 202 -17.12 48.51 61.22
N LEU B 203 -18.34 49.07 61.18
CA LEU B 203 -19.53 48.38 61.69
C LEU B 203 -20.69 48.40 60.72
N TYR B 204 -21.05 49.58 60.21
CA TYR B 204 -22.14 49.74 59.25
C TYR B 204 -21.62 50.31 57.95
N ARG B 205 -22.48 50.29 56.93
CA ARG B 205 -22.10 50.80 55.62
C ARG B 205 -21.85 52.30 55.65
N GLU B 206 -20.85 52.71 54.88
CA GLU B 206 -20.37 54.08 54.78
C GLU B 206 -21.15 54.98 53.81
N SER B 207 -22.10 54.44 53.04
CA SER B 207 -22.80 55.28 52.07
C SER B 207 -23.63 56.38 52.73
N VAL B 208 -24.18 56.13 53.92
CA VAL B 208 -24.93 57.20 54.59
C VAL B 208 -23.99 58.33 55.00
N LEU B 209 -22.76 58.00 55.42
CA LEU B 209 -21.81 59.06 55.76
C LEU B 209 -21.37 59.84 54.52
N GLN B 210 -21.28 59.17 53.36
CA GLN B 210 -21.00 59.87 52.10
C GLN B 210 -22.18 60.73 51.67
N MET B 211 -23.38 60.38 52.14
CA MET B 211 -24.57 61.14 51.82
C MET B 211 -24.55 62.48 52.56
N MET B 212 -24.07 62.48 53.80
CA MET B 212 -24.04 63.65 54.67
C MET B 212 -22.58 64.12 54.79
N GLN B 213 -22.20 65.07 53.93
CA GLN B 213 -20.90 65.73 53.92
C GLN B 213 -21.05 67.14 54.50
N ALA B 214 -19.96 67.69 55.06
CA ALA B 214 -20.01 69.04 55.63
C ALA B 214 -19.88 70.19 54.64
N GLY B 215 -19.43 69.96 53.40
CA GLY B 215 -19.35 71.04 52.42
C GLY B 215 -20.62 71.35 51.67
N GLN B 216 -21.62 70.45 51.72
CA GLN B 216 -22.88 70.67 51.02
C GLN B 216 -23.80 71.66 51.71
N ARG B 217 -23.56 71.99 52.98
CA ARG B 217 -24.41 72.89 53.76
C ARG B 217 -25.86 72.36 53.86
N VAL B 218 -26.05 71.04 53.71
CA VAL B 218 -27.35 70.38 53.85
C VAL B 218 -27.60 69.89 55.28
N VAL B 219 -26.66 70.11 56.21
CA VAL B 219 -26.80 69.67 57.58
C VAL B 219 -27.67 70.69 58.31
N ASP B 220 -28.98 70.64 58.06
CA ASP B 220 -29.93 71.53 58.71
C ASP B 220 -30.14 71.23 60.19
N ASN B 221 -29.79 70.04 60.66
CA ASN B 221 -29.99 69.62 62.06
C ASN B 221 -28.72 69.03 62.65
N PRO B 222 -27.74 69.87 63.04
CA PRO B 222 -26.48 69.32 63.57
C PRO B 222 -26.64 68.45 64.81
N ILE B 223 -27.60 68.74 65.70
CA ILE B 223 -27.77 67.89 66.88
C ILE B 223 -28.19 66.48 66.47
N TYR B 224 -29.01 66.37 65.43
CA TYR B 224 -29.35 65.04 64.94
C TYR B 224 -28.17 64.35 64.31
N LEU B 225 -27.29 65.09 63.62
CA LEU B 225 -26.10 64.45 63.05
C LEU B 225 -25.14 64.00 64.15
N SER B 226 -25.08 64.76 65.25
CA SER B 226 -24.20 64.36 66.34
C SER B 226 -24.76 63.14 67.07
N ASP B 227 -26.08 63.10 67.27
CA ASP B 227 -26.66 61.92 67.91
C ASP B 227 -26.49 60.70 67.01
N MET B 228 -26.64 60.86 65.70
CA MET B 228 -26.44 59.73 64.79
C MET B 228 -24.99 59.27 64.77
N GLY B 229 -24.04 60.18 64.93
CA GLY B 229 -22.65 59.78 64.96
C GLY B 229 -22.28 59.14 66.29
N ALA B 230 -22.92 59.60 67.36
CA ALA B 230 -22.81 58.94 68.64
C ALA B 230 -23.50 57.58 68.65
N ALA B 231 -24.52 57.39 67.80
CA ALA B 231 -25.30 56.15 67.82
C ALA B 231 -24.49 54.93 67.44
N LEU B 232 -23.47 55.08 66.59
CA LEU B 232 -22.62 53.95 66.25
C LEU B 232 -21.85 53.43 67.45
N THR B 233 -21.67 54.25 68.49
CA THR B 233 -20.91 53.87 69.68
C THR B 233 -21.56 52.68 70.37
N GLY B 234 -20.71 51.80 70.88
CA GLY B 234 -21.06 50.59 71.60
C GLY B 234 -21.34 50.76 73.07
N ALA B 235 -21.35 52.00 73.57
CA ALA B 235 -21.46 52.24 75.01
C ALA B 235 -22.74 51.69 75.59
N GLU B 236 -22.65 51.29 76.86
CA GLU B 236 -23.74 50.67 77.60
C GLU B 236 -24.91 51.62 77.73
N SER B 237 -26.12 51.05 77.85
CA SER B 237 -27.31 51.90 77.90
C SER B 237 -27.25 52.85 79.08
N HIS B 238 -26.68 52.40 80.21
CA HIS B 238 -26.55 53.27 81.36
C HIS B 238 -25.66 54.46 81.02
N GLU B 239 -24.62 54.22 80.18
CA GLU B 239 -23.80 55.32 79.71
C GLU B 239 -24.61 56.27 78.84
N LEU B 240 -25.52 55.75 78.01
CA LEU B 240 -26.34 56.65 77.20
C LEU B 240 -27.22 57.49 78.13
N GLN B 241 -27.64 56.90 79.23
CA GLN B 241 -28.42 57.64 80.22
C GLN B 241 -27.54 58.70 80.86
N ASP B 242 -26.26 58.39 81.06
CA ASP B 242 -25.33 59.38 81.61
C ASP B 242 -25.13 60.53 80.64
N VAL B 243 -25.04 60.24 79.34
CA VAL B 243 -24.92 61.33 78.36
C VAL B 243 -26.19 62.17 78.43
N LEU B 244 -27.33 61.51 78.64
CA LEU B 244 -28.58 62.24 78.81
C LEU B 244 -28.60 63.00 80.13
N GLU B 245 -27.85 62.54 81.15
CA GLU B 245 -27.80 63.31 82.39
C GLU B 245 -27.13 64.65 82.14
N GLU B 246 -26.17 64.70 81.22
CA GLU B 246 -25.55 65.98 80.91
C GLU B 246 -26.65 66.80 80.25
N THR B 247 -26.71 68.09 80.58
CA THR B 247 -27.69 68.98 79.98
C THR B 247 -27.10 69.89 78.91
N ASN B 248 -26.07 70.64 79.28
CA ASN B 248 -25.46 71.61 78.39
C ASN B 248 -24.85 70.95 77.15
N ILE B 249 -25.07 71.57 75.97
CA ILE B 249 -24.61 70.98 74.70
C ILE B 249 -23.10 70.75 74.73
N PRO B 250 -22.25 71.73 75.10
CA PRO B 250 -20.82 71.41 75.18
C PRO B 250 -20.51 70.32 76.19
N LYS B 251 -21.25 70.25 77.30
CA LYS B 251 -21.00 69.22 78.31
C LYS B 251 -21.23 67.82 77.76
N ARG B 252 -22.34 67.62 77.03
CA ARG B 252 -22.59 66.33 76.39
C ARG B 252 -21.62 66.07 75.26
N LEU B 253 -20.99 67.13 74.70
CA LEU B 253 -19.87 66.94 73.77
C LEU B 253 -18.61 66.54 74.51
N TYR B 254 -18.41 67.06 75.71
CA TYR B 254 -17.29 66.56 76.50
C TYR B 254 -17.50 65.10 76.85
N LYS B 255 -18.67 64.77 77.41
CA LYS B 255 -18.89 63.39 77.87
C LYS B 255 -18.93 62.41 76.70
N ALA B 256 -19.44 62.86 75.54
CA ALA B 256 -19.42 62.05 74.32
C ALA B 256 -17.98 61.84 73.88
N LEU B 257 -17.13 62.86 74.03
CA LEU B 257 -15.74 62.69 73.69
C LEU B 257 -15.07 61.71 74.63
N SER B 258 -15.38 61.80 75.92
CA SER B 258 -14.80 60.86 76.87
C SER B 258 -15.31 59.44 76.66
N LEU B 259 -16.58 59.29 76.27
CA LEU B 259 -17.08 57.96 75.93
C LEU B 259 -16.45 57.43 74.65
N LEU B 260 -16.25 58.28 73.65
CA LEU B 260 -15.61 57.81 72.43
C LEU B 260 -14.17 57.43 72.70
N LYS B 261 -13.50 58.15 73.62
CA LYS B 261 -12.13 57.78 73.98
C LYS B 261 -12.12 56.44 74.70
N LYS B 262 -12.97 56.27 75.71
CA LYS B 262 -12.95 55.03 76.48
C LYS B 262 -13.40 53.83 75.65
N GLU B 263 -14.38 54.02 74.77
CA GLU B 263 -14.83 52.91 73.92
C GLU B 263 -13.78 52.58 72.86
N PHE B 264 -13.20 53.61 72.24
CA PHE B 264 -12.14 53.36 71.28
C PHE B 264 -10.92 52.76 71.97
N GLU B 265 -10.63 53.14 73.22
CA GLU B 265 -9.54 52.50 73.96
C GLU B 265 -9.86 51.04 74.26
N LEU B 266 -11.13 50.71 74.48
CA LEU B 266 -11.45 49.32 74.73
C LEU B 266 -11.30 48.50 73.46
N SER B 267 -11.85 48.99 72.35
CA SER B 267 -11.67 48.25 71.09
C SER B 267 -10.22 48.23 70.64
N LYS B 268 -9.46 49.30 70.89
CA LYS B 268 -8.05 49.36 70.52
C LYS B 268 -7.20 48.41 71.36
N LEU B 269 -7.33 48.47 72.69
CA LEU B 269 -6.59 47.57 73.55
C LEU B 269 -6.99 46.12 73.29
N GLN B 270 -8.26 45.88 72.96
CA GLN B 270 -8.65 44.53 72.59
C GLN B 270 -8.01 44.14 71.27
N GLN B 271 -7.87 45.11 70.34
CA GLN B 271 -7.22 44.78 69.08
C GLN B 271 -5.72 44.54 69.22
N ARG B 272 -5.03 45.25 70.13
CA ARG B 272 -3.60 44.98 70.30
C ARG B 272 -3.38 43.73 71.15
N LEU B 273 -4.16 43.54 72.22
CA LEU B 273 -4.04 42.33 73.01
C LEU B 273 -4.41 41.11 72.17
N GLY B 274 -5.39 41.27 71.28
CA GLY B 274 -5.77 40.20 70.41
C GLY B 274 -4.73 39.98 69.34
N ARG B 275 -4.08 41.07 68.89
CA ARG B 275 -2.96 40.93 67.96
C ARG B 275 -1.82 40.20 68.61
N GLU B 276 -1.63 40.37 69.92
CA GLU B 276 -0.60 39.59 70.59
C GLU B 276 -1.00 38.14 70.74
N VAL B 277 -2.27 37.86 71.09
CA VAL B 277 -2.68 36.44 71.17
C VAL B 277 -2.68 35.80 69.79
N GLU B 278 -3.02 36.57 68.76
CA GLU B 278 -2.99 36.05 67.39
C GLU B 278 -1.56 35.85 66.94
N GLU B 279 -0.64 36.75 67.31
CA GLU B 279 0.76 36.55 66.97
C GLU B 279 1.31 35.34 67.68
N LYS B 280 0.90 35.12 68.94
CA LYS B 280 1.30 33.92 69.63
C LYS B 280 0.67 32.68 69.00
N ILE B 281 -0.50 32.79 68.37
CA ILE B 281 -0.95 31.62 67.60
C ILE B 281 -0.15 31.57 66.30
N LYS B 282 0.31 32.72 65.78
CA LYS B 282 1.22 32.74 64.65
C LYS B 282 2.61 32.25 65.07
N GLN B 283 2.91 32.25 66.39
CA GLN B 283 4.15 31.65 66.89
C GLN B 283 4.24 30.20 66.51
N THR B 284 3.08 29.55 66.30
CA THR B 284 3.06 28.19 65.79
C THR B 284 3.80 28.24 64.47
N HIS B 285 4.64 27.26 64.26
CA HIS B 285 5.60 27.35 63.18
C HIS B 285 4.92 27.18 61.84
N ARG B 286 5.54 27.75 60.80
CA ARG B 286 4.96 27.61 59.47
C ARG B 286 4.94 26.16 59.02
N LYS B 287 5.78 25.31 59.62
CA LYS B 287 5.68 23.87 59.38
C LYS B 287 4.30 23.36 59.79
N TYR B 288 3.63 23.94 60.79
CA TYR B 288 2.28 23.49 61.10
C TYR B 288 1.34 23.81 59.95
N LEU B 289 1.53 24.96 59.31
CA LEU B 289 0.70 25.32 58.16
C LEU B 289 0.98 24.38 57.00
N LEU B 290 2.27 24.15 56.71
CA LEU B 290 2.62 23.24 55.64
C LEU B 290 2.11 21.84 55.94
N GLN B 291 2.22 21.37 57.18
CA GLN B 291 1.69 20.06 57.54
C GLN B 291 0.17 19.99 57.41
N GLU B 292 -0.51 21.11 57.62
CA GLU B 292 -1.94 21.15 57.28
C GLU B 292 -2.13 20.94 55.80
N GLN B 293 -1.27 21.56 54.99
CA GLN B 293 -1.36 21.30 53.55
C GLN B 293 -0.99 19.85 53.21
N LEU B 294 -0.05 19.26 53.94
CA LEU B 294 0.32 17.86 53.70
C LEU B 294 -0.86 16.95 53.94
N LYS B 295 -1.55 17.16 55.06
CA LYS B 295 -2.78 16.42 55.31
C LYS B 295 -3.87 16.76 54.30
N ILE B 296 -3.89 17.99 53.76
CA ILE B 296 -4.87 18.30 52.74
C ILE B 296 -4.60 17.51 51.45
N ILE B 297 -3.32 17.23 51.14
CA ILE B 297 -3.05 16.50 49.89
C ILE B 297 -3.69 15.12 49.89
N LYS B 298 -3.78 14.49 51.06
CA LYS B 298 -4.35 13.16 51.26
C LYS B 298 -5.84 13.27 51.55
N LYS B 299 -6.63 13.43 50.48
CA LYS B 299 -8.08 13.49 50.59
C LYS B 299 -8.77 12.59 49.58
N GLU B 300 -8.65 12.95 48.31
CA GLU B 300 -9.37 12.25 47.25
C GLU B 300 -8.66 10.95 46.90
N LEU B 301 -9.36 9.83 47.04
CA LEU B 301 -8.89 8.52 46.62
C LEU B 301 -7.52 8.21 47.20
N GLY B 302 -6.50 8.25 46.35
CA GLY B 302 -5.14 7.99 46.76
C GLY B 302 -4.40 6.86 46.08
N LEU B 303 -4.23 7.01 44.77
CA LEU B 303 -3.53 6.05 43.92
C LEU B 303 -2.18 6.63 43.51
N GLU B 304 -1.54 7.34 44.43
CA GLU B 304 -0.22 7.92 44.21
C GLU B 304 0.87 6.86 44.24
N LYS B 305 0.82 5.99 45.23
CA LYS B 305 1.76 4.88 45.41
C LYS B 305 1.18 3.56 44.97
N ASP B 306 -0.12 3.49 44.75
CA ASP B 306 -0.76 2.23 44.42
C ASP B 306 -0.66 1.99 42.93
N ASP B 307 -0.80 0.72 42.56
CA ASP B 307 -0.92 0.29 41.18
C ASP B 307 0.44 0.32 40.51
N LYS B 308 0.91 1.52 40.12
CA LYS B 308 2.19 1.62 39.42
C LYS B 308 3.32 0.98 40.21
N ASP B 309 3.32 1.16 41.54
CA ASP B 309 4.40 0.60 42.34
C ASP B 309 4.41 -0.90 42.28
N ALA B 310 3.23 -1.52 42.16
CA ALA B 310 3.12 -2.97 42.10
C ALA B 310 3.95 -3.51 40.93
N ILE B 311 3.57 -3.08 39.72
CA ILE B 311 4.26 -3.56 38.52
C ILE B 311 5.72 -3.13 38.53
N GLU B 312 6.01 -1.91 39.00
CA GLU B 312 7.40 -1.49 38.97
C GLU B 312 8.24 -2.36 39.89
N GLU B 313 7.68 -2.77 41.02
CA GLU B 313 8.38 -3.75 41.84
C GLU B 313 8.45 -5.09 41.15
N LYS B 314 7.40 -5.42 40.38
CA LYS B 314 7.31 -6.75 39.78
C LYS B 314 8.47 -6.98 38.85
N PHE B 315 8.77 -5.99 38.01
CA PHE B 315 9.90 -6.15 37.11
C PHE B 315 11.20 -6.29 37.87
N ARG B 316 11.29 -5.68 39.07
CA ARG B 316 12.46 -5.91 39.92
C ARG B 316 12.55 -7.38 40.23
N GLU B 317 11.44 -7.94 40.73
CA GLU B 317 11.48 -9.29 41.29
C GLU B 317 11.88 -10.27 40.22
N ARG B 318 11.22 -10.16 39.06
CA ARG B 318 11.55 -11.11 38.00
C ARG B 318 12.99 -10.94 37.55
N LEU B 319 13.55 -9.72 37.66
CA LEU B 319 14.94 -9.55 37.27
C LEU B 319 15.93 -9.86 38.38
N LYS B 320 15.48 -10.08 39.62
CA LYS B 320 16.40 -10.30 40.74
C LYS B 320 17.31 -11.50 40.53
N GLU B 321 16.72 -12.66 40.25
CA GLU B 321 17.51 -13.88 40.23
C GLU B 321 18.54 -13.89 39.09
N LEU B 322 18.23 -13.25 37.97
CA LEU B 322 19.11 -13.34 36.81
C LEU B 322 20.42 -12.62 37.06
N VAL B 323 21.47 -13.07 36.37
CA VAL B 323 22.73 -12.29 36.27
C VAL B 323 22.60 -11.39 35.05
N VAL B 324 21.96 -10.25 35.25
CA VAL B 324 21.71 -9.32 34.14
C VAL B 324 23.04 -8.84 33.55
N PRO B 325 23.27 -8.90 32.25
CA PRO B 325 24.46 -8.27 31.68
C PRO B 325 24.42 -6.77 31.82
N LYS B 326 25.61 -6.18 31.94
CA LYS B 326 25.71 -4.75 32.19
C LYS B 326 25.16 -3.93 31.03
N HIS B 327 25.17 -4.47 29.82
CA HIS B 327 24.59 -3.77 28.67
C HIS B 327 23.13 -3.47 28.90
N VAL B 328 22.42 -4.33 29.62
CA VAL B 328 21.00 -4.17 29.81
C VAL B 328 20.70 -3.32 31.01
N MET B 329 21.43 -3.57 32.11
CA MET B 329 21.02 -3.06 33.41
C MET B 329 20.92 -1.55 33.43
N ASP B 330 21.65 -0.87 32.56
CA ASP B 330 21.44 0.55 32.42
C ASP B 330 20.12 0.81 31.72
N VAL B 331 19.88 0.12 30.60
CA VAL B 331 18.73 0.40 29.77
C VAL B 331 17.43 0.12 30.51
N VAL B 332 17.44 -0.84 31.43
CA VAL B 332 16.18 -1.22 32.06
C VAL B 332 15.68 -0.11 32.99
N ASP B 333 16.46 0.22 34.02
CA ASP B 333 15.92 1.02 35.11
C ASP B 333 15.53 2.41 34.66
N GLU B 334 16.24 2.99 33.71
CA GLU B 334 15.84 4.30 33.24
C GLU B 334 14.49 4.23 32.56
N GLU B 335 14.24 3.16 31.81
CA GLU B 335 12.92 3.00 31.24
C GLU B 335 11.89 2.75 32.32
N LEU B 336 12.28 2.08 33.40
CA LEU B 336 11.35 1.94 34.50
C LEU B 336 11.04 3.29 35.10
N SER B 337 12.00 4.19 35.11
CA SER B 337 11.74 5.55 35.56
C SER B 337 10.74 6.21 34.64
N LYS B 338 10.95 6.10 33.33
CA LYS B 338 10.05 6.69 32.36
C LYS B 338 8.65 6.15 32.53
N LEU B 339 8.54 4.85 32.83
CA LEU B 339 7.25 4.29 33.12
C LEU B 339 6.69 4.88 34.39
N GLY B 340 7.55 5.22 35.35
CA GLY B 340 7.07 5.78 36.58
C GLY B 340 6.63 7.21 36.45
N LEU B 341 7.02 7.90 35.37
CA LEU B 341 6.59 9.29 35.21
C LEU B 341 5.14 9.41 34.76
N LEU B 342 4.78 8.65 33.75
CA LEU B 342 3.56 8.87 32.97
C LEU B 342 2.32 8.20 33.53
N ASP B 343 1.16 8.78 33.19
CA ASP B 343 -0.14 8.24 33.60
C ASP B 343 -0.36 6.89 32.93
N ASN B 344 -1.01 5.99 33.68
CA ASN B 344 -1.17 4.61 33.24
C ASN B 344 -1.93 4.50 31.94
N HIS B 345 -2.87 5.38 31.70
CA HIS B 345 -3.62 5.33 30.47
C HIS B 345 -2.94 6.06 29.32
N SER B 346 -1.79 6.69 29.57
CA SER B 346 -1.08 7.40 28.51
C SER B 346 -0.77 6.43 27.38
N SER B 347 -1.01 6.90 26.14
CA SER B 347 -0.99 6.00 24.99
C SER B 347 0.36 5.33 24.85
N GLU B 348 1.43 6.03 25.18
CA GLU B 348 2.74 5.40 25.19
C GLU B 348 2.87 4.34 26.26
N PHE B 349 2.10 4.43 27.36
CA PHE B 349 2.38 3.60 28.52
C PHE B 349 2.29 2.12 28.17
N ASN B 350 1.44 1.80 27.21
CA ASN B 350 1.24 0.42 26.86
C ASN B 350 2.30 -0.11 25.95
N VAL B 351 3.13 0.75 25.36
CA VAL B 351 4.31 0.25 24.68
C VAL B 351 5.42 0.03 25.70
N THR B 352 5.62 0.99 26.61
CA THR B 352 6.68 0.79 27.59
C THR B 352 6.39 -0.38 28.50
N ARG B 353 5.14 -0.50 28.97
CA ARG B 353 4.76 -1.65 29.79
C ARG B 353 4.96 -2.95 29.02
N ASN B 354 4.90 -2.90 27.69
CA ASN B 354 5.19 -4.08 26.92
C ASN B 354 6.69 -4.30 26.83
N TYR B 355 7.46 -3.25 26.57
CA TYR B 355 8.89 -3.41 26.33
C TYR B 355 9.59 -3.98 27.54
N LEU B 356 9.14 -3.59 28.71
CA LEU B 356 9.74 -4.15 29.91
C LEU B 356 9.34 -5.61 30.06
N ASP B 357 8.09 -5.94 29.74
CA ASP B 357 7.62 -7.30 29.94
C ASP B 357 8.42 -8.27 29.11
N TRP B 358 8.81 -7.89 27.90
CA TRP B 358 9.76 -8.72 27.20
C TRP B 358 11.11 -8.64 27.88
N LEU B 359 11.60 -7.42 28.06
CA LEU B 359 12.98 -7.25 28.45
C LEU B 359 13.26 -7.77 29.83
N THR B 360 12.28 -7.75 30.71
CA THR B 360 12.45 -8.39 31.99
C THR B 360 12.42 -9.90 31.90
N SER B 361 11.85 -10.44 30.83
CA SER B 361 11.47 -11.84 30.81
C SER B 361 12.45 -12.74 30.13
N ILE B 362 13.17 -12.25 29.14
CA ILE B 362 14.05 -13.17 28.42
C ILE B 362 15.19 -13.58 29.35
N PRO B 363 15.50 -14.86 29.51
CA PRO B 363 16.46 -15.28 30.53
C PRO B 363 17.82 -14.69 30.22
N TRP B 364 18.53 -14.31 31.28
CA TRP B 364 19.78 -13.57 31.19
C TRP B 364 20.80 -14.37 31.96
N GLY B 365 21.51 -15.23 31.24
CA GLY B 365 22.55 -16.00 31.86
C GLY B 365 22.08 -17.17 32.69
N LYS B 366 20.79 -17.33 32.91
CA LYS B 366 20.32 -18.54 33.58
C LYS B 366 20.59 -19.73 32.68
N TYR B 367 21.06 -20.83 33.28
CA TYR B 367 21.48 -22.01 32.54
C TYR B 367 20.86 -23.25 33.13
N SER B 368 20.45 -24.15 32.25
CA SER B 368 19.93 -25.45 32.63
C SER B 368 21.07 -26.43 32.60
N ASN B 369 21.59 -26.79 33.77
CA ASN B 369 22.75 -27.66 33.83
C ASN B 369 22.47 -28.98 33.15
N GLU B 370 23.41 -29.42 32.35
CA GLU B 370 23.22 -30.57 31.48
C GLU B 370 23.88 -31.82 32.06
N ASN B 371 23.32 -32.97 31.72
CA ASN B 371 24.01 -34.20 32.03
C ASN B 371 25.31 -34.22 31.28
N LEU B 372 26.37 -34.62 31.96
CA LEU B 372 27.72 -34.53 31.44
C LEU B 372 28.35 -35.88 31.15
N ASP B 373 28.13 -36.89 32.00
CA ASP B 373 28.78 -38.18 31.81
C ASP B 373 28.35 -38.81 30.49
N LEU B 374 29.32 -39.30 29.73
CA LEU B 374 29.00 -39.86 28.43
C LEU B 374 28.60 -41.31 28.49
N ALA B 375 28.99 -42.03 29.55
CA ALA B 375 28.65 -43.44 29.66
C ALA B 375 27.15 -43.64 29.55
N ARG B 376 26.40 -42.89 30.35
CA ARG B 376 24.97 -42.90 30.24
C ARG B 376 24.48 -42.23 28.96
N ALA B 377 25.29 -41.34 28.38
CA ALA B 377 24.87 -40.72 27.11
C ALA B 377 24.77 -41.74 26.00
N GLN B 378 25.65 -42.75 26.02
CA GLN B 378 25.66 -43.77 24.98
C GLN B 378 24.30 -44.41 24.83
N ALA B 379 23.74 -44.83 25.95
CA ALA B 379 22.47 -45.53 25.97
C ALA B 379 21.43 -44.64 25.31
N VAL B 380 21.08 -43.52 25.93
CA VAL B 380 19.92 -42.75 25.45
C VAL B 380 20.15 -42.27 24.04
N LEU B 381 21.41 -42.01 23.67
CA LEU B 381 21.67 -41.60 22.31
C LEU B 381 21.40 -42.73 21.35
N GLU B 382 21.57 -43.97 21.80
CA GLU B 382 21.30 -45.12 20.94
C GLU B 382 19.86 -45.55 21.00
N GLU B 383 19.16 -45.25 22.08
CA GLU B 383 17.93 -45.95 22.39
C GLU B 383 16.85 -45.69 21.36
N ASP B 384 16.86 -44.53 20.71
CA ASP B 384 15.76 -44.14 19.84
C ASP B 384 16.12 -44.10 18.37
N HIS B 385 17.35 -44.40 17.97
CA HIS B 385 17.70 -44.52 16.57
C HIS B 385 18.84 -45.51 16.47
N TYR B 386 18.95 -46.16 15.33
CA TYR B 386 19.93 -47.20 15.11
C TYR B 386 20.89 -46.79 14.01
N GLY B 387 22.15 -47.24 14.12
CA GLY B 387 23.15 -46.81 13.16
C GLY B 387 23.53 -45.36 13.39
N MET B 388 23.86 -44.68 12.29
CA MET B 388 24.21 -43.25 12.30
C MET B 388 25.36 -42.98 13.27
N GLU B 389 26.34 -43.87 13.26
CA GLU B 389 27.37 -43.85 14.28
C GLU B 389 28.19 -42.56 14.26
N ASP B 390 28.39 -41.96 13.10
CA ASP B 390 29.30 -40.80 13.08
C ASP B 390 28.66 -39.60 13.74
N VAL B 391 27.36 -39.39 13.57
CA VAL B 391 26.72 -38.30 14.27
C VAL B 391 26.70 -38.58 15.77
N LYS B 392 26.50 -39.83 16.15
CA LYS B 392 26.60 -40.16 17.57
C LYS B 392 27.98 -39.83 18.08
N LYS B 393 29.01 -40.07 17.27
CA LYS B 393 30.34 -39.79 17.74
C LYS B 393 30.59 -38.32 17.83
N ARG B 394 30.03 -37.54 16.90
CA ARG B 394 30.25 -36.11 16.99
C ARG B 394 29.63 -35.53 18.24
N ILE B 395 28.43 -35.99 18.60
CA ILE B 395 27.85 -35.49 19.83
C ILE B 395 28.66 -35.97 21.01
N LEU B 396 29.20 -37.18 20.94
CA LEU B 396 30.03 -37.64 22.04
C LEU B 396 31.26 -36.77 22.18
N GLU B 397 31.83 -36.30 21.06
CA GLU B 397 32.97 -35.40 21.15
C GLU B 397 32.56 -34.12 21.82
N PHE B 398 31.40 -33.60 21.45
CA PHE B 398 30.97 -32.32 22.00
C PHE B 398 30.79 -32.41 23.50
N ILE B 399 30.12 -33.47 23.95
CA ILE B 399 29.99 -33.63 25.39
C ILE B 399 31.35 -33.83 26.03
N ALA B 400 32.29 -34.47 25.33
CA ALA B 400 33.62 -34.64 25.90
C ALA B 400 34.25 -33.29 26.17
N VAL B 401 34.25 -32.43 25.15
CA VAL B 401 34.87 -31.11 25.31
C VAL B 401 34.21 -30.38 26.45
N SER B 402 32.88 -30.40 26.49
CA SER B 402 32.18 -29.71 27.56
C SER B 402 32.52 -30.29 28.92
N GLN B 403 32.87 -31.57 28.97
CA GLN B 403 33.37 -32.14 30.21
C GLN B 403 34.74 -31.61 30.55
N LEU B 404 35.47 -31.07 29.58
CA LEU B 404 36.86 -30.71 29.84
C LEU B 404 37.00 -29.29 30.34
N ARG B 405 36.44 -28.32 29.63
CA ARG B 405 36.53 -26.91 29.98
C ARG B 405 35.29 -26.44 30.74
N GLY B 406 34.99 -27.08 31.89
CA GLY B 406 34.02 -26.54 32.82
C GLY B 406 32.70 -26.17 32.19
N SER B 407 32.51 -24.86 32.02
CA SER B 407 31.23 -24.29 31.66
C SER B 407 30.74 -24.80 30.32
N THR B 408 29.42 -24.89 30.19
CA THR B 408 28.81 -25.34 28.96
C THR B 408 29.09 -24.36 27.83
N GLN B 409 29.16 -24.89 26.61
CA GLN B 409 29.47 -24.06 25.45
C GLN B 409 28.85 -24.66 24.19
N GLY B 410 28.51 -23.78 23.27
CA GLY B 410 27.77 -24.12 22.08
C GLY B 410 28.64 -24.41 20.88
N LYS B 411 27.99 -24.50 19.73
CA LYS B 411 28.62 -24.87 18.46
C LYS B 411 27.55 -24.67 17.41
N ILE B 412 27.80 -25.08 16.17
CA ILE B 412 26.80 -25.13 15.12
C ILE B 412 27.12 -26.42 14.38
N LEU B 413 26.14 -26.95 13.65
CA LEU B 413 26.31 -28.15 12.86
C LEU B 413 25.31 -28.08 11.72
N CYS B 414 25.50 -28.94 10.72
CA CYS B 414 24.54 -28.98 9.62
C CYS B 414 24.57 -30.35 8.96
N PHE B 415 23.63 -31.18 9.34
CA PHE B 415 23.44 -32.46 8.67
C PHE B 415 22.88 -32.23 7.28
N TYR B 416 23.09 -33.19 6.40
CA TYR B 416 22.48 -33.15 5.08
C TYR B 416 22.66 -34.50 4.43
N GLY B 417 21.74 -34.84 3.52
CA GLY B 417 21.80 -36.10 2.82
C GLY B 417 20.49 -36.56 2.20
N PRO B 418 20.38 -37.87 1.91
CA PRO B 418 19.17 -38.38 1.28
C PRO B 418 17.96 -38.21 2.17
N PRO B 419 16.77 -38.03 1.58
CA PRO B 419 15.57 -37.88 2.40
C PRO B 419 15.27 -39.15 3.20
N GLY B 420 14.75 -38.96 4.41
CA GLY B 420 14.36 -40.11 5.19
C GLY B 420 15.49 -40.82 5.85
N VAL B 421 16.69 -40.24 5.84
CA VAL B 421 17.80 -40.83 6.56
C VAL B 421 17.63 -40.75 8.06
N GLY B 422 16.82 -39.83 8.57
CA GLY B 422 16.69 -39.58 9.99
C GLY B 422 17.18 -38.22 10.44
N LYS B 423 17.47 -37.32 9.52
CA LYS B 423 18.05 -36.04 9.88
C LYS B 423 17.15 -35.26 10.82
N THR B 424 15.91 -35.05 10.43
CA THR B 424 14.99 -34.33 11.30
C THR B 424 14.62 -35.13 12.54
N SER B 425 14.73 -36.46 12.48
CA SER B 425 14.26 -37.33 13.53
C SER B 425 15.23 -37.50 14.67
N ILE B 426 16.43 -36.94 14.58
CA ILE B 426 17.44 -37.16 15.60
C ILE B 426 17.44 -36.07 16.64
N ALA B 427 17.16 -34.82 16.25
CA ALA B 427 17.40 -33.71 17.16
C ALA B 427 16.62 -33.87 18.45
N ARG B 428 15.42 -34.42 18.38
CA ARG B 428 14.70 -34.70 19.61
C ARG B 428 15.45 -35.70 20.47
N SER B 429 16.17 -36.61 19.82
CA SER B 429 16.94 -37.56 20.61
C SER B 429 18.12 -36.88 21.23
N ILE B 430 18.84 -36.06 20.46
CA ILE B 430 20.02 -35.41 20.99
C ILE B 430 19.63 -34.58 22.19
N ALA B 431 18.56 -33.79 22.04
CA ALA B 431 18.18 -32.90 23.11
C ALA B 431 17.85 -33.66 24.37
N ARG B 432 17.28 -34.86 24.23
CA ARG B 432 17.16 -35.69 25.42
C ARG B 432 18.52 -36.20 25.90
N ALA B 433 19.46 -36.35 24.99
CA ALA B 433 20.76 -36.86 25.40
C ALA B 433 21.50 -35.87 26.28
N LEU B 434 21.81 -34.71 25.73
CA LEU B 434 22.53 -33.71 26.51
C LEU B 434 21.68 -33.16 27.65
N ASN B 435 20.37 -33.15 27.49
CA ASN B 435 19.37 -32.62 28.41
C ASN B 435 19.22 -31.11 28.31
N ARG B 436 19.82 -30.45 27.32
CA ARG B 436 19.46 -29.06 27.10
C ARG B 436 18.09 -28.99 26.44
N GLU B 437 17.37 -27.91 26.71
CA GLU B 437 15.98 -27.79 26.28
C GLU B 437 15.86 -27.79 24.76
N TYR B 438 14.87 -28.51 24.25
CA TYR B 438 14.66 -28.65 22.82
C TYR B 438 13.82 -27.50 22.28
N PHE B 439 13.91 -27.28 20.98
CA PHE B 439 13.02 -26.39 20.27
C PHE B 439 13.13 -26.82 18.82
N ARG B 440 12.24 -26.31 17.97
CA ARG B 440 12.27 -26.54 16.55
C ARG B 440 11.66 -25.32 15.89
N PHE B 441 12.14 -25.01 14.70
CA PHE B 441 11.69 -23.83 14.00
C PHE B 441 11.97 -24.00 12.52
N SER B 442 10.95 -24.40 11.79
CA SER B 442 11.10 -24.60 10.35
C SER B 442 11.25 -23.25 9.69
N VAL B 443 12.10 -23.18 8.67
CA VAL B 443 12.27 -21.98 7.87
C VAL B 443 11.90 -22.22 6.41
N GLY B 444 11.32 -23.39 6.09
CA GLY B 444 11.06 -23.73 4.71
C GLY B 444 10.19 -22.70 4.02
N GLY B 445 10.67 -22.17 2.92
CA GLY B 445 9.87 -21.27 2.14
C GLY B 445 9.67 -19.91 2.75
N MET B 446 10.26 -19.63 3.91
CA MET B 446 10.15 -18.32 4.49
C MET B 446 10.79 -17.30 3.58
N THR B 447 10.20 -16.11 3.52
CA THR B 447 10.74 -15.03 2.69
C THR B 447 10.58 -13.67 3.36
N ASP B 448 10.36 -13.63 4.66
CA ASP B 448 10.15 -12.39 5.38
C ASP B 448 11.15 -12.38 6.53
N VAL B 449 12.13 -11.47 6.47
CA VAL B 449 13.15 -11.44 7.51
C VAL B 449 12.60 -11.11 8.87
N ALA B 450 11.41 -10.50 8.96
CA ALA B 450 10.88 -10.08 10.25
C ALA B 450 10.76 -11.24 11.21
N GLU B 451 10.53 -12.44 10.71
CA GLU B 451 10.41 -13.58 11.60
C GLU B 451 11.71 -13.88 12.31
N ILE B 452 12.85 -13.65 11.65
CA ILE B 452 14.13 -13.83 12.33
C ILE B 452 14.54 -12.60 13.11
N LYS B 453 13.85 -11.45 12.94
CA LYS B 453 14.33 -10.20 13.52
C LYS B 453 13.30 -9.47 14.35
N GLY B 454 12.06 -9.46 13.94
CA GLY B 454 11.06 -8.62 14.54
C GLY B 454 11.11 -7.22 13.95
N HIS B 455 10.29 -6.33 14.50
CA HIS B 455 10.06 -4.99 14.00
C HIS B 455 10.52 -3.97 15.04
N ARG B 456 10.38 -2.71 14.74
CA ARG B 456 11.09 -1.66 15.45
C ARG B 456 10.42 -1.16 16.74
N ARG B 457 9.24 -1.63 17.09
CA ARG B 457 8.39 -1.26 18.22
C ARG B 457 7.65 0.06 18.00
N THR B 458 8.02 0.87 17.01
CA THR B 458 7.18 2.01 16.69
C THR B 458 5.85 1.57 16.12
N TYR B 459 5.85 0.45 15.40
CA TYR B 459 4.64 -0.05 14.76
C TYR B 459 3.75 -0.68 15.82
N VAL B 460 2.44 -0.54 15.64
CA VAL B 460 1.51 -1.14 16.58
C VAL B 460 1.62 -2.65 16.54
N GLY B 461 1.66 -3.28 17.70
CA GLY B 461 1.65 -4.72 17.78
C GLY B 461 2.95 -5.40 17.40
N ALA B 462 4.06 -4.66 17.28
CA ALA B 462 5.31 -5.29 16.89
C ALA B 462 5.79 -6.23 17.97
N MET B 463 6.37 -7.35 17.56
CA MET B 463 6.89 -8.34 18.47
C MET B 463 8.26 -8.81 18.01
N PRO B 464 9.11 -9.25 18.94
CA PRO B 464 10.50 -9.57 18.58
C PRO B 464 10.56 -10.76 17.67
N GLY B 465 11.64 -10.82 16.90
CA GLY B 465 11.96 -11.95 16.04
C GLY B 465 11.71 -13.28 16.72
N LYS B 466 11.46 -14.31 15.93
CA LYS B 466 10.97 -15.58 16.45
C LYS B 466 11.93 -16.20 17.43
N ILE B 467 13.23 -16.01 17.23
CA ILE B 467 14.21 -16.63 18.10
C ILE B 467 14.02 -16.15 19.52
N ILE B 468 13.69 -14.88 19.70
CA ILE B 468 13.49 -14.39 21.04
C ILE B 468 12.25 -15.01 21.66
N GLN B 469 11.21 -15.23 20.85
CA GLN B 469 10.03 -15.90 21.39
C GLN B 469 10.38 -17.29 21.83
N CYS B 470 11.26 -17.94 21.08
CA CYS B 470 11.73 -19.24 21.51
C CYS B 470 12.43 -19.12 22.84
N LEU B 471 13.35 -18.18 22.92
CA LEU B 471 14.20 -18.06 24.09
C LEU B 471 13.40 -17.74 25.33
N LYS B 472 12.29 -17.04 25.16
CA LYS B 472 11.40 -16.85 26.28
C LYS B 472 10.70 -18.16 26.61
N LYS B 473 10.29 -18.91 25.59
CA LYS B 473 9.48 -20.10 25.84
C LYS B 473 10.27 -21.29 26.36
N THR B 474 11.60 -21.25 26.27
CA THR B 474 12.48 -22.29 26.77
C THR B 474 13.44 -21.63 27.73
N LYS B 475 13.08 -21.59 29.02
CA LYS B 475 13.64 -20.61 29.94
C LYS B 475 15.16 -20.64 30.01
N THR B 476 15.75 -21.79 29.74
CA THR B 476 17.18 -21.87 29.77
C THR B 476 17.75 -21.01 28.65
N GLU B 477 18.98 -20.57 28.84
CA GLU B 477 19.65 -19.71 27.88
C GLU B 477 20.29 -20.48 26.72
N ASN B 478 20.37 -21.81 26.76
CA ASN B 478 21.06 -22.59 25.75
C ASN B 478 20.14 -23.65 25.20
N PRO B 479 19.11 -23.23 24.48
CA PRO B 479 18.30 -24.18 23.75
C PRO B 479 19.02 -24.81 22.59
N LEU B 480 18.60 -26.02 22.24
CA LEU B 480 19.04 -26.66 21.02
C LEU B 480 18.12 -26.20 19.91
N ILE B 481 18.41 -25.04 19.35
CA ILE B 481 17.63 -24.52 18.23
C ILE B 481 17.77 -25.52 17.11
N LEU B 482 16.76 -25.62 16.26
CA LEU B 482 16.83 -26.52 15.12
C LEU B 482 16.17 -25.78 13.98
N ILE B 483 16.95 -25.00 13.25
CA ILE B 483 16.50 -24.47 11.99
C ILE B 483 16.36 -25.67 11.06
N ASP B 484 15.51 -25.57 10.04
CA ASP B 484 15.20 -26.73 9.23
C ASP B 484 15.00 -26.35 7.78
N GLU B 485 15.42 -27.25 6.89
CA GLU B 485 15.25 -27.08 5.45
C GLU B 485 15.89 -25.83 4.91
N VAL B 486 17.12 -25.56 5.34
CA VAL B 486 17.77 -24.27 5.06
C VAL B 486 17.90 -24.04 3.57
N ASP B 487 18.23 -25.08 2.81
CA ASP B 487 18.55 -24.84 1.41
C ASP B 487 17.34 -24.38 0.60
N LYS B 488 16.14 -24.71 1.05
CA LYS B 488 14.92 -24.34 0.36
C LYS B 488 14.35 -23.04 0.88
N ILE B 489 15.13 -22.27 1.63
CA ILE B 489 14.70 -20.97 2.09
C ILE B 489 14.52 -20.06 0.88
N GLY B 490 13.50 -19.23 0.94
CA GLY B 490 13.11 -18.50 -0.24
C GLY B 490 13.89 -17.24 -0.50
N ARG B 491 13.68 -16.68 -1.69
CA ARG B 491 14.20 -15.36 -2.09
C ARG B 491 13.02 -14.41 -2.00
N GLY B 492 13.04 -13.56 -0.98
CA GLY B 492 11.95 -12.65 -0.77
C GLY B 492 12.00 -11.41 -1.61
N TYR B 493 13.00 -11.25 -2.50
CA TYR B 493 13.22 -10.13 -3.43
C TYR B 493 13.27 -8.75 -2.76
N GLN B 494 13.29 -8.67 -1.43
CA GLN B 494 13.56 -7.45 -0.70
C GLN B 494 13.98 -7.90 0.69
N GLY B 495 15.28 -7.95 0.93
CA GLY B 495 15.77 -8.45 2.19
C GLY B 495 15.48 -9.92 2.40
N ASP B 496 16.03 -10.77 1.55
CA ASP B 496 15.78 -12.19 1.71
C ASP B 496 16.49 -12.68 2.97
N PRO B 497 15.99 -13.74 3.60
CA PRO B 497 16.57 -14.18 4.88
C PRO B 497 18.03 -14.59 4.87
N SER B 498 18.58 -15.07 3.74
CA SER B 498 19.96 -15.55 3.76
C SER B 498 20.93 -14.46 4.17
N SER B 499 20.58 -13.21 3.85
CA SER B 499 21.38 -12.11 4.32
C SER B 499 21.27 -11.98 5.83
N ALA B 500 20.12 -12.32 6.39
CA ALA B 500 19.96 -12.21 7.84
C ALA B 500 20.76 -13.28 8.54
N LEU B 501 20.65 -14.52 8.07
CA LEU B 501 21.16 -15.67 8.82
C LEU B 501 22.65 -15.56 9.09
N LEU B 502 23.39 -14.94 8.19
CA LEU B 502 24.83 -14.87 8.38
C LEU B 502 25.17 -14.09 9.63
N GLU B 503 24.39 -13.07 9.93
CA GLU B 503 24.66 -12.31 11.14
C GLU B 503 24.39 -13.12 12.39
N LEU B 504 23.47 -14.09 12.31
CA LEU B 504 23.18 -14.92 13.47
C LEU B 504 24.24 -15.99 13.64
N LEU B 505 24.57 -16.66 12.55
CA LEU B 505 25.32 -17.91 12.59
C LEU B 505 26.82 -17.76 12.60
N ASP B 506 27.34 -16.55 12.50
CA ASP B 506 28.78 -16.40 12.50
C ASP B 506 29.30 -16.79 13.87
N PRO B 507 30.21 -17.78 14.01
CA PRO B 507 30.59 -18.24 15.35
C PRO B 507 31.17 -17.18 16.26
N GLU B 508 31.93 -16.23 15.72
CA GLU B 508 32.53 -15.21 16.56
C GLU B 508 31.62 -14.01 16.72
N GLN B 509 30.92 -13.60 15.67
CA GLN B 509 30.04 -12.46 15.77
C GLN B 509 28.73 -12.80 16.48
N ASN B 510 28.41 -14.09 16.63
CA ASN B 510 27.13 -14.52 17.17
C ASN B 510 26.87 -13.93 18.54
N ALA B 511 27.92 -13.60 19.31
CA ALA B 511 27.75 -13.14 20.67
C ALA B 511 26.97 -11.84 20.75
N ASN B 512 26.86 -11.09 19.65
CA ASN B 512 26.19 -9.80 19.61
C ASN B 512 25.13 -9.80 18.53
N PHE B 513 24.29 -10.82 18.53
CA PHE B 513 23.07 -10.73 17.76
C PHE B 513 22.23 -9.60 18.33
N LEU B 514 21.61 -8.80 17.47
CA LEU B 514 20.80 -7.67 17.92
C LEU B 514 19.51 -7.66 17.11
N ASP B 515 18.49 -8.27 17.69
CA ASP B 515 17.16 -8.24 17.11
C ASP B 515 16.60 -6.83 17.14
N HIS B 516 15.90 -6.46 16.08
CA HIS B 516 15.51 -5.08 15.91
C HIS B 516 14.53 -4.62 16.97
N TYR B 517 13.70 -5.51 17.53
CA TYR B 517 12.67 -5.05 18.47
C TYR B 517 13.29 -4.43 19.70
N LEU B 518 13.91 -5.24 20.52
CA LEU B 518 14.66 -4.75 21.66
C LEU B 518 16.10 -4.84 21.23
N ASP B 519 16.73 -3.68 21.10
CA ASP B 519 17.99 -3.64 20.38
C ASP B 519 19.19 -4.03 21.22
N VAL B 520 19.01 -4.28 22.52
CA VAL B 520 20.14 -4.62 23.38
C VAL B 520 20.75 -5.94 22.93
N PRO B 521 22.09 -6.07 22.83
CA PRO B 521 22.67 -7.34 22.37
C PRO B 521 22.38 -8.47 23.34
N VAL B 522 22.22 -9.67 22.78
CA VAL B 522 22.06 -10.88 23.56
C VAL B 522 23.23 -11.80 23.26
N ASP B 523 23.77 -12.46 24.28
CA ASP B 523 24.77 -13.49 24.03
C ASP B 523 24.09 -14.70 23.41
N LEU B 524 24.75 -15.32 22.46
CA LEU B 524 24.17 -16.48 21.82
C LEU B 524 25.21 -17.53 21.49
N SER B 525 26.41 -17.45 22.05
CA SER B 525 27.37 -18.50 21.79
C SER B 525 26.91 -19.85 22.33
N LYS B 526 26.04 -19.86 23.33
CA LYS B 526 25.72 -21.10 24.01
C LYS B 526 24.79 -22.00 23.23
N VAL B 527 24.08 -21.49 22.23
CA VAL B 527 23.13 -22.29 21.49
C VAL B 527 23.90 -23.39 20.75
N LEU B 528 23.23 -24.51 20.49
CA LEU B 528 23.73 -25.56 19.61
C LEU B 528 22.79 -25.66 18.43
N PHE B 529 22.98 -24.79 17.46
CA PHE B 529 22.11 -24.79 16.31
C PHE B 529 22.30 -26.07 15.54
N ILE B 530 21.28 -26.46 14.80
CA ILE B 530 21.39 -27.57 13.85
C ILE B 530 20.54 -27.17 12.66
N CYS B 531 20.98 -27.55 11.47
CA CYS B 531 20.30 -27.22 10.24
C CYS B 531 20.38 -28.42 9.34
N THR B 532 19.39 -28.59 8.49
CA THR B 532 19.33 -29.78 7.64
C THR B 532 18.83 -29.38 6.28
N ALA B 533 19.30 -30.10 5.28
CA ALA B 533 18.84 -29.85 3.93
C ALA B 533 19.16 -31.06 3.09
N ASN B 534 18.29 -31.37 2.14
CA ASN B 534 18.56 -32.56 1.36
C ASN B 534 19.66 -32.37 0.34
N VAL B 535 20.03 -31.13 0.01
CA VAL B 535 21.14 -30.87 -0.89
C VAL B 535 21.74 -29.53 -0.51
N THR B 536 23.03 -29.41 -0.73
CA THR B 536 23.82 -28.31 -0.19
C THR B 536 24.41 -27.43 -1.27
N ASP B 537 23.59 -27.08 -2.26
CA ASP B 537 24.04 -26.19 -3.33
C ASP B 537 23.35 -24.86 -3.30
N THR B 538 22.07 -24.83 -2.94
CA THR B 538 21.37 -23.54 -2.88
C THR B 538 21.98 -22.60 -1.87
N ILE B 539 22.66 -23.13 -0.85
CA ILE B 539 23.13 -22.29 0.24
C ILE B 539 24.15 -21.28 -0.29
N PRO B 540 24.07 -19.99 0.06
CA PRO B 540 25.10 -19.07 -0.42
C PRO B 540 26.45 -19.45 0.15
N GLU B 541 27.51 -19.12 -0.60
CA GLU B 541 28.86 -19.59 -0.27
C GLU B 541 29.33 -19.24 1.14
N PRO B 542 29.22 -18.00 1.62
CA PRO B 542 29.69 -17.77 2.97
C PRO B 542 28.88 -18.52 3.98
N LEU B 543 27.57 -18.59 3.80
CA LEU B 543 26.76 -19.28 4.78
C LEU B 543 27.09 -20.76 4.79
N ARG B 544 27.40 -21.32 3.63
CA ARG B 544 27.88 -22.68 3.61
C ARG B 544 29.20 -22.78 4.35
N ASP B 545 30.03 -21.74 4.29
CA ASP B 545 31.29 -21.76 5.03
C ASP B 545 31.07 -21.76 6.54
N ARG B 546 30.03 -21.08 7.03
CA ARG B 546 29.96 -20.76 8.46
C ARG B 546 29.87 -21.98 9.35
N MET B 547 29.31 -23.08 8.86
CA MET B 547 28.88 -24.19 9.72
C MET B 547 29.45 -25.50 9.23
N GLU B 548 29.66 -26.42 10.16
CA GLU B 548 30.17 -27.74 9.81
C GLU B 548 29.14 -28.54 9.05
N MET B 549 29.58 -29.33 8.08
CA MET B 549 28.69 -30.17 7.27
C MET B 549 29.00 -31.63 7.55
N ILE B 550 28.40 -32.18 8.59
CA ILE B 550 28.37 -33.63 8.72
C ILE B 550 27.49 -34.14 7.61
N ASN B 551 27.82 -35.31 7.08
CA ASN B 551 27.05 -35.91 5.99
C ASN B 551 26.44 -37.19 6.54
N VAL B 552 25.15 -37.13 6.83
CA VAL B 552 24.44 -38.34 7.22
C VAL B 552 24.49 -39.31 6.06
N SER B 553 24.63 -40.59 6.37
CA SER B 553 24.82 -41.62 5.37
C SER B 553 23.52 -42.33 5.04
N GLY B 554 23.40 -42.78 3.80
CA GLY B 554 22.30 -43.65 3.45
C GLY B 554 22.52 -45.05 3.98
N TYR B 555 21.44 -45.78 4.10
CA TYR B 555 21.48 -47.11 4.72
C TYR B 555 21.65 -48.20 3.68
N VAL B 556 21.85 -49.43 4.17
CA VAL B 556 22.07 -50.59 3.33
C VAL B 556 21.23 -51.73 3.91
N ALA B 557 20.90 -52.69 3.04
CA ALA B 557 19.84 -53.65 3.30
C ALA B 557 20.03 -54.43 4.59
N GLN B 558 21.28 -54.76 4.93
CA GLN B 558 21.53 -55.29 6.26
C GLN B 558 21.03 -54.32 7.31
N GLU B 559 21.36 -53.06 7.14
CA GLU B 559 20.94 -52.07 8.11
C GLU B 559 19.45 -51.83 8.03
N LYS B 560 18.87 -51.89 6.83
CA LYS B 560 17.43 -51.71 6.74
C LYS B 560 16.69 -52.79 7.49
N LEU B 561 17.12 -54.03 7.33
CA LEU B 561 16.53 -55.09 8.12
C LEU B 561 16.76 -54.87 9.60
N ALA B 562 17.94 -54.32 9.93
CA ALA B 562 18.27 -54.08 11.33
C ALA B 562 17.28 -53.10 11.92
N ILE B 563 17.05 -51.98 11.24
CA ILE B 563 16.13 -51.01 11.80
C ILE B 563 14.74 -51.63 11.85
N ALA B 564 14.44 -52.50 10.88
CA ALA B 564 13.09 -53.02 10.71
C ALA B 564 12.61 -53.69 11.97
N GLU B 565 13.36 -54.71 12.42
CA GLU B 565 12.85 -55.45 13.58
C GLU B 565 12.82 -54.59 14.82
N ARG B 566 13.77 -53.69 14.96
CA ARG B 566 13.98 -53.02 16.24
C ARG B 566 12.92 -51.98 16.54
N TYR B 567 12.58 -51.13 15.56
CA TYR B 567 11.65 -50.04 15.77
C TYR B 567 10.43 -50.12 14.87
N LEU B 568 10.63 -50.20 13.55
CA LEU B 568 9.57 -50.00 12.57
C LEU B 568 8.38 -50.91 12.80
N VAL B 569 8.58 -52.23 12.69
CA VAL B 569 7.46 -53.15 12.88
C VAL B 569 6.79 -52.92 14.22
N PRO B 570 7.50 -52.88 15.35
CA PRO B 570 6.82 -52.52 16.59
C PRO B 570 6.18 -51.16 16.53
N GLN B 571 6.83 -50.23 15.82
CA GLN B 571 6.37 -48.85 15.81
C GLN B 571 4.99 -48.75 15.20
N ALA B 572 4.72 -49.58 14.19
CA ALA B 572 3.44 -49.56 13.51
C ALA B 572 2.48 -50.58 14.08
N ARG B 573 2.98 -51.69 14.59
CA ARG B 573 2.11 -52.68 15.17
C ARG B 573 1.41 -52.12 16.38
N ALA B 574 2.10 -51.27 17.15
CA ALA B 574 1.37 -50.55 18.19
C ALA B 574 0.44 -49.51 17.59
N LEU B 575 0.82 -48.95 16.43
CA LEU B 575 0.03 -47.90 15.84
C LEU B 575 -1.32 -48.41 15.35
N CYS B 576 -1.37 -49.65 14.87
CA CYS B 576 -2.58 -50.29 14.36
C CYS B 576 -3.32 -51.12 15.39
N GLY B 577 -2.68 -51.45 16.51
CA GLY B 577 -3.31 -52.23 17.55
C GLY B 577 -3.20 -53.72 17.39
N LEU B 578 -2.61 -54.21 16.30
CA LEU B 578 -2.41 -55.64 16.17
C LEU B 578 -1.45 -56.12 17.26
N ASP B 579 -1.27 -57.44 17.34
CA ASP B 579 -0.44 -58.06 18.37
C ASP B 579 0.41 -59.14 17.75
N GLU B 580 1.40 -59.55 18.52
CA GLU B 580 2.20 -60.70 18.14
C GLU B 580 1.28 -61.90 18.11
N SER B 581 1.57 -62.84 17.20
CA SER B 581 0.85 -64.09 17.03
C SER B 581 -0.51 -63.91 16.35
N LYS B 582 -0.98 -62.67 16.18
CA LYS B 582 -2.13 -62.37 15.37
C LYS B 582 -1.76 -61.87 14.01
N ALA B 583 -0.60 -61.21 13.87
CA ALA B 583 -0.16 -60.62 12.61
C ALA B 583 1.34 -60.80 12.39
N LYS B 584 1.84 -62.00 12.61
CA LYS B 584 3.28 -62.24 12.62
C LYS B 584 3.94 -61.98 11.27
N LEU B 585 5.20 -61.55 11.32
CA LEU B 585 6.05 -61.41 10.14
C LEU B 585 7.32 -62.20 10.35
N SER B 586 7.66 -63.01 9.37
CA SER B 586 8.98 -63.63 9.32
C SER B 586 10.04 -62.60 8.97
N SER B 587 11.23 -62.79 9.53
CA SER B 587 12.36 -61.96 9.14
C SER B 587 12.69 -62.14 7.67
N ASP B 588 12.41 -63.31 7.10
CA ASP B 588 12.61 -63.50 5.67
C ASP B 588 11.64 -62.67 4.86
N VAL B 589 10.43 -62.43 5.36
CA VAL B 589 9.54 -61.50 4.67
C VAL B 589 10.15 -60.13 4.67
N LEU B 590 10.72 -59.73 5.80
CA LEU B 590 11.37 -58.44 5.86
C LEU B 590 12.59 -58.41 4.94
N THR B 591 13.23 -59.55 4.74
CA THR B 591 14.34 -59.59 3.83
C THR B 591 13.84 -59.40 2.41
N LEU B 592 12.78 -60.11 2.06
CA LEU B 592 12.28 -60.09 0.69
C LEU B 592 11.75 -58.72 0.32
N LEU B 593 11.15 -58.02 1.28
CA LEU B 593 10.64 -56.68 1.00
C LEU B 593 11.76 -55.75 0.57
N ILE B 594 12.94 -55.94 1.14
CA ILE B 594 14.06 -55.07 0.86
C ILE B 594 14.72 -55.50 -0.42
N LYS B 595 14.87 -56.81 -0.61
CA LYS B 595 15.51 -57.28 -1.82
C LYS B 595 14.72 -56.94 -3.06
N GLN B 596 13.40 -56.87 -2.94
CA GLN B 596 12.51 -56.80 -4.09
C GLN B 596 11.83 -55.45 -4.23
N TYR B 597 11.10 -55.04 -3.19
CA TYR B 597 10.16 -53.94 -3.35
C TYR B 597 10.74 -52.58 -3.06
N CYS B 598 11.84 -52.50 -2.32
CA CYS B 598 12.37 -51.20 -1.88
C CYS B 598 13.87 -51.35 -1.70
N ARG B 599 14.63 -50.65 -2.54
CA ARG B 599 16.08 -50.65 -2.46
C ARG B 599 16.59 -49.25 -2.68
N GLU B 600 15.95 -48.30 -2.01
CA GLU B 600 16.30 -46.89 -2.10
C GLU B 600 16.95 -46.44 -0.79
N SER B 601 17.70 -45.34 -0.87
CA SER B 601 18.52 -44.90 0.25
C SER B 601 17.70 -44.58 1.49
N GLY B 602 16.44 -44.22 1.32
CA GLY B 602 15.64 -43.80 2.45
C GLY B 602 15.09 -44.97 3.22
N VAL B 603 14.44 -44.66 4.34
CA VAL B 603 13.80 -45.65 5.18
C VAL B 603 12.33 -45.25 5.37
N ARG B 604 11.79 -44.39 4.51
CA ARG B 604 10.35 -44.18 4.49
C ARG B 604 9.64 -45.18 3.62
N ASN B 605 10.21 -45.49 2.46
CA ASN B 605 9.56 -46.38 1.51
C ASN B 605 9.26 -47.71 2.18
N LEU B 606 10.28 -48.31 2.78
CA LEU B 606 10.06 -49.54 3.52
C LEU B 606 9.07 -49.33 4.65
N GLN B 607 9.05 -48.13 5.23
CA GLN B 607 8.07 -47.83 6.27
C GLN B 607 6.68 -48.10 5.75
N LYS B 608 6.40 -47.59 4.56
CA LYS B 608 5.04 -47.69 4.05
C LYS B 608 4.72 -49.11 3.65
N GLN B 609 5.68 -49.86 3.10
CA GLN B 609 5.39 -51.27 2.82
C GLN B 609 5.04 -52.02 4.09
N VAL B 610 5.86 -51.87 5.13
CA VAL B 610 5.65 -52.68 6.31
C VAL B 610 4.44 -52.22 7.09
N GLU B 611 3.94 -51.02 6.81
CA GLU B 611 2.69 -50.62 7.44
C GLU B 611 1.51 -51.21 6.69
N LYS B 612 1.54 -51.12 5.35
CA LYS B 612 0.42 -51.61 4.57
C LYS B 612 0.23 -53.10 4.76
N VAL B 613 1.33 -53.83 4.92
CA VAL B 613 1.25 -55.27 5.10
C VAL B 613 0.48 -55.60 6.36
N LEU B 614 0.55 -54.73 7.35
CA LEU B 614 -0.23 -54.96 8.54
C LEU B 614 -1.68 -54.64 8.29
N ARG B 615 -1.96 -53.46 7.71
CA ARG B 615 -3.36 -53.04 7.62
C ARG B 615 -4.19 -53.99 6.77
N LYS B 616 -3.56 -54.64 5.79
CA LYS B 616 -4.29 -55.64 5.02
C LYS B 616 -4.79 -56.73 5.94
N SER B 617 -3.91 -57.19 6.82
CA SER B 617 -4.32 -58.17 7.79
C SER B 617 -5.37 -57.60 8.72
N ALA B 618 -5.29 -56.31 9.02
CA ALA B 618 -6.28 -55.69 9.89
C ALA B 618 -7.66 -55.90 9.33
N TYR B 619 -7.90 -55.36 8.14
CA TYR B 619 -9.22 -55.50 7.54
C TYR B 619 -9.55 -56.95 7.33
N LYS B 620 -8.55 -57.76 6.97
CA LYS B 620 -8.79 -59.15 6.67
C LYS B 620 -9.22 -59.93 7.91
N ILE B 621 -8.96 -59.40 9.09
CA ILE B 621 -9.43 -60.06 10.28
C ILE B 621 -10.81 -59.51 10.62
N VAL B 622 -10.92 -58.20 10.89
CA VAL B 622 -12.08 -57.70 11.65
C VAL B 622 -13.42 -58.00 10.98
N SER B 623 -13.46 -58.01 9.65
CA SER B 623 -14.65 -58.41 8.90
C SER B 623 -14.41 -59.57 7.95
N GLY B 624 -13.20 -60.12 7.91
CA GLY B 624 -12.91 -61.25 7.06
C GLY B 624 -13.21 -62.55 7.76
N GLU B 625 -12.70 -63.62 7.17
CA GLU B 625 -12.93 -64.97 7.67
C GLU B 625 -11.82 -65.51 8.54
N ALA B 626 -10.59 -65.05 8.39
CA ALA B 626 -9.52 -65.59 9.20
C ALA B 626 -9.41 -64.79 10.50
N GLU B 627 -9.15 -65.51 11.60
CA GLU B 627 -8.93 -64.86 12.88
C GLU B 627 -7.48 -64.43 13.06
N SER B 628 -6.55 -65.02 12.30
CA SER B 628 -5.16 -64.60 12.36
C SER B 628 -4.48 -64.84 11.03
N VAL B 629 -3.98 -63.80 10.46
CA VAL B 629 -3.13 -63.90 9.30
C VAL B 629 -1.77 -64.37 9.76
N GLU B 630 -1.04 -65.04 8.89
CA GLU B 630 0.35 -65.39 9.12
C GLU B 630 1.04 -65.10 7.79
N VAL B 631 1.54 -63.88 7.64
CA VAL B 631 2.22 -63.56 6.40
C VAL B 631 3.41 -64.49 6.25
N THR B 632 3.59 -65.01 5.05
CA THR B 632 4.67 -65.92 4.70
C THR B 632 5.11 -65.47 3.32
N PRO B 633 6.35 -65.79 2.91
CA PRO B 633 6.86 -65.27 1.61
C PRO B 633 6.01 -65.64 0.42
N GLU B 634 5.36 -66.82 0.45
CA GLU B 634 4.59 -67.29 -0.70
C GLU B 634 3.48 -66.32 -1.08
N ASN B 635 2.97 -65.57 -0.11
CA ASN B 635 1.86 -64.67 -0.37
C ASN B 635 2.29 -63.30 -0.83
N LEU B 636 3.55 -62.88 -0.60
CA LEU B 636 3.87 -61.46 -0.69
C LEU B 636 3.64 -60.88 -2.07
N GLN B 637 3.95 -61.65 -3.12
CA GLN B 637 3.85 -61.13 -4.49
C GLN B 637 2.44 -60.64 -4.78
N ASP B 638 1.43 -61.26 -4.17
CA ASP B 638 0.06 -60.78 -4.23
C ASP B 638 -0.32 -59.95 -3.03
N PHE B 639 0.27 -60.23 -1.88
CA PHE B 639 -0.20 -59.60 -0.67
C PHE B 639 0.19 -58.14 -0.59
N VAL B 640 1.10 -57.67 -1.43
CA VAL B 640 1.57 -56.30 -1.44
C VAL B 640 1.63 -55.69 -2.83
N GLY B 641 1.56 -56.52 -3.88
CA GLY B 641 1.65 -56.06 -5.26
C GLY B 641 2.84 -56.70 -5.97
N LYS B 642 2.98 -56.36 -7.24
CA LYS B 642 4.04 -56.98 -8.01
C LYS B 642 5.40 -56.38 -7.65
N PRO B 643 6.47 -57.19 -7.54
CA PRO B 643 7.77 -56.62 -7.20
C PRO B 643 8.27 -55.64 -8.24
N VAL B 644 9.00 -54.63 -7.76
CA VAL B 644 9.65 -53.69 -8.66
C VAL B 644 10.93 -54.30 -9.21
N PHE B 645 11.88 -54.57 -8.32
CA PHE B 645 13.12 -55.21 -8.75
C PHE B 645 12.86 -56.63 -9.25
N THR B 646 13.45 -56.92 -10.39
CA THR B 646 13.46 -58.25 -10.99
C THR B 646 14.72 -58.98 -10.52
N VAL B 647 14.59 -60.29 -10.38
CA VAL B 647 15.73 -61.12 -9.98
C VAL B 647 16.45 -61.44 -11.30
N GLU B 648 17.58 -60.79 -11.52
CA GLU B 648 18.29 -60.87 -12.80
C GLU B 648 18.91 -62.25 -12.92
N ARG B 649 18.09 -63.18 -13.38
CA ARG B 649 18.49 -64.56 -13.63
C ARG B 649 18.16 -64.89 -15.08
N MET B 650 19.06 -64.57 -16.02
CA MET B 650 18.76 -64.79 -17.43
C MET B 650 19.36 -66.09 -17.93
N TYR B 651 20.66 -66.31 -17.71
CA TYR B 651 21.37 -67.49 -18.18
C TYR B 651 21.85 -68.31 -16.98
N ASP B 652 20.94 -69.12 -16.44
CA ASP B 652 21.37 -70.17 -15.54
C ASP B 652 22.08 -71.29 -16.29
N VAL B 653 21.76 -71.47 -17.58
CA VAL B 653 22.49 -72.43 -18.42
C VAL B 653 23.77 -71.86 -19.01
N THR B 654 23.98 -70.53 -18.96
CA THR B 654 25.21 -69.85 -19.41
C THR B 654 25.67 -70.32 -20.79
N PRO B 655 25.02 -69.90 -21.88
CA PRO B 655 25.40 -70.40 -23.20
C PRO B 655 26.81 -70.01 -23.55
N PRO B 656 27.52 -70.84 -24.36
CA PRO B 656 28.96 -70.62 -24.54
C PRO B 656 29.24 -69.24 -25.10
N GLY B 657 30.29 -68.61 -24.60
CA GLY B 657 30.64 -67.28 -25.01
C GLY B 657 29.84 -66.19 -24.34
N VAL B 658 28.86 -66.55 -23.48
CA VAL B 658 28.07 -65.59 -22.71
C VAL B 658 28.55 -65.72 -21.28
N VAL B 659 29.09 -64.65 -20.77
CA VAL B 659 29.77 -64.63 -19.48
C VAL B 659 29.09 -63.61 -18.58
N MET B 660 29.17 -63.85 -17.29
CA MET B 660 28.61 -62.95 -16.31
C MET B 660 29.46 -61.68 -16.27
N GLY B 661 28.86 -60.60 -15.79
CA GLY B 661 29.65 -59.40 -15.59
C GLY B 661 28.95 -58.51 -14.59
N LEU B 662 29.72 -57.84 -13.75
CA LEU B 662 29.21 -56.86 -12.81
C LEU B 662 29.61 -55.46 -13.27
N ALA B 663 28.79 -54.48 -12.90
CA ALA B 663 29.07 -53.11 -13.30
C ALA B 663 28.49 -52.15 -12.28
N TRP B 664 29.13 -50.99 -12.20
CA TRP B 664 28.81 -49.94 -11.21
C TRP B 664 27.80 -48.98 -11.80
N THR B 665 26.53 -49.29 -11.62
CA THR B 665 25.47 -48.42 -12.09
C THR B 665 25.53 -47.09 -11.36
N ALA B 666 25.10 -46.03 -12.04
CA ALA B 666 25.06 -44.72 -11.38
C ALA B 666 24.18 -44.78 -10.13
N MET B 667 23.14 -45.62 -10.16
CA MET B 667 22.29 -45.93 -9.00
C MET B 667 22.56 -47.39 -8.64
N GLY B 668 23.40 -47.61 -7.62
CA GLY B 668 23.74 -48.94 -7.18
C GLY B 668 24.62 -49.66 -8.19
N GLY B 669 24.66 -50.98 -8.09
CA GLY B 669 25.37 -51.84 -9.02
C GLY B 669 24.43 -52.49 -10.01
N SER B 670 24.90 -53.57 -10.62
CA SER B 670 24.12 -54.28 -11.64
C SER B 670 24.79 -55.61 -11.89
N THR B 671 24.22 -56.37 -12.84
CA THR B 671 24.81 -57.64 -13.27
C THR B 671 24.45 -57.81 -14.75
N LEU B 672 25.33 -57.33 -15.60
CA LEU B 672 25.13 -57.42 -17.04
C LEU B 672 25.61 -58.78 -17.54
N PHE B 673 25.12 -59.15 -18.71
CA PHE B 673 25.60 -60.32 -19.45
C PHE B 673 26.01 -59.86 -20.85
N VAL B 674 27.32 -59.85 -21.10
CA VAL B 674 27.84 -59.63 -22.44
C VAL B 674 27.59 -60.86 -23.30
N GLU B 675 27.33 -60.62 -24.59
CA GLU B 675 26.96 -61.66 -25.54
C GLU B 675 27.75 -61.46 -26.81
N THR B 676 27.91 -62.53 -27.58
CA THR B 676 28.61 -62.43 -28.85
C THR B 676 28.45 -63.71 -29.65
N SER B 677 28.50 -63.57 -30.97
CA SER B 677 28.36 -64.71 -31.89
C SER B 677 28.73 -64.25 -33.30
N LEU B 678 28.89 -65.23 -34.19
CA LEU B 678 29.20 -64.95 -35.58
C LEU B 678 28.07 -64.20 -36.23
N ARG B 679 28.41 -63.22 -37.08
CA ARG B 679 27.38 -62.51 -37.84
C ARG B 679 27.01 -63.19 -39.14
N ARG B 680 27.76 -64.20 -39.61
CA ARG B 680 27.43 -64.89 -40.86
C ARG B 680 28.39 -66.07 -40.95
N PRO B 681 28.27 -67.01 -41.91
CA PRO B 681 29.17 -68.16 -41.93
C PRO B 681 30.63 -67.77 -42.13
N GLN B 682 31.52 -68.53 -41.50
CA GLN B 682 32.95 -68.26 -41.57
C GLN B 682 33.56 -68.67 -42.91
N ASP B 683 32.83 -69.42 -43.74
CA ASP B 683 33.35 -69.97 -44.99
C ASP B 683 33.09 -69.02 -46.16
N LYS B 684 33.15 -67.71 -45.92
CA LYS B 684 32.93 -66.73 -46.97
C LYS B 684 33.92 -66.90 -48.11
N ASP B 685 35.16 -67.27 -47.78
CA ASP B 685 36.20 -67.68 -48.74
C ASP B 685 37.24 -68.45 -47.93
N ALA B 686 37.33 -69.75 -48.16
CA ALA B 686 38.35 -70.55 -47.49
C ALA B 686 39.75 -70.10 -47.89
N LYS B 687 39.92 -69.67 -49.13
CA LYS B 687 41.18 -69.12 -49.61
C LYS B 687 41.33 -67.64 -49.28
N GLY B 688 40.27 -66.96 -48.85
CA GLY B 688 40.39 -65.59 -48.43
C GLY B 688 41.13 -65.47 -47.11
N ASP B 689 42.03 -64.49 -47.05
CA ASP B 689 42.77 -64.15 -45.83
C ASP B 689 42.01 -63.14 -44.98
N LYS B 690 40.68 -63.10 -45.08
CA LYS B 690 39.87 -62.03 -44.49
C LYS B 690 40.05 -61.95 -42.99
N ASP B 691 40.12 -60.72 -42.48
CA ASP B 691 40.14 -60.51 -41.05
C ASP B 691 38.76 -60.83 -40.47
N GLY B 692 38.77 -61.33 -39.25
CA GLY B 692 37.55 -61.54 -38.51
C GLY B 692 37.04 -60.26 -37.90
N SER B 693 36.41 -59.39 -38.69
CA SER B 693 36.03 -58.07 -38.18
C SER B 693 35.09 -58.18 -37.00
N LEU B 694 35.38 -57.40 -35.97
CA LEU B 694 34.50 -57.26 -34.83
C LEU B 694 33.57 -56.10 -35.09
N GLU B 695 32.30 -56.25 -34.72
CA GLU B 695 31.33 -55.17 -34.74
C GLU B 695 30.76 -55.12 -33.32
N VAL B 696 31.25 -54.20 -32.55
CA VAL B 696 30.81 -54.06 -31.17
C VAL B 696 29.45 -53.38 -31.18
N THR B 697 28.65 -53.69 -30.17
CA THR B 697 27.28 -53.20 -30.08
C THR B 697 26.97 -53.07 -28.61
N GLY B 698 25.89 -52.35 -28.31
CA GLY B 698 25.45 -52.19 -26.94
C GLY B 698 25.88 -50.88 -26.32
N GLN B 699 25.71 -49.79 -27.07
CA GLN B 699 25.97 -48.43 -26.58
C GLN B 699 27.39 -48.27 -26.06
N LEU B 700 28.34 -48.62 -26.90
CA LEU B 700 29.74 -48.40 -26.57
C LEU B 700 29.97 -46.91 -26.34
N GLY B 701 30.70 -46.61 -25.28
CA GLY B 701 31.25 -45.29 -25.08
C GLY B 701 32.47 -45.11 -25.95
N GLU B 702 32.89 -43.85 -26.10
CA GLU B 702 34.06 -43.55 -26.92
C GLU B 702 35.30 -44.25 -26.39
N VAL B 703 35.41 -44.39 -25.06
CA VAL B 703 36.46 -45.23 -24.51
C VAL B 703 36.22 -46.70 -24.80
N MET B 704 34.96 -47.12 -24.95
CA MET B 704 34.68 -48.53 -25.19
C MET B 704 35.08 -48.99 -26.57
N LYS B 705 35.14 -48.12 -27.57
CA LYS B 705 35.69 -48.58 -28.84
C LYS B 705 37.17 -48.85 -28.72
N GLU B 706 37.85 -48.04 -27.90
CA GLU B 706 39.25 -48.29 -27.62
C GLU B 706 39.41 -49.60 -26.90
N SER B 707 38.60 -49.81 -25.85
CA SER B 707 38.60 -51.10 -25.16
C SER B 707 38.19 -52.21 -26.08
N ALA B 708 37.37 -51.92 -27.09
CA ALA B 708 36.87 -52.95 -27.98
C ALA B 708 37.99 -53.48 -28.83
N ARG B 709 38.72 -52.60 -29.50
CA ARG B 709 39.86 -53.11 -30.25
C ARG B 709 40.94 -53.63 -29.31
N ILE B 710 41.05 -53.09 -28.09
CA ILE B 710 42.05 -53.61 -27.16
C ILE B 710 41.72 -55.04 -26.78
N ALA B 711 40.44 -55.33 -26.60
CA ALA B 711 40.01 -56.67 -26.25
C ALA B 711 40.11 -57.61 -27.44
N TYR B 712 39.73 -57.11 -28.61
CA TYR B 712 39.87 -57.90 -29.84
C TYR B 712 41.33 -58.26 -30.06
N THR B 713 42.22 -57.30 -29.86
CA THR B 713 43.65 -57.51 -30.08
C THR B 713 44.21 -58.47 -29.05
N PHE B 714 43.98 -58.18 -27.77
CA PHE B 714 44.53 -59.02 -26.73
C PHE B 714 43.92 -60.42 -26.79
N ALA B 715 42.66 -60.54 -27.23
CA ALA B 715 42.07 -61.86 -27.34
C ALA B 715 42.70 -62.64 -28.48
N ARG B 716 42.97 -61.98 -29.60
CA ARG B 716 43.70 -62.62 -30.67
C ARG B 716 45.06 -63.08 -30.18
N ALA B 717 45.76 -62.20 -29.45
CA ALA B 717 47.09 -62.54 -28.98
C ALA B 717 47.07 -63.69 -28.00
N PHE B 718 46.12 -63.68 -27.07
CA PHE B 718 46.05 -64.73 -26.07
C PHE B 718 45.67 -66.07 -26.68
N LEU B 719 44.83 -66.04 -27.72
CA LEU B 719 44.45 -67.29 -28.35
C LEU B 719 45.59 -67.87 -29.16
N MET B 720 46.30 -67.03 -29.92
CA MET B 720 47.46 -67.58 -30.62
C MET B 720 48.53 -67.99 -29.62
N GLN B 721 48.61 -67.33 -28.45
CA GLN B 721 49.59 -67.73 -27.44
C GLN B 721 49.29 -69.11 -26.89
N HIS B 722 48.02 -69.51 -26.82
CA HIS B 722 47.64 -70.69 -26.03
C HIS B 722 47.19 -71.88 -26.85
N ALA B 723 46.41 -71.68 -27.92
CA ALA B 723 45.84 -72.77 -28.72
C ALA B 723 46.12 -72.47 -30.19
N PRO B 724 47.35 -72.72 -30.68
CA PRO B 724 47.67 -72.32 -32.07
C PRO B 724 46.79 -72.95 -33.13
N ALA B 725 46.31 -74.18 -32.93
CA ALA B 725 45.53 -74.85 -33.97
C ALA B 725 44.25 -74.10 -34.28
N ASN B 726 43.65 -73.43 -33.29
CA ASN B 726 42.44 -72.64 -33.51
C ASN B 726 42.79 -71.37 -34.27
N ASP B 727 41.85 -70.94 -35.12
CA ASP B 727 41.99 -69.77 -35.97
C ASP B 727 40.74 -68.91 -35.93
N TYR B 728 40.01 -68.93 -34.80
CA TYR B 728 38.77 -68.18 -34.76
C TYR B 728 39.01 -66.69 -34.74
N LEU B 729 39.58 -66.15 -33.65
CA LEU B 729 39.66 -64.69 -33.58
C LEU B 729 40.61 -64.12 -34.63
N VAL B 730 41.64 -64.86 -35.02
CA VAL B 730 42.52 -64.36 -36.08
C VAL B 730 41.79 -64.30 -37.41
N THR B 731 40.88 -65.27 -37.69
CA THR B 731 40.01 -65.20 -38.88
C THR B 731 38.63 -65.77 -38.57
N SER B 732 37.77 -64.94 -37.99
CA SER B 732 36.34 -65.18 -37.89
C SER B 732 35.65 -63.91 -37.45
N HIS B 733 34.75 -63.42 -38.28
CA HIS B 733 33.95 -62.25 -37.94
C HIS B 733 33.08 -62.55 -36.73
N ILE B 734 32.94 -61.53 -35.87
CA ILE B 734 32.27 -61.69 -34.58
C ILE B 734 31.43 -60.45 -34.28
N HIS B 735 30.11 -60.60 -34.27
CA HIS B 735 29.27 -59.63 -33.60
C HIS B 735 29.39 -59.79 -32.09
N LEU B 736 29.33 -58.66 -31.39
CA LEU B 736 29.34 -58.64 -29.94
C LEU B 736 28.37 -57.57 -29.46
N HIS B 737 27.87 -57.75 -28.24
CA HIS B 737 26.96 -56.83 -27.60
C HIS B 737 27.28 -56.83 -26.11
N VAL B 738 27.24 -55.66 -25.50
CA VAL B 738 27.42 -55.47 -24.06
C VAL B 738 26.22 -54.70 -23.53
N PRO B 739 25.49 -55.16 -22.51
CA PRO B 739 24.33 -54.39 -22.05
C PRO B 739 24.72 -53.01 -21.55
N GLU B 740 23.87 -52.04 -21.84
CA GLU B 740 24.06 -50.67 -21.42
C GLU B 740 23.59 -50.48 -19.99
N GLY B 741 24.01 -49.36 -19.40
CA GLY B 741 23.51 -48.93 -18.11
C GLY B 741 24.57 -48.33 -17.21
N ALA B 742 25.77 -48.89 -17.24
CA ALA B 742 26.84 -48.36 -16.44
C ALA B 742 27.31 -47.03 -17.02
N THR B 743 27.85 -46.16 -16.16
CA THR B 743 28.39 -44.90 -16.66
C THR B 743 29.62 -45.16 -17.53
N PRO B 744 29.81 -44.43 -18.65
CA PRO B 744 30.92 -44.77 -19.55
C PRO B 744 32.30 -44.70 -18.88
N LYS B 745 32.48 -43.80 -17.91
CA LYS B 745 33.77 -43.66 -17.25
C LYS B 745 34.22 -44.94 -16.56
N ASP B 746 33.29 -45.71 -15.99
CA ASP B 746 33.64 -46.97 -15.35
C ASP B 746 33.66 -48.12 -16.35
N GLY B 747 33.27 -47.86 -17.60
CA GLY B 747 33.09 -48.86 -18.61
C GLY B 747 34.34 -49.67 -18.91
N PRO B 748 35.56 -49.11 -18.75
CA PRO B 748 36.74 -49.97 -18.94
C PRO B 748 36.76 -51.17 -18.03
N SER B 749 36.14 -51.07 -16.84
CA SER B 749 36.11 -52.20 -15.91
C SER B 749 35.49 -53.43 -16.56
N ALA B 750 34.58 -53.25 -17.51
CA ALA B 750 33.95 -54.36 -18.18
C ALA B 750 34.87 -55.04 -19.19
N GLY B 751 35.98 -54.41 -19.57
CA GLY B 751 36.78 -54.91 -20.69
C GLY B 751 37.36 -56.29 -20.47
N CYS B 752 37.75 -56.61 -19.25
CA CYS B 752 38.25 -57.94 -18.97
C CYS B 752 37.19 -59.00 -19.20
N THR B 753 35.93 -58.65 -18.89
CA THR B 753 34.81 -59.53 -19.19
C THR B 753 34.70 -59.71 -20.69
N ILE B 754 34.97 -58.64 -21.45
CA ILE B 754 34.79 -58.70 -22.90
C ILE B 754 35.71 -59.77 -23.43
N VAL B 755 36.99 -59.70 -23.05
CA VAL B 755 37.94 -60.73 -23.48
C VAL B 755 37.47 -62.08 -22.99
N THR B 756 36.99 -62.12 -21.74
CA THR B 756 36.51 -63.36 -21.14
C THR B 756 35.36 -63.92 -21.97
N ALA B 757 34.56 -63.04 -22.56
CA ALA B 757 33.50 -63.52 -23.42
C ALA B 757 34.07 -64.06 -24.72
N LEU B 758 34.96 -63.29 -25.35
CA LEU B 758 35.44 -63.66 -26.68
C LEU B 758 36.18 -64.98 -26.64
N LEU B 759 37.13 -65.10 -25.71
CA LEU B 759 37.84 -66.36 -25.55
C LEU B 759 36.89 -67.48 -25.21
N SER B 760 35.84 -67.20 -24.44
CA SER B 760 34.88 -68.24 -24.10
C SER B 760 34.24 -68.79 -25.36
N LEU B 761 33.86 -67.90 -26.28
CA LEU B 761 33.30 -68.39 -27.53
C LEU B 761 34.37 -69.05 -28.37
N ALA B 762 35.62 -68.61 -28.25
CA ALA B 762 36.69 -69.09 -29.11
C ALA B 762 36.89 -70.59 -28.94
N MET B 763 37.33 -70.99 -27.75
CA MET B 763 37.43 -72.42 -27.48
C MET B 763 36.06 -73.09 -27.53
N GLY B 764 35.00 -72.34 -27.19
CA GLY B 764 33.67 -72.87 -27.08
C GLY B 764 33.34 -73.47 -25.73
N ARG B 765 34.30 -73.56 -24.82
CA ARG B 765 34.04 -74.10 -23.50
C ARG B 765 33.17 -73.11 -22.73
N PRO B 766 32.03 -73.52 -22.16
CA PRO B 766 31.25 -72.57 -21.36
C PRO B 766 32.03 -72.09 -20.15
N VAL B 767 31.83 -70.84 -19.78
CA VAL B 767 32.48 -70.31 -18.59
C VAL B 767 31.92 -71.06 -17.39
N ARG B 768 32.74 -71.27 -16.38
CA ARG B 768 32.26 -71.94 -15.19
C ARG B 768 31.14 -71.13 -14.56
N GLN B 769 30.06 -71.80 -14.21
CA GLN B 769 28.86 -71.09 -13.82
C GLN B 769 29.00 -70.46 -12.45
N ASN B 770 28.23 -69.39 -12.24
CA ASN B 770 28.15 -68.71 -10.95
C ASN B 770 29.50 -68.10 -10.57
N LEU B 771 29.96 -67.17 -11.40
CA LEU B 771 31.12 -66.35 -11.09
C LEU B 771 31.07 -65.13 -11.99
N ALA B 772 31.62 -64.02 -11.52
CA ALA B 772 31.62 -62.78 -12.28
C ALA B 772 32.86 -62.00 -11.92
N MET B 773 33.40 -61.29 -12.91
CA MET B 773 34.64 -60.53 -12.73
C MET B 773 34.51 -59.20 -13.44
N THR B 774 35.25 -58.22 -12.94
CA THR B 774 35.28 -56.90 -13.54
C THR B 774 36.68 -56.34 -13.39
N GLY B 775 37.13 -55.63 -14.41
CA GLY B 775 38.44 -55.03 -14.39
C GLY B 775 38.85 -54.43 -15.72
N GLU B 776 39.65 -53.38 -15.62
CA GLU B 776 40.24 -52.73 -16.78
C GLU B 776 41.36 -53.57 -17.35
N VAL B 777 41.60 -53.42 -18.66
CA VAL B 777 42.67 -54.13 -19.34
C VAL B 777 43.37 -53.15 -20.24
N SER B 778 44.68 -53.37 -20.41
CA SER B 778 45.61 -52.46 -21.07
C SER B 778 46.47 -53.23 -22.05
N LEU B 779 45.82 -54.00 -22.94
CA LEU B 779 46.43 -54.77 -24.05
C LEU B 779 47.59 -55.69 -23.60
N THR B 780 47.70 -55.99 -22.30
CA THR B 780 48.74 -56.84 -21.74
C THR B 780 48.22 -57.90 -20.79
N GLY B 781 46.95 -57.84 -20.39
CA GLY B 781 46.38 -58.75 -19.42
C GLY B 781 46.51 -58.28 -17.98
N LYS B 782 47.26 -57.20 -17.73
CA LYS B 782 47.27 -56.64 -16.39
C LYS B 782 45.95 -55.93 -16.12
N ILE B 783 45.51 -56.01 -14.89
CA ILE B 783 44.30 -55.36 -14.42
C ILE B 783 44.71 -54.10 -13.68
N LEU B 784 43.83 -53.11 -13.68
CA LEU B 784 44.04 -51.80 -13.09
C LEU B 784 42.88 -51.46 -12.16
N PRO B 785 43.09 -50.63 -11.14
CA PRO B 785 42.04 -50.40 -10.15
C PRO B 785 40.78 -49.76 -10.72
N VAL B 786 39.64 -50.14 -10.14
CA VAL B 786 38.33 -49.59 -10.48
C VAL B 786 37.61 -49.23 -9.19
N GLY B 787 36.90 -48.11 -9.21
CA GLY B 787 36.21 -47.59 -8.04
C GLY B 787 34.81 -48.14 -7.83
N GLY B 788 34.19 -47.66 -6.75
CA GLY B 788 32.80 -47.99 -6.47
C GLY B 788 32.52 -49.37 -5.93
N ILE B 789 33.51 -50.02 -5.30
CA ILE B 789 33.40 -51.43 -4.92
C ILE B 789 32.23 -51.69 -3.98
N LYS B 790 31.88 -50.71 -3.13
CA LYS B 790 30.82 -50.93 -2.15
C LYS B 790 29.49 -51.22 -2.83
N GLU B 791 29.22 -50.57 -3.96
CA GLU B 791 27.97 -50.79 -4.66
C GLU B 791 28.05 -52.04 -5.53
N LYS B 792 29.20 -52.24 -6.18
CA LYS B 792 29.35 -53.42 -7.04
C LYS B 792 29.18 -54.70 -6.25
N THR B 793 29.86 -54.82 -5.11
CA THR B 793 29.81 -56.09 -4.40
C THR B 793 28.42 -56.38 -3.86
N ILE B 794 27.67 -55.35 -3.44
CA ILE B 794 26.34 -55.61 -2.92
C ILE B 794 25.40 -56.04 -4.04
N ALA B 795 25.44 -55.31 -5.16
CA ALA B 795 24.61 -55.71 -6.30
C ALA B 795 25.02 -57.07 -6.82
N ALA B 796 26.30 -57.41 -6.69
CA ALA B 796 26.73 -58.73 -7.05
C ALA B 796 26.12 -59.75 -6.10
N LYS B 797 26.08 -59.42 -4.81
CA LYS B 797 25.54 -60.33 -3.82
C LYS B 797 24.05 -60.60 -4.03
N ARG B 798 23.32 -59.61 -4.53
CA ARG B 798 21.88 -59.83 -4.71
C ARG B 798 21.61 -60.94 -5.72
N ALA B 799 22.51 -61.15 -6.67
CA ALA B 799 22.35 -62.21 -7.66
C ALA B 799 22.81 -63.57 -7.15
N GLY B 800 23.35 -63.64 -5.93
CA GLY B 800 23.84 -64.89 -5.39
C GLY B 800 25.22 -65.29 -5.87
N VAL B 801 25.92 -64.41 -6.58
CA VAL B 801 27.27 -64.74 -7.03
C VAL B 801 28.17 -64.99 -5.82
N THR B 802 28.94 -66.06 -5.89
CA THR B 802 29.84 -66.47 -4.81
C THR B 802 31.31 -66.52 -5.17
N CYS B 803 31.70 -66.14 -6.38
CA CYS B 803 33.08 -66.23 -6.85
C CYS B 803 33.50 -64.94 -7.53
N ILE B 804 33.23 -63.81 -6.88
CA ILE B 804 33.63 -62.53 -7.44
C ILE B 804 35.14 -62.42 -7.51
N VAL B 805 35.63 -61.94 -8.64
CA VAL B 805 37.03 -61.58 -8.84
C VAL B 805 37.09 -60.07 -8.88
N LEU B 806 38.11 -59.50 -8.25
CA LEU B 806 38.33 -58.06 -8.21
C LEU B 806 39.82 -57.81 -8.37
N PRO B 807 40.21 -56.63 -8.86
CA PRO B 807 41.65 -56.35 -8.99
C PRO B 807 42.33 -56.40 -7.64
N ALA B 808 43.55 -56.92 -7.62
CA ALA B 808 44.27 -56.89 -6.34
C ALA B 808 44.64 -55.46 -5.97
N GLU B 809 44.84 -54.59 -6.96
CA GLU B 809 45.43 -53.28 -6.71
C GLU B 809 44.55 -52.39 -5.84
N ASN B 810 43.23 -52.60 -5.84
CA ASN B 810 42.30 -51.84 -5.01
C ASN B 810 41.87 -52.62 -3.76
N LYS B 811 42.64 -53.65 -3.36
CA LYS B 811 42.25 -54.58 -2.28
C LYS B 811 41.81 -53.85 -1.01
N LYS B 812 42.59 -52.86 -0.57
CA LYS B 812 42.29 -52.19 0.70
C LYS B 812 40.96 -51.47 0.64
N ASP B 813 40.52 -51.08 -0.56
CA ASP B 813 39.26 -50.37 -0.69
C ASP B 813 38.07 -51.22 -0.24
N PHE B 814 38.23 -52.56 -0.18
CA PHE B 814 37.13 -53.44 0.20
C PHE B 814 37.08 -53.72 1.70
N TYR B 815 38.15 -54.29 2.26
CA TYR B 815 38.10 -54.82 3.62
C TYR B 815 37.81 -53.73 4.66
N ASP B 816 38.08 -52.47 4.34
CA ASP B 816 37.70 -51.37 5.22
C ASP B 816 36.20 -51.30 5.47
N LEU B 817 35.40 -51.81 4.55
CA LEU B 817 33.94 -51.81 4.70
C LEU B 817 33.52 -52.82 5.77
N ALA B 818 32.24 -52.75 6.11
CA ALA B 818 31.65 -53.59 7.15
C ALA B 818 31.84 -55.07 6.81
N ALA B 819 32.12 -55.85 7.85
CA ALA B 819 32.50 -57.24 7.66
C ALA B 819 31.41 -58.07 6.98
N PHE B 820 30.13 -57.75 7.24
CA PHE B 820 29.05 -58.62 6.77
C PHE B 820 29.03 -58.75 5.25
N ILE B 821 29.54 -57.73 4.54
CA ILE B 821 29.48 -57.76 3.08
C ILE B 821 30.29 -58.93 2.53
N THR B 822 31.38 -59.32 3.19
CA THR B 822 32.20 -60.40 2.60
C THR B 822 31.65 -61.79 2.88
N GLU B 823 30.65 -61.92 3.73
CA GLU B 823 30.11 -63.25 4.01
C GLU B 823 29.47 -63.81 2.76
N GLY B 824 29.66 -65.09 2.54
CA GLY B 824 29.05 -65.76 1.41
C GLY B 824 29.74 -65.52 0.08
N LEU B 825 30.93 -64.93 0.09
CA LEU B 825 31.69 -64.68 -1.13
C LEU B 825 33.16 -64.88 -0.81
N GLU B 826 33.93 -65.26 -1.83
CA GLU B 826 35.33 -65.63 -1.69
C GLU B 826 36.08 -64.91 -2.80
N VAL B 827 36.59 -63.70 -2.52
CA VAL B 827 37.34 -63.00 -3.55
C VAL B 827 38.61 -63.76 -3.89
N HIS B 828 38.94 -63.80 -5.17
CA HIS B 828 40.21 -64.29 -5.68
C HIS B 828 40.87 -63.10 -6.35
N PHE B 829 41.53 -62.26 -5.57
CA PHE B 829 42.17 -61.07 -6.14
C PHE B 829 43.24 -61.47 -7.13
N VAL B 830 43.38 -60.67 -8.19
CA VAL B 830 44.21 -61.02 -9.33
C VAL B 830 44.85 -59.77 -9.90
N GLU B 831 46.11 -59.93 -10.35
CA GLU B 831 46.86 -58.88 -11.01
C GLU B 831 47.03 -59.07 -12.52
N HIS B 832 46.73 -60.27 -13.05
CA HIS B 832 47.00 -60.55 -14.45
C HIS B 832 45.97 -61.51 -15.02
N TYR B 833 45.72 -61.38 -16.32
CA TYR B 833 44.67 -62.14 -17.01
C TYR B 833 45.00 -63.62 -17.17
N ARG B 834 46.26 -64.01 -17.01
CA ARG B 834 46.56 -65.44 -16.98
C ARG B 834 45.88 -66.12 -15.81
N GLU B 835 45.99 -65.54 -14.62
CA GLU B 835 45.29 -66.13 -13.48
C GLU B 835 43.77 -66.05 -13.70
N ILE B 836 43.29 -64.99 -14.37
CA ILE B 836 41.86 -64.92 -14.65
C ILE B 836 41.47 -66.05 -15.58
N PHE B 837 42.32 -66.38 -16.54
CA PHE B 837 42.07 -67.53 -17.40
C PHE B 837 42.10 -68.82 -16.59
N ASP B 838 42.97 -68.89 -15.59
CA ASP B 838 43.04 -70.09 -14.78
C ASP B 838 41.78 -70.29 -13.95
N ILE B 839 41.15 -69.21 -13.50
CA ILE B 839 39.98 -69.34 -12.61
C ILE B 839 38.73 -69.54 -13.44
N ALA B 840 38.42 -68.59 -14.34
CA ALA B 840 37.17 -68.70 -15.08
C ALA B 840 37.16 -69.85 -16.07
N PHE B 841 38.32 -70.28 -16.56
CA PHE B 841 38.43 -71.23 -17.67
C PHE B 841 39.41 -72.35 -17.30
N PRO B 842 38.98 -73.33 -16.48
CA PRO B 842 39.90 -74.43 -16.15
C PRO B 842 40.44 -75.23 -17.35
N HIS C 17 6.00 82.38 21.34
CA HIS C 17 7.16 81.91 20.58
C HIS C 17 7.81 80.69 21.19
N LEU C 18 7.09 79.56 21.12
CA LEU C 18 7.60 78.27 21.57
C LEU C 18 7.43 77.28 20.44
N PRO C 19 8.32 76.27 20.33
CA PRO C 19 8.14 75.29 19.25
C PRO C 19 6.86 74.51 19.48
N LEU C 20 6.23 74.10 18.39
CA LEU C 20 5.02 73.29 18.53
C LEU C 20 5.40 71.98 19.19
N ILE C 21 4.55 71.51 20.10
CA ILE C 21 4.85 70.27 20.79
C ILE C 21 4.66 69.13 19.80
N ALA C 22 5.41 68.05 20.03
CA ALA C 22 5.28 66.82 19.26
C ALA C 22 4.21 65.98 19.95
N ILE C 23 2.98 66.08 19.45
CA ILE C 23 1.86 65.36 20.06
C ILE C 23 2.11 63.85 20.00
N THR C 24 2.59 63.36 18.87
CA THR C 24 2.93 61.95 18.64
C THR C 24 1.81 60.99 19.06
N ARG C 25 0.73 61.09 18.28
CA ARG C 25 -0.40 60.15 18.34
C ARG C 25 -1.01 60.04 19.73
N ASN C 26 -1.24 61.20 20.35
CA ASN C 26 -1.75 61.31 21.73
C ASN C 26 -2.88 62.33 21.75
N PRO C 27 -4.11 61.97 21.37
CA PRO C 27 -5.20 62.97 21.37
C PRO C 27 -5.48 63.50 22.77
N VAL C 28 -5.84 64.80 22.84
CA VAL C 28 -6.14 65.49 24.09
C VAL C 28 -7.51 66.14 23.97
N PHE C 29 -8.54 65.40 24.37
CA PHE C 29 -9.90 65.90 24.33
C PHE C 29 -10.05 67.10 25.28
N PRO C 30 -10.94 68.06 24.98
CA PRO C 30 -11.07 69.22 25.89
C PRO C 30 -11.47 68.77 27.30
N ARG C 31 -10.89 69.42 28.32
CA ARG C 31 -11.17 69.12 29.74
C ARG C 31 -11.05 67.63 30.04
N PHE C 32 -10.01 67.00 29.50
CA PHE C 32 -9.73 65.58 29.72
C PHE C 32 -8.24 65.43 29.96
N ILE C 33 -7.88 64.98 31.18
CA ILE C 33 -6.47 64.81 31.54
C ILE C 33 -5.80 63.87 30.54
N LYS C 34 -4.56 64.20 30.18
CA LYS C 34 -3.82 63.37 29.24
C LYS C 34 -2.33 63.46 29.51
N ILE C 35 -1.61 62.42 29.06
CA ILE C 35 -0.18 62.28 29.23
C ILE C 35 0.49 62.26 27.86
N ILE C 36 1.70 62.82 27.78
CA ILE C 36 2.50 62.85 26.55
C ILE C 36 3.88 62.33 26.91
N GLU C 37 4.41 61.41 26.05
CA GLU C 37 5.67 60.73 26.30
C GLU C 37 6.43 60.56 24.98
N VAL C 38 6.90 61.67 24.41
CA VAL C 38 7.70 61.62 23.20
C VAL C 38 9.04 60.93 23.46
N LYS C 39 9.54 60.19 22.47
CA LYS C 39 10.82 59.50 22.63
C LYS C 39 11.99 60.47 22.45
N ASN C 40 11.82 61.46 21.58
CA ASN C 40 12.84 62.48 21.34
C ASN C 40 13.06 63.33 22.59
N LYS C 41 14.32 63.68 22.83
CA LYS C 41 14.73 64.47 23.98
C LYS C 41 14.67 65.98 23.77
N LYS C 42 14.38 66.46 22.55
CA LYS C 42 14.40 67.91 22.32
C LYS C 42 13.31 68.64 23.11
N LEU C 43 12.16 68.01 23.36
CA LEU C 43 11.15 68.69 24.16
C LEU C 43 11.61 68.92 25.59
N VAL C 44 12.49 68.06 26.11
CA VAL C 44 12.96 68.18 27.49
C VAL C 44 13.72 69.48 27.72
N GLU C 45 14.43 69.98 26.71
CA GLU C 45 15.15 71.24 26.89
C GLU C 45 14.17 72.39 27.15
N LEU C 46 13.06 72.39 26.43
CA LEU C 46 12.02 73.38 26.70
C LEU C 46 11.34 73.15 28.04
N LEU C 47 11.15 71.89 28.43
CA LEU C 47 10.48 71.65 29.71
C LEU C 47 11.33 72.08 30.89
N ARG C 48 12.66 71.98 30.79
CA ARG C 48 13.50 72.51 31.86
C ARG C 48 13.65 74.03 31.77
N ARG C 49 13.54 74.61 30.56
CA ARG C 49 13.63 76.06 30.43
C ARG C 49 12.41 76.79 31.00
N LYS C 50 11.23 76.15 31.05
CA LYS C 50 10.02 76.77 31.59
C LYS C 50 9.84 76.59 33.10
N VAL C 51 10.68 75.81 33.77
CA VAL C 51 10.51 75.62 35.22
C VAL C 51 10.70 76.92 35.98
N ARG C 52 11.50 77.84 35.44
CA ARG C 52 11.70 79.12 36.10
C ARG C 52 10.46 80.01 36.10
N LEU C 53 9.53 79.82 35.15
CA LEU C 53 8.36 80.67 35.07
C LEU C 53 7.37 80.39 36.21
N ALA C 54 6.76 81.47 36.74
CA ALA C 54 5.80 81.37 37.83
C ALA C 54 4.45 80.76 37.45
N GLN C 55 4.08 80.82 36.16
CA GLN C 55 2.82 80.30 35.63
C GLN C 55 3.15 79.42 34.43
N PRO C 56 3.67 78.21 34.66
CA PRO C 56 4.10 77.38 33.53
C PRO C 56 2.94 76.98 32.65
N TYR C 57 3.26 76.74 31.38
CA TYR C 57 2.24 76.45 30.40
C TYR C 57 2.82 75.60 29.28
N VAL C 58 1.89 75.06 28.50
CA VAL C 58 2.16 74.28 27.31
C VAL C 58 0.93 74.46 26.46
N GLY C 59 1.10 74.44 25.15
CA GLY C 59 -0.05 74.48 24.28
C GLY C 59 -0.34 73.05 23.91
N VAL C 60 -1.56 72.82 23.46
CA VAL C 60 -1.96 71.50 23.02
C VAL C 60 -2.70 71.71 21.72
N PHE C 61 -2.27 70.99 20.70
CA PHE C 61 -2.81 71.05 19.36
C PHE C 61 -3.14 69.64 18.93
N LEU C 62 -3.75 69.54 17.74
CA LEU C 62 -4.08 68.26 17.14
C LEU C 62 -3.31 68.18 15.82
N LYS C 63 -2.78 67.00 15.54
CA LYS C 63 -2.06 66.71 14.31
C LYS C 63 -3.03 66.48 13.15
N ARG C 64 -2.58 66.81 11.94
CA ARG C 64 -3.41 66.58 10.76
C ARG C 64 -3.14 65.17 10.25
N ASP C 65 -3.73 64.86 9.11
CA ASP C 65 -3.64 63.53 8.54
C ASP C 65 -2.20 63.22 8.17
N ASP C 66 -1.87 61.93 8.18
CA ASP C 66 -0.54 61.46 7.81
C ASP C 66 0.57 62.03 8.70
N SER C 67 0.70 61.48 9.91
CA SER C 67 1.70 61.93 10.87
C SER C 67 3.09 61.64 10.32
N ASN C 68 4.02 62.56 10.57
CA ASN C 68 5.38 62.45 10.03
C ASN C 68 6.35 63.14 10.97
N GLU C 69 7.21 62.33 11.60
CA GLU C 69 8.19 62.81 12.57
C GLU C 69 9.18 63.78 11.92
N SER C 70 9.59 63.47 10.68
CA SER C 70 10.54 64.33 9.98
C SER C 70 9.92 65.69 9.67
N ASP C 71 8.62 65.69 9.38
CA ASP C 71 7.96 66.95 9.11
C ASP C 71 7.90 67.81 10.36
N VAL C 72 7.86 67.20 11.55
CA VAL C 72 7.74 67.99 12.77
C VAL C 72 8.97 68.86 12.92
N VAL C 73 10.15 68.37 12.50
CA VAL C 73 11.36 69.20 12.52
C VAL C 73 11.59 69.96 11.22
N GLU C 74 10.83 69.69 10.16
CA GLU C 74 11.01 70.40 8.89
C GLU C 74 10.04 71.56 8.70
N SER C 75 8.73 71.29 8.83
CA SER C 75 7.66 72.28 8.72
C SER C 75 6.85 72.38 10.02
N LEU C 76 6.26 73.55 10.25
CA LEU C 76 5.43 73.80 11.42
C LEU C 76 3.94 73.87 11.10
N ASP C 77 3.53 73.69 9.84
CA ASP C 77 2.12 73.69 9.45
C ASP C 77 1.44 72.33 9.62
N GLU C 78 2.19 71.25 9.87
CA GLU C 78 1.59 69.92 10.03
C GLU C 78 0.65 69.86 11.22
N ILE C 79 0.98 70.58 12.27
CA ILE C 79 0.10 70.65 13.42
C ILE C 79 -1.08 71.50 13.02
N TYR C 80 -2.27 71.18 13.53
CA TYR C 80 -3.42 71.99 13.13
C TYR C 80 -3.34 73.37 13.76
N HIS C 81 -3.93 74.34 13.07
CA HIS C 81 -4.02 75.68 13.64
C HIS C 81 -4.84 75.67 14.92
N THR C 82 -5.76 74.70 15.06
CA THR C 82 -6.51 74.61 16.31
C THR C 82 -5.54 74.22 17.42
N GLY C 83 -5.76 74.81 18.59
CA GLY C 83 -4.99 74.53 19.76
C GLY C 83 -5.88 74.60 20.99
N THR C 84 -5.36 74.11 22.11
CA THR C 84 -6.09 74.18 23.37
C THR C 84 -5.00 74.47 24.41
N PHE C 85 -4.70 75.75 24.54
CA PHE C 85 -3.67 76.20 25.47
C PHE C 85 -4.11 75.92 26.89
N ALA C 86 -3.15 75.57 27.75
CA ALA C 86 -3.44 75.20 29.13
C ALA C 86 -2.17 75.31 29.97
N GLN C 87 -2.37 75.38 31.29
CA GLN C 87 -1.28 75.42 32.25
C GLN C 87 -0.79 74.01 32.58
N ILE C 88 0.52 73.88 32.79
CA ILE C 88 1.11 72.61 33.17
C ILE C 88 0.75 72.33 34.62
N HIS C 89 0.71 71.04 34.98
CA HIS C 89 0.38 70.61 36.33
C HIS C 89 1.66 70.18 37.02
N GLU C 90 2.20 69.00 36.68
CA GLU C 90 3.43 68.54 37.30
C GLU C 90 4.04 67.41 36.50
N MET C 91 5.37 67.42 36.41
CA MET C 91 6.14 66.36 35.78
C MET C 91 6.23 65.16 36.73
N GLN C 92 6.42 63.98 36.14
CA GLN C 92 6.50 62.76 36.93
C GLN C 92 7.79 62.02 36.56
N ASP C 93 7.88 61.52 35.32
CA ASP C 93 9.07 60.82 34.82
C ASP C 93 9.43 59.64 35.72
N LEU C 94 8.48 58.73 35.87
CA LEU C 94 8.71 57.53 36.68
C LEU C 94 9.73 56.60 36.01
N GLY C 95 9.54 56.30 34.73
CA GLY C 95 10.45 55.44 33.99
C GLY C 95 11.20 56.16 32.88
N ASP C 96 10.46 56.80 31.98
CA ASP C 96 11.02 57.63 30.93
C ASP C 96 11.24 59.05 31.44
N LYS C 97 12.10 59.78 30.72
CA LYS C 97 12.45 61.15 31.07
C LYS C 97 11.46 62.19 30.56
N LEU C 98 10.34 61.76 29.96
CA LEU C 98 9.31 62.67 29.44
C LEU C 98 7.93 62.06 29.66
N ARG C 99 7.26 62.50 30.71
CA ARG C 99 5.89 62.07 31.03
C ARG C 99 5.13 63.35 31.41
N MET C 100 5.01 64.28 30.48
CA MET C 100 4.28 65.49 30.80
C MET C 100 2.79 65.23 30.88
N ILE C 101 2.11 66.05 31.68
CA ILE C 101 0.65 66.05 31.72
C ILE C 101 0.21 67.22 30.85
N VAL C 102 -0.92 67.03 30.19
CA VAL C 102 -1.54 68.02 29.32
C VAL C 102 -3.01 68.00 29.64
N MET C 103 -3.69 69.06 29.22
CA MET C 103 -5.08 69.26 29.55
C MET C 103 -5.71 70.18 28.51
N GLY C 104 -7.03 70.09 28.42
CA GLY C 104 -7.81 70.97 27.57
C GLY C 104 -8.57 72.01 28.36
N HIS C 105 -8.13 73.27 28.29
CA HIS C 105 -8.76 74.37 29.02
C HIS C 105 -9.20 75.50 28.11
N ARG C 106 -8.26 76.17 27.44
CA ARG C 106 -8.52 77.36 26.64
C ARG C 106 -8.32 77.01 25.17
N ARG C 107 -9.42 76.76 24.46
CA ARG C 107 -9.35 76.49 23.02
C ARG C 107 -9.07 77.74 22.22
N VAL C 108 -8.44 77.53 21.06
CA VAL C 108 -8.08 78.60 20.14
C VAL C 108 -7.91 78.01 18.74
N HIS C 109 -8.03 78.87 17.73
CA HIS C 109 -7.91 78.51 16.31
C HIS C 109 -7.03 79.61 15.71
N ILE C 110 -5.72 79.36 15.65
CA ILE C 110 -4.78 80.37 15.18
C ILE C 110 -5.07 80.74 13.72
N SER C 111 -4.93 82.04 13.42
CA SER C 111 -5.20 82.53 12.06
C SER C 111 -4.20 81.96 11.06
N ARG C 112 -2.93 81.82 11.47
CA ARG C 112 -1.86 81.32 10.59
C ARG C 112 -0.81 80.81 11.56
N GLN C 113 -0.76 79.49 11.71
CA GLN C 113 0.20 78.89 12.62
C GLN C 113 1.65 79.05 12.15
N LEU C 114 1.90 79.20 10.85
CA LEU C 114 3.28 79.46 10.43
C LEU C 114 3.72 80.82 10.96
N GLU C 115 2.78 81.76 11.09
CA GLU C 115 3.03 83.11 11.58
C GLU C 115 3.00 83.11 13.11
N MET C 166 3.75 83.12 19.57
CA MET C 166 2.90 83.25 18.41
C MET C 166 1.58 83.85 18.89
N VAL C 167 1.08 84.84 18.15
CA VAL C 167 -0.15 85.53 18.54
C VAL C 167 -1.31 84.55 18.55
N GLU C 168 -2.21 84.71 19.53
CA GLU C 168 -3.36 83.84 19.68
C GLU C 168 -4.42 84.61 20.47
N VAL C 169 -5.69 84.24 20.27
CA VAL C 169 -6.81 84.93 20.93
C VAL C 169 -7.92 83.93 21.24
N GLU C 170 -8.57 84.13 22.38
CA GLU C 170 -9.62 83.25 22.89
C GLU C 170 -10.99 83.53 22.30
N ASN C 171 -11.13 83.22 21.01
CA ASN C 171 -12.41 83.33 20.29
C ASN C 171 -13.24 82.06 20.55
N VAL C 172 -13.56 81.88 21.83
CA VAL C 172 -14.39 80.75 22.30
C VAL C 172 -15.86 81.15 22.19
N VAL C 173 -16.38 81.13 20.95
CA VAL C 173 -17.78 81.49 20.72
C VAL C 173 -18.63 80.47 21.47
N HIS C 174 -19.72 80.94 22.10
CA HIS C 174 -20.61 80.10 22.90
C HIS C 174 -22.06 80.61 22.84
N GLU C 175 -22.61 80.71 21.63
CA GLU C 175 -23.96 81.23 21.46
C GLU C 175 -25.03 80.29 22.00
N ASP C 176 -26.08 80.88 22.57
CA ASP C 176 -27.21 80.17 23.16
C ASP C 176 -28.44 81.07 23.04
N PHE C 177 -29.61 80.45 22.89
CA PHE C 177 -30.84 81.24 22.77
C PHE C 177 -31.25 81.88 24.11
N GLN C 178 -31.92 83.04 23.99
CA GLN C 178 -32.36 83.78 25.17
C GLN C 178 -33.39 82.96 25.95
N VAL C 179 -34.18 82.15 25.25
CA VAL C 179 -35.21 81.30 25.82
C VAL C 179 -34.52 80.00 26.18
N THR C 180 -34.33 79.75 27.48
CA THR C 180 -33.66 78.54 27.97
C THR C 180 -34.65 77.64 28.72
N GLU C 181 -35.53 77.01 27.94
CA GLU C 181 -36.50 76.03 28.47
C GLU C 181 -36.29 74.69 27.78
N GLU C 182 -36.53 74.60 26.47
CA GLU C 182 -36.20 73.40 25.69
C GLU C 182 -34.73 73.24 25.36
N VAL C 183 -33.89 74.28 25.46
CA VAL C 183 -32.51 74.15 24.98
C VAL C 183 -31.76 73.05 25.72
N LYS C 184 -32.17 72.74 26.95
CA LYS C 184 -31.62 71.62 27.71
C LYS C 184 -32.30 70.29 27.40
N ALA C 185 -33.37 70.28 26.60
CA ALA C 185 -34.04 69.02 26.30
C ALA C 185 -33.13 68.10 25.53
N LEU C 186 -32.23 68.65 24.71
CA LEU C 186 -31.28 67.78 24.04
C LEU C 186 -30.32 67.18 25.06
N THR C 187 -30.08 67.87 26.19
CA THR C 187 -29.14 67.37 27.19
C THR C 187 -29.63 66.07 27.80
N ALA C 188 -30.96 65.93 27.98
CA ALA C 188 -31.48 64.68 28.53
C ALA C 188 -31.19 63.52 27.61
N GLU C 189 -31.41 63.70 26.30
CA GLU C 189 -31.09 62.64 25.37
C GLU C 189 -29.57 62.44 25.28
N ILE C 190 -28.78 63.51 25.41
CA ILE C 190 -27.33 63.37 25.35
C ILE C 190 -26.79 62.60 26.55
N VAL C 191 -27.35 62.80 27.75
CA VAL C 191 -26.87 62.01 28.88
C VAL C 191 -27.40 60.60 28.80
N LYS C 192 -28.63 60.41 28.30
CA LYS C 192 -29.13 59.05 28.12
C LYS C 192 -28.33 58.29 27.06
N THR C 193 -27.86 59.00 26.03
CA THR C 193 -26.96 58.41 25.06
C THR C 193 -25.60 58.10 25.66
N ILE C 194 -25.05 59.03 26.46
CA ILE C 194 -23.75 58.79 27.07
C ILE C 194 -23.84 57.57 27.98
N ARG C 195 -24.98 57.42 28.66
CA ARG C 195 -25.23 56.24 29.48
C ARG C 195 -25.31 54.99 28.63
N ASP C 196 -25.81 55.10 27.40
CA ASP C 196 -25.92 53.91 26.58
C ASP C 196 -24.60 53.52 25.92
N ILE C 197 -23.72 54.50 25.70
CA ILE C 197 -22.41 54.21 25.11
C ILE C 197 -21.49 53.61 26.17
N ILE C 198 -21.52 54.16 27.39
CA ILE C 198 -20.72 53.57 28.45
C ILE C 198 -21.31 52.23 28.87
N ALA C 199 -22.63 52.03 28.70
CA ALA C 199 -23.23 50.76 29.12
C ALA C 199 -22.97 49.64 28.14
N LEU C 200 -23.06 49.89 26.83
CA LEU C 200 -22.69 48.82 25.89
C LEU C 200 -21.18 48.75 25.69
N ASN C 201 -20.47 49.88 25.84
CA ASN C 201 -19.02 49.94 25.68
C ASN C 201 -18.38 50.67 26.85
N PRO C 202 -18.34 50.04 28.03
CA PRO C 202 -17.69 50.71 29.18
C PRO C 202 -16.21 50.92 28.94
N LEU C 203 -15.76 52.15 29.16
CA LEU C 203 -14.37 52.56 29.03
C LEU C 203 -13.82 53.13 30.33
N TYR C 204 -14.44 54.15 30.91
CA TYR C 204 -13.97 54.78 32.15
C TYR C 204 -14.90 54.44 33.31
N ARG C 205 -14.49 54.86 34.50
CA ARG C 205 -15.26 54.60 35.71
C ARG C 205 -16.51 55.46 35.77
N GLU C 206 -17.56 54.90 36.38
CA GLU C 206 -18.86 55.56 36.51
C GLU C 206 -18.95 56.53 37.68
N SER C 207 -17.95 56.55 38.58
CA SER C 207 -18.02 57.45 39.74
C SER C 207 -18.03 58.91 39.30
N VAL C 208 -17.36 59.23 38.18
CA VAL C 208 -17.40 60.61 37.68
C VAL C 208 -18.81 60.98 37.28
N LEU C 209 -19.56 60.02 36.74
CA LEU C 209 -20.97 60.25 36.47
C LEU C 209 -21.75 60.41 37.76
N GLN C 210 -21.34 59.73 38.83
CA GLN C 210 -22.00 59.97 40.10
C GLN C 210 -21.67 61.36 40.61
N MET C 211 -20.50 61.90 40.24
CA MET C 211 -20.13 63.25 40.65
C MET C 211 -20.95 64.30 39.90
N MET C 212 -21.10 64.15 38.56
CA MET C 212 -21.82 65.09 37.72
C MET C 212 -23.19 64.50 37.37
N GLN C 213 -24.24 65.13 37.85
CA GLN C 213 -25.63 64.76 37.57
C GLN C 213 -26.29 66.01 37.01
N ALA C 214 -27.20 65.81 36.04
CA ALA C 214 -27.88 66.95 35.43
C ALA C 214 -28.73 67.71 36.44
N GLY C 215 -29.22 67.05 37.49
CA GLY C 215 -29.91 67.75 38.53
C GLY C 215 -29.04 68.76 39.27
N GLN C 216 -27.74 68.44 39.45
CA GLN C 216 -26.87 69.19 40.36
C GLN C 216 -26.67 70.66 39.97
N ARG C 217 -26.92 71.03 38.72
CA ARG C 217 -26.78 72.42 38.25
C ARG C 217 -25.33 72.93 38.40
N VAL C 218 -24.35 72.03 38.49
CA VAL C 218 -22.93 72.38 38.51
C VAL C 218 -22.30 72.42 37.11
N VAL C 219 -23.07 72.13 36.06
CA VAL C 219 -22.56 72.14 34.70
C VAL C 219 -22.55 73.59 34.20
N ASP C 220 -21.58 74.36 34.67
CA ASP C 220 -21.45 75.75 34.24
C ASP C 220 -21.01 75.87 32.77
N ASN C 221 -20.50 74.79 32.17
CA ASN C 221 -19.96 74.79 30.80
C ASN C 221 -20.60 73.64 30.03
N PRO C 222 -21.87 73.80 29.59
CA PRO C 222 -22.52 72.69 28.86
C PRO C 222 -21.78 72.24 27.62
N ILE C 223 -21.13 73.18 26.90
CA ILE C 223 -20.41 72.80 25.69
C ILE C 223 -19.28 71.85 26.07
N TYR C 224 -18.63 72.11 27.21
CA TYR C 224 -17.59 71.22 27.68
C TYR C 224 -18.19 69.88 28.11
N LEU C 225 -19.45 69.86 28.57
CA LEU C 225 -20.08 68.57 28.86
C LEU C 225 -20.27 67.79 27.56
N SER C 226 -20.71 68.46 26.51
CA SER C 226 -20.86 67.76 25.24
C SER C 226 -19.50 67.33 24.71
N ASP C 227 -18.44 68.09 25.02
CA ASP C 227 -17.11 67.66 24.60
C ASP C 227 -16.65 66.45 25.41
N MET C 228 -16.90 66.43 26.72
CA MET C 228 -16.54 65.27 27.52
C MET C 228 -17.33 64.03 27.11
N GLY C 229 -18.59 64.20 26.71
CA GLY C 229 -19.37 63.05 26.28
C GLY C 229 -19.00 62.58 24.90
N ALA C 230 -18.62 63.51 24.02
CA ALA C 230 -18.09 63.15 22.71
C ALA C 230 -16.69 62.59 22.81
N ALA C 231 -15.97 62.89 23.89
CA ALA C 231 -14.65 62.33 24.12
C ALA C 231 -14.69 60.83 24.29
N LEU C 232 -15.80 60.31 24.79
CA LEU C 232 -15.95 58.86 24.96
C LEU C 232 -15.94 58.14 23.60
N THR C 233 -16.23 58.85 22.51
CA THR C 233 -16.22 58.25 21.18
C THR C 233 -14.83 57.77 20.81
N GLY C 234 -14.76 56.64 20.12
CA GLY C 234 -13.56 56.05 19.59
C GLY C 234 -13.13 56.62 18.26
N ALA C 235 -13.82 57.66 17.79
CA ALA C 235 -13.62 58.24 16.47
C ALA C 235 -12.20 58.77 16.28
N GLU C 236 -11.77 58.75 15.02
CA GLU C 236 -10.46 59.16 14.57
C GLU C 236 -10.19 60.63 14.86
N SER C 237 -8.90 60.98 15.02
CA SER C 237 -8.53 62.37 15.27
C SER C 237 -9.03 63.30 14.16
N HIS C 238 -9.10 62.81 12.92
CA HIS C 238 -9.65 63.62 11.84
C HIS C 238 -11.11 63.94 12.10
N GLU C 239 -11.83 62.99 12.70
CA GLU C 239 -13.22 63.25 13.09
C GLU C 239 -13.25 64.31 14.18
N LEU C 240 -12.25 64.33 15.06
CA LEU C 240 -12.24 65.36 16.09
C LEU C 240 -12.04 66.73 15.44
N GLN C 241 -11.18 66.79 14.42
CA GLN C 241 -11.04 68.06 13.71
C GLN C 241 -12.33 68.41 12.99
N ASP C 242 -13.07 67.41 12.50
CA ASP C 242 -14.33 67.71 11.85
C ASP C 242 -15.34 68.27 12.85
N VAL C 243 -15.34 67.76 14.08
CA VAL C 243 -16.20 68.36 15.08
C VAL C 243 -15.71 69.77 15.39
N LEU C 244 -14.39 70.00 15.36
CA LEU C 244 -13.87 71.34 15.59
C LEU C 244 -14.17 72.30 14.44
N GLU C 245 -14.30 71.80 13.20
CA GLU C 245 -14.63 72.66 12.07
C GLU C 245 -16.03 73.26 12.18
N GLU C 246 -16.97 72.54 12.77
CA GLU C 246 -18.31 73.08 12.90
C GLU C 246 -18.28 74.33 13.78
N THR C 247 -18.97 75.37 13.32
CA THR C 247 -19.10 76.63 14.05
C THR C 247 -20.45 76.76 14.73
N ASN C 248 -21.51 76.36 14.05
CA ASN C 248 -22.84 76.42 14.64
C ASN C 248 -22.97 75.40 15.76
N ILE C 249 -23.61 75.82 16.85
CA ILE C 249 -23.81 74.91 17.99
C ILE C 249 -24.63 73.68 17.59
N PRO C 250 -25.80 73.80 16.94
CA PRO C 250 -26.52 72.57 16.56
C PRO C 250 -25.74 71.66 15.63
N LYS C 251 -24.90 72.21 14.74
CA LYS C 251 -24.15 71.36 13.82
C LYS C 251 -23.06 70.58 14.54
N ARG C 252 -22.30 71.22 15.45
CA ARG C 252 -21.30 70.45 16.18
C ARG C 252 -21.95 69.47 17.15
N LEU C 253 -23.08 69.86 17.76
CA LEU C 253 -23.78 68.91 18.61
C LEU C 253 -24.34 67.72 17.83
N TYR C 254 -24.86 67.96 16.62
CA TYR C 254 -25.34 66.84 15.83
C TYR C 254 -24.18 65.96 15.41
N LYS C 255 -23.04 66.56 15.05
CA LYS C 255 -21.94 65.74 14.56
C LYS C 255 -21.32 64.93 15.68
N ALA C 256 -21.23 65.51 16.88
CA ALA C 256 -20.74 64.74 18.01
C ALA C 256 -21.70 63.61 18.38
N LEU C 257 -23.02 63.87 18.32
CA LEU C 257 -23.97 62.80 18.56
C LEU C 257 -23.94 61.75 17.46
N SER C 258 -23.70 62.16 16.21
CA SER C 258 -23.56 61.21 15.11
C SER C 258 -22.29 60.39 15.20
N LEU C 259 -21.22 60.95 15.78
CA LEU C 259 -20.03 60.14 16.03
C LEU C 259 -20.32 59.14 17.14
N LEU C 260 -21.09 59.56 18.15
CA LEU C 260 -21.45 58.65 19.23
C LEU C 260 -22.28 57.52 18.65
N LYS C 261 -23.20 57.87 17.75
CA LYS C 261 -24.02 56.87 17.07
C LYS C 261 -23.16 55.96 16.19
N LYS C 262 -22.13 56.51 15.54
CA LYS C 262 -21.30 55.72 14.64
C LYS C 262 -20.51 54.66 15.40
N GLU C 263 -19.98 55.04 16.55
CA GLU C 263 -19.32 54.07 17.41
C GLU C 263 -20.32 53.11 18.04
N PHE C 264 -21.56 53.56 18.29
CA PHE C 264 -22.53 52.62 18.83
C PHE C 264 -22.87 51.56 17.78
N GLU C 265 -22.86 51.96 16.50
CA GLU C 265 -23.19 51.05 15.41
C GLU C 265 -22.09 50.02 15.19
N LEU C 266 -20.84 50.50 15.06
CA LEU C 266 -19.73 49.57 14.84
C LEU C 266 -19.51 48.66 16.05
N SER C 267 -19.77 49.19 17.26
CA SER C 267 -19.61 48.38 18.45
C SER C 267 -20.66 47.28 18.48
N LYS C 268 -21.94 47.65 18.31
CA LYS C 268 -22.99 46.63 18.37
C LYS C 268 -22.82 45.60 17.27
N LEU C 269 -22.30 45.99 16.10
CA LEU C 269 -22.06 44.98 15.07
C LEU C 269 -21.02 43.96 15.51
N GLN C 270 -19.94 44.43 16.17
CA GLN C 270 -18.93 43.47 16.59
C GLN C 270 -19.45 42.57 17.70
N GLN C 271 -20.27 43.13 18.59
CA GLN C 271 -20.80 42.34 19.69
C GLN C 271 -21.83 41.32 19.20
N ARG C 272 -22.72 41.73 18.29
CA ARG C 272 -23.70 40.78 17.74
C ARG C 272 -23.01 39.62 17.01
N LEU C 273 -21.97 39.90 16.22
CA LEU C 273 -21.30 38.77 15.56
C LEU C 273 -20.64 37.86 16.59
N GLY C 274 -20.16 38.43 17.70
CA GLY C 274 -19.49 37.60 18.69
C GLY C 274 -20.43 36.74 19.52
N ARG C 275 -21.56 37.32 19.98
CA ARG C 275 -22.54 36.53 20.71
C ARG C 275 -23.14 35.46 19.81
N GLU C 276 -23.29 35.76 18.51
CA GLU C 276 -23.92 34.78 17.63
C GLU C 276 -22.97 33.59 17.45
N VAL C 277 -21.68 33.87 17.26
CA VAL C 277 -20.71 32.79 17.15
C VAL C 277 -20.70 31.96 18.42
N GLU C 278 -20.84 32.63 19.57
CA GLU C 278 -20.81 31.89 20.83
C GLU C 278 -22.00 30.95 20.92
N GLU C 279 -23.18 31.45 20.56
CA GLU C 279 -24.36 30.59 20.51
C GLU C 279 -24.16 29.46 19.50
N LYS C 280 -23.40 29.70 18.43
CA LYS C 280 -23.10 28.62 17.50
C LYS C 280 -22.23 27.54 18.17
N ILE C 281 -21.45 27.93 19.17
CA ILE C 281 -20.74 26.91 19.96
C ILE C 281 -21.73 26.17 20.81
N LYS C 282 -22.66 26.89 21.42
CA LYS C 282 -23.62 26.22 22.27
C LYS C 282 -24.47 25.25 21.46
N GLN C 283 -24.90 25.64 20.26
CA GLN C 283 -25.60 24.69 19.39
C GLN C 283 -24.71 23.51 19.00
N THR C 284 -23.40 23.74 18.90
CA THR C 284 -22.49 22.63 18.67
C THR C 284 -22.57 21.66 19.85
N HIS C 285 -22.20 22.17 21.03
CA HIS C 285 -22.04 21.31 22.19
C HIS C 285 -23.37 20.71 22.61
N ARG C 286 -24.46 21.49 22.60
CA ARG C 286 -25.66 21.03 23.28
C ARG C 286 -26.17 19.78 22.59
N LYS C 287 -26.14 19.82 21.26
CA LYS C 287 -26.57 18.66 20.51
C LYS C 287 -25.62 17.52 20.75
N TYR C 288 -24.33 17.83 21.00
CA TYR C 288 -23.44 16.73 21.34
C TYR C 288 -23.81 16.13 22.69
N LEU C 289 -24.31 16.95 23.62
CA LEU C 289 -24.85 16.40 24.87
C LEU C 289 -26.08 15.56 24.64
N LEU C 290 -26.90 15.92 23.66
CA LEU C 290 -28.04 15.08 23.32
C LEU C 290 -27.59 13.76 22.73
N GLN C 291 -26.64 13.82 21.80
CA GLN C 291 -26.11 12.59 21.22
C GLN C 291 -25.45 11.75 22.30
N GLU C 292 -24.79 12.41 23.24
CA GLU C 292 -24.21 11.75 24.39
C GLU C 292 -25.28 11.06 25.23
N GLN C 293 -26.43 11.71 25.39
CA GLN C 293 -27.54 11.08 26.07
C GLN C 293 -28.05 9.87 25.29
N LEU C 294 -28.05 9.97 23.95
CA LEU C 294 -28.44 8.83 23.12
C LEU C 294 -27.46 7.70 23.39
N LYS C 295 -26.18 8.05 23.58
CA LYS C 295 -25.14 7.04 23.76
C LYS C 295 -25.35 6.35 25.08
N ILE C 296 -25.60 7.12 26.14
CA ILE C 296 -25.80 6.50 27.45
C ILE C 296 -27.08 5.67 27.44
N ILE C 297 -28.08 6.04 26.65
CA ILE C 297 -29.32 5.28 26.66
C ILE C 297 -29.11 3.97 25.92
N LYS C 298 -28.37 4.03 24.82
CA LYS C 298 -28.10 2.84 24.03
C LYS C 298 -27.10 1.97 24.77
N LYS C 299 -26.20 2.58 25.53
CA LYS C 299 -25.24 1.81 26.28
C LYS C 299 -25.88 1.17 27.50
N GLU C 300 -27.01 1.74 27.98
CA GLU C 300 -27.65 1.18 29.15
C GLU C 300 -28.73 0.18 28.80
N LEU C 301 -29.32 0.28 27.60
CA LEU C 301 -30.36 -0.67 27.21
C LEU C 301 -30.31 -1.02 25.73
N GLY C 302 -29.41 -0.41 24.96
CA GLY C 302 -29.34 -0.65 23.54
C GLY C 302 -28.37 -1.69 23.02
N LEU C 303 -27.06 -1.54 23.26
CA LEU C 303 -26.16 -2.54 22.70
C LEU C 303 -25.65 -3.57 23.70
N GLU C 304 -26.55 -4.13 24.52
CA GLU C 304 -26.22 -5.19 25.50
C GLU C 304 -24.97 -4.91 26.35
N LYS C 305 -24.64 -3.64 26.62
CA LYS C 305 -23.49 -3.23 27.44
C LYS C 305 -22.17 -3.89 27.02
N ASP C 306 -21.69 -3.50 25.84
CA ASP C 306 -20.44 -4.05 25.32
C ASP C 306 -19.27 -3.51 26.15
N ASP C 307 -18.45 -4.41 26.71
CA ASP C 307 -17.32 -3.95 27.51
C ASP C 307 -16.19 -4.98 27.55
N LYS C 308 -15.10 -4.53 28.17
CA LYS C 308 -13.89 -5.34 28.35
C LYS C 308 -14.21 -6.69 28.98
N ASP C 309 -14.93 -6.66 30.09
CA ASP C 309 -15.25 -7.89 30.79
C ASP C 309 -16.30 -8.70 30.05
N ALA C 310 -17.03 -8.08 29.14
CA ALA C 310 -18.04 -8.85 28.45
C ALA C 310 -17.36 -9.67 27.38
N ILE C 311 -16.48 -9.04 26.60
CA ILE C 311 -15.81 -9.80 25.57
C ILE C 311 -14.91 -10.83 26.24
N GLU C 312 -14.34 -10.48 27.40
CA GLU C 312 -13.52 -11.43 28.15
C GLU C 312 -14.37 -12.63 28.56
N GLU C 313 -15.61 -12.39 28.94
CA GLU C 313 -16.42 -13.50 29.36
C GLU C 313 -16.75 -14.36 28.16
N LYS C 314 -17.30 -13.74 27.10
CA LYS C 314 -17.79 -14.51 25.94
C LYS C 314 -16.70 -15.38 25.35
N PHE C 315 -15.47 -14.90 25.38
CA PHE C 315 -14.34 -15.76 25.05
C PHE C 315 -14.23 -16.89 26.06
N ARG C 316 -14.24 -16.55 27.35
CA ARG C 316 -14.06 -17.56 28.39
C ARG C 316 -15.10 -18.67 28.26
N GLU C 317 -16.37 -18.27 28.14
CA GLU C 317 -17.43 -19.25 27.99
C GLU C 317 -17.25 -20.05 26.72
N ARG C 318 -16.74 -19.41 25.67
CA ARG C 318 -16.53 -20.14 24.44
C ARG C 318 -15.47 -21.21 24.62
N LEU C 319 -14.50 -20.97 25.49
CA LEU C 319 -13.40 -21.92 25.67
C LEU C 319 -13.80 -23.21 26.37
N LYS C 320 -14.87 -23.20 27.16
CA LYS C 320 -15.09 -24.26 28.15
C LYS C 320 -15.27 -25.62 27.50
N GLU C 321 -16.16 -25.71 26.52
CA GLU C 321 -16.49 -26.99 25.91
C GLU C 321 -15.29 -27.63 25.26
N LEU C 322 -14.39 -26.81 24.73
CA LEU C 322 -13.17 -27.33 24.14
C LEU C 322 -12.28 -27.91 25.22
N VAL C 323 -11.54 -28.94 24.87
CA VAL C 323 -10.50 -29.50 25.71
C VAL C 323 -9.18 -28.99 25.16
N VAL C 324 -8.79 -27.80 25.61
CA VAL C 324 -7.64 -27.12 25.04
C VAL C 324 -6.35 -27.82 25.46
N PRO C 325 -5.32 -27.82 24.64
CA PRO C 325 -4.01 -28.20 25.16
C PRO C 325 -3.59 -27.23 26.22
N LYS C 326 -2.94 -27.74 27.26
CA LYS C 326 -2.51 -26.91 28.38
C LYS C 326 -1.58 -25.82 27.92
N HIS C 327 -0.82 -26.07 26.86
CA HIS C 327 0.12 -25.08 26.35
C HIS C 327 -0.61 -23.79 25.99
N VAL C 328 -1.50 -23.84 25.00
CA VAL C 328 -2.11 -22.61 24.50
C VAL C 328 -2.97 -21.91 25.54
N MET C 329 -3.45 -22.64 26.54
CA MET C 329 -4.27 -22.02 27.56
C MET C 329 -3.52 -20.91 28.28
N ASP C 330 -2.21 -21.07 28.46
CA ASP C 330 -1.47 -20.03 29.17
C ASP C 330 -1.32 -18.79 28.31
N VAL C 331 -1.06 -18.97 27.01
CA VAL C 331 -0.95 -17.82 26.13
C VAL C 331 -2.26 -17.08 26.12
N VAL C 332 -3.37 -17.81 26.14
CA VAL C 332 -4.64 -17.12 26.19
C VAL C 332 -4.81 -16.38 27.50
N ASP C 333 -4.38 -16.96 28.61
CA ASP C 333 -4.57 -16.28 29.89
C ASP C 333 -3.75 -15.02 29.98
N GLU C 334 -2.57 -15.03 29.36
CA GLU C 334 -1.80 -13.81 29.35
C GLU C 334 -2.48 -12.79 28.47
N GLU C 335 -2.95 -13.20 27.28
CA GLU C 335 -3.57 -12.22 26.40
C GLU C 335 -4.83 -11.65 27.04
N LEU C 336 -5.52 -12.43 27.85
CA LEU C 336 -6.72 -11.93 28.51
C LEU C 336 -6.39 -10.84 29.49
N SER C 337 -5.34 -11.04 30.29
CA SER C 337 -4.96 -9.96 31.19
C SER C 337 -4.48 -8.74 30.41
N LYS C 338 -3.72 -8.96 29.35
CA LYS C 338 -3.22 -7.86 28.55
C LYS C 338 -4.35 -7.10 27.88
N LEU C 339 -5.42 -7.80 27.57
CA LEU C 339 -6.60 -7.11 27.07
C LEU C 339 -7.23 -6.26 28.15
N GLY C 340 -7.43 -6.85 29.33
CA GLY C 340 -8.17 -6.15 30.37
C GLY C 340 -7.47 -4.89 30.83
N LEU C 341 -6.14 -4.94 30.90
CA LEU C 341 -5.42 -3.73 31.25
C LEU C 341 -5.50 -2.68 30.16
N LEU C 342 -5.56 -3.09 28.91
CA LEU C 342 -5.45 -2.14 27.82
C LEU C 342 -6.66 -1.22 27.75
N ASP C 343 -6.42 0.04 27.38
CA ASP C 343 -7.51 0.99 27.17
C ASP C 343 -8.42 0.53 26.02
N ASN C 344 -9.72 0.83 26.18
CA ASN C 344 -10.75 0.25 25.33
C ASN C 344 -10.53 0.58 23.85
N HIS C 345 -10.42 1.85 23.51
CA HIS C 345 -10.35 2.27 22.11
C HIS C 345 -8.90 2.54 21.76
N SER C 346 -8.26 1.61 21.06
CA SER C 346 -6.93 1.86 20.55
C SER C 346 -6.56 0.76 19.58
N SER C 347 -5.64 1.08 18.65
CA SER C 347 -5.27 0.15 17.59
C SER C 347 -4.71 -1.15 18.16
N GLU C 348 -4.02 -1.05 19.29
CA GLU C 348 -3.54 -2.27 19.89
C GLU C 348 -4.72 -3.10 20.35
N PHE C 349 -5.79 -2.45 20.83
CA PHE C 349 -6.85 -3.23 21.44
C PHE C 349 -7.55 -4.05 20.39
N ASN C 350 -7.93 -3.42 19.27
CA ASN C 350 -8.69 -4.17 18.28
C ASN C 350 -7.85 -5.30 17.73
N VAL C 351 -6.52 -5.07 17.55
CA VAL C 351 -5.66 -6.16 17.11
C VAL C 351 -5.75 -7.31 18.09
N THR C 352 -5.35 -7.08 19.35
CA THR C 352 -5.27 -8.18 20.31
C THR C 352 -6.62 -8.85 20.49
N ARG C 353 -7.70 -8.10 20.43
CA ARG C 353 -9.01 -8.72 20.52
C ARG C 353 -9.23 -9.64 19.35
N ASN C 354 -8.78 -9.24 18.16
CA ASN C 354 -8.97 -10.09 17.01
C ASN C 354 -8.17 -11.37 17.13
N TYR C 355 -6.91 -11.24 17.50
CA TYR C 355 -6.06 -12.42 17.60
C TYR C 355 -6.56 -13.37 18.66
N LEU C 356 -7.08 -12.84 19.74
CA LEU C 356 -7.64 -13.74 20.72
C LEU C 356 -8.91 -14.36 20.20
N ASP C 357 -9.67 -13.64 19.38
CA ASP C 357 -10.89 -14.22 18.83
C ASP C 357 -10.52 -15.43 18.00
N TRP C 358 -9.47 -15.31 17.19
CA TRP C 358 -9.11 -16.46 16.38
C TRP C 358 -8.68 -17.61 17.26
N LEU C 359 -7.95 -17.33 18.34
CA LEU C 359 -7.50 -18.44 19.19
C LEU C 359 -8.67 -19.18 19.81
N THR C 360 -9.75 -18.50 20.14
CA THR C 360 -10.90 -19.22 20.65
C THR C 360 -11.66 -19.92 19.55
N SER C 361 -11.69 -19.34 18.34
CA SER C 361 -12.47 -19.93 17.28
C SER C 361 -11.96 -21.29 16.85
N ILE C 362 -10.65 -21.52 16.91
CA ILE C 362 -10.13 -22.80 16.42
C ILE C 362 -10.65 -23.92 17.32
N PRO C 363 -11.28 -24.96 16.80
CA PRO C 363 -11.63 -26.08 17.66
C PRO C 363 -10.37 -26.72 18.19
N TRP C 364 -10.46 -27.19 19.42
CA TRP C 364 -9.35 -27.87 20.08
C TRP C 364 -9.91 -29.16 20.66
N GLY C 365 -9.57 -30.27 20.04
CA GLY C 365 -10.00 -31.55 20.52
C GLY C 365 -11.39 -31.98 20.10
N LYS C 366 -12.13 -31.17 19.36
CA LYS C 366 -13.39 -31.62 18.82
C LYS C 366 -13.15 -32.60 17.70
N TYR C 367 -14.01 -33.60 17.58
CA TYR C 367 -13.87 -34.68 16.60
C TYR C 367 -15.24 -35.00 16.05
N SER C 368 -15.53 -34.53 14.85
CA SER C 368 -16.75 -34.94 14.20
C SER C 368 -16.69 -36.44 14.05
N ASN C 369 -17.77 -37.12 14.41
CA ASN C 369 -17.72 -38.56 14.63
C ASN C 369 -17.34 -39.24 13.33
N GLU C 370 -16.39 -40.16 13.42
CA GLU C 370 -16.04 -40.97 12.26
C GLU C 370 -16.93 -42.20 12.27
N ASN C 371 -17.49 -42.52 11.12
CA ASN C 371 -18.29 -43.72 11.04
C ASN C 371 -17.36 -44.90 11.21
N LEU C 372 -17.91 -46.01 11.68
CA LEU C 372 -17.15 -47.21 11.92
C LEU C 372 -17.57 -48.40 11.09
N ASP C 373 -18.85 -48.55 10.78
CA ASP C 373 -19.36 -49.76 10.14
C ASP C 373 -18.67 -49.95 8.79
N LEU C 374 -18.31 -51.19 8.47
CA LEU C 374 -17.62 -51.44 7.21
C LEU C 374 -18.57 -51.53 6.03
N ALA C 375 -19.39 -52.59 5.97
CA ALA C 375 -20.18 -52.84 4.79
C ALA C 375 -21.15 -51.71 4.51
N ARG C 376 -21.69 -51.12 5.57
CA ARG C 376 -22.56 -49.96 5.41
C ARG C 376 -21.79 -48.80 4.81
N ALA C 377 -20.50 -48.69 5.12
CA ALA C 377 -19.67 -47.71 4.43
C ALA C 377 -19.35 -48.16 3.03
N GLN C 378 -19.19 -49.47 2.82
CA GLN C 378 -18.88 -49.97 1.48
C GLN C 378 -19.98 -49.61 0.52
N ALA C 379 -21.22 -49.60 1.00
CA ALA C 379 -22.33 -49.22 0.13
C ALA C 379 -22.16 -47.81 -0.36
N VAL C 380 -21.96 -46.87 0.56
CA VAL C 380 -21.89 -45.48 0.15
C VAL C 380 -20.64 -45.19 -0.65
N LEU C 381 -19.59 -45.98 -0.47
CA LEU C 381 -18.40 -45.83 -1.32
C LEU C 381 -18.52 -46.55 -2.64
N GLU C 382 -19.54 -47.38 -2.83
CA GLU C 382 -19.67 -48.14 -4.05
C GLU C 382 -20.71 -47.58 -4.99
N GLU C 383 -21.85 -47.16 -4.45
CA GLU C 383 -22.97 -46.87 -5.33
C GLU C 383 -22.68 -45.74 -6.30
N ASP C 384 -21.91 -44.73 -5.89
CA ASP C 384 -21.81 -43.52 -6.70
C ASP C 384 -20.54 -43.47 -7.53
N HIS C 385 -19.79 -44.56 -7.66
CA HIS C 385 -18.59 -44.54 -8.49
C HIS C 385 -18.28 -45.98 -8.84
N TYR C 386 -18.42 -46.34 -10.12
CA TYR C 386 -18.21 -47.73 -10.48
C TYR C 386 -16.75 -48.08 -10.44
N GLY C 387 -16.47 -49.34 -10.12
CA GLY C 387 -15.14 -49.88 -10.24
C GLY C 387 -14.17 -49.17 -9.33
N MET C 388 -13.00 -48.87 -9.87
CA MET C 388 -11.85 -48.36 -9.14
C MET C 388 -11.72 -49.08 -7.81
N GLU C 389 -11.49 -50.39 -7.94
CA GLU C 389 -11.40 -51.26 -6.78
C GLU C 389 -10.27 -50.85 -5.86
N ASP C 390 -9.19 -50.29 -6.41
CA ASP C 390 -8.02 -50.02 -5.58
C ASP C 390 -8.36 -49.03 -4.49
N VAL C 391 -8.88 -47.88 -4.86
CA VAL C 391 -9.10 -46.86 -3.84
C VAL C 391 -10.28 -47.25 -2.95
N LYS C 392 -11.31 -47.84 -3.54
CA LYS C 392 -12.42 -48.31 -2.73
C LYS C 392 -12.02 -49.40 -1.78
N LYS C 393 -10.94 -50.10 -2.07
CA LYS C 393 -10.42 -51.08 -1.13
C LYS C 393 -9.57 -50.41 -0.08
N ARG C 394 -8.79 -49.40 -0.50
CA ARG C 394 -7.88 -48.76 0.42
C ARG C 394 -8.62 -48.11 1.56
N ILE C 395 -9.61 -47.28 1.24
CA ILE C 395 -10.32 -46.59 2.30
C ILE C 395 -11.03 -47.58 3.18
N LEU C 396 -11.46 -48.68 2.60
CA LEU C 396 -12.12 -49.68 3.40
C LEU C 396 -11.18 -50.29 4.41
N GLU C 397 -9.93 -50.56 3.99
CA GLU C 397 -8.95 -51.06 4.94
C GLU C 397 -8.71 -50.06 6.03
N PHE C 398 -8.62 -48.79 5.65
CA PHE C 398 -8.30 -47.77 6.62
C PHE C 398 -9.37 -47.68 7.67
N ILE C 399 -10.64 -47.67 7.26
CA ILE C 399 -11.68 -47.62 8.29
C ILE C 399 -11.64 -48.88 9.13
N ALA C 400 -11.25 -50.02 8.56
CA ALA C 400 -11.16 -51.21 9.39
C ALA C 400 -10.13 -51.04 10.48
N VAL C 401 -9.04 -50.34 10.16
CA VAL C 401 -8.05 -50.10 11.19
C VAL C 401 -8.58 -49.13 12.20
N SER C 402 -9.11 -47.99 11.74
CA SER C 402 -9.55 -46.97 12.67
C SER C 402 -10.63 -47.50 13.58
N GLN C 403 -11.50 -48.38 13.08
CA GLN C 403 -12.45 -49.02 13.97
C GLN C 403 -11.74 -49.90 14.98
N LEU C 404 -10.57 -50.44 14.61
CA LEU C 404 -9.98 -51.43 15.48
C LEU C 404 -9.29 -50.75 16.65
N ARG C 405 -8.49 -49.73 16.39
CA ARG C 405 -7.71 -49.08 17.43
C ARG C 405 -8.43 -47.87 18.00
N GLY C 406 -9.69 -48.01 18.37
CA GLY C 406 -10.38 -46.95 19.08
C GLY C 406 -10.39 -45.62 18.36
N SER C 407 -9.57 -44.69 18.85
CA SER C 407 -9.67 -43.30 18.46
C SER C 407 -9.35 -43.08 16.99
N THR C 408 -10.01 -42.07 16.43
CA THR C 408 -9.80 -41.71 15.02
C THR C 408 -8.36 -41.33 14.80
N GLN C 409 -7.88 -41.59 13.59
CA GLN C 409 -6.50 -41.30 13.26
C GLN C 409 -6.39 -40.98 11.79
N GLY C 410 -5.56 -40.01 11.50
CA GLY C 410 -5.35 -39.57 10.14
C GLY C 410 -4.29 -40.35 9.43
N LYS C 411 -4.14 -40.05 8.15
CA LYS C 411 -3.08 -40.61 7.36
C LYS C 411 -2.80 -39.58 6.28
N ILE C 412 -2.14 -39.98 5.20
CA ILE C 412 -1.97 -39.12 4.05
C ILE C 412 -1.82 -40.04 2.86
N LEU C 413 -2.21 -39.56 1.69
CA LEU C 413 -2.10 -40.36 0.48
C LEU C 413 -2.36 -39.45 -0.71
N CYS C 414 -2.11 -40.00 -1.90
CA CYS C 414 -2.22 -39.22 -3.11
C CYS C 414 -2.62 -40.10 -4.25
N PHE C 415 -3.26 -39.52 -5.26
CA PHE C 415 -3.73 -40.23 -6.44
C PHE C 415 -3.08 -39.67 -7.68
N TYR C 416 -2.93 -40.53 -8.69
CA TYR C 416 -2.33 -40.05 -9.92
C TYR C 416 -2.71 -40.97 -11.05
N GLY C 417 -2.85 -40.40 -12.24
CA GLY C 417 -3.29 -41.16 -13.38
C GLY C 417 -3.77 -40.28 -14.52
N PRO C 418 -4.36 -40.89 -15.55
CA PRO C 418 -4.83 -40.11 -16.68
C PRO C 418 -5.97 -39.17 -16.27
N PRO C 419 -6.10 -38.02 -16.91
CA PRO C 419 -7.19 -37.09 -16.55
C PRO C 419 -8.55 -37.69 -16.79
N GLY C 420 -9.50 -37.33 -15.94
CA GLY C 420 -10.86 -37.75 -16.13
C GLY C 420 -11.21 -39.10 -15.58
N VAL C 421 -10.30 -39.75 -14.88
CA VAL C 421 -10.62 -41.05 -14.30
C VAL C 421 -11.50 -40.92 -13.08
N GLY C 422 -11.77 -39.71 -12.58
CA GLY C 422 -12.56 -39.51 -11.40
C GLY C 422 -11.80 -39.24 -10.14
N LYS C 423 -10.48 -39.01 -10.24
CA LYS C 423 -9.63 -38.79 -9.07
C LYS C 423 -10.22 -37.73 -8.18
N THR C 424 -10.51 -36.55 -8.74
CA THR C 424 -11.16 -35.54 -7.93
C THR C 424 -12.56 -35.95 -7.54
N SER C 425 -13.23 -36.74 -8.38
CA SER C 425 -14.63 -37.02 -8.16
C SER C 425 -14.88 -37.83 -6.92
N ILE C 426 -13.95 -38.72 -6.57
CA ILE C 426 -14.21 -39.65 -5.50
C ILE C 426 -14.17 -39.00 -4.14
N ALA C 427 -13.54 -37.83 -4.02
CA ALA C 427 -13.24 -37.29 -2.71
C ALA C 427 -14.50 -37.04 -1.90
N ARG C 428 -15.46 -36.36 -2.50
CA ARG C 428 -16.68 -36.04 -1.77
C ARG C 428 -17.41 -37.30 -1.38
N SER C 429 -17.36 -38.32 -2.24
CA SER C 429 -17.97 -39.58 -1.87
C SER C 429 -17.27 -40.17 -0.67
N ILE C 430 -15.96 -40.02 -0.59
CA ILE C 430 -15.25 -40.53 0.58
C ILE C 430 -15.75 -39.82 1.81
N ALA C 431 -15.73 -38.49 1.77
CA ALA C 431 -16.08 -37.71 2.96
C ALA C 431 -17.46 -38.02 3.43
N ARG C 432 -18.38 -38.29 2.51
CA ARG C 432 -19.68 -38.76 2.93
C ARG C 432 -19.60 -40.17 3.51
N ALA C 433 -18.64 -40.96 3.07
CA ALA C 433 -18.60 -42.33 3.55
C ALA C 433 -18.09 -42.40 4.98
N LEU C 434 -16.97 -41.76 5.25
CA LEU C 434 -16.36 -41.78 6.56
C LEU C 434 -16.95 -40.77 7.52
N ASN C 435 -17.75 -39.83 7.02
CA ASN C 435 -18.44 -38.79 7.76
C ASN C 435 -17.58 -37.60 8.09
N ARG C 436 -16.29 -37.58 7.76
CA ARG C 436 -15.51 -36.37 7.97
C ARG C 436 -16.02 -35.24 7.11
N GLU C 437 -16.00 -34.03 7.64
CA GLU C 437 -16.42 -32.86 6.87
C GLU C 437 -15.45 -32.56 5.74
N TYR C 438 -15.99 -32.29 4.57
CA TYR C 438 -15.22 -32.06 3.37
C TYR C 438 -14.64 -30.66 3.35
N PHE C 439 -13.54 -30.51 2.62
CA PHE C 439 -13.08 -29.20 2.20
C PHE C 439 -12.09 -29.45 1.08
N ARG C 440 -11.99 -28.49 0.17
CA ARG C 440 -11.09 -28.58 -0.95
C ARG C 440 -10.47 -27.22 -1.15
N PHE C 441 -9.28 -27.19 -1.73
CA PHE C 441 -8.73 -25.92 -2.17
C PHE C 441 -7.65 -26.21 -3.17
N SER C 442 -7.89 -25.78 -4.40
CA SER C 442 -6.91 -26.01 -5.43
C SER C 442 -5.66 -25.26 -5.08
N VAL C 443 -4.52 -25.86 -5.37
CA VAL C 443 -3.23 -25.20 -5.29
C VAL C 443 -2.69 -24.86 -6.65
N GLY C 444 -3.37 -25.23 -7.74
CA GLY C 444 -2.84 -25.08 -9.07
C GLY C 444 -2.47 -23.65 -9.38
N GLY C 445 -1.22 -23.43 -9.73
CA GLY C 445 -0.77 -22.13 -10.14
C GLY C 445 -0.51 -21.17 -9.00
N MET C 446 -0.78 -21.56 -7.75
CA MET C 446 -0.52 -20.70 -6.63
C MET C 446 0.97 -20.47 -6.51
N THR C 447 1.34 -19.28 -6.09
CA THR C 447 2.72 -18.93 -5.85
C THR C 447 2.97 -18.32 -4.50
N ASP C 448 2.07 -17.49 -4.01
CA ASP C 448 2.29 -16.82 -2.75
C ASP C 448 2.27 -17.87 -1.64
N VAL C 449 3.41 -18.07 -1.00
CA VAL C 449 3.46 -19.07 0.06
C VAL C 449 2.62 -18.67 1.25
N ALA C 450 2.39 -17.36 1.47
CA ALA C 450 1.69 -16.92 2.66
C ALA C 450 0.30 -17.49 2.75
N GLU C 451 -0.28 -17.88 1.62
CA GLU C 451 -1.64 -18.38 1.62
C GLU C 451 -1.77 -19.63 2.46
N ILE C 452 -0.69 -20.41 2.61
CA ILE C 452 -0.67 -21.58 3.48
C ILE C 452 0.08 -21.33 4.77
N LYS C 453 0.47 -20.08 5.04
CA LYS C 453 1.07 -19.73 6.31
C LYS C 453 0.68 -18.36 6.85
N GLY C 454 -0.21 -17.62 6.20
CA GLY C 454 -0.67 -16.38 6.80
C GLY C 454 0.42 -15.32 6.85
N HIS C 455 0.32 -14.42 7.82
CA HIS C 455 1.25 -13.32 7.96
C HIS C 455 1.45 -13.02 9.43
N ARG C 456 2.41 -12.13 9.70
CA ARG C 456 2.95 -11.97 11.04
C ARG C 456 1.96 -11.51 12.09
N ARG C 457 0.83 -10.91 11.71
CA ARG C 457 -0.24 -10.30 12.51
C ARG C 457 0.09 -8.91 12.99
N THR C 458 1.33 -8.45 12.90
CA THR C 458 1.52 -7.04 13.17
C THR C 458 1.20 -6.19 11.94
N TYR C 459 0.99 -6.81 10.79
CA TYR C 459 0.52 -6.12 9.60
C TYR C 459 -0.95 -5.79 9.78
N VAL C 460 -1.42 -4.78 9.04
CA VAL C 460 -2.75 -4.22 9.29
C VAL C 460 -3.86 -5.26 9.17
N GLY C 461 -3.95 -5.92 8.02
CA GLY C 461 -5.05 -6.83 7.75
C GLY C 461 -4.73 -8.30 7.81
N ALA C 462 -3.60 -8.69 8.38
CA ALA C 462 -3.13 -10.06 8.27
C ALA C 462 -4.13 -11.04 8.85
N MET C 463 -4.29 -12.16 8.16
CA MET C 463 -5.16 -13.24 8.56
C MET C 463 -4.41 -14.55 8.43
N PRO C 464 -4.79 -15.56 9.21
CA PRO C 464 -4.02 -16.79 9.26
C PRO C 464 -4.10 -17.52 7.95
N GLY C 465 -3.10 -18.36 7.71
CA GLY C 465 -2.98 -19.15 6.50
C GLY C 465 -4.25 -19.91 6.13
N LYS C 466 -4.28 -20.46 4.92
CA LYS C 466 -5.50 -21.04 4.38
C LYS C 466 -6.06 -22.12 5.28
N ILE C 467 -5.22 -23.07 5.68
CA ILE C 467 -5.71 -24.29 6.33
C ILE C 467 -6.43 -23.94 7.62
N ILE C 468 -5.93 -22.94 8.33
CA ILE C 468 -6.62 -22.55 9.54
C ILE C 468 -7.98 -21.96 9.18
N GLN C 469 -8.08 -21.23 8.07
CA GLN C 469 -9.39 -20.77 7.66
C GLN C 469 -10.27 -21.94 7.31
N CYS C 470 -9.68 -22.97 6.73
CA CYS C 470 -10.45 -24.19 6.46
C CYS C 470 -10.94 -24.82 7.73
N LEU C 471 -10.18 -24.69 8.78
CA LEU C 471 -10.48 -25.47 9.95
C LEU C 471 -11.47 -24.77 10.84
N LYS C 472 -11.40 -23.44 10.94
CA LYS C 472 -12.37 -22.75 11.77
C LYS C 472 -13.77 -22.88 11.23
N LYS C 473 -13.89 -22.91 9.92
CA LYS C 473 -15.22 -22.96 9.32
C LYS C 473 -15.94 -24.27 9.55
N THR C 474 -15.19 -25.36 9.69
CA THR C 474 -15.73 -26.71 9.83
C THR C 474 -15.17 -27.27 11.12
N LYS C 475 -16.04 -27.43 12.11
CA LYS C 475 -15.57 -27.49 13.50
C LYS C 475 -14.66 -28.67 13.79
N THR C 476 -14.67 -29.68 12.95
CA THR C 476 -13.85 -30.85 13.15
C THR C 476 -12.38 -30.46 13.27
N GLU C 477 -11.65 -31.19 14.11
CA GLU C 477 -10.20 -31.19 14.02
C GLU C 477 -9.71 -32.16 12.95
N ASN C 478 -10.59 -32.94 12.34
CA ASN C 478 -10.21 -33.91 11.31
C ASN C 478 -11.09 -33.74 10.08
N PRO C 479 -10.98 -32.62 9.40
CA PRO C 479 -11.56 -32.50 8.07
C PRO C 479 -10.74 -33.27 7.08
N LEU C 480 -11.35 -33.57 5.95
CA LEU C 480 -10.72 -34.23 4.82
C LEU C 480 -10.26 -33.19 3.82
N ILE C 481 -9.13 -32.54 4.09
CA ILE C 481 -8.63 -31.58 3.13
C ILE C 481 -8.30 -32.33 1.87
N LEU C 482 -8.53 -31.70 0.74
CA LEU C 482 -8.36 -32.30 -0.58
C LEU C 482 -7.55 -31.33 -1.41
N ILE C 483 -6.24 -31.37 -1.25
CA ILE C 483 -5.39 -30.58 -2.11
C ILE C 483 -5.67 -31.08 -3.52
N ASP C 484 -5.56 -30.19 -4.51
CA ASP C 484 -5.87 -30.53 -5.89
C ASP C 484 -4.74 -30.07 -6.78
N GLU C 485 -4.41 -30.88 -7.78
CA GLU C 485 -3.44 -30.55 -8.81
C GLU C 485 -2.11 -30.12 -8.23
N VAL C 486 -1.50 -31.01 -7.46
CA VAL C 486 -0.24 -30.69 -6.81
C VAL C 486 0.85 -30.37 -7.83
N ASP C 487 0.79 -30.98 -9.02
CA ASP C 487 1.87 -30.86 -9.99
C ASP C 487 2.13 -29.43 -10.42
N LYS C 488 1.10 -28.60 -10.37
CA LYS C 488 1.12 -27.32 -11.04
C LYS C 488 1.15 -26.17 -10.04
N ILE C 489 1.76 -26.40 -8.90
CA ILE C 489 2.07 -25.32 -7.99
C ILE C 489 3.09 -24.40 -8.64
N GLY C 490 2.99 -23.12 -8.31
CA GLY C 490 3.90 -22.15 -8.87
C GLY C 490 5.30 -22.33 -8.33
N ARG C 491 6.29 -21.84 -9.08
CA ARG C 491 7.67 -22.03 -8.71
C ARG C 491 8.57 -21.07 -9.49
N GLY C 492 9.76 -20.84 -8.95
CA GLY C 492 10.86 -20.25 -9.68
C GLY C 492 10.94 -18.74 -9.72
N TYR C 493 9.99 -18.00 -9.14
CA TYR C 493 10.09 -16.54 -9.05
C TYR C 493 9.64 -15.97 -7.71
N GLN C 494 8.93 -16.72 -6.88
CA GLN C 494 8.56 -16.27 -5.55
C GLN C 494 8.56 -17.50 -4.67
N GLY C 495 8.39 -17.28 -3.36
CA GLY C 495 8.51 -18.31 -2.34
C GLY C 495 7.67 -19.52 -2.68
N ASP C 496 8.36 -20.58 -3.07
CA ASP C 496 7.68 -21.72 -3.64
C ASP C 496 6.78 -22.36 -2.60
N PRO C 497 5.51 -22.64 -2.90
CA PRO C 497 4.69 -23.34 -1.92
C PRO C 497 5.25 -24.68 -1.55
N SER C 498 5.98 -25.33 -2.48
CA SER C 498 6.55 -26.62 -2.17
C SER C 498 7.50 -26.56 -1.01
N SER C 499 8.15 -25.44 -0.79
CA SER C 499 9.01 -25.35 0.36
C SER C 499 8.22 -25.45 1.65
N ALA C 500 6.98 -25.00 1.65
CA ALA C 500 6.17 -25.00 2.85
C ALA C 500 5.42 -26.29 3.06
N LEU C 501 4.98 -26.92 1.99
CA LEU C 501 4.11 -28.07 2.11
C LEU C 501 4.73 -29.21 2.87
N LEU C 502 6.07 -29.31 2.86
CA LEU C 502 6.72 -30.39 3.59
C LEU C 502 6.36 -30.35 5.05
N GLU C 503 6.17 -29.16 5.60
CA GLU C 503 5.83 -29.04 7.02
C GLU C 503 4.47 -29.61 7.29
N LEU C 504 3.57 -29.51 6.33
CA LEU C 504 2.26 -30.05 6.54
C LEU C 504 2.31 -31.54 6.39
N LEU C 505 2.87 -31.99 5.29
CA LEU C 505 2.69 -33.36 4.87
C LEU C 505 3.63 -34.34 5.54
N ASP C 506 4.54 -33.87 6.39
CA ASP C 506 5.39 -34.79 7.11
C ASP C 506 4.46 -35.67 7.94
N PRO C 507 4.57 -37.00 7.85
CA PRO C 507 3.59 -37.87 8.50
C PRO C 507 3.50 -37.68 9.99
N GLU C 508 4.62 -37.36 10.64
CA GLU C 508 4.68 -37.27 12.09
C GLU C 508 4.90 -35.86 12.60
N GLN C 509 5.76 -35.08 11.94
CA GLN C 509 6.13 -33.77 12.45
C GLN C 509 5.04 -32.74 12.25
N ASN C 510 4.03 -33.04 11.41
CA ASN C 510 2.90 -32.14 11.24
C ASN C 510 2.21 -31.80 12.54
N ALA C 511 2.34 -32.65 13.56
CA ALA C 511 1.69 -32.45 14.83
C ALA C 511 2.07 -31.12 15.47
N ASN C 512 3.17 -30.49 15.06
CA ASN C 512 3.53 -29.17 15.53
C ASN C 512 3.59 -28.19 14.39
N PHE C 513 2.61 -28.26 13.50
CA PHE C 513 2.51 -27.26 12.46
C PHE C 513 2.34 -25.92 13.11
N LEU C 514 3.06 -24.93 12.62
CA LEU C 514 3.15 -23.63 13.27
C LEU C 514 2.86 -22.52 12.28
N ASP C 515 1.70 -21.90 12.43
CA ASP C 515 1.21 -20.90 11.50
C ASP C 515 1.63 -19.54 11.97
N HIS C 516 2.10 -18.71 11.03
CA HIS C 516 2.69 -17.45 11.39
C HIS C 516 1.74 -16.58 12.19
N TYR C 517 0.47 -16.49 11.77
CA TYR C 517 -0.45 -15.57 12.39
C TYR C 517 -0.60 -15.89 13.86
N LEU C 518 -1.19 -17.04 14.17
CA LEU C 518 -1.28 -17.52 15.55
C LEU C 518 -0.11 -18.45 15.71
N ASP C 519 0.88 -18.00 16.47
CA ASP C 519 2.14 -18.72 16.53
C ASP C 519 2.01 -20.09 17.15
N VAL C 520 1.03 -20.28 18.03
CA VAL C 520 0.98 -21.47 18.88
C VAL C 520 0.89 -22.71 18.00
N PRO C 521 1.63 -23.79 18.27
CA PRO C 521 1.60 -24.94 17.35
C PRO C 521 0.21 -25.53 17.27
N VAL C 522 -0.16 -25.98 16.08
CA VAL C 522 -1.49 -26.48 15.81
C VAL C 522 -1.34 -27.94 15.46
N ASP C 523 -1.60 -28.82 16.42
CA ASP C 523 -1.61 -30.24 16.10
C ASP C 523 -2.71 -30.47 15.10
N LEU C 524 -2.39 -31.22 14.05
CA LEU C 524 -3.39 -31.60 13.07
C LEU C 524 -3.15 -33.00 12.56
N SER C 525 -2.61 -33.88 13.39
CA SER C 525 -2.27 -35.22 12.93
C SER C 525 -3.47 -36.02 12.47
N LYS C 526 -4.64 -35.72 12.99
CA LYS C 526 -5.81 -36.53 12.65
C LYS C 526 -6.30 -36.31 11.24
N VAL C 527 -5.91 -35.22 10.59
CA VAL C 527 -6.41 -34.84 9.28
C VAL C 527 -6.15 -35.98 8.29
N LEU C 528 -6.88 -35.99 7.18
CA LEU C 528 -6.75 -36.97 6.12
C LEU C 528 -6.51 -36.24 4.82
N PHE C 529 -5.28 -35.86 4.57
CA PHE C 529 -4.99 -35.17 3.34
C PHE C 529 -5.21 -36.12 2.18
N ILE C 530 -5.48 -35.56 1.02
CA ILE C 530 -5.52 -36.30 -0.24
C ILE C 530 -4.98 -35.33 -1.27
N CYS C 531 -4.27 -35.86 -2.24
CA CYS C 531 -3.62 -35.05 -3.26
C CYS C 531 -3.75 -35.75 -4.58
N THR C 532 -3.90 -34.97 -5.64
CA THR C 532 -4.16 -35.48 -6.96
C THR C 532 -3.20 -34.86 -7.93
N ALA C 533 -2.79 -35.63 -8.90
CA ALA C 533 -1.90 -35.11 -9.91
C ALA C 533 -1.83 -36.07 -11.07
N ASN C 534 -2.13 -35.64 -12.28
CA ASN C 534 -2.26 -36.62 -13.35
C ASN C 534 -0.94 -37.27 -13.75
N VAL C 535 0.20 -36.65 -13.48
CA VAL C 535 1.50 -37.24 -13.80
C VAL C 535 2.49 -36.88 -12.70
N THR C 536 3.18 -37.89 -12.19
CA THR C 536 4.00 -37.75 -10.98
C THR C 536 5.48 -37.60 -11.32
N ASP C 537 5.81 -36.49 -11.95
CA ASP C 537 7.19 -36.14 -12.26
C ASP C 537 7.56 -34.76 -11.79
N THR C 538 6.65 -33.79 -11.93
CA THR C 538 6.98 -32.44 -11.52
C THR C 538 7.19 -32.33 -10.03
N ILE C 539 6.67 -33.27 -9.25
CA ILE C 539 6.80 -33.18 -7.79
C ILE C 539 8.27 -33.35 -7.42
N PRO C 540 8.88 -32.44 -6.66
CA PRO C 540 10.25 -32.69 -6.20
C PRO C 540 10.29 -33.91 -5.30
N GLU C 541 11.40 -34.63 -5.36
CA GLU C 541 11.49 -35.94 -4.71
C GLU C 541 11.19 -35.92 -3.23
N PRO C 542 11.75 -35.03 -2.39
CA PRO C 542 11.50 -35.14 -0.95
C PRO C 542 10.02 -35.06 -0.63
N LEU C 543 9.30 -34.23 -1.35
CA LEU C 543 7.87 -34.17 -1.13
C LEU C 543 7.22 -35.45 -1.58
N ARG C 544 7.64 -36.00 -2.73
CA ARG C 544 7.07 -37.26 -3.19
C ARG C 544 7.35 -38.39 -2.22
N ASP C 545 8.36 -38.25 -1.38
CA ASP C 545 8.61 -39.29 -0.38
C ASP C 545 7.46 -39.35 0.61
N ARG C 546 6.93 -38.19 1.02
CA ARG C 546 6.08 -38.14 2.20
C ARG C 546 4.81 -38.95 2.07
N MET C 547 4.25 -39.04 0.87
CA MET C 547 2.86 -39.43 0.69
C MET C 547 2.77 -40.59 -0.26
N GLU C 548 2.10 -41.65 0.15
CA GLU C 548 2.06 -42.83 -0.68
C GLU C 548 1.30 -42.57 -1.97
N MET C 549 1.84 -43.03 -3.08
CA MET C 549 1.17 -42.96 -4.35
C MET C 549 0.13 -44.06 -4.46
N ILE C 550 -0.92 -43.81 -5.25
CA ILE C 550 -1.86 -44.86 -5.67
C ILE C 550 -2.28 -44.51 -7.08
N ASN C 551 -2.39 -45.51 -7.93
CA ASN C 551 -2.62 -45.30 -9.36
C ASN C 551 -3.99 -45.86 -9.68
N VAL C 552 -4.98 -44.99 -9.81
CA VAL C 552 -6.23 -45.41 -10.42
C VAL C 552 -5.99 -45.71 -11.90
N SER C 553 -6.53 -46.83 -12.36
CA SER C 553 -6.28 -47.30 -13.71
C SER C 553 -7.08 -46.52 -14.74
N GLY C 554 -6.60 -46.54 -15.98
CA GLY C 554 -7.47 -46.22 -17.09
C GLY C 554 -8.50 -47.31 -17.29
N TYR C 555 -9.63 -46.95 -17.89
CA TYR C 555 -10.76 -47.86 -17.98
C TYR C 555 -10.73 -48.65 -19.26
N VAL C 556 -11.37 -49.82 -19.23
CA VAL C 556 -11.49 -50.71 -20.37
C VAL C 556 -12.94 -50.72 -20.84
N ALA C 557 -13.15 -50.80 -22.16
CA ALA C 557 -14.47 -50.55 -22.74
C ALA C 557 -15.52 -51.55 -22.32
N GLN C 558 -15.13 -52.80 -22.08
CA GLN C 558 -16.08 -53.88 -21.80
C GLN C 558 -16.91 -53.57 -20.57
N GLU C 559 -16.35 -52.82 -19.63
CA GLU C 559 -17.07 -52.25 -18.51
C GLU C 559 -17.34 -50.78 -18.65
N LYS C 560 -16.66 -50.08 -19.56
CA LYS C 560 -16.99 -48.68 -19.72
C LYS C 560 -18.44 -48.55 -20.17
N LEU C 561 -18.93 -49.52 -20.93
CA LEU C 561 -20.37 -49.59 -21.16
C LEU C 561 -21.09 -49.72 -19.84
N ALA C 562 -20.61 -50.58 -18.96
CA ALA C 562 -21.36 -50.87 -17.75
C ALA C 562 -21.46 -49.64 -16.86
N ILE C 563 -20.45 -48.79 -16.89
CA ILE C 563 -20.59 -47.54 -16.14
C ILE C 563 -21.61 -46.67 -16.84
N ALA C 564 -21.38 -46.38 -18.13
CA ALA C 564 -22.21 -45.38 -18.77
C ALA C 564 -23.67 -45.76 -18.83
N GLU C 565 -23.97 -47.04 -18.94
CA GLU C 565 -25.36 -47.46 -18.97
C GLU C 565 -26.04 -47.15 -17.65
N ARG C 566 -25.31 -47.17 -16.55
CA ARG C 566 -25.90 -46.95 -15.24
C ARG C 566 -25.83 -45.51 -14.80
N TYR C 567 -24.65 -44.91 -14.81
CA TYR C 567 -24.51 -43.58 -14.23
C TYR C 567 -24.69 -42.50 -15.28
N LEU C 568 -23.85 -42.49 -16.30
CA LEU C 568 -23.75 -41.35 -17.21
C LEU C 568 -25.07 -40.99 -17.85
N VAL C 569 -25.75 -41.99 -18.41
CA VAL C 569 -26.99 -41.74 -19.11
C VAL C 569 -27.99 -41.10 -18.15
N PRO C 570 -28.33 -41.70 -16.99
CA PRO C 570 -29.32 -41.04 -16.13
C PRO C 570 -28.93 -39.65 -15.68
N GLN C 571 -27.65 -39.40 -15.38
CA GLN C 571 -27.25 -38.06 -15.00
C GLN C 571 -27.52 -37.11 -16.13
N ALA C 572 -27.12 -37.48 -17.34
CA ALA C 572 -27.31 -36.59 -18.48
C ALA C 572 -28.78 -36.39 -18.78
N ARG C 573 -29.55 -37.48 -18.74
CA ARG C 573 -30.95 -37.38 -19.09
C ARG C 573 -31.67 -36.49 -18.11
N ALA C 574 -31.47 -36.72 -16.81
CA ALA C 574 -32.10 -35.87 -15.82
C ALA C 574 -31.59 -34.45 -15.92
N LEU C 575 -30.33 -34.27 -16.30
CA LEU C 575 -29.80 -32.93 -16.46
C LEU C 575 -30.47 -32.20 -17.60
N CYS C 576 -30.86 -32.93 -18.64
CA CYS C 576 -31.49 -32.31 -19.80
C CYS C 576 -33.00 -32.28 -19.70
N GLY C 577 -33.59 -32.90 -18.68
CA GLY C 577 -35.01 -32.82 -18.49
C GLY C 577 -35.84 -33.70 -19.40
N LEU C 578 -35.21 -34.59 -20.18
CA LEU C 578 -35.94 -35.53 -21.00
C LEU C 578 -36.47 -36.65 -20.11
N ASP C 579 -36.93 -37.74 -20.70
CA ASP C 579 -37.61 -38.79 -19.96
C ASP C 579 -37.41 -40.08 -20.71
N GLU C 580 -37.53 -41.17 -19.95
CA GLU C 580 -37.16 -42.51 -20.37
C GLU C 580 -37.75 -42.87 -21.73
N SER C 581 -39.06 -42.96 -21.82
CA SER C 581 -39.65 -43.37 -23.08
C SER C 581 -39.49 -42.30 -24.15
N LYS C 582 -39.36 -41.04 -23.76
CA LYS C 582 -39.42 -39.96 -24.73
C LYS C 582 -38.25 -39.96 -25.68
N ALA C 583 -37.07 -40.40 -25.24
CA ALA C 583 -35.85 -40.30 -26.04
C ALA C 583 -35.02 -41.56 -25.89
N LYS C 584 -35.68 -42.71 -25.99
CA LYS C 584 -35.05 -43.97 -25.64
C LYS C 584 -33.88 -44.27 -26.56
N LEU C 585 -32.84 -44.87 -25.99
CA LEU C 585 -31.73 -45.39 -26.76
C LEU C 585 -31.38 -46.75 -26.20
N SER C 586 -31.10 -47.67 -27.09
CA SER C 586 -30.80 -49.03 -26.70
C SER C 586 -29.42 -49.11 -26.08
N SER C 587 -29.23 -50.08 -25.19
CA SER C 587 -27.89 -50.33 -24.69
C SER C 587 -26.95 -50.69 -25.83
N ASP C 588 -27.47 -51.28 -26.90
CA ASP C 588 -26.63 -51.77 -27.98
C ASP C 588 -25.82 -50.64 -28.60
N VAL C 589 -26.46 -49.51 -28.89
CA VAL C 589 -25.76 -48.43 -29.62
C VAL C 589 -24.58 -47.92 -28.83
N LEU C 590 -24.66 -47.98 -27.51
CA LEU C 590 -23.54 -47.56 -26.69
C LEU C 590 -22.31 -48.39 -26.98
N THR C 591 -22.51 -49.67 -27.35
CA THR C 591 -21.37 -50.48 -27.78
C THR C 591 -20.65 -49.79 -28.92
N LEU C 592 -21.41 -49.37 -29.94
CA LEU C 592 -20.81 -48.77 -31.11
C LEU C 592 -20.11 -47.49 -30.75
N LEU C 593 -20.80 -46.65 -29.99
CA LEU C 593 -20.25 -45.35 -29.67
C LEU C 593 -18.95 -45.51 -28.92
N ILE C 594 -18.90 -46.50 -28.03
CA ILE C 594 -17.74 -46.68 -27.18
C ILE C 594 -16.58 -47.20 -28.01
N LYS C 595 -16.83 -48.20 -28.84
CA LYS C 595 -15.72 -48.83 -29.54
C LYS C 595 -15.35 -48.10 -30.83
N GLN C 596 -16.06 -47.04 -31.22
CA GLN C 596 -15.71 -46.27 -32.40
C GLN C 596 -15.22 -44.88 -32.08
N TYR C 597 -15.97 -44.12 -31.31
CA TYR C 597 -15.72 -42.69 -31.19
C TYR C 597 -14.86 -42.30 -29.99
N CYS C 598 -14.46 -43.25 -29.16
CA CYS C 598 -13.71 -42.89 -27.96
C CYS C 598 -12.91 -44.10 -27.50
N ARG C 599 -11.60 -44.06 -27.70
CA ARG C 599 -10.68 -45.02 -27.12
C ARG C 599 -9.73 -44.21 -26.28
N GLU C 600 -10.06 -44.02 -25.02
CA GLU C 600 -9.13 -43.32 -24.16
C GLU C 600 -9.52 -43.59 -22.72
N SER C 601 -8.53 -43.49 -21.84
CA SER C 601 -8.71 -43.84 -20.44
C SER C 601 -9.76 -42.98 -19.78
N GLY C 602 -9.89 -41.73 -20.22
CA GLY C 602 -10.81 -40.83 -19.57
C GLY C 602 -12.24 -41.19 -19.88
N VAL C 603 -13.14 -40.64 -19.07
CA VAL C 603 -14.57 -40.82 -19.26
C VAL C 603 -15.24 -39.52 -19.71
N ARG C 604 -14.52 -38.40 -19.74
CA ARG C 604 -15.12 -37.16 -20.18
C ARG C 604 -15.60 -37.27 -21.61
N ASN C 605 -14.78 -37.86 -22.46
CA ASN C 605 -15.09 -37.86 -23.88
C ASN C 605 -16.35 -38.65 -24.17
N LEU C 606 -16.51 -39.82 -23.55
CA LEU C 606 -17.73 -40.58 -23.71
C LEU C 606 -18.92 -39.79 -23.22
N GLN C 607 -18.74 -39.00 -22.17
CA GLN C 607 -19.83 -38.17 -21.69
C GLN C 607 -20.27 -37.23 -22.78
N LYS C 608 -19.33 -36.42 -23.29
CA LYS C 608 -19.67 -35.39 -24.27
C LYS C 608 -20.40 -35.99 -25.45
N GLN C 609 -19.95 -37.16 -25.93
CA GLN C 609 -20.68 -37.84 -26.99
C GLN C 609 -22.11 -38.11 -26.58
N VAL C 610 -22.30 -38.72 -25.41
CA VAL C 610 -23.63 -39.18 -25.03
C VAL C 610 -24.56 -37.98 -24.93
N GLU C 611 -24.11 -36.98 -24.22
CA GLU C 611 -24.96 -35.84 -23.99
C GLU C 611 -25.29 -35.12 -25.30
N LYS C 612 -24.38 -35.11 -26.28
CA LYS C 612 -24.75 -34.57 -27.58
C LYS C 612 -25.81 -35.43 -28.25
N VAL C 613 -25.72 -36.76 -28.08
CA VAL C 613 -26.73 -37.63 -28.65
C VAL C 613 -28.08 -37.28 -28.09
N LEU C 614 -28.12 -36.86 -26.83
CA LEU C 614 -29.42 -36.56 -26.24
C LEU C 614 -29.93 -35.22 -26.72
N ARG C 615 -29.11 -34.17 -26.66
CA ARG C 615 -29.66 -32.85 -26.96
C ARG C 615 -30.09 -32.76 -28.42
N LYS C 616 -29.46 -33.49 -29.33
CA LYS C 616 -29.98 -33.51 -30.69
C LYS C 616 -31.34 -34.17 -30.74
N SER C 617 -31.60 -35.10 -29.85
CA SER C 617 -32.94 -35.66 -29.76
C SER C 617 -33.88 -34.74 -29.04
N ALA C 618 -33.38 -33.75 -28.32
CA ALA C 618 -34.29 -32.82 -27.67
C ALA C 618 -34.80 -31.79 -28.65
N TYR C 619 -33.88 -31.19 -29.42
CA TYR C 619 -34.28 -30.12 -30.34
C TYR C 619 -35.27 -30.64 -31.38
N LYS C 620 -35.21 -31.90 -31.70
CA LYS C 620 -36.18 -32.46 -32.61
C LYS C 620 -37.53 -32.70 -31.95
N ILE C 621 -37.65 -32.49 -30.64
CA ILE C 621 -38.90 -32.64 -29.93
C ILE C 621 -39.47 -31.26 -29.66
N VAL C 622 -38.68 -30.40 -29.02
CA VAL C 622 -39.24 -29.13 -28.51
C VAL C 622 -39.77 -28.28 -29.64
N SER C 623 -39.19 -28.38 -30.82
CA SER C 623 -39.69 -27.66 -31.99
C SER C 623 -39.58 -28.44 -33.27
N GLY C 624 -39.15 -29.67 -33.23
CA GLY C 624 -38.92 -30.36 -34.47
C GLY C 624 -40.22 -30.87 -35.03
N GLU C 625 -40.21 -32.14 -35.39
CA GLU C 625 -41.33 -32.81 -36.02
C GLU C 625 -41.85 -33.99 -35.22
N ALA C 626 -41.00 -34.94 -34.87
CA ALA C 626 -41.47 -36.14 -34.21
C ALA C 626 -41.94 -35.85 -32.79
N GLU C 627 -42.94 -36.59 -32.35
CA GLU C 627 -43.32 -36.55 -30.95
C GLU C 627 -42.39 -37.38 -30.07
N SER C 628 -41.53 -38.21 -30.65
CA SER C 628 -40.54 -38.94 -29.88
C SER C 628 -39.36 -39.21 -30.79
N VAL C 629 -38.19 -39.30 -30.22
CA VAL C 629 -36.96 -39.63 -30.93
C VAL C 629 -36.64 -41.09 -30.70
N GLU C 630 -35.97 -41.73 -31.67
CA GLU C 630 -35.68 -43.15 -31.57
C GLU C 630 -34.32 -43.41 -32.22
N VAL C 631 -33.27 -43.36 -31.41
CA VAL C 631 -31.96 -43.74 -31.90
C VAL C 631 -31.95 -45.21 -32.17
N THR C 632 -31.37 -45.58 -33.29
CA THR C 632 -31.10 -46.95 -33.68
C THR C 632 -29.78 -46.80 -34.40
N PRO C 633 -28.95 -47.86 -34.49
CA PRO C 633 -27.57 -47.65 -34.96
C PRO C 633 -27.44 -46.99 -36.31
N GLU C 634 -28.37 -47.27 -37.22
CA GLU C 634 -28.29 -46.68 -38.56
C GLU C 634 -28.46 -45.18 -38.53
N ASN C 635 -29.23 -44.64 -37.60
CA ASN C 635 -29.35 -43.20 -37.55
C ASN C 635 -28.09 -42.54 -37.05
N LEU C 636 -27.20 -43.30 -36.40
CA LEU C 636 -26.21 -42.72 -35.51
C LEU C 636 -25.28 -41.77 -36.25
N GLN C 637 -24.95 -42.07 -37.50
CA GLN C 637 -24.00 -41.25 -38.24
C GLN C 637 -24.52 -39.83 -38.41
N ASP C 638 -25.84 -39.65 -38.37
CA ASP C 638 -26.37 -38.30 -38.47
C ASP C 638 -26.28 -37.60 -37.12
N PHE C 639 -26.47 -38.34 -36.03
CA PHE C 639 -26.56 -37.69 -34.74
C PHE C 639 -25.21 -37.19 -34.25
N VAL C 640 -24.19 -38.05 -34.23
CA VAL C 640 -22.96 -37.73 -33.53
C VAL C 640 -21.89 -37.17 -34.47
N GLY C 641 -21.94 -37.55 -35.74
CA GLY C 641 -20.97 -37.11 -36.72
C GLY C 641 -20.54 -38.26 -37.58
N LYS C 642 -19.27 -38.35 -37.89
CA LYS C 642 -18.77 -39.44 -38.70
C LYS C 642 -17.98 -40.38 -37.84
N PRO C 643 -17.96 -41.70 -38.13
CA PRO C 643 -17.16 -42.59 -37.30
C PRO C 643 -15.73 -42.12 -37.41
N VAL C 644 -15.00 -42.18 -36.31
CA VAL C 644 -13.70 -41.57 -36.28
C VAL C 644 -12.75 -42.71 -36.50
N PHE C 645 -12.71 -43.65 -35.57
CA PHE C 645 -11.70 -44.66 -35.77
C PHE C 645 -12.13 -45.63 -36.87
N THR C 646 -11.11 -46.22 -37.44
CA THR C 646 -11.12 -46.84 -38.76
C THR C 646 -10.75 -48.28 -38.50
N VAL C 647 -11.68 -49.21 -38.69
CA VAL C 647 -11.36 -50.56 -38.24
C VAL C 647 -10.33 -51.11 -39.21
N GLU C 648 -9.08 -50.86 -38.87
CA GLU C 648 -7.95 -51.20 -39.74
C GLU C 648 -7.72 -52.70 -39.73
N ARG C 649 -7.63 -53.25 -40.92
CA ARG C 649 -7.24 -54.61 -41.19
C ARG C 649 -6.74 -54.56 -42.62
N MET C 650 -5.50 -54.12 -42.78
CA MET C 650 -4.99 -53.87 -44.12
C MET C 650 -4.62 -55.17 -44.81
N TYR C 651 -3.74 -55.92 -44.19
CA TYR C 651 -3.18 -57.13 -44.76
C TYR C 651 -4.03 -58.28 -44.27
N ASP C 652 -5.25 -58.30 -44.78
CA ASP C 652 -6.13 -59.43 -44.52
C ASP C 652 -5.54 -60.73 -45.03
N VAL C 653 -4.80 -60.70 -46.13
CA VAL C 653 -4.13 -61.89 -46.64
C VAL C 653 -2.68 -62.02 -46.19
N THR C 654 -2.09 -60.97 -45.63
CA THR C 654 -0.72 -61.01 -45.14
C THR C 654 0.28 -61.45 -46.21
N PRO C 655 0.66 -60.59 -47.15
CA PRO C 655 1.65 -60.97 -48.14
C PRO C 655 2.95 -61.28 -47.45
N PRO C 656 3.77 -62.20 -47.99
CA PRO C 656 4.94 -62.69 -47.24
C PRO C 656 5.87 -61.55 -46.91
N GLY C 657 6.52 -61.66 -45.76
CA GLY C 657 7.28 -60.54 -45.29
C GLY C 657 6.47 -59.53 -44.53
N VAL C 658 5.38 -59.95 -43.89
CA VAL C 658 4.66 -59.07 -42.99
C VAL C 658 4.08 -59.87 -41.85
N VAL C 659 4.05 -59.28 -40.67
CA VAL C 659 3.50 -59.94 -39.50
C VAL C 659 3.17 -58.91 -38.44
N MET C 660 1.95 -58.95 -37.91
CA MET C 660 1.53 -57.92 -36.98
C MET C 660 2.30 -58.05 -35.68
N GLY C 661 2.44 -56.95 -34.98
CA GLY C 661 3.12 -56.90 -33.72
C GLY C 661 2.42 -55.91 -32.83
N LEU C 662 2.10 -56.33 -31.62
CA LEU C 662 1.49 -55.43 -30.65
C LEU C 662 2.48 -54.39 -30.22
N ALA C 663 2.00 -53.19 -29.92
CA ALA C 663 2.87 -52.11 -29.50
C ALA C 663 2.16 -51.28 -28.46
N TRP C 664 2.93 -50.82 -27.46
CA TRP C 664 2.40 -50.08 -26.32
C TRP C 664 2.42 -48.60 -26.63
N THR C 665 1.43 -48.13 -27.38
CA THR C 665 1.35 -46.71 -27.66
C THR C 665 1.05 -45.93 -26.39
N ALA C 666 1.18 -44.62 -26.48
CA ALA C 666 0.96 -43.77 -25.31
C ALA C 666 -0.46 -43.89 -24.75
N MET C 667 -1.44 -44.19 -25.60
CA MET C 667 -2.85 -44.34 -25.21
C MET C 667 -3.24 -45.78 -25.53
N GLY C 668 -3.06 -46.68 -24.58
CA GLY C 668 -3.34 -48.07 -24.84
C GLY C 668 -2.32 -48.65 -25.78
N GLY C 669 -2.74 -49.69 -26.51
CA GLY C 669 -1.91 -50.36 -27.48
C GLY C 669 -2.38 -50.13 -28.92
N SER C 670 -1.67 -50.79 -29.82
CA SER C 670 -2.07 -50.81 -31.23
C SER C 670 -1.29 -51.92 -31.92
N THR C 671 -1.94 -52.55 -32.89
CA THR C 671 -1.37 -53.69 -33.62
C THR C 671 -0.68 -53.18 -34.87
N LEU C 672 0.55 -52.71 -34.71
CA LEU C 672 1.27 -52.21 -35.87
C LEU C 672 1.82 -53.37 -36.67
N PHE C 673 1.88 -53.20 -37.98
CA PHE C 673 2.45 -54.20 -38.87
C PHE C 673 3.91 -53.89 -39.08
N VAL C 674 4.66 -54.83 -39.63
CA VAL C 674 6.07 -54.62 -39.95
C VAL C 674 6.31 -55.07 -41.38
N GLU C 675 7.13 -54.34 -42.14
CA GLU C 675 7.30 -54.65 -43.56
C GLU C 675 8.77 -54.75 -43.90
N THR C 676 9.05 -55.62 -44.88
CA THR C 676 10.41 -55.83 -45.36
C THR C 676 10.38 -56.18 -46.84
N SER C 677 11.46 -55.90 -47.54
CA SER C 677 11.53 -56.26 -48.95
C SER C 677 12.95 -56.08 -49.45
N LEU C 678 13.20 -56.59 -50.65
CA LEU C 678 14.50 -56.40 -51.29
C LEU C 678 14.75 -54.94 -51.59
N ARG C 679 16.00 -54.52 -51.48
CA ARG C 679 16.43 -53.18 -51.84
C ARG C 679 17.18 -53.14 -53.17
N ARG C 680 17.37 -54.26 -53.83
CA ARG C 680 18.20 -54.30 -55.03
C ARG C 680 18.11 -55.71 -55.57
N PRO C 681 18.27 -55.96 -56.87
CA PRO C 681 18.36 -57.35 -57.30
C PRO C 681 19.55 -58.02 -56.66
N GLN C 682 19.36 -59.28 -56.31
CA GLN C 682 20.37 -60.04 -55.60
C GLN C 682 21.40 -60.69 -56.51
N ASP C 683 20.98 -61.10 -57.70
CA ASP C 683 21.85 -61.91 -58.56
C ASP C 683 22.80 -61.06 -59.42
N LYS C 684 23.08 -59.81 -59.05
CA LYS C 684 24.11 -59.05 -59.75
C LYS C 684 25.46 -59.74 -59.65
N ASP C 685 25.68 -60.45 -58.55
CA ASP C 685 26.80 -61.37 -58.38
C ASP C 685 26.18 -62.58 -57.69
N ALA C 686 25.97 -63.66 -58.44
CA ALA C 686 25.43 -64.88 -57.86
C ALA C 686 26.30 -65.41 -56.75
N LYS C 687 27.62 -65.15 -56.82
CA LYS C 687 28.59 -65.48 -55.80
C LYS C 687 29.04 -64.26 -54.98
N GLY C 688 28.37 -63.12 -55.14
CA GLY C 688 28.77 -61.91 -54.45
C GLY C 688 28.64 -62.05 -52.96
N ASP C 689 29.78 -62.19 -52.31
CA ASP C 689 29.84 -62.42 -50.86
C ASP C 689 29.84 -61.05 -50.16
N LYS C 690 28.64 -60.50 -50.00
CA LYS C 690 28.46 -59.22 -49.34
C LYS C 690 27.14 -59.27 -48.58
N ASP C 691 27.20 -59.05 -47.28
CA ASP C 691 25.99 -59.16 -46.47
C ASP C 691 24.97 -58.11 -46.84
N GLY C 692 23.72 -58.53 -46.86
CA GLY C 692 22.64 -57.64 -47.17
C GLY C 692 22.23 -56.80 -46.00
N SER C 693 23.00 -55.77 -45.68
CA SER C 693 22.73 -54.97 -44.50
C SER C 693 21.32 -54.39 -44.58
N LEU C 694 20.59 -54.48 -43.48
CA LEU C 694 19.25 -53.93 -43.44
C LEU C 694 19.31 -52.43 -43.16
N GLU C 695 18.24 -51.75 -43.49
CA GLU C 695 18.12 -50.31 -43.30
C GLU C 695 16.80 -50.08 -42.57
N VAL C 696 16.82 -50.24 -41.25
CA VAL C 696 15.58 -50.08 -40.52
C VAL C 696 15.20 -48.61 -40.50
N THR C 697 13.90 -48.35 -40.45
CA THR C 697 13.37 -46.99 -40.52
C THR C 697 12.40 -46.76 -39.38
N GLY C 698 11.66 -45.67 -39.44
CA GLY C 698 10.59 -45.43 -38.49
C GLY C 698 11.02 -44.87 -37.15
N GLN C 699 11.60 -43.67 -37.15
CA GLN C 699 11.97 -42.90 -35.95
C GLN C 699 12.72 -43.78 -34.96
N LEU C 700 13.60 -44.61 -35.51
CA LEU C 700 14.39 -45.52 -34.71
C LEU C 700 15.24 -44.75 -33.72
N GLY C 701 15.20 -45.19 -32.46
CA GLY C 701 16.15 -44.74 -31.46
C GLY C 701 17.35 -45.62 -31.52
N GLU C 702 18.37 -45.24 -30.74
CA GLU C 702 19.61 -46.00 -30.72
C GLU C 702 19.36 -47.43 -30.23
N VAL C 703 18.47 -47.58 -29.24
CA VAL C 703 18.29 -48.88 -28.60
C VAL C 703 17.67 -49.89 -29.55
N MET C 704 16.55 -49.55 -30.19
CA MET C 704 15.92 -50.54 -31.04
C MET C 704 16.64 -50.70 -32.37
N LYS C 705 17.47 -49.76 -32.80
CA LYS C 705 18.30 -50.06 -33.96
C LYS C 705 19.36 -51.08 -33.59
N GLU C 706 19.92 -50.94 -32.38
CA GLU C 706 20.84 -51.96 -31.91
C GLU C 706 20.13 -53.30 -31.82
N SER C 707 18.94 -53.29 -31.22
CA SER C 707 18.17 -54.52 -31.10
C SER C 707 17.75 -55.05 -32.45
N ALA C 708 17.59 -54.16 -33.40
CA ALA C 708 17.27 -54.60 -34.75
C ALA C 708 18.43 -55.37 -35.32
N ARG C 709 19.63 -54.82 -35.17
CA ARG C 709 20.79 -55.55 -35.65
C ARG C 709 20.99 -56.85 -34.89
N ILE C 710 20.57 -56.89 -33.63
CA ILE C 710 20.70 -58.10 -32.85
C ILE C 710 19.77 -59.16 -33.39
N ALA C 711 18.52 -58.79 -33.58
CA ALA C 711 17.55 -59.72 -34.13
C ALA C 711 17.95 -60.12 -35.52
N TYR C 712 18.51 -59.20 -36.28
CA TYR C 712 19.00 -59.53 -37.59
C TYR C 712 20.18 -60.47 -37.50
N THR C 713 20.96 -60.36 -36.45
CA THR C 713 22.14 -61.19 -36.31
C THR C 713 21.75 -62.62 -36.00
N PHE C 714 20.87 -62.79 -35.03
CA PHE C 714 20.38 -64.12 -34.75
C PHE C 714 19.54 -64.64 -35.91
N ALA C 715 18.89 -63.78 -36.69
CA ALA C 715 18.17 -64.29 -37.85
C ALA C 715 19.15 -64.80 -38.89
N ARG C 716 20.25 -64.09 -39.03
CA ARG C 716 21.30 -64.49 -39.93
C ARG C 716 21.96 -65.77 -39.46
N ALA C 717 22.03 -65.97 -38.16
CA ALA C 717 22.60 -67.19 -37.65
C ALA C 717 21.61 -68.32 -37.80
N PHE C 718 20.36 -68.05 -37.46
CA PHE C 718 19.35 -69.09 -37.30
C PHE C 718 19.09 -69.77 -38.62
N LEU C 719 18.89 -68.99 -39.69
CA LEU C 719 18.54 -69.63 -40.93
C LEU C 719 19.64 -70.58 -41.39
N MET C 720 20.90 -70.25 -41.09
CA MET C 720 21.96 -71.21 -41.27
C MET C 720 21.83 -72.37 -40.29
N GLN C 721 21.38 -72.10 -39.06
CA GLN C 721 21.25 -73.17 -38.08
C GLN C 721 20.22 -74.20 -38.48
N HIS C 722 19.22 -73.81 -39.29
CA HIS C 722 18.10 -74.69 -39.65
C HIS C 722 18.24 -75.20 -41.09
N ALA C 723 18.37 -74.30 -42.05
CA ALA C 723 18.38 -74.62 -43.47
C ALA C 723 19.63 -74.02 -44.08
N PRO C 724 20.80 -74.66 -43.91
CA PRO C 724 22.04 -74.10 -44.48
C PRO C 724 22.00 -73.89 -45.98
N ALA C 725 21.29 -74.75 -46.72
CA ALA C 725 21.33 -74.70 -48.18
C ALA C 725 20.82 -73.38 -48.73
N ASN C 726 19.87 -72.75 -48.06
CA ASN C 726 19.43 -71.43 -48.46
C ASN C 726 20.50 -70.41 -48.07
N ASP C 727 20.61 -69.35 -48.86
CA ASP C 727 21.46 -68.23 -48.51
C ASP C 727 20.83 -66.88 -48.84
N TYR C 728 19.55 -66.86 -49.26
CA TYR C 728 18.90 -65.63 -49.69
C TYR C 728 19.05 -64.54 -48.65
N LEU C 729 18.75 -64.88 -47.40
CA LEU C 729 18.96 -63.94 -46.33
C LEU C 729 20.42 -63.63 -46.11
N VAL C 730 21.32 -64.57 -46.43
CA VAL C 730 22.71 -64.41 -46.05
C VAL C 730 23.35 -63.24 -46.78
N THR C 731 22.95 -62.98 -48.02
CA THR C 731 23.53 -61.90 -48.82
C THR C 731 22.48 -61.40 -49.79
N SER C 732 21.72 -60.39 -49.37
CA SER C 732 20.86 -59.67 -50.30
C SER C 732 20.31 -58.45 -49.59
N HIS C 733 20.53 -57.27 -50.15
CA HIS C 733 20.15 -56.04 -49.48
C HIS C 733 18.65 -56.01 -49.27
N ILE C 734 18.23 -55.61 -48.07
CA ILE C 734 16.84 -55.76 -47.65
C ILE C 734 16.45 -54.53 -46.84
N HIS C 735 15.57 -53.72 -47.40
CA HIS C 735 15.00 -52.63 -46.64
C HIS C 735 14.02 -53.21 -45.65
N LEU C 736 13.89 -52.55 -44.51
CA LEU C 736 12.97 -52.94 -43.47
C LEU C 736 12.36 -51.70 -42.85
N HIS C 737 11.17 -51.86 -42.27
CA HIS C 737 10.39 -50.73 -41.79
C HIS C 737 9.50 -51.19 -40.65
N VAL C 738 9.65 -50.51 -39.51
CA VAL C 738 8.81 -50.70 -38.33
C VAL C 738 8.07 -49.39 -38.04
N PRO C 739 6.74 -49.34 -38.12
CA PRO C 739 6.03 -48.06 -37.96
C PRO C 739 6.24 -47.42 -36.61
N GLU C 740 6.25 -46.11 -36.63
CA GLU C 740 6.54 -45.31 -35.46
C GLU C 740 5.35 -45.32 -34.51
N GLY C 741 5.64 -45.09 -33.24
CA GLY C 741 4.63 -44.93 -32.22
C GLY C 741 4.97 -45.59 -30.89
N ALA C 742 5.70 -46.69 -30.93
CA ALA C 742 6.07 -47.36 -29.70
C ALA C 742 6.99 -46.49 -28.85
N THR C 743 6.82 -46.55 -27.54
CA THR C 743 7.73 -45.86 -26.66
C THR C 743 9.08 -46.55 -26.75
N PRO C 744 10.19 -45.80 -26.58
CA PRO C 744 11.52 -46.37 -26.90
C PRO C 744 11.88 -47.63 -26.14
N LYS C 745 11.44 -47.74 -24.90
CA LYS C 745 11.71 -48.96 -24.13
C LYS C 745 11.02 -50.15 -24.79
N ASP C 746 9.87 -49.93 -25.40
CA ASP C 746 9.17 -51.01 -26.06
C ASP C 746 9.79 -51.36 -27.40
N GLY C 747 10.64 -50.49 -27.95
CA GLY C 747 11.25 -50.67 -29.25
C GLY C 747 11.84 -52.06 -29.41
N PRO C 748 12.78 -52.43 -28.53
CA PRO C 748 13.27 -53.80 -28.55
C PRO C 748 12.17 -54.82 -28.32
N SER C 749 11.16 -54.46 -27.51
CA SER C 749 10.07 -55.40 -27.21
C SER C 749 9.34 -55.81 -28.47
N ALA C 750 9.31 -54.95 -29.47
CA ALA C 750 8.73 -55.32 -30.74
C ALA C 750 9.68 -56.20 -31.55
N GLY C 751 10.94 -56.33 -31.14
CA GLY C 751 11.94 -56.98 -31.97
C GLY C 751 11.61 -58.42 -32.31
N CYS C 752 10.94 -59.14 -31.41
CA CYS C 752 10.75 -60.57 -31.59
C CYS C 752 10.00 -60.89 -32.87
N THR C 753 9.12 -60.00 -33.28
CA THR C 753 8.44 -60.20 -34.54
C THR C 753 9.38 -59.98 -35.72
N ILE C 754 10.46 -59.22 -35.54
CA ILE C 754 11.32 -58.89 -36.67
C ILE C 754 11.94 -60.15 -37.23
N VAL C 755 12.35 -61.07 -36.35
CA VAL C 755 12.90 -62.30 -36.86
C VAL C 755 11.82 -63.07 -37.60
N THR C 756 10.58 -63.00 -37.12
CA THR C 756 9.49 -63.62 -37.84
C THR C 756 9.40 -63.07 -39.25
N ALA C 757 9.51 -61.74 -39.37
CA ALA C 757 9.50 -61.10 -40.68
C ALA C 757 10.60 -61.66 -41.55
N LEU C 758 11.86 -61.47 -41.14
CA LEU C 758 13.00 -61.82 -41.99
C LEU C 758 12.95 -63.27 -42.40
N LEU C 759 12.67 -64.16 -41.46
CA LEU C 759 12.58 -65.56 -41.82
C LEU C 759 11.41 -65.82 -42.74
N SER C 760 10.31 -65.08 -42.57
CA SER C 760 9.16 -65.29 -43.43
C SER C 760 9.51 -64.93 -44.85
N LEU C 761 10.16 -63.79 -45.02
CA LEU C 761 10.59 -63.40 -46.35
C LEU C 761 11.62 -64.35 -46.90
N ALA C 762 12.45 -64.92 -46.02
CA ALA C 762 13.43 -65.88 -46.50
C ALA C 762 12.71 -67.06 -47.13
N MET C 763 11.96 -67.83 -46.34
CA MET C 763 11.24 -68.94 -46.96
C MET C 763 10.17 -68.47 -47.92
N GLY C 764 9.62 -67.27 -47.70
CA GLY C 764 8.48 -66.81 -48.46
C GLY C 764 7.15 -67.30 -47.95
N ARG C 765 7.11 -68.07 -46.87
CA ARG C 765 5.85 -68.51 -46.30
C ARG C 765 5.20 -67.36 -45.54
N PRO C 766 3.94 -67.01 -45.79
CA PRO C 766 3.29 -66.01 -44.94
C PRO C 766 3.19 -66.54 -43.51
N VAL C 767 3.28 -65.62 -42.55
CA VAL C 767 3.00 -66.00 -41.17
C VAL C 767 1.56 -66.44 -41.07
N ARG C 768 1.31 -67.44 -40.22
CA ARG C 768 -0.03 -67.99 -40.08
C ARG C 768 -0.99 -66.88 -39.70
N GLN C 769 -2.19 -66.92 -40.27
CA GLN C 769 -3.10 -65.80 -40.16
C GLN C 769 -3.48 -65.52 -38.72
N ASN C 770 -3.62 -64.24 -38.40
CA ASN C 770 -4.01 -63.82 -37.06
C ASN C 770 -3.01 -64.34 -36.03
N LEU C 771 -1.79 -63.81 -36.08
CA LEU C 771 -0.77 -64.20 -35.11
C LEU C 771 0.05 -63.01 -34.64
N ALA C 772 -0.44 -62.31 -33.64
CA ALA C 772 0.38 -61.31 -32.98
C ALA C 772 1.55 -61.97 -32.31
N MET C 773 2.65 -61.22 -32.15
CA MET C 773 3.79 -61.70 -31.40
C MET C 773 4.63 -60.52 -30.97
N THR C 774 5.19 -60.59 -29.77
CA THR C 774 5.90 -59.48 -29.18
C THR C 774 7.09 -60.02 -28.40
N GLY C 775 7.66 -59.17 -27.55
CA GLY C 775 8.72 -59.55 -26.64
C GLY C 775 10.10 -59.15 -27.10
N GLU C 776 10.96 -58.74 -26.18
CA GLU C 776 12.33 -58.43 -26.51
C GLU C 776 13.14 -59.71 -26.67
N VAL C 777 14.15 -59.66 -27.55
CA VAL C 777 15.06 -60.78 -27.81
C VAL C 777 16.46 -60.36 -27.41
N SER C 778 17.29 -61.36 -27.10
CA SER C 778 18.63 -61.16 -26.56
C SER C 778 19.64 -62.04 -27.29
N LEU C 779 19.65 -61.95 -28.61
CA LEU C 779 20.85 -62.29 -29.40
C LEU C 779 21.17 -63.78 -29.50
N THR C 780 20.46 -64.64 -28.77
CA THR C 780 20.72 -66.08 -28.82
C THR C 780 19.43 -66.88 -28.74
N GLY C 781 18.31 -66.28 -29.08
CA GLY C 781 17.02 -66.92 -29.03
C GLY C 781 16.36 -66.89 -27.68
N LYS C 782 17.01 -66.33 -26.66
CA LYS C 782 16.33 -66.11 -25.40
C LYS C 782 15.27 -65.02 -25.58
N ILE C 783 14.10 -65.26 -25.00
CA ILE C 783 13.02 -64.27 -24.96
C ILE C 783 13.23 -63.46 -23.68
N LEU C 784 12.66 -62.25 -23.62
CA LEU C 784 12.69 -61.41 -22.43
C LEU C 784 11.33 -60.76 -22.15
N PRO C 785 10.92 -60.62 -20.88
CA PRO C 785 9.58 -60.05 -20.59
C PRO C 785 9.40 -58.61 -21.02
N VAL C 786 8.16 -58.28 -21.37
CA VAL C 786 7.75 -56.92 -21.70
C VAL C 786 6.61 -56.52 -20.77
N GLY C 787 6.56 -55.23 -20.45
CA GLY C 787 5.51 -54.69 -19.59
C GLY C 787 4.31 -54.18 -20.37
N GLY C 788 3.32 -53.73 -19.60
CA GLY C 788 2.13 -53.14 -20.18
C GLY C 788 1.24 -54.09 -20.92
N ILE C 789 1.20 -55.36 -20.51
CA ILE C 789 0.56 -56.40 -21.32
C ILE C 789 -0.93 -56.14 -21.49
N LYS C 790 -1.55 -55.42 -20.56
CA LYS C 790 -2.99 -55.12 -20.67
C LYS C 790 -3.28 -54.37 -21.96
N GLU C 791 -2.51 -53.34 -22.23
CA GLU C 791 -2.76 -52.50 -23.40
C GLU C 791 -2.56 -53.27 -24.69
N LYS C 792 -1.68 -54.26 -24.65
CA LYS C 792 -1.36 -54.99 -25.86
C LYS C 792 -2.43 -56.03 -26.12
N THR C 793 -2.85 -56.75 -25.09
CA THR C 793 -3.90 -57.72 -25.30
C THR C 793 -5.21 -57.03 -25.68
N ILE C 794 -5.46 -55.84 -25.13
CA ILE C 794 -6.68 -55.12 -25.48
C ILE C 794 -6.63 -54.72 -26.95
N ALA C 795 -5.44 -54.33 -27.45
CA ALA C 795 -5.37 -54.06 -28.88
C ALA C 795 -5.55 -55.34 -29.69
N ALA C 796 -5.08 -56.47 -29.17
CA ALA C 796 -5.28 -57.74 -29.87
C ALA C 796 -6.76 -58.04 -30.01
N LYS C 797 -7.55 -57.67 -29.01
CA LYS C 797 -8.99 -57.83 -29.18
C LYS C 797 -9.57 -56.78 -30.10
N ARG C 798 -9.08 -55.53 -30.01
CA ARG C 798 -9.65 -54.45 -30.83
C ARG C 798 -9.50 -54.73 -32.32
N ALA C 799 -8.41 -55.39 -32.72
CA ALA C 799 -8.29 -55.95 -34.07
C ALA C 799 -8.88 -57.35 -34.18
N GLY C 800 -9.08 -58.02 -33.06
CA GLY C 800 -9.65 -59.34 -33.06
C GLY C 800 -8.70 -60.47 -33.37
N VAL C 801 -7.39 -60.22 -33.39
CA VAL C 801 -6.45 -61.32 -33.60
C VAL C 801 -6.58 -62.31 -32.44
N THR C 802 -6.45 -63.61 -32.75
CA THR C 802 -6.81 -64.68 -31.82
C THR C 802 -5.78 -65.80 -31.71
N CYS C 803 -4.49 -65.53 -31.90
CA CYS C 803 -3.51 -66.59 -31.70
C CYS C 803 -2.23 -66.06 -31.11
N ILE C 804 -2.30 -65.03 -30.27
CA ILE C 804 -1.10 -64.34 -29.77
C ILE C 804 -0.17 -65.29 -29.04
N VAL C 805 1.14 -65.09 -29.21
CA VAL C 805 2.17 -65.75 -28.43
C VAL C 805 2.91 -64.68 -27.64
N LEU C 806 3.30 -65.02 -26.43
CA LEU C 806 3.88 -64.10 -25.47
C LEU C 806 5.08 -64.72 -24.77
N PRO C 807 5.95 -63.91 -24.16
CA PRO C 807 6.98 -64.50 -23.32
C PRO C 807 6.35 -65.30 -22.18
N ALA C 808 6.95 -66.43 -21.86
CA ALA C 808 6.44 -67.21 -20.74
C ALA C 808 6.71 -66.49 -19.41
N GLU C 809 7.69 -65.60 -19.37
CA GLU C 809 8.08 -64.96 -18.12
C GLU C 809 6.99 -64.04 -17.58
N ASN C 810 6.09 -63.57 -18.42
CA ASN C 810 4.96 -62.74 -18.00
C ASN C 810 3.68 -63.54 -17.79
N LYS C 811 3.78 -64.88 -17.68
CA LYS C 811 2.61 -65.76 -17.62
C LYS C 811 1.64 -65.32 -16.52
N LYS C 812 2.13 -65.25 -15.28
CA LYS C 812 1.28 -64.83 -14.17
C LYS C 812 0.71 -63.45 -14.44
N ASP C 813 1.56 -62.56 -14.97
CA ASP C 813 1.17 -61.19 -15.23
C ASP C 813 0.03 -61.12 -16.23
N PHE C 814 -0.06 -62.10 -17.12
CA PHE C 814 -1.15 -62.09 -18.07
C PHE C 814 -2.43 -62.62 -17.45
N TYR C 815 -2.32 -63.62 -16.57
CA TYR C 815 -3.52 -64.20 -15.97
C TYR C 815 -4.15 -63.30 -14.93
N ASP C 816 -3.42 -62.31 -14.43
CA ASP C 816 -4.04 -61.40 -13.48
C ASP C 816 -5.09 -60.54 -14.17
N LEU C 817 -5.02 -60.38 -15.48
CA LEU C 817 -6.05 -59.65 -16.20
C LEU C 817 -7.37 -60.40 -16.12
N ALA C 818 -8.46 -59.64 -16.15
CA ALA C 818 -9.80 -60.18 -16.01
C ALA C 818 -10.10 -61.21 -17.09
N ALA C 819 -10.94 -62.18 -16.74
CA ALA C 819 -11.17 -63.33 -17.63
C ALA C 819 -11.80 -62.90 -18.95
N PHE C 820 -12.68 -61.89 -18.93
CA PHE C 820 -13.34 -61.48 -20.17
C PHE C 820 -12.38 -60.82 -21.14
N ILE C 821 -11.38 -60.07 -20.64
CA ILE C 821 -10.43 -59.41 -21.54
C ILE C 821 -9.64 -60.47 -22.29
N THR C 822 -9.33 -61.58 -21.64
CA THR C 822 -8.58 -62.66 -22.23
C THR C 822 -9.44 -63.68 -22.92
N GLU C 823 -10.75 -63.47 -22.98
CA GLU C 823 -11.62 -64.48 -23.55
C GLU C 823 -11.35 -64.63 -25.05
N GLY C 824 -11.30 -65.88 -25.49
CA GLY C 824 -11.41 -66.21 -26.90
C GLY C 824 -10.11 -66.31 -27.65
N LEU C 825 -9.03 -65.69 -27.15
CA LEU C 825 -7.72 -65.72 -27.79
C LEU C 825 -6.83 -66.65 -26.99
N GLU C 826 -6.10 -67.48 -27.69
CA GLU C 826 -5.42 -68.62 -27.11
C GLU C 826 -3.93 -68.35 -27.06
N VAL C 827 -3.44 -67.98 -25.87
CA VAL C 827 -2.01 -67.73 -25.71
C VAL C 827 -1.25 -69.04 -25.92
N HIS C 828 0.01 -68.93 -26.36
CA HIS C 828 0.92 -70.07 -26.44
C HIS C 828 2.26 -69.51 -25.96
N PHE C 829 2.49 -69.60 -24.66
CA PHE C 829 3.66 -68.97 -24.05
C PHE C 829 4.95 -69.59 -24.57
N VAL C 830 6.01 -68.79 -24.58
CA VAL C 830 7.30 -69.21 -25.10
C VAL C 830 8.37 -68.49 -24.28
N GLU C 831 9.58 -69.08 -24.23
CA GLU C 831 10.74 -68.61 -23.49
C GLU C 831 12.01 -68.55 -24.34
N HIS C 832 12.22 -69.50 -25.23
CA HIS C 832 13.29 -69.49 -26.21
C HIS C 832 12.69 -69.30 -27.60
N TYR C 833 13.41 -68.61 -28.51
CA TYR C 833 12.78 -68.15 -29.73
C TYR C 833 12.24 -69.27 -30.60
N ARG C 834 12.89 -70.45 -30.61
CA ARG C 834 12.60 -71.44 -31.64
C ARG C 834 11.15 -71.88 -31.63
N GLU C 835 10.52 -71.86 -30.46
CA GLU C 835 9.15 -72.30 -30.33
C GLU C 835 8.24 -71.45 -31.19
N ILE C 836 8.53 -70.15 -31.30
CA ILE C 836 7.69 -69.29 -32.12
C ILE C 836 7.77 -69.73 -33.57
N PHE C 837 8.98 -70.06 -34.02
CA PHE C 837 9.10 -70.61 -35.36
C PHE C 837 8.40 -71.95 -35.42
N ASP C 838 8.35 -72.67 -34.30
CA ASP C 838 7.60 -73.90 -34.27
C ASP C 838 6.12 -73.66 -34.40
N ILE C 839 5.63 -72.48 -34.03
CA ILE C 839 4.20 -72.21 -34.05
C ILE C 839 3.84 -71.52 -35.35
N ALA C 840 4.42 -70.34 -35.57
CA ALA C 840 3.97 -69.46 -36.63
C ALA C 840 4.11 -70.07 -38.01
N PHE C 841 5.10 -70.93 -38.18
CA PHE C 841 5.45 -71.52 -39.47
C PHE C 841 5.42 -73.02 -39.18
N PRO C 842 4.21 -73.62 -39.14
CA PRO C 842 4.11 -75.05 -38.83
C PRO C 842 4.94 -75.98 -39.72
N HIS D 17 -74.67 52.78 53.39
CA HIS D 17 -75.21 53.40 52.18
C HIS D 17 -74.25 53.27 51.00
N LEU D 18 -74.04 52.04 50.53
CA LEU D 18 -73.24 51.77 49.35
C LEU D 18 -73.97 50.78 48.45
N PRO D 19 -73.82 50.85 47.12
CA PRO D 19 -74.50 49.86 46.28
C PRO D 19 -73.89 48.50 46.53
N LEU D 20 -74.68 47.45 46.38
CA LEU D 20 -74.13 46.11 46.61
C LEU D 20 -73.01 45.83 45.62
N ILE D 21 -71.97 45.21 46.13
CA ILE D 21 -70.82 44.89 45.31
C ILE D 21 -71.21 43.72 44.42
N ALA D 22 -70.58 43.66 43.25
CA ALA D 22 -70.74 42.55 42.32
C ALA D 22 -69.69 41.54 42.76
N ILE D 23 -70.12 40.51 43.48
CA ILE D 23 -69.18 39.49 43.93
C ILE D 23 -68.57 38.78 42.73
N THR D 24 -69.39 38.50 41.70
CA THR D 24 -68.98 37.88 40.44
C THR D 24 -68.07 36.68 40.68
N ARG D 25 -68.62 35.71 41.42
CA ARG D 25 -67.96 34.42 41.69
C ARG D 25 -66.60 34.61 42.38
N ASN D 26 -66.65 35.11 43.62
CA ASN D 26 -65.44 35.33 44.42
C ASN D 26 -65.75 35.18 45.91
N PRO D 27 -65.73 33.95 46.44
CA PRO D 27 -65.99 33.78 47.89
C PRO D 27 -64.89 34.42 48.71
N VAL D 28 -65.26 34.93 49.90
CA VAL D 28 -64.29 35.48 50.85
C VAL D 28 -64.63 34.94 52.23
N PHE D 29 -63.98 33.86 52.62
CA PHE D 29 -64.20 33.25 53.91
C PHE D 29 -63.68 34.19 55.01
N PRO D 30 -64.24 34.15 56.23
CA PRO D 30 -63.69 35.03 57.29
C PRO D 30 -62.24 34.66 57.55
N ARG D 31 -61.42 35.68 57.83
CA ARG D 31 -59.98 35.51 58.10
C ARG D 31 -59.29 34.66 57.03
N PHE D 32 -59.49 35.04 55.78
CA PHE D 32 -58.89 34.35 54.66
C PHE D 32 -58.77 35.43 53.58
N ILE D 33 -57.54 35.81 53.24
CA ILE D 33 -57.30 36.86 52.25
C ILE D 33 -57.83 36.44 50.89
N LYS D 34 -58.38 37.40 50.15
CA LYS D 34 -58.92 37.14 48.82
C LYS D 34 -58.79 38.34 47.90
N ILE D 35 -58.88 38.05 46.60
CA ILE D 35 -58.80 39.00 45.49
C ILE D 35 -60.14 38.96 44.77
N ILE D 36 -60.55 40.10 44.20
CA ILE D 36 -61.83 40.23 43.50
C ILE D 36 -61.57 40.95 42.17
N GLU D 37 -62.12 40.36 41.08
CA GLU D 37 -61.90 40.81 39.70
C GLU D 37 -63.21 40.89 38.89
N VAL D 38 -64.10 41.82 39.21
CA VAL D 38 -65.28 42.06 38.39
C VAL D 38 -64.80 42.62 37.06
N LYS D 39 -65.47 42.24 35.95
CA LYS D 39 -65.09 42.85 34.67
C LYS D 39 -65.52 44.31 34.57
N ASN D 40 -66.71 44.65 35.07
CA ASN D 40 -67.19 46.03 34.93
C ASN D 40 -66.23 47.00 35.60
N LYS D 41 -65.96 48.11 34.93
CA LYS D 41 -65.13 49.18 35.45
C LYS D 41 -65.94 50.18 36.27
N LYS D 42 -67.29 50.12 36.24
CA LYS D 42 -68.10 51.07 37.02
C LYS D 42 -67.79 50.99 38.50
N LEU D 43 -67.39 49.80 38.98
CA LEU D 43 -66.98 49.67 40.36
C LEU D 43 -65.68 50.42 40.62
N VAL D 44 -64.82 50.59 39.61
CA VAL D 44 -63.58 51.35 39.80
C VAL D 44 -63.88 52.80 40.11
N GLU D 45 -64.94 53.37 39.53
CA GLU D 45 -65.30 54.75 39.84
C GLU D 45 -65.66 54.89 41.31
N LEU D 46 -66.39 53.91 41.83
CA LEU D 46 -66.68 53.87 43.26
C LEU D 46 -65.40 53.66 44.07
N LEU D 47 -64.45 52.87 43.55
CA LEU D 47 -63.22 52.65 44.28
C LEU D 47 -62.36 53.91 44.36
N ARG D 48 -62.37 54.76 43.33
CA ARG D 48 -61.63 56.01 43.40
C ARG D 48 -62.35 57.05 44.23
N ARG D 49 -63.68 57.01 44.25
CA ARG D 49 -64.43 57.96 45.06
C ARG D 49 -64.31 57.69 46.56
N LYS D 50 -64.00 56.46 46.98
CA LYS D 50 -63.83 56.16 48.41
C LYS D 50 -62.44 56.52 48.94
N VAL D 51 -61.48 56.82 48.07
CA VAL D 51 -60.13 57.16 48.53
C VAL D 51 -60.15 58.47 49.32
N ARG D 52 -61.03 59.40 48.97
CA ARG D 52 -61.13 60.65 49.73
C ARG D 52 -61.76 60.44 51.11
N LEU D 53 -62.49 59.35 51.32
CA LEU D 53 -63.16 59.11 52.58
C LEU D 53 -62.13 58.91 53.68
N ALA D 54 -62.51 59.25 54.91
CA ALA D 54 -61.59 59.18 56.05
C ALA D 54 -61.10 57.75 56.25
N GLN D 55 -62.01 56.79 56.29
CA GLN D 55 -61.66 55.38 56.47
C GLN D 55 -61.90 54.72 55.12
N PRO D 56 -60.86 54.19 54.43
CA PRO D 56 -61.12 53.49 53.18
C PRO D 56 -61.56 52.07 53.50
N TYR D 57 -62.67 51.65 52.91
CA TYR D 57 -63.21 50.33 53.18
C TYR D 57 -64.02 49.83 52.00
N VAL D 58 -64.25 48.52 52.02
CA VAL D 58 -65.05 47.85 51.00
C VAL D 58 -65.70 46.68 51.71
N GLY D 59 -66.96 46.41 51.36
CA GLY D 59 -67.65 45.25 51.87
C GLY D 59 -67.52 44.03 51.00
N VAL D 60 -67.90 42.90 51.58
CA VAL D 60 -67.99 41.63 50.87
C VAL D 60 -69.24 40.94 51.37
N PHE D 61 -70.11 40.56 50.45
CA PHE D 61 -71.35 39.85 50.74
C PHE D 61 -71.29 38.53 49.97
N LEU D 62 -72.27 37.65 50.22
CA LEU D 62 -72.35 36.38 49.48
C LEU D 62 -73.66 36.34 48.71
N LYS D 63 -73.60 35.83 47.49
CA LYS D 63 -74.74 35.67 46.60
C LYS D 63 -75.53 34.40 46.88
N ARG D 64 -76.83 34.40 46.53
CA ARG D 64 -77.65 33.22 46.71
C ARG D 64 -77.54 32.38 45.44
N ASP D 65 -78.32 31.31 45.39
CA ASP D 65 -78.22 30.32 44.33
C ASP D 65 -78.63 30.91 42.98
N ASP D 66 -78.07 30.32 41.91
CA ASP D 66 -78.33 30.74 40.53
C ASP D 66 -77.93 32.19 40.33
N SER D 67 -76.62 32.44 40.19
CA SER D 67 -76.10 33.80 40.05
C SER D 67 -76.57 34.44 38.75
N ASN D 68 -76.87 35.74 38.84
CA ASN D 68 -77.38 36.49 37.69
C ASN D 68 -76.94 37.93 37.92
N GLU D 69 -76.02 38.41 37.09
CA GLU D 69 -75.53 39.79 37.23
C GLU D 69 -76.61 40.83 37.02
N SER D 70 -77.56 40.57 36.11
CA SER D 70 -78.62 41.55 35.89
C SER D 70 -79.46 41.72 37.13
N ASP D 71 -79.71 40.65 37.88
CA ASP D 71 -80.50 40.83 39.08
C ASP D 71 -79.67 41.43 40.20
N VAL D 72 -78.33 41.26 40.14
CA VAL D 72 -77.49 41.84 41.18
C VAL D 72 -77.49 43.36 41.04
N VAL D 73 -77.48 43.86 39.80
CA VAL D 73 -77.53 45.31 39.60
C VAL D 73 -78.96 45.88 39.59
N GLU D 74 -79.98 45.05 39.37
CA GLU D 74 -81.37 45.50 39.34
C GLU D 74 -82.04 45.53 40.70
N SER D 75 -81.96 44.41 41.42
CA SER D 75 -82.56 44.21 42.72
C SER D 75 -81.47 43.89 43.73
N LEU D 76 -81.79 44.14 44.99
CA LEU D 76 -80.88 43.91 46.10
C LEU D 76 -81.20 42.64 46.87
N ASP D 77 -82.18 41.83 46.44
CA ASP D 77 -82.50 40.61 47.17
C ASP D 77 -81.61 39.41 46.84
N GLU D 78 -80.93 39.39 45.69
CA GLU D 78 -80.16 38.21 45.31
C GLU D 78 -79.03 37.94 46.29
N ILE D 79 -78.41 39.00 46.78
CA ILE D 79 -77.32 38.85 47.71
C ILE D 79 -77.86 38.44 49.08
N TYR D 80 -77.07 37.67 49.82
CA TYR D 80 -77.49 37.25 51.15
C TYR D 80 -77.31 38.41 52.12
N HIS D 81 -78.11 38.38 53.17
CA HIS D 81 -78.00 39.42 54.19
C HIS D 81 -76.64 39.38 54.88
N THR D 82 -75.98 38.22 54.92
CA THR D 82 -74.68 38.15 55.56
C THR D 82 -73.66 38.96 54.77
N GLY D 83 -72.71 39.54 55.51
CA GLY D 83 -71.71 40.43 54.93
C GLY D 83 -70.40 40.36 55.69
N THR D 84 -69.32 40.80 55.01
CA THR D 84 -67.97 40.76 55.58
C THR D 84 -67.24 42.07 55.22
N PHE D 85 -67.49 43.10 56.03
CA PHE D 85 -66.83 44.39 55.92
C PHE D 85 -65.36 44.35 56.33
N ALA D 86 -64.54 45.15 55.64
CA ALA D 86 -63.12 45.23 55.91
C ALA D 86 -62.52 46.49 55.30
N GLN D 87 -61.47 47.00 55.95
CA GLN D 87 -60.74 48.18 55.48
C GLN D 87 -59.84 47.85 54.29
N ILE D 88 -59.69 48.83 53.41
CA ILE D 88 -58.81 48.72 52.25
C ILE D 88 -57.35 48.86 52.68
N HIS D 89 -56.48 48.14 51.97
CA HIS D 89 -55.04 48.16 52.15
C HIS D 89 -54.42 49.09 51.10
N GLU D 90 -54.30 48.59 49.87
CA GLU D 90 -53.63 49.30 48.78
C GLU D 90 -54.14 48.69 47.47
N MET D 91 -54.40 49.54 46.49
CA MET D 91 -54.77 49.08 45.17
C MET D 91 -53.53 48.60 44.42
N GLN D 92 -53.74 47.68 43.46
CA GLN D 92 -52.63 47.15 42.69
C GLN D 92 -52.95 47.22 41.20
N ASP D 93 -53.96 46.45 40.74
CA ASP D 93 -54.41 46.45 39.35
C ASP D 93 -53.24 46.13 38.40
N LEU D 94 -52.64 44.97 38.62
CA LEU D 94 -51.48 44.56 37.82
C LEU D 94 -51.86 44.24 36.38
N GLY D 95 -52.90 43.43 36.16
CA GLY D 95 -53.35 43.05 34.83
C GLY D 95 -54.74 43.51 34.46
N ASP D 96 -55.72 43.20 35.30
CA ASP D 96 -57.06 43.73 35.14
C ASP D 96 -57.14 45.13 35.73
N LYS D 97 -58.11 45.91 35.27
CA LYS D 97 -58.30 47.26 35.80
C LYS D 97 -59.06 47.28 37.13
N LEU D 98 -59.47 46.10 37.63
CA LEU D 98 -60.20 45.95 38.88
C LEU D 98 -59.64 44.68 39.54
N ARG D 99 -58.64 44.87 40.40
CA ARG D 99 -58.02 43.82 41.22
C ARG D 99 -58.06 44.31 42.65
N MET D 100 -59.23 44.27 43.31
CA MET D 100 -59.26 44.72 44.69
C MET D 100 -58.97 43.58 45.65
N ILE D 101 -58.12 43.86 46.64
CA ILE D 101 -57.86 42.93 47.73
C ILE D 101 -58.95 43.08 48.79
N VAL D 102 -59.33 41.95 49.39
CA VAL D 102 -60.36 41.86 50.42
C VAL D 102 -59.87 40.92 51.52
N MET D 103 -60.38 41.13 52.73
CA MET D 103 -60.00 40.35 53.91
C MET D 103 -61.24 40.22 54.77
N GLY D 104 -61.28 39.17 55.59
CA GLY D 104 -62.40 38.94 56.48
C GLY D 104 -62.16 39.33 57.92
N HIS D 105 -62.75 40.48 58.30
CA HIS D 105 -62.61 41.05 59.63
C HIS D 105 -63.96 41.19 60.32
N ARG D 106 -64.90 41.97 59.76
CA ARG D 106 -66.19 42.24 60.40
C ARG D 106 -67.33 41.50 59.71
N ARG D 107 -67.76 40.39 60.33
CA ARG D 107 -68.95 39.67 59.90
C ARG D 107 -70.18 40.44 60.35
N VAL D 108 -71.26 40.34 59.57
CA VAL D 108 -72.48 41.05 59.90
C VAL D 108 -73.66 40.32 59.26
N HIS D 109 -74.84 40.50 59.84
CA HIS D 109 -76.09 39.87 59.41
C HIS D 109 -77.13 41.00 59.42
N ILE D 110 -77.30 41.65 58.27
CA ILE D 110 -78.24 42.77 58.19
C ILE D 110 -79.68 42.29 58.34
N SER D 111 -80.49 43.06 59.09
CA SER D 111 -81.90 42.72 59.26
C SER D 111 -82.68 42.85 57.96
N ARG D 112 -82.33 43.85 57.14
CA ARG D 112 -83.03 44.09 55.88
C ARG D 112 -82.08 44.88 54.98
N GLN D 113 -81.51 44.19 54.00
CA GLN D 113 -80.61 44.77 53.01
C GLN D 113 -81.28 45.77 52.06
N LEU D 114 -82.59 45.68 51.86
CA LEU D 114 -83.26 46.61 50.97
C LEU D 114 -83.18 48.06 51.42
N GLU D 115 -83.10 48.32 52.73
CA GLU D 115 -83.07 49.69 53.23
C GLU D 115 -81.62 50.16 53.32
N MET D 166 -77.27 51.70 55.10
CA MET D 166 -78.08 50.61 55.63
C MET D 166 -77.69 50.21 57.05
N VAL D 167 -78.70 49.99 57.87
CA VAL D 167 -78.50 49.68 59.29
C VAL D 167 -77.74 48.35 59.44
N GLU D 168 -76.82 48.33 60.40
CA GLU D 168 -76.01 47.14 60.66
C GLU D 168 -75.64 47.17 62.15
N VAL D 169 -75.29 46.01 62.69
CA VAL D 169 -74.95 45.90 64.11
C VAL D 169 -74.00 44.72 64.32
N GLU D 170 -73.07 44.90 65.26
CA GLU D 170 -72.07 43.88 65.59
C GLU D 170 -72.65 42.85 66.56
N ASN D 171 -73.63 42.08 66.07
CA ASN D 171 -74.23 41.00 66.85
C ASN D 171 -73.34 39.75 66.79
N VAL D 172 -72.05 39.90 67.12
CA VAL D 172 -71.07 38.82 67.08
C VAL D 172 -71.19 38.01 68.36
N VAL D 173 -72.21 37.15 68.44
CA VAL D 173 -72.37 36.33 69.64
C VAL D 173 -71.18 35.38 69.76
N HIS D 174 -70.72 35.19 70.99
CA HIS D 174 -69.60 34.31 71.29
C HIS D 174 -69.74 33.79 72.73
N GLU D 175 -70.90 33.23 73.02
CA GLU D 175 -71.16 32.71 74.36
C GLU D 175 -70.20 31.56 74.66
N ASP D 176 -69.77 31.46 75.92
CA ASP D 176 -68.86 30.41 76.34
C ASP D 176 -69.18 30.01 77.77
N PHE D 177 -69.07 28.71 78.04
CA PHE D 177 -69.37 28.17 79.36
C PHE D 177 -68.31 28.63 80.36
N GLN D 178 -68.70 28.81 81.62
CA GLN D 178 -67.75 29.32 82.61
C GLN D 178 -66.61 28.34 82.85
N VAL D 179 -66.88 27.05 82.69
CA VAL D 179 -65.88 26.00 82.83
C VAL D 179 -65.29 25.85 81.43
N THR D 180 -64.01 26.17 81.27
CA THR D 180 -63.34 26.12 79.98
C THR D 180 -62.21 25.10 80.07
N GLU D 181 -62.63 23.83 80.24
CA GLU D 181 -61.72 22.69 80.29
C GLU D 181 -62.04 21.72 79.17
N GLU D 182 -63.23 21.11 79.16
CA GLU D 182 -63.59 20.20 78.09
C GLU D 182 -64.14 20.90 76.85
N VAL D 183 -64.45 22.20 76.90
CA VAL D 183 -64.91 22.84 75.66
C VAL D 183 -63.75 23.11 74.70
N LYS D 184 -62.52 23.28 75.22
CA LYS D 184 -61.37 23.46 74.34
C LYS D 184 -60.81 22.16 73.83
N ALA D 185 -61.26 21.01 74.36
CA ALA D 185 -60.77 19.72 73.90
C ALA D 185 -61.07 19.51 72.43
N LEU D 186 -62.17 20.08 71.95
CA LEU D 186 -62.55 19.88 70.56
C LEU D 186 -61.55 20.52 69.60
N THR D 187 -60.87 21.60 70.03
CA THR D 187 -59.93 22.27 69.14
C THR D 187 -58.77 21.35 68.76
N ALA D 188 -58.35 20.48 69.70
CA ALA D 188 -57.28 19.56 69.38
C ALA D 188 -57.71 18.56 68.32
N GLU D 189 -58.98 18.15 68.34
CA GLU D 189 -59.46 17.22 67.32
C GLU D 189 -59.73 17.96 65.99
N ILE D 190 -60.10 19.24 66.05
CA ILE D 190 -60.28 20.01 64.82
C ILE D 190 -58.94 20.17 64.10
N VAL D 191 -57.90 20.59 64.82
CA VAL D 191 -56.58 20.71 64.19
C VAL D 191 -56.03 19.35 63.79
N LYS D 192 -56.34 18.29 64.54
CA LYS D 192 -55.91 16.95 64.13
C LYS D 192 -56.63 16.52 62.85
N THR D 193 -57.88 16.92 62.69
CA THR D 193 -58.59 16.69 61.42
C THR D 193 -57.96 17.49 60.29
N ILE D 194 -57.70 18.78 60.52
CA ILE D 194 -57.08 19.62 59.50
C ILE D 194 -55.71 19.05 59.10
N ARG D 195 -55.00 18.48 60.07
CA ARG D 195 -53.74 17.80 59.82
C ARG D 195 -53.95 16.57 58.94
N ASP D 196 -55.03 15.82 59.17
CA ASP D 196 -55.32 14.69 58.29
C ASP D 196 -55.73 15.11 56.89
N ILE D 197 -56.38 16.27 56.75
CA ILE D 197 -56.84 16.69 55.43
C ILE D 197 -55.65 17.17 54.61
N ILE D 198 -54.72 17.89 55.26
CA ILE D 198 -53.57 18.37 54.50
C ILE D 198 -52.53 17.27 54.34
N ALA D 199 -52.62 16.18 55.12
CA ALA D 199 -51.68 15.07 54.99
C ALA D 199 -52.11 14.07 53.93
N LEU D 200 -53.42 13.80 53.81
CA LEU D 200 -53.91 12.91 52.76
C LEU D 200 -54.26 13.63 51.46
N ASN D 201 -54.64 14.92 51.52
CA ASN D 201 -54.87 15.75 50.34
C ASN D 201 -54.18 17.10 50.53
N PRO D 202 -52.85 17.15 50.47
CA PRO D 202 -52.18 18.45 50.64
C PRO D 202 -52.58 19.44 49.55
N LEU D 203 -52.92 20.65 49.97
CA LEU D 203 -53.26 21.76 49.09
C LEU D 203 -52.35 22.96 49.30
N TYR D 204 -52.22 23.44 50.53
CA TYR D 204 -51.35 24.56 50.88
C TYR D 204 -50.26 24.12 51.83
N ARG D 205 -49.34 25.05 52.08
CA ARG D 205 -48.21 24.86 52.97
C ARG D 205 -48.61 24.68 54.43
N GLU D 206 -47.83 23.83 55.11
CA GLU D 206 -48.02 23.53 56.53
C GLU D 206 -47.40 24.59 57.43
N SER D 207 -46.64 25.55 56.87
CA SER D 207 -45.97 26.55 57.69
C SER D 207 -46.96 27.41 58.45
N VAL D 208 -48.11 27.71 57.86
CA VAL D 208 -49.09 28.55 58.56
C VAL D 208 -49.59 27.82 59.81
N LEU D 209 -49.72 26.49 59.73
CA LEU D 209 -50.10 25.71 60.90
C LEU D 209 -49.00 25.71 61.97
N GLN D 210 -47.73 25.73 61.54
CA GLN D 210 -46.63 25.84 62.51
C GLN D 210 -46.58 27.24 63.11
N MET D 211 -47.08 28.24 62.40
CA MET D 211 -47.07 29.60 62.93
C MET D 211 -48.08 29.71 64.07
N MET D 212 -49.24 29.07 63.93
CA MET D 212 -50.33 29.11 64.91
C MET D 212 -50.48 27.73 65.53
N GLN D 213 -49.91 27.55 66.72
CA GLN D 213 -50.04 26.31 67.49
C GLN D 213 -50.92 26.60 68.70
N ALA D 214 -51.65 25.58 69.16
CA ALA D 214 -52.55 25.73 70.31
C ALA D 214 -51.82 25.97 71.64
N GLY D 215 -50.55 25.61 71.74
CA GLY D 215 -49.73 25.83 72.92
C GLY D 215 -49.16 27.23 73.08
N GLN D 216 -49.22 28.06 72.04
CA GLN D 216 -48.69 29.41 72.10
C GLN D 216 -49.57 30.38 72.89
N ARG D 217 -50.82 30.02 73.22
CA ARG D 217 -51.77 30.87 73.96
C ARG D 217 -52.07 32.20 73.23
N VAL D 218 -51.71 32.28 71.95
CA VAL D 218 -51.97 33.47 71.13
C VAL D 218 -53.35 33.44 70.52
N VAL D 219 -54.12 32.36 70.69
CA VAL D 219 -55.42 32.24 70.06
C VAL D 219 -56.42 33.05 70.88
N ASP D 220 -56.37 34.38 70.73
CA ASP D 220 -57.31 35.27 71.41
C ASP D 220 -58.72 35.15 70.86
N ASN D 221 -58.88 34.56 69.66
CA ASN D 221 -60.16 34.40 68.98
C ASN D 221 -60.26 32.95 68.51
N PRO D 222 -60.60 32.00 69.41
CA PRO D 222 -60.67 30.60 68.95
C PRO D 222 -61.68 30.39 67.84
N ILE D 223 -62.76 31.16 67.85
CA ILE D 223 -63.75 31.01 66.79
C ILE D 223 -63.15 31.43 65.45
N TYR D 224 -62.25 32.42 65.45
CA TYR D 224 -61.57 32.78 64.21
C TYR D 224 -60.59 31.69 63.77
N LEU D 225 -59.91 31.02 64.70
CA LEU D 225 -59.00 29.96 64.27
C LEU D 225 -59.79 28.80 63.68
N SER D 226 -60.93 28.45 64.30
CA SER D 226 -61.76 27.40 63.73
C SER D 226 -62.39 27.84 62.41
N ASP D 227 -62.71 29.13 62.24
CA ASP D 227 -63.25 29.59 60.98
C ASP D 227 -62.20 29.58 59.87
N MET D 228 -60.94 29.90 60.21
CA MET D 228 -59.92 29.85 59.17
C MET D 228 -59.58 28.41 58.83
N GLY D 229 -59.74 27.48 59.78
CA GLY D 229 -59.53 26.08 59.46
C GLY D 229 -60.69 25.47 58.69
N ALA D 230 -61.91 25.93 58.97
CA ALA D 230 -63.09 25.56 58.20
C ALA D 230 -63.15 26.25 56.83
N ALA D 231 -62.47 27.38 56.66
CA ALA D 231 -62.48 28.07 55.37
C ALA D 231 -61.83 27.24 54.27
N LEU D 232 -60.87 26.38 54.64
CA LEU D 232 -60.19 25.49 53.70
C LEU D 232 -61.07 24.33 53.24
N THR D 233 -62.21 24.10 53.91
CA THR D 233 -63.17 23.10 53.44
C THR D 233 -63.67 23.47 52.06
N GLY D 234 -63.92 22.45 51.23
CA GLY D 234 -64.43 22.54 49.88
C GLY D 234 -65.92 22.63 49.72
N ALA D 235 -66.66 22.76 50.82
CA ALA D 235 -68.11 22.73 50.80
C ALA D 235 -68.67 23.89 49.97
N GLU D 236 -69.88 23.67 49.44
CA GLU D 236 -70.53 24.64 48.57
C GLU D 236 -70.80 25.93 49.32
N SER D 237 -70.88 27.04 48.56
CA SER D 237 -71.22 28.31 49.19
C SER D 237 -72.57 28.24 49.88
N HIS D 238 -73.49 27.44 49.33
CA HIS D 238 -74.80 27.28 49.95
C HIS D 238 -74.64 26.63 51.31
N GLU D 239 -73.71 25.67 51.42
CA GLU D 239 -73.41 25.04 52.69
C GLU D 239 -72.76 26.05 53.65
N LEU D 240 -71.93 26.96 53.12
CA LEU D 240 -71.31 27.95 54.00
C LEU D 240 -72.39 28.86 54.58
N GLN D 241 -73.33 29.29 53.73
CA GLN D 241 -74.41 30.13 54.23
C GLN D 241 -75.24 29.38 55.26
N ASP D 242 -75.44 28.07 55.06
CA ASP D 242 -76.19 27.30 56.03
C ASP D 242 -75.43 27.24 57.35
N VAL D 243 -74.10 27.14 57.29
CA VAL D 243 -73.32 27.16 58.52
C VAL D 243 -73.42 28.55 59.15
N LEU D 244 -73.51 29.60 58.33
CA LEU D 244 -73.68 30.95 58.86
C LEU D 244 -75.06 31.16 59.48
N GLU D 245 -76.09 30.45 59.01
CA GLU D 245 -77.42 30.62 59.58
C GLU D 245 -77.46 30.17 61.04
N GLU D 246 -76.61 29.23 61.42
CA GLU D 246 -76.54 28.78 62.79
C GLU D 246 -76.06 29.94 63.67
N THR D 247 -76.62 30.05 64.86
CA THR D 247 -76.25 31.06 65.85
C THR D 247 -75.45 30.50 67.01
N ASN D 248 -75.91 29.41 67.63
CA ASN D 248 -75.21 28.84 68.77
C ASN D 248 -73.85 28.33 68.33
N ILE D 249 -72.82 28.62 69.14
CA ILE D 249 -71.46 28.24 68.79
C ILE D 249 -71.27 26.72 68.65
N PRO D 250 -71.65 25.87 69.63
CA PRO D 250 -71.48 24.43 69.41
C PRO D 250 -72.25 23.89 68.22
N LYS D 251 -73.44 24.42 67.94
CA LYS D 251 -74.23 23.91 66.82
C LYS D 251 -73.53 24.17 65.48
N ARG D 252 -73.06 25.41 65.26
CA ARG D 252 -72.33 25.71 64.03
C ARG D 252 -71.05 24.89 63.95
N LEU D 253 -70.45 24.61 65.12
CA LEU D 253 -69.32 23.69 65.15
C LEU D 253 -69.76 22.32 64.65
N TYR D 254 -70.86 21.78 65.18
CA TYR D 254 -71.23 20.40 64.83
C TYR D 254 -71.54 20.31 63.34
N LYS D 255 -72.14 21.36 62.76
CA LYS D 255 -72.34 21.31 61.31
C LYS D 255 -70.98 21.40 60.60
N ALA D 256 -70.00 22.10 61.20
CA ALA D 256 -68.68 22.13 60.58
C ALA D 256 -68.01 20.76 60.65
N LEU D 257 -68.29 20.01 61.72
CA LEU D 257 -67.77 18.64 61.81
C LEU D 257 -68.46 17.74 60.79
N SER D 258 -69.79 17.84 60.69
CA SER D 258 -70.53 17.01 59.74
C SER D 258 -70.12 17.34 58.31
N LEU D 259 -69.86 18.63 58.03
CA LEU D 259 -69.34 19.01 56.72
C LEU D 259 -67.95 18.46 56.51
N LEU D 260 -67.16 18.36 57.57
CA LEU D 260 -65.87 17.70 57.43
C LEU D 260 -66.06 16.22 57.12
N LYS D 261 -67.07 15.59 57.75
CA LYS D 261 -67.33 14.17 57.50
C LYS D 261 -67.70 13.94 56.05
N LYS D 262 -68.66 14.74 55.56
CA LYS D 262 -69.15 14.57 54.19
C LYS D 262 -68.06 14.90 53.16
N GLU D 263 -67.27 15.95 53.42
CA GLU D 263 -66.23 16.29 52.46
C GLU D 263 -65.10 15.27 52.47
N PHE D 264 -64.70 14.78 53.65
CA PHE D 264 -63.70 13.73 53.68
C PHE D 264 -64.22 12.43 53.09
N GLU D 265 -65.50 12.11 53.28
CA GLU D 265 -66.04 10.91 52.66
C GLU D 265 -66.11 11.04 51.14
N LEU D 266 -66.34 12.25 50.64
CA LEU D 266 -66.33 12.47 49.19
C LEU D 266 -64.91 12.40 48.64
N SER D 267 -63.95 13.06 49.30
CA SER D 267 -62.58 12.96 48.87
C SER D 267 -62.04 11.54 48.99
N LYS D 268 -62.51 10.77 49.97
CA LYS D 268 -62.04 9.40 50.12
C LYS D 268 -62.63 8.51 49.02
N LEU D 269 -63.94 8.60 48.77
CA LEU D 269 -64.52 7.77 47.74
C LEU D 269 -64.00 8.17 46.36
N GLN D 270 -63.71 9.45 46.13
CA GLN D 270 -63.11 9.84 44.86
C GLN D 270 -61.68 9.34 44.77
N GLN D 271 -60.92 9.43 45.86
CA GLN D 271 -59.55 8.92 45.87
C GLN D 271 -59.50 7.41 45.68
N ARG D 272 -60.46 6.69 46.26
CA ARG D 272 -60.45 5.24 46.14
C ARG D 272 -60.94 4.79 44.78
N LEU D 273 -62.01 5.41 44.27
CA LEU D 273 -62.48 5.06 42.94
C LEU D 273 -61.43 5.41 41.90
N GLY D 274 -60.70 6.51 42.09
CA GLY D 274 -59.66 6.85 41.15
C GLY D 274 -58.45 5.96 41.28
N ARG D 275 -58.08 5.59 42.51
CA ARG D 275 -56.97 4.67 42.69
C ARG D 275 -57.31 3.29 42.12
N GLU D 276 -58.57 2.88 42.23
CA GLU D 276 -59.00 1.62 41.62
C GLU D 276 -58.99 1.69 40.11
N VAL D 277 -59.57 2.75 39.52
CA VAL D 277 -59.56 2.86 38.07
C VAL D 277 -58.12 2.99 37.56
N GLU D 278 -57.28 3.71 38.31
CA GLU D 278 -55.87 3.79 37.95
C GLU D 278 -55.24 2.42 38.00
N GLU D 279 -55.61 1.63 39.01
CA GLU D 279 -55.11 0.25 39.10
C GLU D 279 -55.57 -0.56 37.90
N LYS D 280 -56.78 -0.30 37.41
CA LYS D 280 -57.25 -1.00 36.22
C LYS D 280 -56.57 -0.51 34.96
N ILE D 281 -55.94 0.68 35.00
CA ILE D 281 -55.06 1.07 33.89
C ILE D 281 -53.65 0.51 34.11
N LYS D 282 -53.24 0.28 35.36
CA LYS D 282 -51.97 -0.42 35.64
C LYS D 282 -52.04 -1.89 35.29
N GLN D 283 -53.24 -2.47 35.09
CA GLN D 283 -53.35 -3.84 34.62
C GLN D 283 -52.66 -4.07 33.28
N THR D 284 -52.49 -3.00 32.48
CA THR D 284 -51.71 -3.11 31.27
C THR D 284 -50.30 -3.58 31.63
N HIS D 285 -49.80 -4.53 30.87
CA HIS D 285 -48.58 -5.24 31.22
C HIS D 285 -47.35 -4.37 31.04
N ARG D 286 -46.30 -4.69 31.81
CA ARG D 286 -45.03 -3.98 31.70
C ARG D 286 -44.38 -4.14 30.33
N LYS D 287 -44.76 -5.16 29.56
CA LYS D 287 -44.32 -5.26 28.17
C LYS D 287 -44.74 -4.01 27.38
N TYR D 288 -45.90 -3.43 27.70
CA TYR D 288 -46.34 -2.21 27.02
C TYR D 288 -45.41 -1.05 27.35
N LEU D 289 -44.97 -0.97 28.62
CA LEU D 289 -44.02 0.06 28.99
C LEU D 289 -42.70 -0.16 28.28
N LEU D 290 -42.22 -1.40 28.24
CA LEU D 290 -40.98 -1.67 27.51
C LEU D 290 -41.13 -1.44 26.01
N GLN D 291 -42.32 -1.66 25.43
CA GLN D 291 -42.51 -1.29 24.03
C GLN D 291 -42.41 0.21 23.87
N GLU D 292 -42.91 0.96 24.85
CA GLU D 292 -42.77 2.41 24.82
C GLU D 292 -41.31 2.81 24.91
N GLN D 293 -40.54 2.16 25.79
CA GLN D 293 -39.13 2.45 25.87
C GLN D 293 -38.40 2.08 24.59
N LEU D 294 -38.81 0.99 23.94
CA LEU D 294 -38.17 0.63 22.69
C LEU D 294 -38.48 1.69 21.64
N LYS D 295 -39.69 2.24 21.70
CA LYS D 295 -40.02 3.36 20.84
C LYS D 295 -39.18 4.59 21.18
N ILE D 296 -38.86 4.80 22.47
CA ILE D 296 -37.96 5.90 22.81
C ILE D 296 -36.61 5.69 22.13
N ILE D 297 -36.13 4.44 22.13
CA ILE D 297 -34.90 4.08 21.41
C ILE D 297 -35.08 4.55 19.98
N LYS D 298 -36.01 3.93 19.24
CA LYS D 298 -36.03 4.16 17.79
C LYS D 298 -36.31 5.62 17.47
N LYS D 299 -37.11 6.32 18.29
CA LYS D 299 -37.33 7.74 18.01
C LYS D 299 -36.02 8.49 18.13
N GLU D 300 -35.17 8.11 19.10
CA GLU D 300 -33.86 8.73 19.20
C GLU D 300 -33.05 8.40 17.95
N LEU D 301 -33.03 7.13 17.57
CA LEU D 301 -32.24 6.71 16.43
C LEU D 301 -32.70 7.41 15.16
N GLY D 302 -33.99 7.68 15.05
CA GLY D 302 -34.51 8.38 13.91
C GLY D 302 -34.30 9.87 13.98
N LEU D 303 -33.88 10.37 15.14
CA LEU D 303 -33.70 11.80 15.32
C LEU D 303 -32.23 12.17 15.32
N GLU D 304 -31.36 11.23 14.97
CA GLU D 304 -29.94 11.51 14.93
C GLU D 304 -29.56 11.78 13.48
N LYS D 305 -28.46 12.48 13.30
CA LYS D 305 -27.92 12.85 11.99
C LYS D 305 -26.45 12.48 11.86
N ASP D 306 -26.08 12.01 10.67
CA ASP D 306 -24.70 11.67 10.32
C ASP D 306 -24.06 10.61 11.22
N ASP D 307 -24.77 9.49 11.41
CA ASP D 307 -24.23 8.36 12.16
C ASP D 307 -23.58 7.33 11.24
N LYS D 308 -22.83 6.42 11.84
CA LYS D 308 -22.20 5.34 11.09
C LYS D 308 -23.14 4.20 10.79
N ASP D 309 -24.34 4.17 11.40
CA ASP D 309 -25.29 3.12 11.09
C ASP D 309 -25.66 3.19 9.61
N ALA D 310 -25.64 4.39 9.03
CA ALA D 310 -26.05 4.54 7.65
C ALA D 310 -25.17 3.66 6.75
N ILE D 311 -23.89 3.51 7.13
CA ILE D 311 -23.01 2.64 6.37
C ILE D 311 -23.48 1.21 6.50
N GLU D 312 -23.89 0.82 7.70
CA GLU D 312 -24.49 -0.50 7.86
C GLU D 312 -25.73 -0.61 6.99
N GLU D 313 -26.48 0.49 6.91
CA GLU D 313 -27.82 0.41 6.35
C GLU D 313 -27.71 0.23 4.85
N LYS D 314 -26.83 0.98 4.22
CA LYS D 314 -26.76 0.96 2.78
C LYS D 314 -26.32 -0.42 2.29
N PHE D 315 -25.48 -1.10 3.06
CA PHE D 315 -25.19 -2.48 2.72
C PHE D 315 -26.40 -3.34 2.97
N ARG D 316 -27.02 -3.18 4.14
CA ARG D 316 -28.16 -4.01 4.52
C ARG D 316 -29.28 -3.92 3.50
N GLU D 317 -29.68 -2.70 3.14
CA GLU D 317 -30.75 -2.54 2.17
C GLU D 317 -30.36 -3.15 0.84
N ARG D 318 -29.06 -3.08 0.49
CA ARG D 318 -28.60 -3.72 -0.73
C ARG D 318 -28.82 -5.21 -0.61
N LEU D 319 -28.56 -5.73 0.57
CA LEU D 319 -28.68 -7.14 0.83
C LEU D 319 -30.12 -7.62 0.70
N LYS D 320 -31.09 -6.73 0.90
CA LYS D 320 -32.48 -7.14 1.06
C LYS D 320 -33.06 -7.87 -0.16
N GLU D 321 -32.58 -7.59 -1.36
CA GLU D 321 -33.23 -8.13 -2.55
C GLU D 321 -32.64 -9.46 -3.01
N LEU D 322 -31.39 -9.44 -3.41
CA LEU D 322 -30.72 -10.61 -3.92
C LEU D 322 -30.67 -11.73 -2.87
N VAL D 323 -30.90 -12.96 -3.32
CA VAL D 323 -30.98 -14.11 -2.43
C VAL D 323 -29.58 -14.59 -2.11
N VAL D 324 -29.04 -14.10 -1.01
CA VAL D 324 -27.70 -14.54 -0.63
C VAL D 324 -27.75 -16.01 -0.23
N PRO D 325 -26.76 -16.84 -0.60
CA PRO D 325 -26.73 -18.18 -0.05
C PRO D 325 -26.54 -18.08 1.45
N LYS D 326 -27.12 -19.03 2.17
CA LYS D 326 -26.97 -19.03 3.64
C LYS D 326 -25.50 -19.14 4.04
N HIS D 327 -24.68 -19.74 3.17
CA HIS D 327 -23.27 -19.94 3.46
C HIS D 327 -22.60 -18.61 3.77
N VAL D 328 -22.73 -17.63 2.86
CA VAL D 328 -22.10 -16.34 3.08
C VAL D 328 -22.93 -15.42 3.94
N MET D 329 -24.18 -15.78 4.23
CA MET D 329 -25.07 -14.86 4.92
C MET D 329 -24.55 -14.49 6.28
N ASP D 330 -23.79 -15.38 6.90
CA ASP D 330 -23.17 -15.04 8.17
C ASP D 330 -21.89 -14.26 7.95
N VAL D 331 -21.04 -14.68 7.00
CA VAL D 331 -19.72 -14.08 6.83
C VAL D 331 -19.83 -12.61 6.48
N VAL D 332 -20.94 -12.19 5.88
CA VAL D 332 -21.19 -10.76 5.78
C VAL D 332 -21.41 -10.18 7.17
N ASP D 333 -22.02 -10.94 8.07
CA ASP D 333 -22.35 -10.39 9.38
C ASP D 333 -21.11 -10.05 10.17
N GLU D 334 -20.19 -11.03 10.36
CA GLU D 334 -19.04 -10.76 11.24
C GLU D 334 -18.30 -9.52 10.79
N GLU D 335 -18.15 -9.35 9.47
CA GLU D 335 -17.56 -8.14 8.96
C GLU D 335 -18.41 -6.94 9.34
N LEU D 336 -19.73 -7.10 9.26
CA LEU D 336 -20.58 -5.95 9.52
C LEU D 336 -20.50 -5.55 10.98
N SER D 337 -20.64 -6.53 11.88
CA SER D 337 -20.51 -6.28 13.30
C SER D 337 -19.16 -5.72 13.64
N LYS D 338 -18.13 -6.14 12.90
CA LYS D 338 -16.82 -5.56 13.08
C LYS D 338 -16.78 -4.11 12.67
N LEU D 339 -17.58 -3.71 11.68
CA LEU D 339 -17.47 -2.35 11.13
C LEU D 339 -17.69 -1.29 12.19
N GLY D 340 -18.62 -1.53 13.11
CA GLY D 340 -18.90 -0.53 14.13
C GLY D 340 -17.87 -0.47 15.23
N LEU D 341 -17.27 -1.62 15.58
CA LEU D 341 -16.32 -1.63 16.67
C LEU D 341 -15.03 -0.91 16.31
N LEU D 342 -14.69 -0.85 15.04
CA LEU D 342 -13.45 -0.19 14.65
C LEU D 342 -13.60 1.32 14.68
N ASP D 343 -12.49 1.99 14.94
CA ASP D 343 -12.43 3.43 14.75
C ASP D 343 -12.45 3.75 13.28
N ASN D 344 -13.17 4.82 12.94
CA ASN D 344 -13.43 5.13 11.54
C ASN D 344 -12.17 5.44 10.76
N HIS D 345 -11.18 6.07 11.39
CA HIS D 345 -9.95 6.39 10.67
C HIS D 345 -8.94 5.27 10.68
N SER D 346 -9.13 4.25 11.53
CA SER D 346 -8.19 3.16 11.63
C SER D 346 -8.04 2.48 10.29
N SER D 347 -6.80 2.20 9.87
CA SER D 347 -6.58 1.66 8.53
C SER D 347 -7.29 0.33 8.35
N GLU D 348 -7.39 -0.45 9.43
CA GLU D 348 -8.11 -1.70 9.32
C GLU D 348 -9.55 -1.44 8.99
N PHE D 349 -10.12 -0.33 9.50
CA PHE D 349 -11.52 -0.09 9.19
C PHE D 349 -11.69 0.09 7.69
N ASN D 350 -10.71 0.71 7.05
CA ASN D 350 -10.82 0.92 5.63
C ASN D 350 -10.77 -0.38 4.86
N VAL D 351 -9.93 -1.32 5.33
CA VAL D 351 -9.92 -2.58 4.60
C VAL D 351 -11.22 -3.32 4.77
N THR D 352 -11.76 -3.37 5.99
CA THR D 352 -13.04 -4.06 6.15
C THR D 352 -14.14 -3.36 5.39
N ARG D 353 -14.07 -2.04 5.27
CA ARG D 353 -15.11 -1.32 4.55
C ARG D 353 -15.05 -1.64 3.07
N ASN D 354 -13.87 -1.50 2.46
CA ASN D 354 -13.73 -1.80 1.04
C ASN D 354 -14.09 -3.25 0.78
N TYR D 355 -13.76 -4.13 1.71
CA TYR D 355 -14.04 -5.54 1.51
C TYR D 355 -15.52 -5.83 1.56
N LEU D 356 -16.22 -5.29 2.56
CA LEU D 356 -17.66 -5.51 2.61
C LEU D 356 -18.35 -4.91 1.42
N ASP D 357 -17.81 -3.82 0.88
CA ASP D 357 -18.38 -3.28 -0.34
C ASP D 357 -18.25 -4.30 -1.45
N TRP D 358 -17.04 -4.83 -1.63
CA TRP D 358 -16.85 -5.80 -2.69
C TRP D 358 -17.71 -7.02 -2.51
N LEU D 359 -17.97 -7.39 -1.28
CA LEU D 359 -18.77 -8.58 -1.05
C LEU D 359 -20.23 -8.31 -1.35
N THR D 360 -20.76 -7.20 -0.89
CA THR D 360 -22.17 -6.92 -1.15
C THR D 360 -22.44 -6.68 -2.61
N SER D 361 -21.47 -6.16 -3.36
CA SER D 361 -21.74 -5.80 -4.75
C SER D 361 -22.11 -6.98 -5.61
N ILE D 362 -21.58 -8.17 -5.30
CA ILE D 362 -21.71 -9.33 -6.18
C ILE D 362 -23.18 -9.75 -6.26
N PRO D 363 -23.78 -9.92 -7.44
CA PRO D 363 -25.12 -10.48 -7.48
C PRO D 363 -25.13 -11.89 -6.92
N TRP D 364 -26.20 -12.25 -6.25
CA TRP D 364 -26.38 -13.57 -5.67
C TRP D 364 -27.77 -14.01 -6.08
N GLY D 365 -27.85 -14.55 -7.29
CA GLY D 365 -29.09 -15.07 -7.83
C GLY D 365 -29.79 -14.23 -8.87
N LYS D 366 -29.41 -12.98 -9.10
CA LYS D 366 -30.01 -12.24 -10.20
C LYS D 366 -29.74 -12.97 -11.50
N TYR D 367 -30.79 -13.13 -12.30
CA TYR D 367 -30.77 -14.02 -13.46
C TYR D 367 -31.36 -13.28 -14.66
N SER D 368 -30.50 -12.81 -15.55
CA SER D 368 -30.99 -12.20 -16.78
C SER D 368 -31.79 -13.23 -17.56
N ASN D 369 -32.96 -12.84 -18.03
CA ASN D 369 -33.84 -13.77 -18.69
C ASN D 369 -33.46 -13.87 -20.16
N GLU D 370 -33.65 -15.05 -20.71
CA GLU D 370 -33.42 -15.34 -22.11
C GLU D 370 -34.71 -15.26 -22.88
N ASN D 371 -34.58 -15.04 -24.18
CA ASN D 371 -35.62 -15.47 -25.09
C ASN D 371 -35.54 -16.98 -25.19
N LEU D 372 -36.67 -17.59 -25.49
CA LEU D 372 -36.77 -19.04 -25.57
C LEU D 372 -37.49 -19.54 -26.80
N ASP D 373 -38.15 -18.69 -27.56
CA ASP D 373 -38.62 -19.13 -28.87
C ASP D 373 -37.41 -19.37 -29.74
N LEU D 374 -37.43 -20.49 -30.46
CA LEU D 374 -36.34 -20.74 -31.39
C LEU D 374 -36.41 -19.81 -32.58
N ALA D 375 -37.64 -19.49 -33.02
CA ALA D 375 -37.83 -18.75 -34.26
C ALA D 375 -37.11 -17.42 -34.20
N ARG D 376 -37.38 -16.63 -33.16
CA ARG D 376 -36.82 -15.29 -33.10
C ARG D 376 -35.30 -15.35 -33.04
N ALA D 377 -34.76 -16.40 -32.42
CA ALA D 377 -33.32 -16.56 -32.43
C ALA D 377 -32.80 -16.84 -33.83
N GLN D 378 -33.58 -17.54 -34.67
CA GLN D 378 -33.13 -17.86 -36.04
C GLN D 378 -32.63 -16.63 -36.77
N ALA D 379 -33.54 -15.68 -37.00
CA ALA D 379 -33.24 -14.46 -37.72
C ALA D 379 -32.00 -13.82 -37.16
N VAL D 380 -32.05 -13.41 -35.89
CA VAL D 380 -30.99 -12.59 -35.32
C VAL D 380 -29.66 -13.29 -35.40
N LEU D 381 -29.63 -14.62 -35.34
CA LEU D 381 -28.39 -15.30 -35.64
C LEU D 381 -27.99 -15.08 -37.08
N GLU D 382 -28.97 -15.03 -37.99
CA GLU D 382 -28.64 -14.88 -39.40
C GLU D 382 -28.28 -13.47 -39.80
N GLU D 383 -28.54 -12.47 -38.96
CA GLU D 383 -28.39 -11.10 -39.44
C GLU D 383 -26.97 -10.70 -39.73
N ASP D 384 -25.99 -11.32 -39.08
CA ASP D 384 -24.63 -10.80 -39.09
C ASP D 384 -23.55 -11.82 -39.36
N HIS D 385 -23.87 -13.06 -39.70
CA HIS D 385 -22.84 -14.06 -39.98
C HIS D 385 -23.47 -15.10 -40.87
N TYR D 386 -22.99 -15.18 -42.10
CA TYR D 386 -23.51 -16.15 -43.02
C TYR D 386 -22.97 -17.51 -42.63
N GLY D 387 -23.77 -18.54 -42.94
CA GLY D 387 -23.29 -19.89 -42.94
C GLY D 387 -22.85 -20.33 -41.58
N MET D 388 -21.67 -20.97 -41.55
CA MET D 388 -21.08 -21.59 -40.36
C MET D 388 -22.18 -22.24 -39.53
N GLU D 389 -23.00 -23.03 -40.24
CA GLU D 389 -24.22 -23.58 -39.68
C GLU D 389 -23.97 -24.47 -38.50
N ASP D 390 -22.77 -25.00 -38.35
CA ASP D 390 -22.53 -25.92 -37.26
C ASP D 390 -22.69 -25.19 -35.94
N VAL D 391 -22.05 -24.03 -35.80
CA VAL D 391 -22.16 -23.31 -34.55
C VAL D 391 -23.58 -22.81 -34.32
N LYS D 392 -24.27 -22.42 -35.39
CA LYS D 392 -25.66 -22.00 -35.24
C LYS D 392 -26.52 -23.17 -34.79
N LYS D 393 -26.28 -24.33 -35.38
CA LYS D 393 -27.05 -25.51 -35.03
C LYS D 393 -26.81 -25.87 -33.58
N ARG D 394 -25.58 -25.71 -33.12
CA ARG D 394 -25.29 -26.04 -31.73
C ARG D 394 -26.01 -25.09 -30.79
N ILE D 395 -25.91 -23.78 -31.03
CA ILE D 395 -26.57 -22.85 -30.13
C ILE D 395 -28.07 -23.06 -30.16
N LEU D 396 -28.61 -23.41 -31.32
CA LEU D 396 -30.01 -23.68 -31.40
C LEU D 396 -30.37 -24.87 -30.52
N GLU D 397 -29.54 -25.90 -30.53
CA GLU D 397 -29.79 -27.01 -29.64
C GLU D 397 -29.69 -26.58 -28.19
N PHE D 398 -28.79 -25.65 -27.90
CA PHE D 398 -28.64 -25.20 -26.52
C PHE D 398 -29.95 -24.60 -26.03
N ILE D 399 -30.51 -23.68 -26.80
CA ILE D 399 -31.79 -23.11 -26.37
C ILE D 399 -32.85 -24.19 -26.35
N ALA D 400 -32.77 -25.12 -27.29
CA ALA D 400 -33.80 -26.13 -27.39
C ALA D 400 -33.84 -27.02 -26.16
N VAL D 401 -32.69 -27.29 -25.55
CA VAL D 401 -32.70 -28.12 -24.37
C VAL D 401 -33.02 -27.30 -23.15
N SER D 402 -32.48 -26.07 -23.07
CA SER D 402 -32.78 -25.25 -21.90
C SER D 402 -34.26 -24.93 -21.79
N GLN D 403 -34.93 -24.82 -22.92
CA GLN D 403 -36.34 -24.46 -22.94
C GLN D 403 -37.20 -25.51 -22.24
N LEU D 404 -36.73 -26.75 -22.18
CA LEU D 404 -37.51 -27.80 -21.53
C LEU D 404 -37.39 -27.68 -20.02
N ARG D 405 -36.18 -27.81 -19.53
CA ARG D 405 -35.96 -28.00 -18.10
C ARG D 405 -35.91 -26.64 -17.40
N GLY D 406 -37.00 -25.89 -17.45
CA GLY D 406 -37.12 -24.70 -16.62
C GLY D 406 -36.01 -23.69 -16.79
N SER D 407 -35.10 -23.67 -15.84
CA SER D 407 -34.17 -22.58 -15.67
C SER D 407 -33.00 -22.62 -16.62
N THR D 408 -32.26 -21.54 -16.60
CA THR D 408 -31.06 -21.34 -17.38
C THR D 408 -29.97 -22.30 -16.95
N GLN D 409 -29.05 -22.60 -17.86
CA GLN D 409 -27.94 -23.50 -17.60
C GLN D 409 -26.67 -23.05 -18.27
N GLY D 410 -25.54 -23.27 -17.61
CA GLY D 410 -24.24 -22.98 -18.18
C GLY D 410 -23.67 -24.14 -18.95
N LYS D 411 -22.64 -23.87 -19.73
CA LYS D 411 -22.00 -24.89 -20.53
C LYS D 411 -20.76 -24.26 -21.13
N ILE D 412 -19.75 -25.06 -21.46
CA ILE D 412 -18.50 -24.56 -22.01
C ILE D 412 -18.46 -24.91 -23.50
N LEU D 413 -17.71 -24.12 -24.28
CA LEU D 413 -17.55 -24.37 -25.70
C LEU D 413 -16.23 -23.80 -26.16
N CYS D 414 -15.74 -24.32 -27.29
CA CYS D 414 -14.50 -23.84 -27.88
C CYS D 414 -14.62 -23.85 -29.38
N PHE D 415 -13.96 -22.88 -30.01
CA PHE D 415 -13.96 -22.72 -31.44
C PHE D 415 -12.54 -22.68 -31.94
N TYR D 416 -12.34 -23.18 -33.15
CA TYR D 416 -11.01 -23.18 -33.72
C TYR D 416 -11.10 -23.35 -35.21
N GLY D 417 -10.15 -22.73 -35.89
CA GLY D 417 -10.11 -22.76 -37.32
C GLY D 417 -9.20 -21.68 -37.85
N PRO D 418 -9.12 -21.55 -39.16
CA PRO D 418 -8.20 -20.59 -39.76
C PRO D 418 -8.53 -19.18 -39.32
N PRO D 419 -7.54 -18.32 -39.20
CA PRO D 419 -7.78 -16.97 -38.66
C PRO D 419 -8.71 -16.16 -39.54
N GLY D 420 -9.51 -15.31 -38.92
CA GLY D 420 -10.40 -14.46 -39.67
C GLY D 420 -11.64 -15.15 -40.16
N VAL D 421 -11.99 -16.30 -39.59
CA VAL D 421 -13.24 -16.95 -39.97
C VAL D 421 -14.46 -16.28 -39.37
N GLY D 422 -14.28 -15.34 -38.44
CA GLY D 422 -15.40 -14.70 -37.79
C GLY D 422 -15.69 -15.18 -36.40
N LYS D 423 -14.84 -16.07 -35.85
CA LYS D 423 -15.00 -16.64 -34.53
C LYS D 423 -15.37 -15.58 -33.52
N THR D 424 -14.48 -14.63 -33.24
CA THR D 424 -14.77 -13.64 -32.23
C THR D 424 -16.00 -12.83 -32.58
N SER D 425 -16.21 -12.62 -33.88
CA SER D 425 -17.29 -11.76 -34.35
C SER D 425 -18.65 -12.29 -33.95
N ILE D 426 -18.80 -13.61 -33.86
CA ILE D 426 -20.12 -14.13 -33.58
C ILE D 426 -20.50 -13.92 -32.14
N ALA D 427 -19.52 -13.69 -31.25
CA ALA D 427 -19.79 -13.73 -29.81
C ALA D 427 -20.89 -12.76 -29.43
N ARG D 428 -20.71 -11.49 -29.77
CA ARG D 428 -21.72 -10.50 -29.41
C ARG D 428 -23.05 -10.81 -30.07
N SER D 429 -23.03 -11.36 -31.28
CA SER D 429 -24.29 -11.69 -31.92
C SER D 429 -25.05 -12.72 -31.10
N ILE D 430 -24.32 -13.65 -30.49
CA ILE D 430 -24.99 -14.61 -29.65
C ILE D 430 -25.50 -13.91 -28.42
N ALA D 431 -24.80 -12.88 -27.95
CA ALA D 431 -25.18 -12.24 -26.70
C ALA D 431 -26.55 -11.62 -26.86
N ARG D 432 -26.80 -11.04 -28.04
CA ARG D 432 -28.13 -10.53 -28.32
C ARG D 432 -29.07 -11.59 -28.85
N ALA D 433 -28.56 -12.78 -29.17
CA ALA D 433 -29.44 -13.87 -29.52
C ALA D 433 -30.06 -14.49 -28.29
N LEU D 434 -29.23 -15.03 -27.41
CA LEU D 434 -29.73 -15.59 -26.17
C LEU D 434 -30.30 -14.56 -25.24
N ASN D 435 -29.89 -13.29 -25.35
CA ASN D 435 -30.20 -12.15 -24.48
C ASN D 435 -29.28 -12.10 -23.25
N ARG D 436 -28.27 -12.94 -23.15
CA ARG D 436 -27.35 -12.80 -22.04
C ARG D 436 -26.44 -11.60 -22.22
N GLU D 437 -25.98 -11.05 -21.11
CA GLU D 437 -24.98 -10.01 -21.13
C GLU D 437 -23.63 -10.51 -21.61
N TYR D 438 -22.92 -9.64 -22.32
CA TYR D 438 -21.62 -9.92 -22.89
C TYR D 438 -20.51 -9.34 -22.02
N PHE D 439 -19.36 -10.00 -22.04
CA PHE D 439 -18.18 -9.46 -21.37
C PHE D 439 -16.96 -10.14 -21.98
N ARG D 440 -16.21 -9.40 -22.77
CA ARG D 440 -15.00 -9.94 -23.33
C ARG D 440 -13.94 -10.04 -22.27
N PHE D 441 -13.02 -10.98 -22.45
CA PHE D 441 -11.92 -11.14 -21.51
C PHE D 441 -10.76 -11.72 -22.30
N SER D 442 -9.92 -10.83 -22.82
CA SER D 442 -8.73 -11.31 -23.52
C SER D 442 -7.76 -11.87 -22.50
N VAL D 443 -7.06 -12.92 -22.90
CA VAL D 443 -6.02 -13.51 -22.07
C VAL D 443 -4.77 -13.78 -22.90
N GLY D 444 -4.66 -13.19 -24.08
CA GLY D 444 -3.45 -13.39 -24.86
C GLY D 444 -2.24 -12.84 -24.15
N GLY D 445 -1.25 -13.68 -23.88
CA GLY D 445 0.02 -13.21 -23.35
C GLY D 445 0.02 -12.90 -21.86
N MET D 446 -1.05 -13.24 -21.15
CA MET D 446 -1.10 -12.94 -19.73
C MET D 446 -0.18 -13.87 -18.95
N THR D 447 0.30 -13.39 -17.81
CA THR D 447 1.02 -14.21 -16.85
C THR D 447 0.63 -13.98 -15.41
N ASP D 448 -0.21 -12.99 -15.11
CA ASP D 448 -0.61 -12.66 -13.75
C ASP D 448 -1.74 -13.58 -13.33
N VAL D 449 -1.40 -14.71 -12.69
CA VAL D 449 -2.44 -15.61 -12.20
C VAL D 449 -3.36 -14.89 -11.21
N ALA D 450 -2.84 -13.86 -10.54
CA ALA D 450 -3.66 -13.10 -9.61
C ALA D 450 -4.86 -12.52 -10.31
N GLU D 451 -4.75 -12.22 -11.61
CA GLU D 451 -5.90 -11.69 -12.32
C GLU D 451 -7.03 -12.70 -12.33
N ILE D 452 -6.70 -13.99 -12.41
CA ILE D 452 -7.74 -15.00 -12.36
C ILE D 452 -8.14 -15.31 -10.93
N LYS D 453 -7.38 -14.87 -9.92
CA LYS D 453 -7.69 -15.23 -8.54
C LYS D 453 -7.50 -14.11 -7.52
N GLY D 454 -7.20 -12.91 -7.94
CA GLY D 454 -7.05 -11.81 -7.01
C GLY D 454 -5.79 -11.94 -6.17
N HIS D 455 -5.86 -11.31 -5.00
CA HIS D 455 -4.76 -11.22 -4.07
C HIS D 455 -5.27 -11.49 -2.67
N ARG D 456 -4.35 -11.50 -1.73
CA ARG D 456 -4.62 -12.02 -0.39
C ARG D 456 -5.68 -11.24 0.36
N ARG D 457 -5.95 -9.99 -0.01
CA ARG D 457 -6.81 -8.98 0.61
C ARG D 457 -6.13 -8.32 1.79
N THR D 458 -5.02 -8.84 2.31
CA THR D 458 -4.24 -8.11 3.27
C THR D 458 -3.19 -7.24 2.64
N TYR D 459 -2.89 -7.42 1.36
CA TYR D 459 -2.00 -6.51 0.70
C TYR D 459 -2.70 -5.22 0.41
N VAL D 460 -1.95 -4.13 0.37
CA VAL D 460 -2.52 -2.85 0.02
C VAL D 460 -3.03 -2.89 -1.40
N GLY D 461 -4.24 -2.36 -1.60
CA GLY D 461 -4.80 -2.20 -2.93
C GLY D 461 -5.34 -3.46 -3.56
N ALA D 462 -5.50 -4.54 -2.80
CA ALA D 462 -5.97 -5.78 -3.38
C ALA D 462 -7.38 -5.63 -3.91
N MET D 463 -7.64 -6.27 -5.05
CA MET D 463 -8.98 -6.33 -5.58
C MET D 463 -9.16 -7.72 -6.19
N PRO D 464 -10.37 -8.23 -6.24
CA PRO D 464 -10.57 -9.61 -6.69
C PRO D 464 -10.21 -9.79 -8.13
N GLY D 465 -9.83 -11.01 -8.47
CA GLY D 465 -9.50 -11.36 -9.84
C GLY D 465 -10.53 -10.93 -10.86
N LYS D 466 -10.17 -10.99 -12.15
CA LYS D 466 -10.94 -10.32 -13.19
C LYS D 466 -12.37 -10.83 -13.26
N ILE D 467 -12.55 -12.13 -13.00
CA ILE D 467 -13.85 -12.73 -13.28
C ILE D 467 -14.88 -12.07 -12.39
N ILE D 468 -14.54 -11.84 -11.12
CA ILE D 468 -15.56 -11.30 -10.25
C ILE D 468 -15.97 -9.92 -10.74
N GLN D 469 -15.04 -9.19 -11.35
CA GLN D 469 -15.36 -7.87 -11.83
C GLN D 469 -16.39 -7.94 -12.92
N CYS D 470 -16.38 -9.01 -13.71
CA CYS D 470 -17.41 -9.08 -14.74
C CYS D 470 -18.79 -9.22 -14.11
N LEU D 471 -18.89 -9.94 -13.00
CA LEU D 471 -20.17 -10.04 -12.30
C LEU D 471 -20.54 -8.73 -11.65
N LYS D 472 -19.57 -8.01 -11.11
CA LYS D 472 -19.92 -6.72 -10.53
C LYS D 472 -20.42 -5.78 -11.59
N LYS D 473 -19.88 -5.87 -12.79
CA LYS D 473 -20.21 -4.89 -13.81
C LYS D 473 -21.48 -5.26 -14.55
N THR D 474 -21.59 -6.51 -14.99
CA THR D 474 -22.75 -6.95 -15.73
C THR D 474 -23.97 -7.20 -14.86
N LYS D 475 -23.82 -7.33 -13.54
CA LYS D 475 -24.93 -7.44 -12.58
C LYS D 475 -25.83 -8.66 -12.75
N THR D 476 -25.55 -9.54 -13.69
CA THR D 476 -26.26 -10.80 -13.85
C THR D 476 -25.42 -11.87 -13.24
N GLU D 477 -26.07 -12.94 -12.82
CA GLU D 477 -25.32 -14.10 -12.37
C GLU D 477 -24.85 -14.97 -13.52
N ASN D 478 -25.42 -14.82 -14.72
CA ASN D 478 -25.16 -15.74 -15.84
C ASN D 478 -24.91 -15.02 -17.16
N PRO D 479 -23.80 -14.35 -17.26
CA PRO D 479 -23.44 -13.68 -18.52
C PRO D 479 -22.80 -14.63 -19.47
N LEU D 480 -22.29 -14.14 -20.60
CA LEU D 480 -21.61 -14.93 -21.60
C LEU D 480 -20.17 -14.48 -21.66
N ILE D 481 -19.34 -15.04 -20.78
CA ILE D 481 -17.93 -14.70 -20.80
C ILE D 481 -17.35 -15.17 -22.11
N LEU D 482 -16.39 -14.42 -22.63
CA LEU D 482 -15.70 -14.75 -23.87
C LEU D 482 -14.22 -14.68 -23.59
N ILE D 483 -13.64 -15.77 -23.12
CA ILE D 483 -12.20 -15.84 -23.05
C ILE D 483 -11.70 -15.78 -24.47
N ASP D 484 -10.64 -15.03 -24.70
CA ASP D 484 -10.09 -14.80 -26.03
C ASP D 484 -8.71 -15.39 -26.12
N GLU D 485 -8.40 -15.97 -27.27
CA GLU D 485 -7.04 -16.35 -27.63
C GLU D 485 -6.36 -17.19 -26.57
N VAL D 486 -7.05 -18.27 -26.18
CA VAL D 486 -6.51 -19.17 -25.17
C VAL D 486 -5.17 -19.73 -25.59
N ASP D 487 -4.96 -19.93 -26.89
CA ASP D 487 -3.76 -20.59 -27.36
C ASP D 487 -2.50 -19.82 -27.00
N LYS D 488 -2.60 -18.50 -26.89
CA LYS D 488 -1.45 -17.62 -26.74
C LYS D 488 -1.30 -17.09 -25.33
N ILE D 489 -1.94 -17.74 -24.35
CA ILE D 489 -1.80 -17.32 -22.97
C ILE D 489 -0.33 -17.37 -22.62
N GLY D 490 0.15 -16.35 -21.92
CA GLY D 490 1.56 -16.35 -21.57
C GLY D 490 1.85 -17.42 -20.55
N ARG D 491 2.45 -18.52 -21.00
CA ARG D 491 2.76 -19.67 -20.16
C ARG D 491 4.26 -19.64 -19.93
N GLY D 492 4.66 -18.85 -18.93
CA GLY D 492 6.05 -18.65 -18.59
C GLY D 492 6.42 -19.24 -17.24
N TYR D 493 7.71 -19.12 -16.94
CA TYR D 493 8.21 -19.51 -15.63
C TYR D 493 7.63 -18.66 -14.50
N GLN D 494 7.12 -17.46 -14.82
CA GLN D 494 6.57 -16.52 -13.85
C GLN D 494 5.17 -16.88 -13.34
N GLY D 495 4.72 -18.12 -13.51
CA GLY D 495 3.44 -18.59 -13.01
C GLY D 495 2.50 -18.73 -14.16
N ASP D 496 2.14 -19.96 -14.49
CA ASP D 496 1.35 -20.21 -15.68
C ASP D 496 -0.10 -20.07 -15.27
N PRO D 497 -0.84 -19.09 -15.77
CA PRO D 497 -2.29 -19.13 -15.56
C PRO D 497 -2.97 -20.37 -16.10
N SER D 498 -2.47 -20.96 -17.21
CA SER D 498 -3.18 -22.05 -17.87
C SER D 498 -3.44 -23.21 -16.93
N SER D 499 -2.55 -23.44 -15.96
CA SER D 499 -2.92 -24.36 -14.89
C SER D 499 -4.04 -23.80 -14.05
N ALA D 500 -4.08 -22.49 -13.84
CA ALA D 500 -5.09 -21.91 -12.97
C ALA D 500 -6.48 -22.01 -13.58
N LEU D 501 -6.59 -22.01 -14.90
CA LEU D 501 -7.91 -22.05 -15.51
C LEU D 501 -8.66 -23.34 -15.24
N LEU D 502 -7.96 -24.43 -14.94
CA LEU D 502 -8.62 -25.71 -14.80
C LEU D 502 -9.66 -25.69 -13.71
N GLU D 503 -9.43 -24.92 -12.65
CA GLU D 503 -10.43 -24.85 -11.59
C GLU D 503 -11.67 -24.13 -12.07
N LEU D 504 -11.53 -23.20 -13.00
CA LEU D 504 -12.72 -22.55 -13.53
C LEU D 504 -13.51 -23.52 -14.37
N LEU D 505 -12.83 -24.17 -15.30
CA LEU D 505 -13.53 -24.81 -16.39
C LEU D 505 -14.00 -26.22 -16.11
N ASP D 506 -13.68 -26.81 -14.96
CA ASP D 506 -14.16 -28.15 -14.71
C ASP D 506 -15.68 -28.10 -14.60
N PRO D 507 -16.44 -28.86 -15.41
CA PRO D 507 -17.89 -28.69 -15.40
C PRO D 507 -18.55 -28.94 -14.07
N GLU D 508 -18.00 -29.85 -13.28
CA GLU D 508 -18.59 -30.16 -11.99
C GLU D 508 -18.00 -29.30 -10.89
N GLN D 509 -16.70 -29.06 -10.93
CA GLN D 509 -16.00 -28.40 -9.86
C GLN D 509 -16.02 -26.89 -9.96
N ASN D 510 -16.54 -26.32 -11.04
CA ASN D 510 -16.68 -24.87 -11.07
C ASN D 510 -17.69 -24.36 -10.07
N ALA D 511 -18.63 -25.20 -9.65
CA ALA D 511 -19.80 -24.74 -8.91
C ALA D 511 -19.44 -24.06 -7.59
N ASN D 512 -18.28 -24.36 -7.02
CA ASN D 512 -17.82 -23.76 -5.79
C ASN D 512 -16.45 -23.15 -6.00
N PHE D 513 -16.29 -22.40 -7.07
CA PHE D 513 -15.05 -21.68 -7.31
C PHE D 513 -14.86 -20.64 -6.21
N LEU D 514 -13.61 -20.42 -5.80
CA LEU D 514 -13.29 -19.37 -4.84
C LEU D 514 -11.99 -18.72 -5.27
N ASP D 515 -11.83 -17.47 -4.88
CA ASP D 515 -10.70 -16.65 -5.25
C ASP D 515 -10.18 -15.92 -4.04
N HIS D 516 -8.89 -15.62 -4.09
CA HIS D 516 -8.18 -15.26 -2.87
C HIS D 516 -8.69 -13.99 -2.23
N TYR D 517 -9.20 -13.03 -3.01
CA TYR D 517 -9.60 -11.77 -2.36
C TYR D 517 -10.73 -12.08 -1.41
N LEU D 518 -11.90 -12.37 -1.95
CA LEU D 518 -13.07 -12.63 -1.15
C LEU D 518 -13.20 -14.13 -1.08
N ASP D 519 -12.93 -14.66 0.10
CA ASP D 519 -12.71 -16.10 0.24
C ASP D 519 -13.91 -16.92 -0.15
N VAL D 520 -15.12 -16.38 0.02
CA VAL D 520 -16.33 -17.21 -0.01
C VAL D 520 -16.49 -17.83 -1.40
N PRO D 521 -16.85 -19.10 -1.54
CA PRO D 521 -16.96 -19.67 -2.87
C PRO D 521 -18.04 -18.98 -3.67
N VAL D 522 -17.80 -18.80 -4.96
CA VAL D 522 -18.77 -18.30 -5.89
C VAL D 522 -19.30 -19.51 -6.63
N ASP D 523 -20.43 -19.36 -7.31
CA ASP D 523 -21.05 -20.45 -8.07
C ASP D 523 -21.30 -19.96 -9.48
N LEU D 524 -20.39 -20.29 -10.37
CA LEU D 524 -20.45 -19.79 -11.72
C LEU D 524 -21.24 -20.68 -12.65
N SER D 525 -21.95 -21.68 -12.11
CA SER D 525 -22.36 -22.83 -12.91
C SER D 525 -23.20 -22.46 -14.11
N LYS D 526 -23.93 -21.36 -14.03
CA LYS D 526 -24.81 -20.98 -15.12
C LYS D 526 -24.09 -20.26 -16.27
N VAL D 527 -22.85 -19.84 -16.08
CA VAL D 527 -22.16 -19.04 -17.09
C VAL D 527 -21.95 -19.88 -18.34
N LEU D 528 -21.87 -19.22 -19.49
CA LEU D 528 -21.63 -19.87 -20.78
C LEU D 528 -20.27 -19.40 -21.31
N PHE D 529 -19.22 -20.11 -20.94
CA PHE D 529 -17.90 -19.74 -21.42
C PHE D 529 -17.77 -20.04 -22.90
N ILE D 530 -16.87 -19.33 -23.56
CA ILE D 530 -16.51 -19.58 -24.95
C ILE D 530 -15.02 -19.32 -25.05
N CYS D 531 -14.35 -20.08 -25.92
CA CYS D 531 -12.92 -19.96 -26.08
C CYS D 531 -12.57 -20.13 -27.54
N THR D 532 -11.57 -19.38 -27.98
CA THR D 532 -11.22 -19.26 -29.39
C THR D 532 -9.73 -19.46 -29.53
N ALA D 533 -9.32 -20.44 -30.33
CA ALA D 533 -7.90 -20.70 -30.53
C ALA D 533 -7.70 -21.15 -31.96
N ASN D 534 -6.64 -20.64 -32.59
CA ASN D 534 -6.39 -20.99 -33.98
C ASN D 534 -5.96 -22.43 -34.16
N VAL D 535 -5.31 -23.01 -33.15
CA VAL D 535 -4.84 -24.39 -33.23
C VAL D 535 -5.07 -25.03 -31.88
N THR D 536 -5.57 -26.24 -31.90
CA THR D 536 -5.94 -26.93 -30.66
C THR D 536 -4.79 -27.61 -29.97
N ASP D 537 -3.61 -27.71 -30.58
CA ASP D 537 -2.56 -28.55 -30.03
C ASP D 537 -1.77 -27.86 -28.95
N THR D 538 -1.55 -26.56 -29.07
CA THR D 538 -0.76 -25.86 -28.08
C THR D 538 -1.39 -25.89 -26.70
N ILE D 539 -2.71 -26.00 -26.62
CA ILE D 539 -3.40 -25.98 -25.33
C ILE D 539 -3.04 -27.25 -24.57
N PRO D 540 -2.71 -27.18 -23.27
CA PRO D 540 -2.33 -28.41 -22.55
C PRO D 540 -3.48 -29.39 -22.48
N GLU D 541 -3.12 -30.67 -22.51
CA GLU D 541 -4.09 -31.76 -22.60
C GLU D 541 -5.16 -31.72 -21.52
N PRO D 542 -4.86 -31.60 -20.23
CA PRO D 542 -5.95 -31.61 -19.24
C PRO D 542 -6.94 -30.50 -19.45
N LEU D 543 -6.48 -29.36 -19.92
CA LEU D 543 -7.39 -28.25 -20.17
C LEU D 543 -8.21 -28.49 -21.43
N ARG D 544 -7.57 -29.01 -22.48
CA ARG D 544 -8.29 -29.28 -23.73
C ARG D 544 -9.42 -30.26 -23.49
N ASP D 545 -9.25 -31.18 -22.57
CA ASP D 545 -10.25 -32.20 -22.41
C ASP D 545 -11.54 -31.67 -21.82
N ARG D 546 -11.51 -30.55 -21.12
CA ARG D 546 -12.73 -30.08 -20.47
C ARG D 546 -13.70 -29.52 -21.49
N MET D 547 -13.29 -28.50 -22.20
CA MET D 547 -14.20 -27.77 -23.05
C MET D 547 -14.53 -28.54 -24.32
N GLU D 548 -15.74 -28.32 -24.83
CA GLU D 548 -16.17 -28.88 -26.11
C GLU D 548 -15.44 -28.22 -27.26
N MET D 549 -15.08 -29.00 -28.28
CA MET D 549 -14.28 -28.51 -29.41
C MET D 549 -15.14 -28.44 -30.67
N ILE D 550 -15.87 -27.35 -30.82
CA ILE D 550 -16.58 -27.08 -32.06
C ILE D 550 -15.56 -26.60 -33.09
N ASN D 551 -15.81 -26.84 -34.37
CA ASN D 551 -14.85 -26.59 -35.45
C ASN D 551 -15.53 -25.75 -36.51
N VAL D 552 -15.33 -24.43 -36.46
CA VAL D 552 -15.66 -23.60 -37.60
C VAL D 552 -14.65 -23.91 -38.70
N SER D 553 -15.09 -23.83 -39.95
CA SER D 553 -14.28 -24.18 -41.10
C SER D 553 -13.75 -22.93 -41.79
N GLY D 554 -13.15 -23.09 -42.96
CA GLY D 554 -12.77 -21.94 -43.76
C GLY D 554 -13.95 -21.45 -44.57
N TYR D 555 -13.75 -21.13 -45.84
CA TYR D 555 -14.86 -20.76 -46.71
C TYR D 555 -14.53 -21.12 -48.15
N VAL D 556 -15.52 -21.67 -48.83
CA VAL D 556 -15.34 -22.10 -50.20
C VAL D 556 -15.19 -20.89 -51.10
N ALA D 557 -14.46 -21.07 -52.20
CA ALA D 557 -14.17 -19.99 -53.13
C ALA D 557 -15.45 -19.33 -53.62
N GLN D 558 -16.40 -20.12 -54.09
CA GLN D 558 -17.67 -19.55 -54.50
C GLN D 558 -18.41 -18.96 -53.32
N GLU D 559 -18.22 -19.52 -52.15
CA GLU D 559 -19.02 -19.12 -51.01
C GLU D 559 -18.77 -17.66 -50.63
N LYS D 560 -17.54 -17.19 -50.77
CA LYS D 560 -17.26 -15.81 -50.44
C LYS D 560 -18.07 -14.85 -51.29
N LEU D 561 -18.41 -15.24 -52.52
CA LEU D 561 -19.27 -14.39 -53.31
C LEU D 561 -20.59 -14.16 -52.61
N ALA D 562 -21.21 -15.23 -52.14
CA ALA D 562 -22.48 -15.10 -51.43
C ALA D 562 -22.32 -14.34 -50.14
N ILE D 563 -21.13 -14.38 -49.55
CA ILE D 563 -20.89 -13.53 -48.39
C ILE D 563 -20.95 -12.09 -48.82
N ALA D 564 -20.03 -11.70 -49.69
CA ALA D 564 -19.78 -10.30 -49.94
C ALA D 564 -20.96 -9.59 -50.55
N GLU D 565 -21.82 -10.30 -51.27
CA GLU D 565 -22.95 -9.60 -51.84
C GLU D 565 -23.95 -9.13 -50.82
N ARG D 566 -23.99 -9.75 -49.62
CA ARG D 566 -24.99 -9.42 -48.63
C ARG D 566 -24.38 -8.87 -47.35
N TYR D 567 -23.53 -9.62 -46.68
CA TYR D 567 -23.16 -9.25 -45.33
C TYR D 567 -21.94 -8.35 -45.25
N LEU D 568 -21.24 -8.09 -46.35
CA LEU D 568 -19.96 -7.39 -46.33
C LEU D 568 -20.00 -6.09 -47.11
N VAL D 569 -20.36 -6.16 -48.41
CA VAL D 569 -20.41 -4.94 -49.22
C VAL D 569 -21.31 -3.89 -48.59
N PRO D 570 -22.54 -4.18 -48.20
CA PRO D 570 -23.37 -3.14 -47.57
C PRO D 570 -22.75 -2.56 -46.32
N GLN D 571 -22.05 -3.35 -45.53
CA GLN D 571 -21.47 -2.82 -44.32
C GLN D 571 -20.41 -1.79 -44.67
N ALA D 572 -19.45 -2.17 -45.51
CA ALA D 572 -18.44 -1.21 -45.91
C ALA D 572 -19.06 -0.02 -46.64
N ARG D 573 -20.17 -0.26 -47.33
CA ARG D 573 -20.87 0.81 -48.01
C ARG D 573 -21.38 1.82 -47.01
N ALA D 574 -21.78 1.36 -45.83
CA ALA D 574 -22.12 2.26 -44.75
C ALA D 574 -20.91 2.85 -44.05
N LEU D 575 -19.74 2.24 -44.20
CA LEU D 575 -18.55 2.81 -43.60
C LEU D 575 -17.99 3.96 -44.42
N CYS D 576 -18.04 3.85 -45.75
CA CYS D 576 -17.61 4.92 -46.61
C CYS D 576 -18.69 5.97 -46.83
N GLY D 577 -19.90 5.76 -46.34
CA GLY D 577 -20.92 6.78 -46.46
C GLY D 577 -21.59 6.89 -47.81
N LEU D 578 -21.36 5.95 -48.72
CA LEU D 578 -21.94 6.03 -50.04
C LEU D 578 -23.32 5.41 -50.06
N ASP D 579 -24.02 5.63 -51.16
CA ASP D 579 -25.25 4.96 -51.53
C ASP D 579 -24.97 4.22 -52.82
N GLU D 580 -25.78 3.18 -53.05
CA GLU D 580 -25.65 2.37 -54.25
C GLU D 580 -25.80 3.16 -55.54
N SER D 581 -26.47 4.31 -55.49
CA SER D 581 -26.76 5.05 -56.70
C SER D 581 -25.51 5.43 -57.47
N LYS D 582 -24.38 5.60 -56.79
CA LYS D 582 -23.16 6.11 -57.40
C LYS D 582 -22.00 5.12 -57.41
N ALA D 583 -22.13 3.96 -56.78
CA ALA D 583 -21.03 3.03 -56.56
C ALA D 583 -21.45 1.59 -56.84
N LYS D 584 -22.01 1.36 -58.02
CA LYS D 584 -22.45 0.02 -58.36
C LYS D 584 -21.28 -0.95 -58.30
N LEU D 585 -21.54 -2.18 -57.83
CA LEU D 585 -20.58 -3.28 -57.91
C LEU D 585 -21.38 -4.52 -58.28
N SER D 586 -21.34 -4.90 -59.56
CA SER D 586 -21.98 -6.13 -60.00
C SER D 586 -21.53 -7.33 -59.17
N SER D 587 -22.27 -8.44 -59.21
CA SER D 587 -21.73 -9.65 -58.61
C SER D 587 -20.48 -10.10 -59.35
N ASP D 588 -20.44 -9.91 -60.66
CA ASP D 588 -19.35 -10.46 -61.43
C ASP D 588 -18.01 -9.85 -61.06
N VAL D 589 -17.99 -8.55 -60.74
CA VAL D 589 -16.73 -7.95 -60.33
C VAL D 589 -16.22 -8.59 -59.06
N LEU D 590 -17.13 -8.96 -58.18
CA LEU D 590 -16.71 -9.59 -56.94
C LEU D 590 -16.16 -10.98 -57.18
N THR D 591 -16.82 -11.77 -58.04
CA THR D 591 -16.27 -13.09 -58.29
C THR D 591 -14.90 -12.97 -58.92
N LEU D 592 -14.70 -11.95 -59.75
CA LEU D 592 -13.38 -11.76 -60.31
C LEU D 592 -12.34 -11.47 -59.24
N LEU D 593 -12.68 -10.58 -58.30
CA LEU D 593 -11.77 -10.31 -57.18
C LEU D 593 -11.36 -11.60 -56.49
N ILE D 594 -12.33 -12.28 -55.91
CA ILE D 594 -11.99 -13.43 -55.06
C ILE D 594 -11.31 -14.51 -55.86
N LYS D 595 -11.63 -14.62 -57.15
CA LYS D 595 -10.98 -15.61 -57.97
C LYS D 595 -9.52 -15.32 -58.12
N GLN D 596 -9.15 -14.03 -58.11
CA GLN D 596 -7.77 -13.66 -58.37
C GLN D 596 -7.04 -13.09 -57.16
N TYR D 597 -7.52 -12.02 -56.58
CA TYR D 597 -6.61 -11.23 -55.78
C TYR D 597 -6.51 -11.68 -54.32
N CYS D 598 -7.34 -12.62 -53.87
CA CYS D 598 -7.34 -13.00 -52.46
C CYS D 598 -7.81 -14.45 -52.30
N ARG D 599 -6.87 -15.36 -52.09
CA ARG D 599 -7.13 -16.78 -51.86
C ARG D 599 -6.66 -17.14 -50.46
N GLU D 600 -7.54 -16.89 -49.51
CA GLU D 600 -7.25 -17.13 -48.11
C GLU D 600 -8.53 -17.57 -47.45
N SER D 601 -8.44 -18.59 -46.60
CA SER D 601 -9.62 -19.18 -45.99
C SER D 601 -10.42 -18.16 -45.21
N GLY D 602 -9.73 -17.20 -44.59
CA GLY D 602 -10.42 -16.13 -43.94
C GLY D 602 -10.98 -15.16 -44.94
N VAL D 603 -11.94 -14.36 -44.49
CA VAL D 603 -12.55 -13.35 -45.34
C VAL D 603 -11.96 -11.97 -45.10
N ARG D 604 -11.02 -11.84 -44.17
CA ARG D 604 -10.51 -10.52 -43.79
C ARG D 604 -9.86 -9.81 -44.97
N ASN D 605 -9.21 -10.55 -45.84
CA ASN D 605 -8.45 -9.90 -46.89
C ASN D 605 -9.37 -9.32 -47.95
N LEU D 606 -10.42 -10.07 -48.32
CA LEU D 606 -11.43 -9.49 -49.19
C LEU D 606 -12.08 -8.29 -48.54
N GLN D 607 -12.18 -8.30 -47.23
CA GLN D 607 -12.72 -7.15 -46.52
C GLN D 607 -11.82 -5.95 -46.72
N LYS D 608 -10.51 -6.15 -46.82
CA LYS D 608 -9.66 -5.02 -47.15
C LYS D 608 -9.88 -4.54 -48.56
N GLN D 609 -9.96 -5.48 -49.52
CA GLN D 609 -10.08 -5.11 -50.93
C GLN D 609 -11.30 -4.24 -51.14
N VAL D 610 -12.49 -4.75 -50.82
CA VAL D 610 -13.72 -4.04 -51.21
C VAL D 610 -13.73 -2.67 -50.57
N GLU D 611 -13.17 -2.54 -49.37
CA GLU D 611 -13.02 -1.22 -48.77
C GLU D 611 -12.22 -0.33 -49.70
N LYS D 612 -11.03 -0.80 -50.08
CA LYS D 612 -10.15 0.02 -50.91
C LYS D 612 -10.87 0.49 -52.16
N VAL D 613 -11.54 -0.44 -52.83
CA VAL D 613 -12.25 -0.08 -54.06
C VAL D 613 -13.27 0.98 -53.79
N LEU D 614 -14.03 0.81 -52.70
CA LEU D 614 -15.10 1.75 -52.44
C LEU D 614 -14.56 3.13 -52.15
N ARG D 615 -13.61 3.24 -51.23
CA ARG D 615 -13.14 4.55 -50.83
C ARG D 615 -12.45 5.25 -51.99
N LYS D 616 -11.77 4.50 -52.86
CA LYS D 616 -11.20 5.15 -54.03
C LYS D 616 -12.31 5.70 -54.89
N SER D 617 -13.42 4.99 -54.99
CA SER D 617 -14.54 5.54 -55.72
C SER D 617 -15.04 6.80 -55.05
N ALA D 618 -15.01 6.82 -53.72
CA ALA D 618 -15.47 8.01 -53.01
C ALA D 618 -14.59 9.19 -53.33
N TYR D 619 -13.29 8.95 -53.45
CA TYR D 619 -12.40 10.03 -53.82
C TYR D 619 -12.67 10.52 -55.21
N LYS D 620 -13.05 9.62 -56.10
CA LYS D 620 -13.44 10.08 -57.42
C LYS D 620 -14.73 10.88 -57.38
N ILE D 621 -15.58 10.69 -56.38
CA ILE D 621 -16.82 11.45 -56.32
C ILE D 621 -16.58 12.83 -55.74
N VAL D 622 -16.12 12.90 -54.49
CA VAL D 622 -16.27 14.12 -53.69
C VAL D 622 -15.57 15.31 -54.31
N SER D 623 -14.46 15.08 -55.00
CA SER D 623 -13.75 16.16 -55.67
C SER D 623 -13.56 15.85 -57.13
N GLY D 624 -13.48 14.55 -57.45
CA GLY D 624 -13.16 14.09 -58.78
C GLY D 624 -14.23 14.40 -59.80
N GLU D 625 -14.24 13.64 -60.88
CA GLU D 625 -15.08 14.03 -62.00
C GLU D 625 -16.46 13.38 -61.91
N ALA D 626 -16.53 12.05 -61.95
CA ALA D 626 -17.80 11.37 -62.12
C ALA D 626 -18.74 11.64 -60.95
N GLU D 627 -20.02 11.85 -61.26
CA GLU D 627 -21.05 11.84 -60.24
C GLU D 627 -21.56 10.44 -59.93
N SER D 628 -21.19 9.44 -60.72
CA SER D 628 -21.64 8.07 -60.48
C SER D 628 -20.58 7.14 -61.07
N VAL D 629 -19.65 6.71 -60.21
CA VAL D 629 -18.64 5.77 -60.66
C VAL D 629 -19.33 4.47 -61.04
N GLU D 630 -18.81 3.82 -62.08
CA GLU D 630 -19.37 2.58 -62.60
C GLU D 630 -18.22 1.57 -62.72
N VAL D 631 -18.05 0.73 -61.71
CA VAL D 631 -17.01 -0.27 -61.78
C VAL D 631 -17.36 -1.28 -62.84
N THR D 632 -16.38 -1.67 -63.63
CA THR D 632 -16.46 -2.78 -64.58
C THR D 632 -15.18 -3.57 -64.44
N PRO D 633 -15.18 -4.88 -64.72
CA PRO D 633 -13.96 -5.66 -64.52
C PRO D 633 -12.78 -5.11 -65.30
N GLU D 634 -13.02 -4.60 -66.51
CA GLU D 634 -11.95 -3.93 -67.24
C GLU D 634 -11.50 -2.69 -66.50
N ASN D 635 -12.45 -2.00 -65.85
CA ASN D 635 -12.07 -0.84 -65.08
C ASN D 635 -11.21 -1.19 -63.89
N LEU D 636 -11.35 -2.40 -63.35
CA LEU D 636 -10.98 -2.66 -61.96
C LEU D 636 -9.52 -2.42 -61.68
N GLN D 637 -8.64 -2.81 -62.63
CA GLN D 637 -7.21 -2.74 -62.38
C GLN D 637 -6.76 -1.33 -62.12
N ASP D 638 -7.50 -0.34 -62.62
CA ASP D 638 -7.30 1.06 -62.28
C ASP D 638 -7.37 1.14 -60.78
N PHE D 639 -8.56 0.85 -60.23
CA PHE D 639 -8.80 1.15 -58.84
C PHE D 639 -7.87 0.38 -57.92
N VAL D 640 -7.81 -0.94 -58.06
CA VAL D 640 -7.11 -1.76 -57.10
C VAL D 640 -5.75 -2.24 -57.63
N GLY D 641 -5.30 -1.69 -58.73
CA GLY D 641 -3.98 -2.02 -59.23
C GLY D 641 -3.94 -3.34 -59.99
N LYS D 642 -2.72 -3.78 -60.24
CA LYS D 642 -2.53 -4.92 -61.11
C LYS D 642 -2.90 -6.23 -60.43
N PRO D 643 -3.33 -7.25 -61.18
CA PRO D 643 -3.61 -8.54 -60.55
C PRO D 643 -2.38 -9.13 -59.91
N VAL D 644 -2.59 -9.82 -58.80
CA VAL D 644 -1.46 -10.39 -58.08
C VAL D 644 -1.31 -11.85 -58.47
N PHE D 645 -2.28 -12.69 -58.15
CA PHE D 645 -2.13 -14.12 -58.38
C PHE D 645 -2.57 -14.51 -59.77
N THR D 646 -1.87 -15.47 -60.32
CA THR D 646 -2.31 -16.15 -61.53
C THR D 646 -1.77 -17.57 -61.39
N VAL D 647 -2.57 -18.45 -60.79
CA VAL D 647 -2.10 -19.65 -60.11
C VAL D 647 -2.02 -20.80 -61.12
N GLU D 648 -2.07 -20.48 -62.41
CA GLU D 648 -2.08 -21.49 -63.45
C GLU D 648 -0.88 -22.40 -63.28
N ARG D 649 -1.11 -23.69 -63.51
CA ARG D 649 -0.05 -24.65 -63.32
C ARG D 649 1.12 -24.31 -64.20
N MET D 650 2.31 -24.37 -63.61
CA MET D 650 3.52 -23.95 -64.31
C MET D 650 3.72 -24.78 -65.56
N TYR D 651 3.99 -26.05 -65.38
CA TYR D 651 4.18 -26.92 -66.52
C TYR D 651 2.80 -27.21 -67.10
N ASP D 652 2.76 -27.51 -68.37
CA ASP D 652 1.54 -27.92 -69.05
C ASP D 652 1.68 -29.26 -69.73
N VAL D 653 2.80 -29.49 -70.40
CA VAL D 653 3.07 -30.82 -70.94
C VAL D 653 3.66 -31.76 -69.88
N THR D 654 4.16 -31.22 -68.77
CA THR D 654 4.77 -32.02 -67.71
C THR D 654 5.83 -32.93 -68.32
N PRO D 655 7.00 -32.42 -68.71
CA PRO D 655 7.99 -33.29 -69.34
C PRO D 655 8.43 -34.33 -68.35
N PRO D 656 8.78 -35.58 -68.82
CA PRO D 656 8.94 -36.76 -67.94
C PRO D 656 9.60 -36.56 -66.60
N GLY D 657 9.13 -37.26 -65.59
CA GLY D 657 9.74 -37.10 -64.30
C GLY D 657 9.29 -35.86 -63.56
N VAL D 658 8.14 -35.27 -63.91
CA VAL D 658 7.53 -34.21 -63.11
C VAL D 658 6.08 -34.60 -62.95
N VAL D 659 5.56 -34.53 -61.72
CA VAL D 659 4.20 -34.98 -61.47
C VAL D 659 3.50 -33.97 -60.60
N MET D 660 2.21 -33.82 -60.82
CA MET D 660 1.38 -32.95 -60.02
C MET D 660 1.12 -33.60 -58.68
N GLY D 661 0.90 -32.79 -57.67
CA GLY D 661 0.60 -33.35 -56.38
C GLY D 661 -0.16 -32.37 -55.55
N LEU D 662 -1.27 -32.80 -54.96
CA LEU D 662 -2.04 -31.96 -54.08
C LEU D 662 -1.34 -31.88 -52.74
N ALA D 663 -1.53 -30.77 -52.05
CA ALA D 663 -0.86 -30.55 -50.78
C ALA D 663 -1.76 -29.73 -49.87
N TRP D 664 -1.98 -30.25 -48.66
CA TRP D 664 -2.86 -29.61 -47.68
C TRP D 664 -2.08 -28.59 -46.88
N THR D 665 -1.75 -27.47 -47.53
CA THR D 665 -0.95 -26.43 -46.86
C THR D 665 -1.65 -25.90 -45.61
N ALA D 666 -0.94 -25.06 -44.86
CA ALA D 666 -1.50 -24.54 -43.61
C ALA D 666 -2.79 -23.75 -43.83
N MET D 667 -3.00 -23.18 -45.02
CA MET D 667 -4.22 -22.45 -45.36
C MET D 667 -4.61 -22.82 -46.79
N GLY D 668 -5.73 -23.51 -46.93
CA GLY D 668 -6.11 -23.94 -48.26
C GLY D 668 -5.23 -25.09 -48.71
N GLY D 669 -5.19 -25.27 -50.02
CA GLY D 669 -4.41 -26.33 -50.62
C GLY D 669 -3.85 -25.84 -51.93
N SER D 670 -2.68 -26.36 -52.29
CA SER D 670 -1.98 -25.93 -53.48
C SER D 670 -1.36 -27.12 -54.16
N THR D 671 -1.34 -27.06 -55.49
CA THR D 671 -0.89 -28.19 -56.30
C THR D 671 0.60 -28.04 -56.63
N LEU D 672 1.41 -28.23 -55.61
CA LEU D 672 2.85 -28.21 -55.84
C LEU D 672 3.25 -29.39 -56.72
N PHE D 673 4.09 -29.12 -57.70
CA PHE D 673 4.65 -30.18 -58.51
C PHE D 673 5.79 -30.82 -57.76
N VAL D 674 6.08 -32.08 -58.08
CA VAL D 674 7.26 -32.78 -57.59
C VAL D 674 8.13 -33.06 -58.79
N GLU D 675 9.45 -32.90 -58.64
CA GLU D 675 10.36 -32.98 -59.77
C GLU D 675 11.56 -33.84 -59.44
N THR D 676 12.18 -34.39 -60.47
CA THR D 676 13.32 -35.28 -60.31
C THR D 676 14.19 -35.20 -61.54
N SER D 677 15.43 -35.64 -61.42
CA SER D 677 16.27 -35.67 -62.60
C SER D 677 17.54 -36.44 -62.34
N LEU D 678 18.15 -36.86 -63.44
CA LEU D 678 19.46 -37.47 -63.39
C LEU D 678 20.47 -36.48 -62.86
N ARG D 679 21.50 -37.00 -62.21
CA ARG D 679 22.57 -36.18 -61.67
C ARG D 679 23.95 -36.59 -62.16
N ARG D 680 24.07 -37.61 -63.01
CA ARG D 680 25.35 -38.06 -63.52
C ARG D 680 25.08 -38.79 -64.82
N PRO D 681 26.08 -38.99 -65.67
CA PRO D 681 25.87 -39.84 -66.84
C PRO D 681 25.54 -41.25 -66.41
N GLN D 682 24.68 -41.90 -67.19
CA GLN D 682 24.00 -43.11 -66.72
C GLN D 682 24.86 -44.37 -66.85
N ASP D 683 25.54 -44.56 -67.98
CA ASP D 683 26.29 -45.80 -68.24
C ASP D 683 27.69 -45.67 -67.63
N LYS D 684 27.72 -45.45 -66.32
CA LYS D 684 28.98 -45.27 -65.63
C LYS D 684 29.83 -46.53 -65.66
N ASP D 685 29.20 -47.69 -65.74
CA ASP D 685 29.92 -48.96 -65.84
C ASP D 685 28.93 -50.00 -66.31
N ALA D 686 29.25 -50.66 -67.43
CA ALA D 686 28.38 -51.72 -67.92
C ALA D 686 28.29 -52.86 -66.91
N LYS D 687 29.37 -53.13 -66.19
CA LYS D 687 29.37 -54.08 -65.07
C LYS D 687 29.05 -53.44 -63.72
N GLY D 688 28.81 -52.14 -63.68
CA GLY D 688 28.76 -51.43 -62.41
C GLY D 688 27.68 -51.95 -61.48
N ASP D 689 28.06 -52.07 -60.21
CA ASP D 689 27.16 -52.48 -59.13
C ASP D 689 27.29 -51.44 -58.02
N LYS D 690 26.56 -50.34 -58.15
CA LYS D 690 26.54 -49.28 -57.16
C LYS D 690 25.09 -48.93 -56.90
N ASP D 691 24.75 -48.73 -55.63
CA ASP D 691 23.37 -48.39 -55.31
C ASP D 691 23.02 -47.09 -55.99
N GLY D 692 21.88 -47.05 -56.64
CA GLY D 692 21.43 -45.88 -57.33
C GLY D 692 20.99 -44.82 -56.34
N SER D 693 21.94 -44.22 -55.62
CA SER D 693 21.61 -43.38 -54.47
C SER D 693 20.70 -42.25 -54.86
N LEU D 694 19.65 -42.06 -54.07
CA LEU D 694 18.78 -40.92 -54.19
C LEU D 694 19.37 -39.75 -53.44
N GLU D 695 18.93 -38.55 -53.78
CA GLU D 695 19.24 -37.36 -53.00
C GLU D 695 17.96 -36.55 -52.91
N VAL D 696 17.33 -36.63 -51.77
CA VAL D 696 16.09 -35.90 -51.48
C VAL D 696 16.41 -34.45 -51.17
N THR D 697 15.47 -33.55 -51.46
CA THR D 697 15.67 -32.12 -51.19
C THR D 697 14.31 -31.46 -51.07
N GLY D 698 14.32 -30.24 -50.51
CA GLY D 698 13.12 -29.48 -50.27
C GLY D 698 12.61 -29.45 -48.85
N GLN D 699 13.49 -29.08 -47.91
CA GLN D 699 13.15 -28.85 -46.49
C GLN D 699 12.44 -30.08 -45.93
N LEU D 700 13.03 -31.21 -46.22
CA LEU D 700 12.50 -32.46 -45.75
C LEU D 700 12.49 -32.47 -44.22
N GLY D 701 11.39 -32.93 -43.66
CA GLY D 701 11.35 -33.40 -42.28
C GLY D 701 11.76 -34.86 -42.23
N GLU D 702 12.31 -35.29 -41.10
CA GLU D 702 12.87 -36.64 -41.02
C GLU D 702 11.82 -37.70 -41.33
N VAL D 703 10.57 -37.47 -40.91
CA VAL D 703 9.49 -38.37 -41.28
C VAL D 703 9.34 -38.39 -42.79
N MET D 704 9.49 -37.22 -43.42
CA MET D 704 9.47 -37.20 -44.87
C MET D 704 10.64 -37.96 -45.44
N LYS D 705 11.76 -38.00 -44.72
CA LYS D 705 12.90 -38.78 -45.20
C LYS D 705 12.56 -40.25 -45.21
N GLU D 706 11.92 -40.71 -44.14
CA GLU D 706 11.49 -42.09 -44.12
C GLU D 706 10.53 -42.37 -45.24
N SER D 707 9.63 -41.42 -45.50
CA SER D 707 8.66 -41.59 -46.57
C SER D 707 9.37 -41.69 -47.90
N ALA D 708 10.38 -40.86 -48.09
CA ALA D 708 11.04 -40.82 -49.39
C ALA D 708 11.79 -42.10 -49.63
N ARG D 709 12.56 -42.57 -48.65
CA ARG D 709 13.30 -43.80 -48.88
C ARG D 709 12.36 -44.99 -49.05
N ILE D 710 11.20 -44.96 -48.38
CA ILE D 710 10.25 -46.04 -48.53
C ILE D 710 9.74 -46.07 -49.96
N ALA D 711 9.29 -44.92 -50.44
CA ALA D 711 8.82 -44.86 -51.80
C ALA D 711 9.92 -45.20 -52.77
N TYR D 712 11.15 -44.86 -52.43
CA TYR D 712 12.26 -45.18 -53.31
C TYR D 712 12.44 -46.68 -53.44
N THR D 713 12.47 -47.37 -52.30
CA THR D 713 12.65 -48.82 -52.37
C THR D 713 11.50 -49.47 -53.07
N PHE D 714 10.29 -48.95 -52.92
CA PHE D 714 9.19 -49.56 -53.63
C PHE D 714 9.37 -49.33 -55.13
N ALA D 715 9.96 -48.21 -55.53
CA ALA D 715 10.22 -48.04 -56.96
C ALA D 715 11.20 -49.08 -57.43
N ARG D 716 12.25 -49.29 -56.65
CA ARG D 716 13.27 -50.26 -57.02
C ARG D 716 12.68 -51.65 -57.12
N ALA D 717 11.68 -51.95 -56.30
CA ALA D 717 11.04 -53.25 -56.36
C ALA D 717 10.05 -53.32 -57.51
N PHE D 718 9.36 -52.23 -57.78
CA PHE D 718 8.33 -52.29 -58.80
C PHE D 718 8.92 -52.51 -60.16
N LEU D 719 10.09 -51.92 -60.43
CA LEU D 719 10.68 -52.16 -61.74
C LEU D 719 11.07 -53.63 -61.91
N MET D 720 11.85 -54.16 -60.97
CA MET D 720 12.31 -55.55 -61.13
C MET D 720 11.14 -56.53 -61.09
N GLN D 721 10.08 -56.21 -60.35
CA GLN D 721 8.88 -57.02 -60.41
C GLN D 721 8.13 -56.89 -61.72
N HIS D 722 8.31 -55.77 -62.44
CA HIS D 722 7.54 -55.52 -63.66
C HIS D 722 8.33 -55.85 -64.93
N ALA D 723 9.44 -55.15 -65.15
CA ALA D 723 10.21 -55.24 -66.39
C ALA D 723 11.66 -55.45 -66.01
N PRO D 724 12.08 -56.68 -65.73
CA PRO D 724 13.44 -56.90 -65.20
C PRO D 724 14.54 -56.36 -66.08
N ALA D 725 14.37 -56.38 -67.39
CA ALA D 725 15.43 -55.94 -68.28
C ALA D 725 15.79 -54.47 -68.04
N ASN D 726 14.82 -53.65 -67.65
CA ASN D 726 15.12 -52.27 -67.30
C ASN D 726 15.86 -52.26 -65.98
N ASP D 727 16.80 -51.33 -65.82
CA ASP D 727 17.54 -51.20 -64.58
C ASP D 727 17.83 -49.76 -64.20
N TYR D 728 17.03 -48.81 -64.68
CA TYR D 728 17.37 -47.40 -64.58
C TYR D 728 17.53 -46.98 -63.12
N LEU D 729 16.67 -47.50 -62.24
CA LEU D 729 16.64 -46.98 -60.88
C LEU D 729 17.79 -47.53 -60.07
N VAL D 730 17.99 -48.84 -60.10
CA VAL D 730 18.98 -49.44 -59.23
C VAL D 730 20.40 -49.16 -59.66
N THR D 731 20.60 -48.66 -60.89
CA THR D 731 21.92 -48.46 -61.46
C THR D 731 22.27 -46.99 -61.65
N SER D 732 21.49 -46.06 -61.11
CA SER D 732 21.78 -44.66 -61.35
C SER D 732 21.41 -43.79 -60.17
N HIS D 733 22.17 -42.72 -59.99
CA HIS D 733 21.87 -41.70 -59.00
C HIS D 733 20.75 -40.83 -59.52
N ILE D 734 20.01 -40.21 -58.60
CA ILE D 734 18.84 -39.39 -58.95
C ILE D 734 18.64 -38.34 -57.86
N HIS D 735 18.49 -37.08 -58.28
CA HIS D 735 18.06 -36.01 -57.38
C HIS D 735 16.56 -35.93 -57.47
N LEU D 736 15.91 -35.72 -56.33
CA LEU D 736 14.47 -35.59 -56.24
C LEU D 736 14.14 -34.47 -55.29
N HIS D 737 13.17 -33.64 -55.68
CA HIS D 737 12.86 -32.42 -54.97
C HIS D 737 11.35 -32.32 -54.78
N VAL D 738 10.94 -32.24 -53.52
CA VAL D 738 9.54 -32.03 -53.15
C VAL D 738 9.40 -30.60 -52.62
N PRO D 739 8.74 -29.68 -53.33
CA PRO D 739 8.64 -28.32 -52.83
C PRO D 739 7.87 -28.27 -51.53
N GLU D 740 8.29 -27.36 -50.67
CA GLU D 740 7.73 -27.26 -49.34
C GLU D 740 6.32 -26.72 -49.42
N GLY D 741 5.59 -26.87 -48.33
CA GLY D 741 4.28 -26.29 -48.18
C GLY D 741 3.35 -27.18 -47.39
N ALA D 742 3.51 -28.48 -47.52
CA ALA D 742 2.68 -29.39 -46.75
C ALA D 742 3.05 -29.23 -45.27
N THR D 743 2.04 -29.19 -44.41
CA THR D 743 2.30 -29.13 -42.97
C THR D 743 2.75 -30.51 -42.50
N PRO D 744 3.57 -30.60 -41.44
CA PRO D 744 4.20 -31.90 -41.13
C PRO D 744 3.24 -33.05 -40.91
N LYS D 745 2.08 -32.79 -40.32
CA LYS D 745 1.13 -33.86 -40.02
C LYS D 745 0.60 -34.53 -41.27
N ASP D 746 0.41 -33.77 -42.35
CA ASP D 746 0.00 -34.35 -43.62
C ASP D 746 1.17 -34.85 -44.43
N GLY D 747 2.40 -34.61 -43.95
CA GLY D 747 3.64 -34.80 -44.68
C GLY D 747 3.71 -36.05 -45.50
N PRO D 748 3.42 -37.20 -44.92
CA PRO D 748 3.48 -38.44 -45.69
C PRO D 748 2.54 -38.44 -46.90
N SER D 749 1.47 -37.64 -46.89
CA SER D 749 0.43 -37.66 -47.91
C SER D 749 0.95 -37.40 -49.32
N ALA D 750 2.10 -36.76 -49.47
CA ALA D 750 2.61 -36.57 -50.81
C ALA D 750 3.14 -37.85 -51.44
N GLY D 751 3.37 -38.89 -50.63
CA GLY D 751 4.23 -39.99 -51.03
C GLY D 751 3.78 -40.74 -52.26
N CYS D 752 2.46 -40.90 -52.45
CA CYS D 752 1.99 -41.65 -53.61
C CYS D 752 2.42 -40.98 -54.89
N THR D 753 2.56 -39.67 -54.87
CA THR D 753 3.05 -38.96 -56.04
C THR D 753 4.44 -39.41 -56.41
N ILE D 754 5.28 -39.62 -55.39
CA ILE D 754 6.71 -39.86 -55.59
C ILE D 754 6.94 -41.02 -56.52
N VAL D 755 6.26 -42.13 -56.27
CA VAL D 755 6.57 -43.30 -57.06
C VAL D 755 6.16 -43.09 -58.49
N THR D 756 5.09 -42.33 -58.72
CA THR D 756 4.71 -42.06 -60.10
C THR D 756 5.70 -41.12 -60.75
N ALA D 757 6.34 -40.27 -59.95
CA ALA D 757 7.40 -39.47 -60.52
C ALA D 757 8.49 -40.38 -61.02
N LEU D 758 9.08 -41.15 -60.10
CA LEU D 758 10.25 -41.95 -60.43
C LEU D 758 10.00 -42.88 -61.58
N LEU D 759 8.87 -43.58 -61.56
CA LEU D 759 8.62 -44.52 -62.64
C LEU D 759 8.48 -43.80 -63.96
N SER D 760 7.89 -42.60 -63.95
CA SER D 760 7.84 -41.82 -65.18
C SER D 760 9.23 -41.54 -65.70
N LEU D 761 10.14 -41.21 -64.79
CA LEU D 761 11.50 -41.01 -65.20
C LEU D 761 12.10 -42.31 -65.71
N ALA D 762 11.70 -43.43 -65.12
CA ALA D 762 12.33 -44.71 -65.46
C ALA D 762 12.06 -45.06 -66.91
N MET D 763 10.80 -45.26 -67.26
CA MET D 763 10.48 -45.44 -68.67
C MET D 763 10.72 -44.16 -69.45
N GLY D 764 10.73 -43.01 -68.79
CA GLY D 764 10.95 -41.76 -69.46
C GLY D 764 9.74 -41.19 -70.16
N ARG D 765 8.59 -41.84 -70.09
CA ARG D 765 7.40 -41.30 -70.71
C ARG D 765 6.81 -40.18 -69.84
N PRO D 766 6.22 -39.15 -70.43
CA PRO D 766 5.48 -38.19 -69.62
C PRO D 766 4.27 -38.85 -68.99
N VAL D 767 3.90 -38.36 -67.81
CA VAL D 767 2.65 -38.80 -67.21
C VAL D 767 1.52 -38.34 -68.11
N ARG D 768 0.39 -39.06 -68.06
CA ARG D 768 -0.80 -38.59 -68.75
C ARG D 768 -1.17 -37.22 -68.23
N GLN D 769 -1.61 -36.34 -69.12
CA GLN D 769 -1.76 -34.92 -68.80
C GLN D 769 -2.75 -34.72 -67.67
N ASN D 770 -2.48 -33.68 -66.87
CA ASN D 770 -3.40 -33.07 -65.91
C ASN D 770 -4.05 -34.11 -65.00
N LEU D 771 -3.29 -35.12 -64.63
CA LEU D 771 -3.76 -36.17 -63.75
C LEU D 771 -3.16 -35.95 -62.38
N ALA D 772 -3.79 -35.07 -61.62
CA ALA D 772 -3.35 -34.86 -60.25
C ALA D 772 -3.57 -36.12 -59.44
N MET D 773 -2.77 -36.30 -58.39
CA MET D 773 -2.95 -37.45 -57.52
C MET D 773 -2.47 -37.16 -56.12
N THR D 774 -2.80 -38.07 -55.23
CA THR D 774 -2.31 -38.07 -53.87
C THR D 774 -2.59 -39.43 -53.26
N GLY D 775 -1.94 -39.69 -52.14
CA GLY D 775 -2.07 -40.97 -51.49
C GLY D 775 -0.98 -41.13 -50.46
N GLU D 776 -0.82 -42.35 -49.99
CA GLU D 776 0.22 -42.67 -49.01
C GLU D 776 0.60 -44.12 -49.16
N VAL D 777 1.88 -44.39 -49.43
CA VAL D 777 2.31 -45.73 -49.83
C VAL D 777 2.85 -46.50 -48.63
N SER D 778 2.74 -47.82 -48.72
CA SER D 778 2.88 -48.72 -47.59
C SER D 778 4.17 -49.53 -47.58
N LEU D 779 5.08 -49.31 -48.52
CA LEU D 779 6.29 -50.10 -48.74
C LEU D 779 6.02 -51.49 -49.29
N THR D 780 4.76 -51.90 -49.44
CA THR D 780 4.43 -53.13 -50.14
C THR D 780 3.22 -52.91 -51.05
N GLY D 781 2.97 -51.68 -51.49
CA GLY D 781 1.95 -51.42 -52.48
C GLY D 781 0.56 -51.19 -52.00
N LYS D 782 0.30 -51.32 -50.71
CA LYS D 782 -0.96 -50.86 -50.16
C LYS D 782 -0.91 -49.35 -50.03
N ILE D 783 -2.07 -48.71 -50.13
CA ILE D 783 -2.17 -47.27 -50.00
C ILE D 783 -3.03 -47.02 -48.76
N LEU D 784 -2.91 -45.83 -48.18
CA LEU D 784 -3.47 -45.45 -46.90
C LEU D 784 -4.27 -44.16 -46.97
N PRO D 785 -5.21 -43.94 -46.05
CA PRO D 785 -5.98 -42.69 -46.06
C PRO D 785 -5.12 -41.47 -45.84
N VAL D 786 -5.51 -40.37 -46.48
CA VAL D 786 -4.94 -39.05 -46.27
C VAL D 786 -5.99 -38.16 -45.61
N GLY D 787 -5.53 -37.07 -44.99
CA GLY D 787 -6.40 -36.15 -44.29
C GLY D 787 -6.68 -34.83 -45.01
N GLY D 788 -7.73 -34.15 -44.57
CA GLY D 788 -8.02 -32.82 -45.06
C GLY D 788 -8.49 -32.71 -46.50
N ILE D 789 -9.31 -33.67 -46.97
CA ILE D 789 -9.54 -33.79 -48.41
C ILE D 789 -10.23 -32.57 -48.99
N LYS D 790 -11.05 -31.86 -48.18
CA LYS D 790 -11.87 -30.79 -48.74
C LYS D 790 -11.02 -29.68 -49.32
N GLU D 791 -9.94 -29.33 -48.64
CA GLU D 791 -9.06 -28.32 -49.21
C GLU D 791 -8.41 -28.82 -50.47
N LYS D 792 -8.04 -30.10 -50.48
CA LYS D 792 -7.26 -30.62 -51.58
C LYS D 792 -8.06 -30.60 -52.87
N THR D 793 -9.31 -31.07 -52.82
CA THR D 793 -10.07 -31.19 -54.05
C THR D 793 -10.33 -29.82 -54.67
N ILE D 794 -10.58 -28.81 -53.83
CA ILE D 794 -10.81 -27.47 -54.39
C ILE D 794 -9.52 -26.95 -55.01
N ALA D 795 -8.39 -27.25 -54.39
CA ALA D 795 -7.13 -26.83 -55.00
C ALA D 795 -6.93 -27.52 -56.34
N ALA D 796 -7.36 -28.76 -56.45
CA ALA D 796 -7.24 -29.45 -57.72
C ALA D 796 -8.18 -28.87 -58.74
N LYS D 797 -9.32 -28.36 -58.30
CA LYS D 797 -10.24 -27.73 -59.23
C LYS D 797 -9.67 -26.43 -59.77
N ARG D 798 -8.97 -25.67 -58.93
CA ARG D 798 -8.49 -24.37 -59.40
C ARG D 798 -7.47 -24.51 -60.50
N ALA D 799 -6.70 -25.58 -60.51
CA ALA D 799 -5.60 -25.70 -61.44
C ALA D 799 -6.02 -26.22 -62.81
N GLY D 800 -7.31 -26.44 -63.05
CA GLY D 800 -7.71 -27.00 -64.32
C GLY D 800 -7.51 -28.49 -64.45
N VAL D 801 -7.34 -29.20 -63.33
CA VAL D 801 -7.21 -30.64 -63.34
C VAL D 801 -8.52 -31.30 -63.74
N THR D 802 -8.42 -32.39 -64.50
CA THR D 802 -9.59 -33.12 -64.98
C THR D 802 -9.47 -34.62 -64.67
N CYS D 803 -8.82 -34.98 -63.57
CA CYS D 803 -8.90 -36.33 -63.00
C CYS D 803 -8.18 -36.29 -61.66
N ILE D 804 -8.42 -37.27 -60.83
CA ILE D 804 -7.80 -37.23 -59.52
C ILE D 804 -7.97 -38.61 -58.90
N VAL D 805 -7.08 -38.98 -57.98
CA VAL D 805 -6.99 -40.32 -57.43
C VAL D 805 -6.75 -40.23 -55.94
N LEU D 806 -7.55 -40.95 -55.17
CA LEU D 806 -7.50 -40.96 -53.72
C LEU D 806 -7.53 -42.39 -53.20
N PRO D 807 -7.03 -42.63 -51.99
CA PRO D 807 -7.15 -43.98 -51.43
C PRO D 807 -8.61 -44.35 -51.27
N ALA D 808 -8.94 -45.62 -51.51
CA ALA D 808 -10.34 -46.02 -51.37
C ALA D 808 -10.86 -45.87 -49.96
N GLU D 809 -9.97 -45.91 -48.97
CA GLU D 809 -10.40 -45.76 -47.60
C GLU D 809 -11.08 -44.43 -47.32
N ASN D 810 -10.85 -43.42 -48.17
CA ASN D 810 -11.52 -42.14 -48.08
C ASN D 810 -12.60 -41.98 -49.14
N LYS D 811 -13.08 -43.08 -49.73
CA LYS D 811 -14.24 -42.94 -50.62
C LYS D 811 -15.47 -42.46 -49.88
N LYS D 812 -15.53 -42.66 -48.58
CA LYS D 812 -16.66 -42.16 -47.83
C LYS D 812 -16.58 -40.66 -47.71
N ASP D 813 -15.53 -40.17 -47.05
CA ASP D 813 -15.47 -38.76 -46.70
C ASP D 813 -15.55 -37.85 -47.92
N PHE D 814 -15.00 -38.28 -49.05
CA PHE D 814 -15.00 -37.42 -50.22
C PHE D 814 -16.40 -37.08 -50.68
N TYR D 815 -17.38 -37.91 -50.38
CA TYR D 815 -18.74 -37.64 -50.83
C TYR D 815 -19.47 -36.67 -49.94
N ASP D 816 -18.92 -36.29 -48.78
CA ASP D 816 -19.59 -35.25 -48.01
C ASP D 816 -19.55 -33.91 -48.75
N LEU D 817 -18.61 -33.71 -49.65
CA LEU D 817 -18.43 -32.42 -50.29
C LEU D 817 -19.61 -32.07 -51.20
N ALA D 818 -19.89 -30.78 -51.28
CA ALA D 818 -21.00 -30.27 -52.08
C ALA D 818 -20.79 -30.61 -53.54
N ALA D 819 -21.90 -30.93 -54.22
CA ALA D 819 -21.85 -31.44 -55.58
C ALA D 819 -21.20 -30.45 -56.53
N PHE D 820 -21.42 -29.15 -56.30
CA PHE D 820 -20.79 -28.16 -57.18
C PHE D 820 -19.28 -28.22 -57.05
N ILE D 821 -18.77 -28.55 -55.88
CA ILE D 821 -17.32 -28.70 -55.74
C ILE D 821 -16.86 -29.90 -56.56
N THR D 822 -17.66 -30.96 -56.60
CA THR D 822 -17.24 -32.20 -57.22
C THR D 822 -17.61 -32.30 -58.70
N GLU D 823 -18.32 -31.32 -59.25
CA GLU D 823 -18.65 -31.37 -60.66
C GLU D 823 -17.40 -31.22 -61.50
N GLY D 824 -17.35 -31.95 -62.61
CA GLY D 824 -16.26 -31.84 -63.55
C GLY D 824 -15.04 -32.66 -63.24
N LEU D 825 -15.01 -33.39 -62.13
CA LEU D 825 -13.92 -34.28 -61.79
C LEU D 825 -14.24 -35.68 -62.24
N GLU D 826 -13.23 -36.55 -62.19
CA GLU D 826 -13.40 -37.95 -62.56
C GLU D 826 -12.52 -38.75 -61.60
N VAL D 827 -13.10 -39.15 -60.49
CA VAL D 827 -12.34 -39.76 -59.39
C VAL D 827 -12.09 -41.23 -59.68
N HIS D 828 -11.02 -41.78 -59.09
CA HIS D 828 -10.66 -43.20 -59.19
C HIS D 828 -10.15 -43.66 -57.84
N PHE D 829 -11.05 -44.11 -56.97
CA PHE D 829 -10.61 -44.67 -55.70
C PHE D 829 -9.82 -45.94 -55.95
N VAL D 830 -8.76 -46.15 -55.16
CA VAL D 830 -7.89 -47.30 -55.31
C VAL D 830 -7.19 -47.60 -53.99
N GLU D 831 -6.78 -48.86 -53.80
CA GLU D 831 -6.04 -49.31 -52.62
C GLU D 831 -4.64 -49.85 -52.94
N HIS D 832 -4.53 -50.90 -53.74
CA HIS D 832 -3.22 -51.41 -54.11
C HIS D 832 -2.59 -50.52 -55.16
N TYR D 833 -1.26 -50.38 -55.12
CA TYR D 833 -0.63 -49.40 -56.01
C TYR D 833 -0.76 -49.77 -57.48
N ARG D 834 -0.83 -51.07 -57.82
CA ARG D 834 -0.84 -51.47 -59.23
C ARG D 834 -1.95 -50.79 -59.99
N GLU D 835 -3.07 -50.56 -59.30
CA GLU D 835 -4.24 -49.87 -59.83
C GLU D 835 -3.80 -48.54 -60.43
N ILE D 836 -3.11 -47.70 -59.64
CA ILE D 836 -2.76 -46.36 -60.10
C ILE D 836 -1.87 -46.45 -61.32
N PHE D 837 -0.98 -47.45 -61.35
CA PHE D 837 -0.05 -47.54 -62.45
C PHE D 837 -0.80 -47.76 -63.75
N ASP D 838 -1.91 -48.47 -63.70
CA ASP D 838 -2.65 -48.72 -64.92
C ASP D 838 -3.70 -47.64 -65.16
N ILE D 839 -3.93 -46.75 -64.21
CA ILE D 839 -4.89 -45.65 -64.36
C ILE D 839 -4.15 -44.33 -64.55
N ALA D 840 -2.83 -44.39 -64.73
CA ALA D 840 -2.04 -43.18 -64.94
C ALA D 840 -1.39 -43.18 -66.30
N PHE D 841 -0.55 -44.13 -66.58
CA PHE D 841 0.24 -43.97 -67.79
C PHE D 841 -0.54 -44.22 -69.08
N PRO D 842 -0.99 -45.46 -69.37
CA PRO D 842 -1.50 -45.78 -70.71
C PRO D 842 -2.66 -44.94 -71.22
N HIS E 17 -25.42 4.06 88.77
CA HIS E 17 -24.97 2.71 88.48
C HIS E 17 -25.54 2.26 87.13
N LEU E 18 -24.94 2.73 86.05
CA LEU E 18 -25.29 2.27 84.70
C LEU E 18 -24.03 2.03 83.89
N PRO E 19 -24.06 1.10 82.92
CA PRO E 19 -22.86 0.88 82.09
C PRO E 19 -22.57 2.10 81.24
N LEU E 20 -21.27 2.34 80.98
CA LEU E 20 -20.90 3.48 80.17
C LEU E 20 -21.51 3.27 78.79
N ILE E 21 -22.02 4.35 78.20
CA ILE E 21 -22.62 4.20 76.89
C ILE E 21 -21.52 4.03 75.84
N ALA E 22 -21.82 3.23 74.82
CA ALA E 22 -20.92 3.05 73.69
C ALA E 22 -21.32 4.19 72.77
N ILE E 23 -20.57 5.29 72.84
CA ILE E 23 -20.87 6.46 72.05
C ILE E 23 -20.77 6.16 70.56
N THR E 24 -19.75 5.41 70.17
CA THR E 24 -19.50 5.01 68.78
C THR E 24 -19.48 6.21 67.81
N ARG E 25 -18.42 7.00 67.98
CA ARG E 25 -18.11 8.17 67.17
C ARG E 25 -19.28 9.17 67.06
N ASN E 26 -19.94 9.44 68.18
CA ASN E 26 -21.05 10.40 68.22
C ASN E 26 -20.68 11.50 69.21
N PRO E 27 -19.98 12.55 68.76
CA PRO E 27 -19.59 13.63 69.68
C PRO E 27 -20.80 14.48 70.07
N VAL E 28 -21.08 14.56 71.37
CA VAL E 28 -22.22 15.33 71.89
C VAL E 28 -21.66 16.58 72.55
N PHE E 29 -21.77 17.70 71.82
CA PHE E 29 -21.19 18.95 72.24
C PHE E 29 -22.08 19.56 73.34
N PRO E 30 -21.53 20.28 74.34
CA PRO E 30 -22.39 20.80 75.42
C PRO E 30 -23.46 21.74 74.87
N ARG E 31 -24.67 21.66 75.43
CA ARG E 31 -25.80 22.51 75.03
C ARG E 31 -26.02 22.48 73.52
N PHE E 32 -26.05 21.27 72.97
CA PHE E 32 -26.25 21.08 71.54
C PHE E 32 -27.03 19.78 71.37
N ILE E 33 -28.22 19.88 70.78
CA ILE E 33 -29.03 18.68 70.59
C ILE E 33 -28.27 17.74 69.66
N LYS E 34 -28.39 16.44 69.94
CA LYS E 34 -27.71 15.43 69.17
C LYS E 34 -28.50 14.13 69.19
N ILE E 35 -28.22 13.29 68.20
CA ILE E 35 -28.83 11.98 68.02
C ILE E 35 -27.72 10.95 68.14
N ILE E 36 -28.07 9.77 68.67
CA ILE E 36 -27.14 8.64 68.80
C ILE E 36 -27.85 7.42 68.22
N GLU E 37 -27.09 6.64 67.44
CA GLU E 37 -27.57 5.46 66.74
C GLU E 37 -26.48 4.39 66.74
N VAL E 38 -26.33 3.71 67.87
CA VAL E 38 -25.43 2.58 67.93
C VAL E 38 -26.04 1.43 67.14
N LYS E 39 -25.20 0.71 66.39
CA LYS E 39 -25.74 -0.39 65.60
C LYS E 39 -26.12 -1.57 66.48
N ASN E 40 -25.43 -1.74 67.61
CA ASN E 40 -25.75 -2.79 68.55
C ASN E 40 -27.11 -2.53 69.21
N LYS E 41 -27.86 -3.61 69.41
CA LYS E 41 -29.17 -3.58 70.04
C LYS E 41 -29.10 -3.80 71.55
N LYS E 42 -27.92 -4.10 72.11
CA LYS E 42 -27.83 -4.31 73.55
C LYS E 42 -28.18 -3.05 74.32
N LEU E 43 -27.86 -1.87 73.77
CA LEU E 43 -28.23 -0.64 74.46
C LEU E 43 -29.75 -0.45 74.48
N VAL E 44 -30.47 -0.99 73.48
CA VAL E 44 -31.93 -0.87 73.50
C VAL E 44 -32.50 -1.58 74.70
N GLU E 45 -31.84 -2.68 75.13
CA GLU E 45 -32.29 -3.38 76.32
C GLU E 45 -32.23 -2.47 77.53
N LEU E 46 -31.10 -1.76 77.68
CA LEU E 46 -30.96 -0.82 78.79
C LEU E 46 -31.91 0.36 78.69
N LEU E 47 -32.19 0.85 77.47
CA LEU E 47 -33.14 1.96 77.37
C LEU E 47 -34.55 1.54 77.74
N ARG E 48 -34.94 0.31 77.40
CA ARG E 48 -36.26 -0.16 77.82
C ARG E 48 -36.29 -0.48 79.29
N ARG E 49 -35.17 -0.93 79.86
CA ARG E 49 -35.15 -1.22 81.29
C ARG E 49 -35.25 0.04 82.14
N LYS E 50 -34.84 1.22 81.61
CA LYS E 50 -34.99 2.46 82.38
C LYS E 50 -36.32 3.16 82.16
N VAL E 51 -37.18 2.69 81.24
CA VAL E 51 -38.49 3.33 81.07
C VAL E 51 -39.33 3.14 82.33
N ARG E 52 -39.11 2.04 83.07
CA ARG E 52 -39.91 1.79 84.26
C ARG E 52 -39.59 2.78 85.36
N LEU E 53 -38.41 3.39 85.34
CA LEU E 53 -38.06 4.38 86.35
C LEU E 53 -38.91 5.62 86.09
N ALA E 54 -39.31 6.31 87.15
CA ALA E 54 -40.09 7.54 86.94
C ALA E 54 -39.28 8.66 86.29
N GLN E 55 -37.96 8.68 86.46
CA GLN E 55 -37.10 9.74 85.91
C GLN E 55 -35.95 9.08 85.16
N PRO E 56 -36.19 8.57 83.95
CA PRO E 56 -35.08 8.02 83.18
C PRO E 56 -34.07 9.10 82.80
N TYR E 57 -32.82 8.71 82.69
CA TYR E 57 -31.72 9.62 82.33
C TYR E 57 -30.67 8.80 81.60
N VAL E 58 -29.73 9.49 80.97
CA VAL E 58 -28.63 8.84 80.27
C VAL E 58 -27.42 9.75 80.34
N GLY E 59 -26.25 9.12 80.49
CA GLY E 59 -24.99 9.83 80.52
C GLY E 59 -24.29 9.74 79.19
N VAL E 60 -23.43 10.71 78.95
CA VAL E 60 -22.65 10.82 77.72
C VAL E 60 -21.20 11.10 78.11
N PHE E 61 -20.29 10.34 77.54
CA PHE E 61 -18.85 10.45 77.77
C PHE E 61 -18.22 10.57 76.40
N LEU E 62 -16.90 10.81 76.37
CA LEU E 62 -16.16 10.97 75.12
C LEU E 62 -15.10 9.89 75.05
N LYS E 63 -14.96 9.32 73.85
CA LYS E 63 -13.98 8.29 73.57
C LYS E 63 -12.57 8.83 73.39
N ARG E 64 -11.59 8.00 73.73
CA ARG E 64 -10.18 8.34 73.56
C ARG E 64 -9.77 7.83 72.19
N ASP E 65 -8.48 7.90 71.89
CA ASP E 65 -7.98 7.55 70.57
C ASP E 65 -8.12 6.05 70.29
N ASP E 66 -8.28 5.72 69.00
CA ASP E 66 -8.45 4.35 68.51
C ASP E 66 -9.68 3.66 69.10
N SER E 67 -10.87 4.04 68.63
CA SER E 67 -12.10 3.44 69.14
C SER E 67 -12.13 1.94 68.86
N ASN E 68 -12.69 1.19 69.81
CA ASN E 68 -12.82 -0.27 69.70
C ASN E 68 -13.98 -0.66 70.60
N GLU E 69 -15.08 -1.11 70.01
CA GLU E 69 -16.26 -1.48 70.79
C GLU E 69 -16.01 -2.67 71.70
N SER E 70 -15.16 -3.61 71.26
CA SER E 70 -14.87 -4.75 72.11
C SER E 70 -14.09 -4.32 73.34
N ASP E 71 -13.24 -3.30 73.23
CA ASP E 71 -12.55 -2.86 74.43
C ASP E 71 -13.54 -2.14 75.33
N VAL E 72 -14.53 -1.47 74.74
CA VAL E 72 -15.49 -0.70 75.52
C VAL E 72 -16.30 -1.64 76.41
N VAL E 73 -16.67 -2.82 75.85
CA VAL E 73 -17.44 -3.79 76.63
C VAL E 73 -16.56 -4.71 77.48
N GLU E 74 -15.24 -4.73 77.27
CA GLU E 74 -14.33 -5.59 78.04
C GLU E 74 -13.71 -4.86 79.21
N SER E 75 -13.15 -3.67 78.96
CA SER E 75 -12.57 -2.79 79.96
C SER E 75 -13.38 -1.51 80.00
N LEU E 76 -13.32 -0.82 81.14
CA LEU E 76 -14.03 0.45 81.32
C LEU E 76 -13.10 1.66 81.33
N ASP E 77 -11.78 1.48 81.18
CA ASP E 77 -10.87 2.61 81.19
C ASP E 77 -10.73 3.32 79.85
N GLU E 78 -11.22 2.72 78.74
CA GLU E 78 -11.07 3.35 77.42
C GLU E 78 -11.82 4.67 77.35
N ILE E 79 -13.01 4.72 77.92
CA ILE E 79 -13.80 5.95 77.91
C ILE E 79 -13.17 6.97 78.84
N TYR E 80 -13.28 8.25 78.46
CA TYR E 80 -12.68 9.29 79.27
C TYR E 80 -13.44 9.46 80.57
N HIS E 81 -12.71 9.95 81.57
CA HIS E 81 -13.29 10.25 82.87
C HIS E 81 -14.38 11.29 82.75
N THR E 82 -14.27 12.21 81.78
CA THR E 82 -15.30 13.21 81.57
C THR E 82 -16.58 12.54 81.12
N GLY E 83 -17.70 13.08 81.62
CA GLY E 83 -19.02 12.65 81.24
C GLY E 83 -19.90 13.87 81.05
N THR E 84 -21.08 13.65 80.45
CA THR E 84 -22.04 14.73 80.21
C THR E 84 -23.43 14.17 80.50
N PHE E 85 -23.79 14.19 81.78
CA PHE E 85 -25.10 13.71 82.20
C PHE E 85 -26.19 14.64 81.66
N ALA E 86 -27.33 14.03 81.32
CA ALA E 86 -28.42 14.74 80.67
C ALA E 86 -29.72 14.00 80.94
N GLN E 87 -30.83 14.75 80.86
CA GLN E 87 -32.16 14.17 80.91
C GLN E 87 -32.54 13.58 79.56
N ILE E 88 -33.34 12.51 79.60
CA ILE E 88 -33.89 11.94 78.37
C ILE E 88 -35.09 12.81 78.00
N HIS E 89 -35.42 12.88 76.70
CA HIS E 89 -36.56 13.67 76.21
C HIS E 89 -37.64 12.85 75.52
N GLU E 90 -37.38 12.27 74.35
CA GLU E 90 -38.40 11.45 73.71
C GLU E 90 -37.77 10.52 72.67
N MET E 91 -38.30 9.29 72.61
CA MET E 91 -37.94 8.32 71.59
C MET E 91 -38.56 8.66 70.24
N GLN E 92 -37.90 8.20 69.17
CA GLN E 92 -38.39 8.36 67.81
C GLN E 92 -38.40 7.00 67.13
N ASP E 93 -37.23 6.45 66.82
CA ASP E 93 -37.10 5.16 66.14
C ASP E 93 -37.92 5.12 64.85
N LEU E 94 -37.62 6.04 63.93
CA LEU E 94 -38.33 6.02 62.65
C LEU E 94 -37.94 4.81 61.82
N GLY E 95 -36.64 4.59 61.61
CA GLY E 95 -36.13 3.45 60.88
C GLY E 95 -35.45 2.45 61.78
N ASP E 96 -34.32 2.87 62.36
CA ASP E 96 -33.62 2.03 63.31
C ASP E 96 -34.38 1.98 64.63
N LYS E 97 -34.12 0.92 65.39
CA LYS E 97 -34.75 0.74 66.68
C LYS E 97 -34.04 1.50 67.79
N LEU E 98 -33.00 2.30 67.47
CA LEU E 98 -32.21 3.02 68.46
C LEU E 98 -31.77 4.36 67.87
N ARG E 99 -32.66 5.33 67.95
CA ARG E 99 -32.41 6.70 67.50
C ARG E 99 -32.72 7.55 68.72
N MET E 100 -31.76 7.65 69.64
CA MET E 100 -32.01 8.30 70.92
C MET E 100 -31.46 9.71 70.88
N ILE E 101 -32.17 10.62 71.56
CA ILE E 101 -31.77 12.02 71.55
C ILE E 101 -30.98 12.27 72.83
N VAL E 102 -29.78 12.80 72.65
CA VAL E 102 -28.88 13.19 73.72
C VAL E 102 -28.75 14.69 73.65
N MET E 103 -28.32 15.28 74.75
CA MET E 103 -28.01 16.69 74.81
C MET E 103 -26.99 16.89 75.92
N GLY E 104 -26.47 18.12 76.00
CA GLY E 104 -25.45 18.49 76.96
C GLY E 104 -25.91 19.51 77.96
N HIS E 105 -26.32 19.04 79.14
CA HIS E 105 -26.73 19.87 80.26
C HIS E 105 -25.66 19.88 81.35
N ARG E 106 -25.38 18.73 81.96
CA ARG E 106 -24.51 18.65 83.14
C ARG E 106 -23.20 18.01 82.71
N ARG E 107 -22.15 18.83 82.58
CA ARG E 107 -20.82 18.28 82.38
C ARG E 107 -20.31 17.77 83.72
N VAL E 108 -19.39 16.81 83.68
CA VAL E 108 -18.80 16.26 84.89
C VAL E 108 -17.48 15.60 84.54
N HIS E 109 -16.61 15.45 85.54
CA HIS E 109 -15.35 14.73 85.42
C HIS E 109 -15.24 13.85 86.66
N ILE E 110 -15.54 12.56 86.50
CA ILE E 110 -15.39 11.61 87.59
C ILE E 110 -13.90 11.49 87.92
N SER E 111 -13.57 11.43 89.21
CA SER E 111 -12.17 11.29 89.60
C SER E 111 -11.58 9.96 89.13
N ARG E 112 -12.42 8.93 89.08
CA ARG E 112 -11.98 7.57 88.72
C ARG E 112 -13.26 6.87 88.25
N GLN E 113 -13.38 6.70 86.93
CA GLN E 113 -14.54 6.02 86.37
C GLN E 113 -14.59 4.55 86.77
N LEU E 114 -13.45 3.93 87.08
CA LEU E 114 -13.47 2.55 87.53
C LEU E 114 -14.27 2.42 88.83
N GLU E 115 -14.30 3.49 89.64
CA GLU E 115 -15.02 3.51 90.90
C GLU E 115 -16.43 4.00 90.64
N MET E 166 -21.67 4.91 91.14
CA MET E 166 -20.37 5.54 91.13
C MET E 166 -20.44 6.97 91.64
N VAL E 167 -19.46 7.37 92.46
CA VAL E 167 -19.43 8.71 93.03
C VAL E 167 -19.27 9.74 91.91
N GLU E 168 -19.94 10.88 92.07
CA GLU E 168 -19.88 11.94 91.08
C GLU E 168 -20.21 13.26 91.77
N VAL E 169 -19.76 14.36 91.17
CA VAL E 169 -20.02 15.69 91.71
C VAL E 169 -20.07 16.66 90.54
N GLU E 170 -20.96 17.64 90.65
CA GLU E 170 -21.18 18.65 89.61
C GLU E 170 -20.16 19.80 89.74
N ASN E 171 -18.92 19.50 89.34
CA ASN E 171 -17.86 20.52 89.34
C ASN E 171 -17.86 21.32 88.03
N VAL E 172 -19.01 21.96 87.79
CA VAL E 172 -19.23 22.82 86.63
C VAL E 172 -18.71 24.20 87.04
N VAL E 173 -17.38 24.34 87.11
CA VAL E 173 -16.78 25.60 87.55
C VAL E 173 -17.15 26.71 86.58
N HIS E 174 -17.39 27.90 87.14
CA HIS E 174 -17.82 29.05 86.35
C HIS E 174 -17.40 30.34 87.06
N GLU E 175 -16.13 30.39 87.45
CA GLU E 175 -15.57 31.57 88.10
C GLU E 175 -15.65 32.77 87.17
N ASP E 176 -15.90 33.94 87.74
CA ASP E 176 -15.93 35.17 86.95
C ASP E 176 -15.38 36.28 87.83
N PHE E 177 -14.69 37.23 87.20
CA PHE E 177 -14.17 38.36 87.95
C PHE E 177 -15.31 39.25 88.41
N GLN E 178 -15.10 39.89 89.56
CA GLN E 178 -16.14 40.79 90.08
C GLN E 178 -16.36 41.95 89.12
N VAL E 179 -15.30 42.40 88.44
CA VAL E 179 -15.37 43.53 87.53
C VAL E 179 -15.86 42.95 86.20
N THR E 180 -17.14 43.16 85.89
CA THR E 180 -17.75 42.65 84.67
C THR E 180 -18.14 43.81 83.75
N GLU E 181 -17.12 44.53 83.28
CA GLU E 181 -17.28 45.58 82.28
C GLU E 181 -16.49 45.25 81.03
N GLU E 182 -15.16 45.13 81.14
CA GLU E 182 -14.32 44.75 80.02
C GLU E 182 -14.25 43.24 79.81
N VAL E 183 -14.83 42.42 80.70
CA VAL E 183 -14.79 40.98 80.46
C VAL E 183 -15.70 40.60 79.30
N LYS E 184 -16.73 41.40 79.02
CA LYS E 184 -17.59 41.13 77.87
C LYS E 184 -17.00 41.67 76.58
N ALA E 185 -15.91 42.45 76.64
CA ALA E 185 -15.34 42.97 75.41
C ALA E 185 -14.84 41.84 74.54
N LEU E 186 -14.36 40.75 75.15
CA LEU E 186 -13.95 39.60 74.36
C LEU E 186 -15.14 38.99 73.64
N THR E 187 -16.34 39.11 74.24
CA THR E 187 -17.54 38.51 73.66
C THR E 187 -17.81 39.12 72.29
N ALA E 188 -17.49 40.40 72.12
CA ALA E 188 -17.71 41.05 70.83
C ALA E 188 -16.82 40.42 69.76
N GLU E 189 -15.60 40.02 70.14
CA GLU E 189 -14.71 39.39 69.17
C GLU E 189 -15.10 37.94 68.93
N ILE E 190 -15.66 37.28 69.94
CA ILE E 190 -16.13 35.91 69.76
C ILE E 190 -17.34 35.87 68.85
N VAL E 191 -18.31 36.77 69.07
CA VAL E 191 -19.49 36.81 68.21
C VAL E 191 -19.15 37.31 66.81
N LYS E 192 -18.24 38.28 66.68
CA LYS E 192 -17.83 38.70 65.34
C LYS E 192 -17.14 37.57 64.58
N THR E 193 -16.30 36.79 65.28
CA THR E 193 -15.68 35.65 64.63
C THR E 193 -16.72 34.61 64.24
N ILE E 194 -17.63 34.27 65.16
CA ILE E 194 -18.66 33.26 64.87
C ILE E 194 -19.55 33.71 63.73
N ARG E 195 -19.83 35.03 63.68
CA ARG E 195 -20.62 35.61 62.63
C ARG E 195 -19.92 35.55 61.29
N ASP E 196 -18.58 35.63 61.29
CA ASP E 196 -17.87 35.51 60.02
C ASP E 196 -17.71 34.06 59.60
N ILE E 197 -17.71 33.12 60.55
CA ILE E 197 -17.65 31.71 60.13
C ILE E 197 -18.97 31.32 59.51
N ILE E 198 -20.09 31.68 60.15
CA ILE E 198 -21.36 31.31 59.54
C ILE E 198 -21.70 32.10 58.30
N ALA E 199 -21.12 33.31 58.13
CA ALA E 199 -21.39 34.07 56.91
C ALA E 199 -20.56 33.58 55.75
N LEU E 200 -19.25 33.42 55.95
CA LEU E 200 -18.37 32.95 54.91
C LEU E 200 -18.38 31.44 54.72
N ASN E 201 -18.73 30.69 55.76
CA ASN E 201 -18.77 29.23 55.72
C ASN E 201 -20.06 28.73 56.36
N PRO E 202 -21.20 28.92 55.71
CA PRO E 202 -22.47 28.53 56.36
C PRO E 202 -22.55 27.02 56.57
N LEU E 203 -22.80 26.63 57.83
CA LEU E 203 -22.91 25.24 58.26
C LEU E 203 -24.30 24.98 58.82
N TYR E 204 -24.72 25.76 59.81
CA TYR E 204 -26.02 25.70 60.44
C TYR E 204 -26.77 26.98 60.10
N ARG E 205 -28.06 27.00 60.42
CA ARG E 205 -28.89 28.17 60.16
C ARG E 205 -28.45 29.37 60.98
N GLU E 206 -28.56 30.56 60.39
CA GLU E 206 -28.25 31.79 61.09
C GLU E 206 -29.41 32.28 61.95
N SER E 207 -30.60 31.67 61.79
CA SER E 207 -31.79 32.06 62.56
C SER E 207 -31.60 31.85 64.06
N VAL E 208 -30.83 30.82 64.45
CA VAL E 208 -30.55 30.61 65.86
C VAL E 208 -29.76 31.78 66.41
N LEU E 209 -28.87 32.36 65.59
CA LEU E 209 -28.18 33.57 66.00
C LEU E 209 -29.17 34.71 66.17
N GLN E 210 -30.21 34.75 65.34
CA GLN E 210 -31.23 35.78 65.53
C GLN E 210 -32.03 35.50 66.80
N MET E 211 -32.09 34.24 67.25
CA MET E 211 -32.82 33.93 68.46
C MET E 211 -32.02 34.38 69.67
N MET E 212 -30.71 34.12 69.65
CA MET E 212 -29.79 34.41 70.75
C MET E 212 -28.86 35.51 70.27
N GLN E 213 -29.26 36.76 70.48
CA GLN E 213 -28.44 37.92 70.15
C GLN E 213 -27.77 38.37 71.44
N ALA E 214 -26.58 38.99 71.32
CA ALA E 214 -25.90 39.49 72.50
C ALA E 214 -26.60 40.67 73.15
N GLY E 215 -27.35 41.46 72.38
CA GLY E 215 -28.00 42.64 72.90
C GLY E 215 -29.27 42.38 73.67
N GLN E 216 -29.79 41.16 73.62
CA GLN E 216 -31.01 40.78 74.33
C GLN E 216 -30.76 40.42 75.79
N ARG E 217 -29.49 40.30 76.22
CA ARG E 217 -29.12 39.96 77.59
C ARG E 217 -29.66 38.60 78.04
N VAL E 218 -30.16 37.76 77.13
CA VAL E 218 -30.68 36.45 77.52
C VAL E 218 -29.55 35.44 77.69
N VAL E 219 -28.30 35.85 77.55
CA VAL E 219 -27.16 34.95 77.69
C VAL E 219 -26.81 34.95 79.17
N ASP E 220 -27.63 34.25 79.95
CA ASP E 220 -27.37 34.09 81.37
C ASP E 220 -26.14 33.21 81.62
N ASN E 221 -25.74 32.43 80.62
CA ASN E 221 -24.63 31.48 80.69
C ASN E 221 -23.70 31.73 79.51
N PRO E 222 -22.82 32.75 79.58
CA PRO E 222 -21.90 33.00 78.44
C PRO E 222 -21.05 31.80 78.11
N ILE E 223 -20.67 31.00 79.11
CA ILE E 223 -19.87 29.82 78.84
C ILE E 223 -20.63 28.87 77.92
N TYR E 224 -21.94 28.78 78.10
CA TYR E 224 -22.74 27.98 77.18
C TYR E 224 -22.81 28.60 75.80
N LEU E 225 -22.82 29.93 75.68
CA LEU E 225 -22.74 30.54 74.35
C LEU E 225 -21.43 30.17 73.70
N SER E 226 -20.32 30.30 74.42
CA SER E 226 -19.03 29.98 73.82
C SER E 226 -18.95 28.50 73.45
N ASP E 227 -19.61 27.63 74.22
CA ASP E 227 -19.63 26.21 73.86
C ASP E 227 -20.50 25.97 72.63
N MET E 228 -21.67 26.63 72.53
CA MET E 228 -22.50 26.50 71.35
C MET E 228 -21.82 27.10 70.13
N GLY E 229 -21.02 28.15 70.31
CA GLY E 229 -20.30 28.71 69.19
C GLY E 229 -19.13 27.84 68.83
N ALA E 230 -18.53 27.18 69.82
CA ALA E 230 -17.53 26.17 69.54
C ALA E 230 -18.16 24.93 68.94
N ALA E 231 -19.48 24.72 69.13
CA ALA E 231 -20.10 23.57 68.49
C ALA E 231 -20.06 23.70 66.98
N LEU E 232 -20.05 24.93 66.45
CA LEU E 232 -19.96 25.10 65.01
C LEU E 232 -18.61 24.71 64.47
N THR E 233 -17.56 24.72 65.29
CA THR E 233 -16.23 24.37 64.82
C THR E 233 -16.19 22.93 64.35
N GLY E 234 -15.39 22.69 63.34
CA GLY E 234 -15.10 21.37 62.82
C GLY E 234 -13.95 20.69 63.51
N ALA E 235 -13.38 21.30 64.56
CA ALA E 235 -12.18 20.78 65.20
C ALA E 235 -12.39 19.39 65.77
N GLU E 236 -11.31 18.61 65.71
CA GLU E 236 -11.33 17.21 66.12
C GLU E 236 -11.66 17.04 67.60
N SER E 237 -12.30 15.91 67.91
CA SER E 237 -12.79 15.64 69.27
C SER E 237 -11.68 15.63 70.31
N HIS E 238 -10.45 15.28 69.92
CA HIS E 238 -9.34 15.37 70.87
C HIS E 238 -9.07 16.81 71.29
N GLU E 239 -9.20 17.75 70.36
CA GLU E 239 -9.06 19.16 70.72
C GLU E 239 -10.18 19.61 71.64
N LEU E 240 -11.38 19.08 71.45
CA LEU E 240 -12.49 19.44 72.33
C LEU E 240 -12.29 18.84 73.72
N GLN E 241 -11.74 17.62 73.80
CA GLN E 241 -11.46 17.03 75.10
C GLN E 241 -10.40 17.85 75.83
N ASP E 242 -9.41 18.35 75.09
CA ASP E 242 -8.40 19.20 75.70
C ASP E 242 -9.00 20.53 76.16
N VAL E 243 -9.97 21.05 75.39
CA VAL E 243 -10.65 22.27 75.84
C VAL E 243 -11.47 21.98 77.09
N LEU E 244 -12.03 20.77 77.21
CA LEU E 244 -12.74 20.45 78.45
C LEU E 244 -11.77 20.32 79.61
N GLU E 245 -10.53 19.90 79.33
CA GLU E 245 -9.53 19.77 80.39
C GLU E 245 -9.16 21.11 81.02
N GLU E 246 -9.21 22.19 80.26
CA GLU E 246 -8.88 23.51 80.80
C GLU E 246 -9.82 23.92 81.92
N THR E 247 -9.25 24.52 82.96
CA THR E 247 -10.00 25.06 84.09
C THR E 247 -10.14 26.58 84.07
N ASN E 248 -9.08 27.31 83.75
CA ASN E 248 -9.16 28.77 83.71
C ASN E 248 -10.09 29.26 82.61
N ILE E 249 -10.89 30.28 82.93
CA ILE E 249 -11.81 30.87 81.94
C ILE E 249 -11.10 31.46 80.73
N PRO E 250 -10.11 32.37 80.89
CA PRO E 250 -9.46 32.92 79.68
C PRO E 250 -8.81 31.87 78.82
N LYS E 251 -8.25 30.82 79.42
CA LYS E 251 -7.58 29.78 78.66
C LYS E 251 -8.56 28.99 77.79
N ARG E 252 -9.66 28.52 78.39
CA ARG E 252 -10.68 27.81 77.59
C ARG E 252 -11.30 28.71 76.54
N LEU E 253 -11.45 30.01 76.86
CA LEU E 253 -11.99 30.93 75.86
C LEU E 253 -11.02 31.10 74.70
N TYR E 254 -9.73 31.26 75.01
CA TYR E 254 -8.72 31.44 73.98
C TYR E 254 -8.55 30.17 73.16
N LYS E 255 -8.76 29.00 73.77
CA LYS E 255 -8.61 27.77 73.02
C LYS E 255 -9.79 27.59 72.08
N ALA E 256 -11.01 27.89 72.55
CA ALA E 256 -12.17 27.80 71.65
C ALA E 256 -12.03 28.79 70.50
N LEU E 257 -11.42 29.95 70.78
CA LEU E 257 -11.13 30.91 69.72
C LEU E 257 -10.09 30.37 68.76
N SER E 258 -9.06 29.71 69.29
CA SER E 258 -8.02 29.17 68.42
C SER E 258 -8.58 28.08 67.54
N LEU E 259 -9.56 27.32 68.04
CA LEU E 259 -10.24 26.34 67.20
C LEU E 259 -11.06 27.03 66.11
N LEU E 260 -11.65 28.19 66.43
CA LEU E 260 -12.41 28.92 65.41
C LEU E 260 -11.48 29.39 64.31
N LYS E 261 -10.34 29.96 64.70
CA LYS E 261 -9.34 30.37 63.71
C LYS E 261 -8.82 29.16 62.95
N LYS E 262 -8.65 28.02 63.64
CA LYS E 262 -8.12 26.82 63.01
C LYS E 262 -9.02 26.35 61.89
N GLU E 263 -10.33 26.48 62.09
CA GLU E 263 -11.25 26.23 60.98
C GLU E 263 -11.18 27.33 59.93
N PHE E 264 -10.98 28.58 60.37
CA PHE E 264 -11.06 29.70 59.44
C PHE E 264 -9.95 29.68 58.42
N GLU E 265 -8.75 29.24 58.82
CA GLU E 265 -7.63 29.25 57.90
C GLU E 265 -7.88 28.30 56.75
N LEU E 266 -8.28 27.06 57.08
CA LEU E 266 -8.54 26.05 56.08
C LEU E 266 -9.73 26.44 55.22
N SER E 267 -10.74 27.10 55.79
CA SER E 267 -11.89 27.47 54.97
C SER E 267 -11.50 28.52 53.95
N LYS E 268 -10.92 29.64 54.41
CA LYS E 268 -10.54 30.69 53.47
C LYS E 268 -9.57 30.17 52.43
N LEU E 269 -8.69 29.24 52.82
CA LEU E 269 -7.81 28.62 51.85
C LEU E 269 -8.59 27.85 50.80
N GLN E 270 -9.61 27.08 51.21
CA GLN E 270 -10.38 26.31 50.22
C GLN E 270 -11.08 27.24 49.26
N GLN E 271 -11.55 28.39 49.76
CA GLN E 271 -12.21 29.33 48.86
C GLN E 271 -11.19 29.95 47.90
N ARG E 272 -10.00 30.30 48.39
CA ARG E 272 -8.97 30.83 47.50
C ARG E 272 -8.57 29.79 46.46
N LEU E 273 -8.46 28.52 46.86
CA LEU E 273 -8.09 27.47 45.92
C LEU E 273 -9.17 27.28 44.86
N GLY E 274 -10.43 27.44 45.28
CA GLY E 274 -11.51 27.27 44.34
C GLY E 274 -11.51 28.38 43.31
N ARG E 275 -11.42 29.64 43.76
CA ARG E 275 -11.42 30.75 42.82
C ARG E 275 -10.22 30.66 41.87
N GLU E 276 -9.08 30.17 42.37
CA GLU E 276 -7.94 30.01 41.49
C GLU E 276 -8.23 28.99 40.41
N VAL E 277 -8.70 27.80 40.79
CA VAL E 277 -8.95 26.77 39.78
C VAL E 277 -10.03 27.21 38.80
N GLU E 278 -11.02 27.96 39.30
CA GLU E 278 -12.09 28.41 38.42
C GLU E 278 -11.56 29.44 37.44
N GLU E 279 -10.75 30.39 37.92
CA GLU E 279 -10.15 31.36 37.01
C GLU E 279 -9.27 30.67 35.99
N LYS E 280 -8.58 29.59 36.38
CA LYS E 280 -7.76 28.87 35.40
C LYS E 280 -8.62 28.27 34.30
N ILE E 281 -9.75 27.66 34.68
CA ILE E 281 -10.63 27.07 33.67
C ILE E 281 -11.20 28.16 32.78
N LYS E 282 -11.58 29.28 33.39
CA LYS E 282 -12.13 30.39 32.65
C LYS E 282 -11.11 30.93 31.66
N GLN E 283 -9.91 31.24 32.14
CA GLN E 283 -8.87 31.75 31.28
C GLN E 283 -8.62 30.80 30.11
N THR E 284 -8.54 29.51 30.41
CA THR E 284 -8.29 28.52 29.36
C THR E 284 -9.40 28.49 28.33
N HIS E 285 -10.64 28.67 28.78
CA HIS E 285 -11.70 28.63 27.80
C HIS E 285 -11.90 29.98 27.15
N ARG E 286 -11.75 31.07 27.90
CA ARG E 286 -11.90 32.40 27.34
C ARG E 286 -10.89 32.62 26.25
N LYS E 287 -9.66 32.16 26.49
CA LYS E 287 -8.64 32.31 25.47
C LYS E 287 -8.99 31.43 24.29
N TYR E 288 -9.59 30.26 24.55
CA TYR E 288 -10.02 29.46 23.44
C TYR E 288 -11.06 30.23 22.62
N LEU E 289 -11.94 30.96 23.32
CA LEU E 289 -12.94 31.77 22.64
C LEU E 289 -12.29 32.83 21.78
N LEU E 290 -11.18 33.42 22.26
CA LEU E 290 -10.46 34.37 21.43
C LEU E 290 -9.88 33.70 20.19
N GLN E 291 -9.30 32.51 20.38
CA GLN E 291 -8.78 31.79 19.23
C GLN E 291 -9.89 31.42 18.27
N GLU E 292 -11.07 31.13 18.79
CA GLU E 292 -12.22 30.85 17.94
C GLU E 292 -12.65 32.08 17.17
N GLN E 293 -12.70 33.23 17.84
CA GLN E 293 -13.03 34.48 17.16
C GLN E 293 -12.05 34.74 16.05
N LEU E 294 -10.79 34.35 16.25
CA LEU E 294 -9.81 34.46 15.19
C LEU E 294 -10.18 33.53 14.04
N LYS E 295 -10.53 32.28 14.36
CA LYS E 295 -10.80 31.31 13.30
C LYS E 295 -12.01 31.70 12.47
N ILE E 296 -13.02 32.33 13.08
CA ILE E 296 -14.25 32.64 12.37
C ILE E 296 -14.14 33.97 11.63
N ILE E 297 -13.52 34.96 12.25
CA ILE E 297 -13.36 36.26 11.60
C ILE E 297 -12.37 36.15 10.43
N LYS E 298 -11.54 35.10 10.40
CA LYS E 298 -10.51 34.91 9.39
C LYS E 298 -10.91 33.89 8.31
N LYS E 299 -12.16 33.42 8.30
CA LYS E 299 -12.54 32.39 7.33
C LYS E 299 -12.43 32.95 5.91
N GLU E 300 -12.16 32.06 4.97
CA GLU E 300 -12.07 32.36 3.55
C GLU E 300 -11.08 33.51 3.32
N LEU E 301 -9.90 33.38 3.91
CA LEU E 301 -8.82 34.35 3.73
C LEU E 301 -7.49 33.60 3.86
N GLY E 302 -7.32 32.52 3.12
CA GLY E 302 -6.08 31.80 3.21
C GLY E 302 -5.98 30.72 2.16
N LEU E 303 -5.65 29.49 2.52
CA LEU E 303 -5.70 28.48 1.48
C LEU E 303 -6.80 27.45 1.65
N GLU E 304 -7.34 27.32 2.87
CA GLU E 304 -8.50 26.48 3.17
C GLU E 304 -8.32 25.07 2.62
N LYS E 305 -7.23 24.44 3.03
CA LYS E 305 -6.89 23.10 2.60
C LYS E 305 -6.58 22.26 3.83
N ASP E 306 -7.56 21.49 4.31
CA ASP E 306 -7.30 20.57 5.41
C ASP E 306 -7.31 19.11 5.00
N ASP E 307 -8.46 18.59 4.54
CA ASP E 307 -8.55 17.18 4.16
C ASP E 307 -9.57 16.96 3.05
N LYS E 308 -9.13 17.01 1.78
CA LYS E 308 -10.03 16.76 0.66
C LYS E 308 -11.18 17.78 0.58
N ASP E 309 -10.97 19.00 1.13
CA ASP E 309 -12.02 20.01 1.04
C ASP E 309 -11.82 20.86 -0.20
N ALA E 310 -10.62 20.85 -0.78
CA ALA E 310 -10.27 21.59 -1.98
C ALA E 310 -9.95 20.65 -3.11
N ILE E 311 -9.48 19.44 -2.79
CA ILE E 311 -9.17 18.47 -3.83
C ILE E 311 -10.41 18.07 -4.60
N GLU E 312 -11.57 18.04 -3.93
CA GLU E 312 -12.74 17.51 -4.61
C GLU E 312 -13.18 18.46 -5.71
N GLU E 313 -13.33 19.73 -5.37
CA GLU E 313 -13.65 20.70 -6.39
C GLU E 313 -12.53 20.81 -7.41
N LYS E 314 -11.29 20.53 -7.02
CA LYS E 314 -10.21 20.55 -8.00
C LYS E 314 -10.42 19.48 -9.07
N PHE E 315 -10.60 18.24 -8.63
CA PHE E 315 -10.80 17.15 -9.58
C PHE E 315 -12.07 17.35 -10.36
N ARG E 316 -13.11 17.86 -9.70
CA ARG E 316 -14.35 18.12 -10.39
C ARG E 316 -14.19 19.25 -11.40
N GLU E 317 -13.33 20.22 -11.09
CA GLU E 317 -13.16 21.37 -11.94
C GLU E 317 -12.45 21.00 -13.22
N ARG E 318 -11.36 20.24 -13.12
CA ARG E 318 -10.71 19.75 -14.33
C ARG E 318 -11.64 18.84 -15.13
N LEU E 319 -12.61 18.22 -14.46
CA LEU E 319 -13.55 17.35 -15.14
C LEU E 319 -14.68 18.09 -15.85
N LYS E 320 -14.91 19.38 -15.57
CA LYS E 320 -16.18 20.03 -15.95
C LYS E 320 -16.44 20.00 -17.45
N GLU E 321 -15.44 20.42 -18.25
CA GLU E 321 -15.68 20.59 -19.67
C GLU E 321 -15.97 19.26 -20.35
N LEU E 322 -15.37 18.19 -19.85
CA LEU E 322 -15.47 16.91 -20.52
C LEU E 322 -16.90 16.40 -20.45
N VAL E 323 -17.35 15.76 -21.52
CA VAL E 323 -18.63 15.02 -21.51
C VAL E 323 -18.26 13.59 -21.12
N VAL E 324 -18.13 13.38 -19.82
CA VAL E 324 -17.67 12.07 -19.35
C VAL E 324 -18.72 11.02 -19.68
N PRO E 325 -18.37 9.79 -20.01
CA PRO E 325 -19.38 8.74 -20.04
C PRO E 325 -19.95 8.56 -18.65
N LYS E 326 -21.26 8.29 -18.57
CA LYS E 326 -21.91 8.10 -17.28
C LYS E 326 -21.27 6.95 -16.52
N HIS E 327 -20.81 5.94 -17.27
CA HIS E 327 -20.22 4.77 -16.67
C HIS E 327 -19.02 5.19 -15.86
N VAL E 328 -18.12 5.96 -16.46
CA VAL E 328 -16.93 6.34 -15.71
C VAL E 328 -17.32 7.27 -14.57
N MET E 329 -18.44 8.00 -14.73
CA MET E 329 -18.83 8.98 -13.73
C MET E 329 -19.11 8.29 -12.41
N ASP E 330 -19.66 7.08 -12.49
CA ASP E 330 -19.93 6.34 -11.25
C ASP E 330 -18.64 6.00 -10.52
N VAL E 331 -17.66 5.48 -11.27
CA VAL E 331 -16.40 5.07 -10.66
C VAL E 331 -15.72 6.25 -10.00
N VAL E 332 -15.59 7.35 -10.74
CA VAL E 332 -14.90 8.50 -10.16
C VAL E 332 -15.66 8.99 -8.96
N ASP E 333 -17.01 8.93 -9.01
CA ASP E 333 -17.77 9.42 -7.88
C ASP E 333 -17.48 8.59 -6.65
N GLU E 334 -17.31 7.28 -6.84
CA GLU E 334 -17.09 6.41 -5.68
C GLU E 334 -15.79 6.78 -5.00
N GLU E 335 -14.69 6.89 -5.76
CA GLU E 335 -13.45 7.26 -5.09
C GLU E 335 -13.50 8.67 -4.53
N LEU E 336 -14.24 9.59 -5.18
CA LEU E 336 -14.40 10.91 -4.58
C LEU E 336 -15.10 10.81 -3.23
N SER E 337 -15.98 9.82 -3.08
CA SER E 337 -16.59 9.62 -1.79
C SER E 337 -15.59 9.04 -0.81
N LYS E 338 -14.92 7.96 -1.21
CA LYS E 338 -14.07 7.23 -0.28
C LYS E 338 -12.88 8.06 0.15
N LEU E 339 -12.41 8.96 -0.69
CA LEU E 339 -11.27 9.78 -0.33
C LEU E 339 -11.57 10.73 0.82
N GLY E 340 -12.84 11.00 1.07
CA GLY E 340 -13.19 11.86 2.20
C GLY E 340 -12.92 11.19 3.53
N LEU E 341 -13.40 9.97 3.72
CA LEU E 341 -13.23 9.31 5.01
C LEU E 341 -11.78 8.93 5.29
N LEU E 342 -10.97 8.69 4.26
CA LEU E 342 -9.59 8.26 4.48
C LEU E 342 -8.78 9.35 5.18
N ASP E 343 -7.86 8.92 6.02
CA ASP E 343 -6.89 9.84 6.62
C ASP E 343 -6.01 10.43 5.54
N ASN E 344 -5.62 11.68 5.78
CA ASN E 344 -4.90 12.48 4.80
C ASN E 344 -3.55 11.86 4.42
N HIS E 345 -2.91 11.11 5.32
CA HIS E 345 -1.54 10.64 5.11
C HIS E 345 -1.42 9.12 5.02
N SER E 346 -2.52 8.40 4.86
CA SER E 346 -2.49 6.95 4.68
C SER E 346 -1.95 6.52 3.33
N SER E 347 -1.38 5.31 3.29
CA SER E 347 -0.84 4.78 2.04
C SER E 347 -1.96 4.61 1.01
N GLU E 348 -3.15 4.21 1.47
CA GLU E 348 -4.28 4.09 0.56
C GLU E 348 -4.66 5.44 0.00
N PHE E 349 -4.50 6.51 0.77
CA PHE E 349 -4.70 7.84 0.23
C PHE E 349 -3.71 8.12 -0.89
N ASN E 350 -2.49 7.62 -0.77
CA ASN E 350 -1.50 7.87 -1.81
C ASN E 350 -1.92 7.17 -3.09
N VAL E 351 -2.17 5.87 -3.02
CA VAL E 351 -2.48 5.15 -4.26
C VAL E 351 -3.78 5.66 -4.85
N THR E 352 -4.75 6.01 -4.01
CA THR E 352 -5.97 6.57 -4.57
C THR E 352 -5.74 7.93 -5.19
N ARG E 353 -4.83 8.74 -4.65
CA ARG E 353 -4.54 10.02 -5.27
C ARG E 353 -3.94 9.83 -6.66
N ASN E 354 -3.06 8.85 -6.80
CA ASN E 354 -2.56 8.54 -8.12
C ASN E 354 -3.67 8.06 -9.02
N TYR E 355 -4.61 7.28 -8.49
CA TYR E 355 -5.68 6.79 -9.33
C TYR E 355 -6.53 7.93 -9.84
N LEU E 356 -6.71 8.96 -9.02
CA LEU E 356 -7.55 10.06 -9.49
C LEU E 356 -6.84 10.97 -10.46
N ASP E 357 -5.53 11.17 -10.30
CA ASP E 357 -4.84 11.89 -11.36
C ASP E 357 -4.90 11.11 -12.65
N TRP E 358 -4.86 9.78 -12.58
CA TRP E 358 -4.85 9.00 -13.80
C TRP E 358 -6.24 8.76 -14.37
N LEU E 359 -7.31 9.16 -13.68
CA LEU E 359 -8.64 9.17 -14.26
C LEU E 359 -9.08 10.55 -14.71
N THR E 360 -9.05 11.53 -13.81
CA THR E 360 -9.57 12.85 -14.15
C THR E 360 -8.81 13.48 -15.29
N SER E 361 -7.52 13.18 -15.42
CA SER E 361 -6.70 13.83 -16.41
C SER E 361 -7.12 13.49 -17.83
N ILE E 362 -7.62 12.29 -18.05
CA ILE E 362 -7.85 11.79 -19.41
C ILE E 362 -8.93 12.63 -20.09
N PRO E 363 -8.75 13.12 -21.32
CA PRO E 363 -9.88 13.76 -22.00
C PRO E 363 -11.00 12.77 -22.24
N TRP E 364 -12.24 13.25 -22.16
CA TRP E 364 -13.41 12.40 -22.42
C TRP E 364 -14.34 13.19 -23.32
N GLY E 365 -14.35 12.84 -24.60
CA GLY E 365 -15.21 13.49 -25.56
C GLY E 365 -14.62 14.73 -26.20
N LYS E 366 -13.46 15.19 -25.78
CA LYS E 366 -12.77 16.25 -26.49
C LYS E 366 -12.31 15.74 -27.84
N TYR E 367 -12.37 16.61 -28.85
CA TYR E 367 -11.93 16.25 -30.19
C TYR E 367 -11.16 17.41 -30.78
N SER E 368 -9.92 17.14 -31.20
CA SER E 368 -9.16 18.10 -31.97
C SER E 368 -9.92 18.44 -33.22
N ASN E 369 -10.30 19.70 -33.36
CA ASN E 369 -11.10 20.10 -34.50
C ASN E 369 -10.30 19.87 -35.76
N GLU E 370 -10.93 19.28 -36.75
CA GLU E 370 -10.22 18.77 -37.91
C GLU E 370 -10.37 19.73 -39.08
N ASN E 371 -9.42 19.64 -40.02
CA ASN E 371 -9.47 20.34 -41.29
C ASN E 371 -9.94 19.38 -42.37
N LEU E 372 -10.70 19.91 -43.32
CA LEU E 372 -11.29 19.12 -44.38
C LEU E 372 -11.23 19.90 -45.69
N ASP E 373 -10.08 20.50 -45.95
CA ASP E 373 -9.85 21.31 -47.15
C ASP E 373 -8.91 20.53 -48.07
N LEU E 374 -9.50 19.77 -49.00
CA LEU E 374 -8.69 18.96 -49.91
C LEU E 374 -7.71 19.80 -50.68
N ALA E 375 -8.14 20.99 -51.11
CA ALA E 375 -7.25 21.87 -51.83
C ALA E 375 -6.08 22.32 -50.96
N ARG E 376 -6.28 22.40 -49.64
CA ARG E 376 -5.23 22.83 -48.74
C ARG E 376 -4.35 21.68 -48.29
N ALA E 377 -4.97 20.55 -47.95
CA ALA E 377 -4.17 19.39 -47.59
C ALA E 377 -3.30 18.97 -48.75
N GLN E 378 -3.81 19.15 -49.97
CA GLN E 378 -3.00 18.91 -51.16
C GLN E 378 -1.73 19.73 -51.10
N ALA E 379 -1.88 21.03 -50.80
CA ALA E 379 -0.74 21.92 -50.73
C ALA E 379 0.26 21.44 -49.71
N VAL E 380 -0.20 21.19 -48.48
CA VAL E 380 0.77 20.89 -47.44
C VAL E 380 1.44 19.57 -47.70
N LEU E 381 0.67 18.52 -47.98
CA LEU E 381 1.29 17.21 -48.17
C LEU E 381 2.22 17.21 -49.35
N GLU E 382 1.89 17.95 -50.41
CA GLU E 382 2.78 17.93 -51.56
C GLU E 382 4.02 18.74 -51.26
N GLU E 383 3.86 19.91 -50.65
CA GLU E 383 5.02 20.75 -50.43
C GLU E 383 5.99 20.10 -49.49
N ASP E 384 5.50 19.37 -48.50
CA ASP E 384 6.40 19.02 -47.42
C ASP E 384 7.26 17.79 -47.72
N HIS E 385 7.01 17.04 -48.79
CA HIS E 385 7.81 15.85 -49.09
C HIS E 385 7.73 15.58 -50.58
N TYR E 386 8.89 15.41 -51.19
CA TYR E 386 8.97 15.05 -52.58
C TYR E 386 8.40 13.67 -52.81
N GLY E 387 7.72 13.48 -53.93
CA GLY E 387 7.31 12.14 -54.33
C GLY E 387 6.32 11.55 -53.36
N MET E 388 6.43 10.24 -53.17
CA MET E 388 5.55 9.51 -52.27
C MET E 388 4.11 9.63 -52.71
N GLU E 389 3.87 9.30 -53.99
CA GLU E 389 2.52 9.43 -54.55
C GLU E 389 1.54 8.49 -53.89
N ASP E 390 2.00 7.31 -53.48
CA ASP E 390 1.07 6.31 -52.94
C ASP E 390 0.52 6.73 -51.58
N VAL E 391 1.41 7.09 -50.64
CA VAL E 391 0.95 7.52 -49.32
C VAL E 391 0.11 8.77 -49.45
N LYS E 392 0.51 9.66 -50.36
CA LYS E 392 -0.28 10.85 -50.59
C LYS E 392 -1.67 10.49 -51.09
N LYS E 393 -1.73 9.52 -51.99
CA LYS E 393 -3.02 9.10 -52.51
C LYS E 393 -3.88 8.53 -51.39
N ARG E 394 -3.25 7.83 -50.46
CA ARG E 394 -4.05 7.27 -49.38
C ARG E 394 -4.64 8.35 -48.51
N ILE E 395 -3.83 9.35 -48.14
CA ILE E 395 -4.38 10.36 -47.24
C ILE E 395 -5.45 11.17 -47.95
N LEU E 396 -5.30 11.40 -49.25
CA LEU E 396 -6.37 12.09 -49.97
C LEU E 396 -7.64 11.28 -49.88
N GLU E 397 -7.53 9.96 -50.01
CA GLU E 397 -8.73 9.14 -49.88
C GLU E 397 -9.32 9.27 -48.49
N PHE E 398 -8.46 9.36 -47.48
CA PHE E 398 -8.96 9.41 -46.12
C PHE E 398 -9.83 10.63 -45.92
N ILE E 399 -9.33 11.79 -46.30
CA ILE E 399 -10.14 12.97 -46.15
C ILE E 399 -11.37 12.87 -47.04
N ALA E 400 -11.21 12.27 -48.21
CA ALA E 400 -12.34 12.20 -49.12
C ALA E 400 -13.46 11.34 -48.55
N VAL E 401 -13.13 10.39 -47.70
CA VAL E 401 -14.17 9.65 -47.01
C VAL E 401 -14.77 10.50 -45.93
N SER E 402 -13.95 10.90 -44.96
CA SER E 402 -14.48 11.56 -43.77
C SER E 402 -15.25 12.82 -44.12
N GLN E 403 -14.82 13.52 -45.17
CA GLN E 403 -15.54 14.69 -45.63
C GLN E 403 -16.91 14.32 -46.14
N LEU E 404 -17.07 13.09 -46.62
CA LEU E 404 -18.37 12.67 -47.12
C LEU E 404 -19.24 12.18 -46.00
N ARG E 405 -18.69 11.36 -45.12
CA ARG E 405 -19.47 10.65 -44.12
C ARG E 405 -19.36 11.31 -42.74
N GLY E 406 -19.71 12.59 -42.68
CA GLY E 406 -19.89 13.23 -41.38
C GLY E 406 -18.64 13.21 -40.52
N SER E 407 -18.76 12.56 -39.37
CA SER E 407 -17.81 12.71 -38.28
C SER E 407 -16.44 12.16 -38.62
N THR E 408 -15.45 12.69 -37.94
CA THR E 408 -14.08 12.21 -38.07
C THR E 408 -14.00 10.76 -37.62
N GLN E 409 -13.05 10.02 -38.21
CA GLN E 409 -12.89 8.60 -37.94
C GLN E 409 -11.43 8.24 -37.80
N GLY E 410 -11.18 7.15 -37.07
CA GLY E 410 -9.86 6.56 -36.98
C GLY E 410 -9.62 5.56 -38.09
N LYS E 411 -8.38 5.06 -38.15
CA LYS E 411 -7.97 4.12 -39.17
C LYS E 411 -6.57 3.64 -38.82
N ILE E 412 -6.19 2.49 -39.36
CA ILE E 412 -4.87 1.92 -39.17
C ILE E 412 -4.13 2.04 -40.49
N LEU E 413 -2.81 2.04 -40.43
CA LEU E 413 -1.96 2.11 -41.60
C LEU E 413 -0.63 1.50 -41.24
N CYS E 414 0.18 1.27 -42.26
CA CYS E 414 1.56 0.85 -42.05
C CYS E 414 2.41 1.39 -43.18
N PHE E 415 3.68 1.54 -42.88
CA PHE E 415 4.67 1.98 -43.83
C PHE E 415 5.85 1.05 -43.70
N TYR E 416 6.55 0.84 -44.79
CA TYR E 416 7.74 0.01 -44.69
C TYR E 416 8.62 0.26 -45.88
N GLY E 417 9.91 0.05 -45.68
CA GLY E 417 10.87 0.30 -46.71
C GLY E 417 12.22 0.57 -46.08
N PRO E 418 13.18 0.98 -46.90
CA PRO E 418 14.53 1.16 -46.41
C PRO E 418 14.58 2.22 -45.31
N PRO E 419 15.45 2.05 -44.32
CA PRO E 419 15.57 3.08 -43.29
C PRO E 419 16.09 4.38 -43.85
N GLY E 420 15.63 5.49 -43.28
CA GLY E 420 16.08 6.77 -43.76
C GLY E 420 15.47 7.21 -45.06
N VAL E 421 14.35 6.62 -45.45
CA VAL E 421 13.64 7.04 -46.66
C VAL E 421 12.76 8.25 -46.45
N GLY E 422 12.58 8.69 -45.22
CA GLY E 422 11.60 9.72 -44.91
C GLY E 422 10.31 9.25 -44.31
N LYS E 423 10.21 7.97 -43.94
CA LYS E 423 9.00 7.43 -43.34
C LYS E 423 8.49 8.31 -42.22
N THR E 424 9.29 8.47 -41.17
CA THR E 424 8.79 9.09 -39.95
C THR E 424 8.37 10.54 -40.18
N SER E 425 9.07 11.26 -41.05
CA SER E 425 8.77 12.67 -41.21
C SER E 425 7.38 12.90 -41.74
N ILE E 426 6.90 12.02 -42.64
CA ILE E 426 5.61 12.29 -43.22
C ILE E 426 4.50 12.14 -42.23
N ALA E 427 4.71 11.37 -41.16
CA ALA E 427 3.70 11.30 -40.14
C ALA E 427 3.45 12.69 -39.56
N ARG E 428 4.51 13.36 -39.15
CA ARG E 428 4.33 14.69 -38.59
C ARG E 428 3.78 15.64 -39.63
N SER E 429 4.18 15.47 -40.89
CA SER E 429 3.66 16.35 -41.92
C SER E 429 2.17 16.15 -42.09
N ILE E 430 1.72 14.90 -42.04
CA ILE E 430 0.29 14.62 -42.03
C ILE E 430 -0.33 15.33 -40.87
N ALA E 431 0.27 15.20 -39.68
CA ALA E 431 -0.35 15.74 -38.48
C ALA E 431 -0.56 17.23 -38.60
N ARG E 432 0.36 17.94 -39.23
CA ARG E 432 0.10 19.33 -39.51
C ARG E 432 -1.00 19.50 -40.55
N ALA E 433 -1.17 18.53 -41.43
CA ALA E 433 -2.18 18.68 -42.47
C ALA E 433 -3.60 18.44 -41.95
N LEU E 434 -3.80 17.34 -41.24
CA LEU E 434 -5.09 17.00 -40.67
C LEU E 434 -5.38 17.72 -39.36
N ASN E 435 -4.39 18.32 -38.73
CA ASN E 435 -4.50 19.17 -37.56
C ASN E 435 -4.62 18.37 -36.27
N ARG E 436 -4.70 17.05 -36.30
CA ARG E 436 -4.74 16.33 -35.04
C ARG E 436 -3.35 16.27 -34.43
N GLU E 437 -3.31 16.07 -33.12
CA GLU E 437 -2.04 16.05 -32.39
C GLU E 437 -1.18 14.86 -32.81
N TYR E 438 0.13 15.07 -32.78
CA TYR E 438 1.14 14.06 -33.08
C TYR E 438 1.68 13.47 -31.79
N PHE E 439 2.19 12.24 -31.89
CA PHE E 439 2.93 11.59 -30.80
C PHE E 439 3.47 10.28 -31.30
N ARG E 440 4.64 9.85 -30.81
CA ARG E 440 5.28 8.63 -31.25
C ARG E 440 5.91 7.93 -30.06
N PHE E 441 6.21 6.66 -30.22
CA PHE E 441 6.93 5.94 -29.18
C PHE E 441 7.45 4.64 -29.74
N SER E 442 8.60 4.23 -29.22
CA SER E 442 9.26 3.02 -29.68
C SER E 442 8.60 1.77 -29.13
N VAL E 443 8.70 0.68 -29.89
CA VAL E 443 8.32 -0.64 -29.44
C VAL E 443 9.38 -1.68 -29.78
N GLY E 444 10.53 -1.26 -30.33
CA GLY E 444 11.53 -2.23 -30.74
C GLY E 444 12.13 -2.94 -29.56
N GLY E 445 12.14 -4.26 -29.62
CA GLY E 445 12.85 -5.05 -28.65
C GLY E 445 12.13 -5.23 -27.34
N MET E 446 10.98 -4.60 -27.15
CA MET E 446 10.23 -4.73 -25.92
C MET E 446 9.73 -6.15 -25.78
N THR E 447 9.77 -6.69 -24.56
CA THR E 447 9.33 -8.05 -24.27
C THR E 447 8.22 -8.10 -23.24
N ASP E 448 8.37 -7.40 -22.14
CA ASP E 448 7.33 -7.34 -21.14
C ASP E 448 6.12 -6.60 -21.69
N VAL E 449 4.91 -7.07 -21.32
CA VAL E 449 3.68 -6.47 -21.81
C VAL E 449 3.19 -5.28 -20.98
N ALA E 450 3.79 -5.00 -19.84
CA ALA E 450 3.29 -3.90 -19.02
C ALA E 450 3.38 -2.56 -19.75
N GLU E 451 4.34 -2.41 -20.65
CA GLU E 451 4.51 -1.13 -21.32
C GLU E 451 3.31 -0.78 -22.16
N ILE E 452 2.67 -1.78 -22.79
CA ILE E 452 1.48 -1.52 -23.59
C ILE E 452 0.19 -1.66 -22.80
N LYS E 453 0.24 -2.17 -21.56
CA LYS E 453 -0.99 -2.45 -20.82
C LYS E 453 -0.97 -2.07 -19.35
N GLY E 454 0.17 -1.80 -18.75
CA GLY E 454 0.23 -1.44 -17.35
C GLY E 454 0.09 -2.63 -16.41
N HIS E 455 -0.24 -2.33 -15.16
CA HIS E 455 -0.29 -3.32 -14.08
C HIS E 455 -1.59 -3.15 -13.28
N ARG E 456 -1.75 -3.96 -12.25
CA ARG E 456 -2.98 -4.05 -11.47
C ARG E 456 -3.15 -2.96 -10.43
N ARG E 457 -2.15 -2.13 -10.17
CA ARG E 457 -2.16 -1.02 -9.21
C ARG E 457 -2.19 -1.45 -7.76
N THR E 458 -2.34 -2.73 -7.45
CA THR E 458 -2.02 -3.20 -6.12
C THR E 458 -0.53 -3.44 -5.98
N TYR E 459 0.23 -3.37 -7.07
CA TYR E 459 1.66 -3.41 -7.03
C TYR E 459 2.20 -2.01 -6.75
N VAL E 460 3.46 -1.96 -6.29
CA VAL E 460 4.00 -0.71 -5.79
C VAL E 460 4.16 0.33 -6.89
N GLY E 461 4.77 -0.04 -8.01
CA GLY E 461 5.18 0.92 -9.02
C GLY E 461 4.30 1.01 -10.23
N ALA E 462 3.06 0.54 -10.14
CA ALA E 462 2.23 0.39 -11.33
C ALA E 462 1.99 1.72 -12.03
N MET E 463 2.14 1.69 -13.35
CA MET E 463 1.81 2.80 -14.22
C MET E 463 1.03 2.22 -15.39
N PRO E 464 0.10 2.96 -15.98
CA PRO E 464 -0.61 2.44 -17.14
C PRO E 464 0.32 2.27 -18.31
N GLY E 465 0.01 1.29 -19.16
CA GLY E 465 0.72 1.08 -20.41
C GLY E 465 0.86 2.37 -21.19
N LYS E 466 1.76 2.46 -22.18
CA LYS E 466 2.22 3.74 -22.70
C LYS E 466 1.11 4.62 -23.26
N ILE E 467 0.06 4.00 -23.79
CA ILE E 467 -0.99 4.73 -24.48
C ILE E 467 -1.62 5.76 -23.55
N ILE E 468 -1.89 5.36 -22.31
CA ILE E 468 -2.59 6.28 -21.45
C ILE E 468 -1.69 7.45 -21.07
N GLN E 469 -0.36 7.25 -21.00
CA GLN E 469 0.49 8.41 -20.78
C GLN E 469 0.38 9.34 -21.94
N CYS E 470 0.26 8.79 -23.14
CA CYS E 470 0.06 9.66 -24.29
C CYS E 470 -1.23 10.44 -24.16
N LEU E 471 -2.32 9.75 -23.83
CA LEU E 471 -3.60 10.43 -23.76
C LEU E 471 -3.59 11.51 -22.70
N LYS E 472 -2.87 11.26 -21.61
CA LYS E 472 -2.70 12.33 -20.64
C LYS E 472 -1.89 13.46 -21.24
N LYS E 473 -1.01 13.16 -22.17
CA LYS E 473 -0.21 14.22 -22.79
C LYS E 473 -1.01 14.91 -23.88
N THR E 474 -1.33 14.19 -24.93
CA THR E 474 -2.07 14.78 -26.03
C THR E 474 -3.48 15.10 -25.55
N LYS E 475 -3.82 16.37 -25.55
CA LYS E 475 -5.11 16.75 -24.99
C LYS E 475 -6.27 16.19 -25.78
N THR E 476 -6.13 16.04 -27.08
CA THR E 476 -7.25 15.54 -27.85
C THR E 476 -7.48 14.08 -27.55
N GLU E 477 -8.71 13.63 -27.76
CA GLU E 477 -9.02 12.22 -27.66
C GLU E 477 -8.65 11.44 -28.92
N ASN E 478 -8.37 12.11 -30.04
CA ASN E 478 -8.10 11.43 -31.31
C ASN E 478 -6.81 11.97 -31.93
N PRO E 479 -5.68 11.66 -31.34
CA PRO E 479 -4.41 12.09 -31.90
C PRO E 479 -3.88 11.06 -32.87
N LEU E 480 -2.70 11.34 -33.42
CA LEU E 480 -2.06 10.52 -34.43
C LEU E 480 -0.98 9.68 -33.74
N ILE E 481 -1.39 8.63 -33.05
CA ILE E 481 -0.43 7.73 -32.44
C ILE E 481 0.48 7.22 -33.53
N LEU E 482 1.77 7.12 -33.22
CA LEU E 482 2.78 6.73 -34.19
C LEU E 482 3.70 5.74 -33.50
N ILE E 483 3.28 4.48 -33.49
CA ILE E 483 4.21 3.43 -33.11
C ILE E 483 5.22 3.33 -34.22
N ASP E 484 6.40 2.85 -33.92
CA ASP E 484 7.40 2.66 -34.95
C ASP E 484 8.22 1.42 -34.63
N GLU E 485 8.71 0.81 -35.69
CA GLU E 485 9.56 -0.36 -35.60
C GLU E 485 8.79 -1.49 -34.90
N VAL E 486 7.74 -1.93 -35.60
CA VAL E 486 7.11 -3.20 -35.27
C VAL E 486 7.99 -4.37 -35.69
N ASP E 487 8.96 -4.14 -36.58
CA ASP E 487 9.70 -5.22 -37.21
C ASP E 487 10.49 -6.06 -36.21
N LYS E 488 10.92 -5.45 -35.11
CA LYS E 488 11.82 -6.06 -34.13
C LYS E 488 11.20 -5.97 -32.75
N ILE E 489 9.93 -6.31 -32.66
CA ILE E 489 9.31 -6.42 -31.35
C ILE E 489 10.03 -7.53 -30.59
N GLY E 490 10.39 -7.26 -29.35
CA GLY E 490 11.08 -8.26 -28.56
C GLY E 490 10.14 -9.41 -28.26
N ARG E 491 10.59 -10.64 -28.56
CA ARG E 491 9.73 -11.81 -28.44
C ARG E 491 10.43 -13.03 -27.89
N GLY E 492 11.65 -12.91 -27.36
CA GLY E 492 12.31 -14.07 -26.78
C GLY E 492 11.79 -14.43 -25.41
N TYR E 493 11.28 -13.46 -24.66
CA TYR E 493 10.79 -13.72 -23.32
C TYR E 493 9.59 -14.64 -23.37
N GLN E 494 9.48 -15.51 -22.37
CA GLN E 494 8.30 -16.36 -22.23
C GLN E 494 7.04 -15.51 -22.23
N GLY E 495 6.16 -15.77 -23.18
CA GLY E 495 5.05 -14.88 -23.38
C GLY E 495 5.45 -13.76 -24.33
N ASP E 496 4.72 -13.63 -25.43
CA ASP E 496 5.08 -12.73 -26.50
C ASP E 496 4.26 -11.45 -26.41
N PRO E 497 4.85 -10.26 -26.24
CA PRO E 497 4.03 -9.04 -26.18
C PRO E 497 3.24 -8.78 -27.44
N SER E 498 3.69 -9.32 -28.58
CA SER E 498 2.94 -9.19 -29.83
C SER E 498 1.47 -9.52 -29.63
N SER E 499 1.19 -10.59 -28.89
CA SER E 499 -0.18 -10.97 -28.62
C SER E 499 -0.92 -9.81 -27.97
N ALA E 500 -0.32 -9.20 -26.95
CA ALA E 500 -0.96 -8.05 -26.31
C ALA E 500 -1.22 -6.95 -27.32
N LEU E 501 -0.23 -6.67 -28.17
CA LEU E 501 -0.39 -5.60 -29.14
C LEU E 501 -1.51 -5.89 -30.11
N LEU E 502 -1.76 -7.15 -30.40
CA LEU E 502 -2.82 -7.51 -31.33
C LEU E 502 -4.17 -6.98 -30.89
N GLU E 503 -4.38 -6.88 -29.57
CA GLU E 503 -5.67 -6.42 -29.09
C GLU E 503 -5.92 -4.99 -29.49
N LEU E 504 -4.88 -4.16 -29.45
CA LEU E 504 -5.08 -2.73 -29.56
C LEU E 504 -5.63 -2.32 -30.92
N LEU E 505 -5.31 -3.08 -31.96
CA LEU E 505 -5.59 -2.63 -33.30
C LEU E 505 -6.91 -3.12 -33.86
N ASP E 506 -7.34 -4.33 -33.51
CA ASP E 506 -8.52 -4.93 -34.17
C ASP E 506 -9.71 -4.03 -33.84
N PRO E 507 -10.45 -3.48 -34.83
CA PRO E 507 -11.46 -2.45 -34.51
C PRO E 507 -12.52 -2.87 -33.51
N GLU E 508 -12.94 -4.13 -33.58
CA GLU E 508 -14.00 -4.66 -32.73
C GLU E 508 -13.55 -4.47 -31.29
N GLN E 509 -12.50 -5.18 -30.93
CA GLN E 509 -11.98 -5.05 -29.59
C GLN E 509 -11.34 -3.69 -29.34
N ASN E 510 -10.90 -3.00 -30.39
CA ASN E 510 -10.30 -1.69 -30.18
C ASN E 510 -11.32 -0.72 -29.61
N ALA E 511 -12.61 -0.92 -29.91
CA ALA E 511 -13.61 0.05 -29.47
C ALA E 511 -13.71 0.18 -27.96
N ASN E 512 -13.28 -0.80 -27.20
CA ASN E 512 -13.44 -0.85 -25.75
C ASN E 512 -12.13 -1.28 -25.10
N PHE E 513 -11.04 -0.60 -25.43
CA PHE E 513 -9.74 -0.98 -24.90
C PHE E 513 -9.75 -0.98 -23.38
N LEU E 514 -9.02 -1.92 -22.78
CA LEU E 514 -9.07 -2.15 -21.34
C LEU E 514 -7.66 -2.19 -20.78
N ASP E 515 -7.20 -1.02 -20.37
CA ASP E 515 -5.91 -0.91 -19.69
C ASP E 515 -6.02 -1.44 -18.28
N HIS E 516 -4.90 -1.90 -17.74
CA HIS E 516 -4.93 -2.51 -16.42
C HIS E 516 -4.82 -1.52 -15.27
N TYR E 517 -3.96 -0.50 -15.37
CA TYR E 517 -3.75 0.36 -14.20
C TYR E 517 -5.01 1.08 -13.79
N LEU E 518 -5.89 1.38 -14.73
CA LEU E 518 -7.23 1.84 -14.42
C LEU E 518 -8.17 0.93 -15.17
N ASP E 519 -9.13 0.35 -14.46
CA ASP E 519 -9.99 -0.69 -15.00
C ASP E 519 -11.27 -0.06 -15.54
N VAL E 520 -11.10 0.78 -16.55
CA VAL E 520 -12.23 1.40 -17.23
C VAL E 520 -12.04 1.15 -18.72
N PRO E 521 -13.09 0.88 -19.49
CA PRO E 521 -12.92 0.92 -20.94
C PRO E 521 -12.55 2.32 -21.36
N VAL E 522 -11.71 2.44 -22.36
CA VAL E 522 -11.39 3.72 -22.96
C VAL E 522 -11.57 3.51 -24.46
N ASP E 523 -12.78 3.81 -24.93
CA ASP E 523 -13.02 3.76 -26.35
C ASP E 523 -12.11 4.78 -26.99
N LEU E 524 -11.44 4.36 -28.05
CA LEU E 524 -10.47 5.21 -28.70
C LEU E 524 -10.46 4.98 -30.19
N SER E 525 -11.57 4.50 -30.76
CA SER E 525 -11.56 4.07 -32.14
C SER E 525 -11.18 5.18 -33.11
N LYS E 526 -11.38 6.44 -32.72
CA LYS E 526 -11.04 7.54 -33.59
C LYS E 526 -9.54 7.68 -33.84
N VAL E 527 -8.69 7.12 -32.98
CA VAL E 527 -7.25 7.28 -33.12
C VAL E 527 -6.82 6.77 -34.47
N LEU E 528 -5.82 7.42 -35.06
CA LEU E 528 -5.30 7.11 -36.39
C LEU E 528 -3.88 6.57 -36.29
N PHE E 529 -3.76 5.25 -36.18
CA PHE E 529 -2.47 4.63 -35.97
C PHE E 529 -1.61 4.68 -37.21
N ILE E 530 -0.31 4.59 -37.02
CA ILE E 530 0.64 4.38 -38.09
C ILE E 530 1.79 3.61 -37.47
N CYS E 531 2.41 2.75 -38.26
CA CYS E 531 3.51 1.93 -37.78
C CYS E 531 4.56 1.85 -38.87
N THR E 532 5.75 1.39 -38.50
CA THR E 532 6.88 1.37 -39.41
C THR E 532 7.71 0.13 -39.18
N ALA E 533 8.30 -0.37 -40.26
CA ALA E 533 9.12 -1.56 -40.17
C ALA E 533 9.97 -1.65 -41.41
N ASN E 534 11.17 -2.16 -41.28
CA ASN E 534 12.07 -2.22 -42.42
C ASN E 534 11.84 -3.45 -43.29
N VAL E 535 11.02 -4.41 -42.87
CA VAL E 535 10.69 -5.55 -43.72
C VAL E 535 9.45 -6.22 -43.14
N THR E 536 8.60 -6.73 -44.03
CA THR E 536 7.38 -7.42 -43.64
C THR E 536 7.53 -8.94 -43.72
N ASP E 537 8.44 -9.47 -42.93
CA ASP E 537 8.51 -10.92 -42.74
C ASP E 537 8.59 -11.30 -41.27
N THR E 538 9.34 -10.55 -40.47
CA THR E 538 9.39 -10.81 -39.03
C THR E 538 8.09 -10.44 -38.34
N ILE E 539 7.28 -9.59 -38.96
CA ILE E 539 6.10 -9.07 -38.28
C ILE E 539 5.14 -10.22 -38.00
N PRO E 540 4.64 -10.41 -36.76
CA PRO E 540 3.81 -11.58 -36.47
C PRO E 540 2.55 -11.58 -37.32
N GLU E 541 2.15 -12.76 -37.76
CA GLU E 541 1.11 -12.86 -38.79
C GLU E 541 -0.19 -12.18 -38.41
N PRO E 542 -0.82 -12.44 -37.24
CA PRO E 542 -2.11 -11.80 -36.99
C PRO E 542 -2.03 -10.31 -37.03
N LEU E 543 -0.90 -9.78 -36.57
CA LEU E 543 -0.70 -8.36 -36.67
C LEU E 543 -0.41 -7.95 -38.09
N ARG E 544 0.20 -8.82 -38.89
CA ARG E 544 0.41 -8.50 -40.29
C ARG E 544 -0.89 -8.43 -41.04
N ASP E 545 -1.93 -9.09 -40.55
CA ASP E 545 -3.20 -9.14 -41.23
C ASP E 545 -4.15 -8.03 -40.82
N ARG E 546 -4.07 -7.56 -39.57
CA ARG E 546 -5.02 -6.57 -39.10
C ARG E 546 -4.91 -5.26 -39.86
N MET E 547 -3.74 -4.94 -40.41
CA MET E 547 -3.44 -3.60 -40.86
C MET E 547 -3.12 -3.54 -42.34
N GLU E 548 -3.43 -2.39 -42.93
CA GLU E 548 -3.09 -2.11 -44.31
C GLU E 548 -1.61 -1.83 -44.46
N MET E 549 -1.05 -2.14 -45.63
CA MET E 549 0.37 -2.01 -45.92
C MET E 549 0.58 -1.03 -47.04
N ILE E 550 1.61 -0.20 -46.94
CA ILE E 550 2.02 0.73 -47.99
C ILE E 550 3.52 0.81 -47.88
N ASN E 551 4.20 1.08 -49.00
CA ASN E 551 5.66 1.10 -49.02
C ASN E 551 6.17 2.35 -49.69
N VAL E 552 6.92 3.13 -48.94
CA VAL E 552 7.83 4.07 -49.55
C VAL E 552 9.01 3.31 -50.14
N SER E 553 9.52 3.79 -51.26
CA SER E 553 10.53 3.07 -52.03
C SER E 553 11.92 3.60 -51.71
N GLY E 554 12.92 3.17 -52.47
CA GLY E 554 14.22 3.80 -52.47
C GLY E 554 14.26 4.96 -53.43
N TYR E 555 15.37 5.70 -53.45
CA TYR E 555 15.50 6.91 -54.24
C TYR E 555 16.63 6.78 -55.25
N VAL E 556 16.35 7.15 -56.50
CA VAL E 556 17.35 7.10 -57.56
C VAL E 556 18.36 8.22 -57.37
N ALA E 557 19.56 8.03 -57.92
CA ALA E 557 20.63 9.00 -57.81
C ALA E 557 20.28 10.36 -58.41
N GLN E 558 19.30 10.42 -59.31
CA GLN E 558 18.87 11.69 -59.84
C GLN E 558 17.87 12.33 -58.89
N GLU E 559 16.75 11.66 -58.61
CA GLU E 559 15.75 12.27 -57.75
C GLU E 559 16.31 12.63 -56.39
N LYS E 560 17.33 11.92 -55.94
CA LYS E 560 18.03 12.29 -54.72
C LYS E 560 18.60 13.70 -54.85
N LEU E 561 19.01 14.12 -56.05
CA LEU E 561 19.41 15.50 -56.20
C LEU E 561 18.22 16.40 -56.00
N ALA E 562 17.18 16.26 -56.83
CA ALA E 562 16.10 17.25 -56.85
C ALA E 562 15.44 17.38 -55.49
N ILE E 563 15.42 16.32 -54.69
CA ILE E 563 15.05 16.53 -53.29
C ILE E 563 16.14 17.30 -52.58
N ALA E 564 17.42 17.04 -52.91
CA ALA E 564 18.49 17.64 -52.13
C ALA E 564 18.52 19.15 -52.25
N GLU E 565 18.36 19.68 -53.45
CA GLU E 565 18.45 21.11 -53.57
C GLU E 565 17.16 21.83 -53.25
N ARG E 566 16.07 21.11 -53.00
CA ARG E 566 14.81 21.76 -52.68
C ARG E 566 14.52 21.77 -51.20
N TYR E 567 14.63 20.63 -50.53
CA TYR E 567 14.26 20.55 -49.11
C TYR E 567 15.45 20.56 -48.17
N LEU E 568 16.38 19.59 -48.33
CA LEU E 568 17.43 19.40 -47.32
C LEU E 568 18.23 20.66 -47.11
N VAL E 569 18.75 21.25 -48.18
CA VAL E 569 19.56 22.42 -48.04
C VAL E 569 18.78 23.55 -47.38
N PRO E 570 17.62 23.97 -47.89
CA PRO E 570 16.88 25.02 -47.17
C PRO E 570 16.49 24.63 -45.77
N GLN E 571 16.22 23.35 -45.55
CA GLN E 571 15.77 22.89 -44.25
C GLN E 571 16.88 23.06 -43.22
N ALA E 572 18.08 22.56 -43.55
CA ALA E 572 19.19 22.72 -42.64
C ALA E 572 19.59 24.17 -42.51
N ARG E 573 19.36 24.97 -43.55
CA ARG E 573 19.91 26.31 -43.56
C ARG E 573 19.37 27.15 -42.42
N ALA E 574 18.10 26.94 -42.06
CA ALA E 574 17.60 27.66 -40.90
C ALA E 574 18.29 27.21 -39.64
N LEU E 575 18.62 25.93 -39.55
CA LEU E 575 19.35 25.48 -38.36
C LEU E 575 20.72 26.09 -38.28
N CYS E 576 21.33 26.39 -39.42
CA CYS E 576 22.54 27.21 -39.42
C CYS E 576 22.28 28.68 -39.57
N GLY E 577 21.05 29.09 -39.87
CA GLY E 577 20.75 30.51 -39.89
C GLY E 577 21.41 31.29 -40.99
N LEU E 578 22.05 30.64 -41.95
CA LEU E 578 22.56 31.31 -43.12
C LEU E 578 21.43 31.65 -44.07
N ASP E 579 21.75 32.45 -45.08
CA ASP E 579 20.81 32.82 -46.11
C ASP E 579 21.52 32.72 -47.44
N GLU E 580 20.73 32.70 -48.52
CA GLU E 580 21.26 32.33 -49.83
C GLU E 580 22.32 33.29 -50.33
N SER E 581 22.40 34.50 -49.78
CA SER E 581 23.51 35.38 -50.10
C SER E 581 24.79 35.01 -49.37
N LYS E 582 24.77 34.00 -48.48
CA LYS E 582 25.95 33.58 -47.76
C LYS E 582 26.55 32.28 -48.29
N ALA E 583 25.76 31.20 -48.36
CA ALA E 583 26.27 29.85 -48.58
C ALA E 583 25.53 29.14 -49.66
N LYS E 584 25.42 29.77 -50.82
CA LYS E 584 24.84 29.10 -51.97
C LYS E 584 25.67 27.88 -52.32
N LEU E 585 25.01 26.77 -52.67
CA LEU E 585 25.69 25.55 -53.07
C LEU E 585 25.37 25.25 -54.52
N SER E 586 26.35 24.74 -55.25
CA SER E 586 26.11 24.38 -56.63
C SER E 586 25.15 23.21 -56.69
N SER E 587 24.45 23.12 -57.81
CA SER E 587 23.67 21.93 -58.06
C SER E 587 24.55 20.70 -58.25
N ASP E 588 25.78 20.89 -58.75
CA ASP E 588 26.64 19.76 -59.09
C ASP E 588 27.49 19.28 -57.93
N VAL E 589 27.84 20.16 -57.00
CA VAL E 589 28.57 19.70 -55.82
C VAL E 589 27.73 18.69 -55.08
N LEU E 590 26.41 18.85 -55.10
CA LEU E 590 25.57 17.81 -54.55
C LEU E 590 25.67 16.55 -55.37
N THR E 591 25.83 16.67 -56.68
CA THR E 591 25.99 15.47 -57.49
C THR E 591 27.24 14.72 -57.07
N LEU E 592 28.29 15.46 -56.74
CA LEU E 592 29.49 14.82 -56.28
C LEU E 592 29.29 14.24 -54.90
N LEU E 593 28.56 14.96 -54.04
CA LEU E 593 28.31 14.44 -52.70
C LEU E 593 27.50 13.17 -52.74
N ILE E 594 26.66 13.01 -53.75
CA ILE E 594 25.85 11.81 -53.84
C ILE E 594 26.67 10.65 -54.36
N LYS E 595 27.34 10.83 -55.49
CA LYS E 595 27.98 9.67 -56.09
C LYS E 595 29.13 9.14 -55.27
N GLN E 596 29.86 9.98 -54.56
CA GLN E 596 31.15 9.58 -54.01
C GLN E 596 31.18 9.54 -52.49
N TYR E 597 30.70 10.57 -51.81
CA TYR E 597 30.83 10.60 -50.36
C TYR E 597 29.68 9.90 -49.65
N CYS E 598 28.86 9.15 -50.37
CA CYS E 598 27.78 8.43 -49.72
C CYS E 598 27.35 7.28 -50.61
N ARG E 599 26.89 6.20 -50.00
CA ARG E 599 26.45 5.04 -50.76
C ARG E 599 25.38 4.31 -49.94
N GLU E 600 24.12 4.68 -50.18
CA GLU E 600 23.02 4.08 -49.43
C GLU E 600 21.72 4.38 -50.18
N SER E 601 20.70 3.58 -49.89
CA SER E 601 19.41 3.76 -50.53
C SER E 601 18.56 4.82 -49.87
N GLY E 602 18.91 5.29 -48.69
CA GLY E 602 18.13 6.31 -48.01
C GLY E 602 18.58 7.69 -48.41
N VAL E 603 18.24 8.66 -47.58
CA VAL E 603 18.77 10.02 -47.69
C VAL E 603 19.44 10.48 -46.41
N ARG E 604 19.44 9.67 -45.36
CA ARG E 604 19.96 10.09 -44.06
C ARG E 604 21.43 10.50 -44.15
N ASN E 605 22.29 9.62 -44.66
CA ASN E 605 23.70 9.95 -44.58
C ASN E 605 24.01 11.20 -45.39
N LEU E 606 23.26 11.41 -46.48
CA LEU E 606 23.44 12.66 -47.20
C LEU E 606 23.04 13.83 -46.32
N GLN E 607 22.09 13.61 -45.40
CA GLN E 607 21.64 14.69 -44.52
C GLN E 607 22.83 15.21 -43.77
N LYS E 608 23.54 14.28 -43.11
CA LYS E 608 24.68 14.70 -42.32
C LYS E 608 25.69 15.40 -43.20
N GLN E 609 26.14 14.73 -44.26
CA GLN E 609 27.22 15.30 -45.04
C GLN E 609 26.87 16.60 -45.74
N VAL E 610 25.60 17.00 -45.81
CA VAL E 610 25.25 18.37 -46.19
C VAL E 610 25.37 19.31 -45.01
N GLU E 611 24.82 18.87 -43.88
CA GLU E 611 24.81 19.74 -42.72
C GLU E 611 26.22 20.07 -42.29
N LYS E 612 27.14 19.13 -42.43
CA LYS E 612 28.51 19.41 -42.08
C LYS E 612 29.06 20.52 -42.95
N VAL E 613 28.67 20.55 -44.21
CA VAL E 613 29.19 21.60 -45.08
C VAL E 613 28.66 22.94 -44.66
N LEU E 614 27.36 23.03 -44.41
CA LEU E 614 26.82 24.32 -44.01
C LEU E 614 27.41 24.78 -42.69
N ARG E 615 27.63 23.85 -41.79
CA ARG E 615 28.13 24.19 -40.46
C ARG E 615 29.55 24.73 -40.58
N LYS E 616 30.45 23.97 -41.23
CA LYS E 616 31.83 24.42 -41.39
C LYS E 616 31.89 25.67 -42.23
N SER E 617 30.92 25.85 -43.12
CA SER E 617 30.81 27.09 -43.85
C SER E 617 30.37 28.22 -42.94
N ALA E 618 29.61 27.92 -41.90
CA ALA E 618 29.23 28.97 -40.98
C ALA E 618 30.43 29.45 -40.19
N TYR E 619 31.30 28.52 -39.79
CA TYR E 619 32.42 28.90 -38.93
C TYR E 619 33.32 29.92 -39.62
N LYS E 620 33.36 29.92 -40.93
CA LYS E 620 34.23 30.84 -41.64
C LYS E 620 33.63 32.22 -41.74
N ILE E 621 32.47 32.47 -41.12
CA ILE E 621 31.84 33.77 -41.16
C ILE E 621 32.15 34.57 -39.91
N VAL E 622 31.88 33.99 -38.74
CA VAL E 622 32.03 34.76 -37.51
C VAL E 622 33.48 35.20 -37.32
N SER E 623 34.43 34.42 -37.83
CA SER E 623 35.86 34.76 -37.75
C SER E 623 36.61 34.52 -39.04
N GLY E 624 36.05 33.81 -39.99
CA GLY E 624 36.78 33.52 -41.19
C GLY E 624 36.80 34.72 -42.08
N GLU E 625 37.50 34.55 -43.20
CA GLU E 625 37.86 35.71 -44.01
C GLU E 625 36.77 36.07 -45.00
N ALA E 626 36.38 35.13 -45.86
CA ALA E 626 35.29 35.41 -46.77
C ALA E 626 33.99 35.51 -45.98
N GLU E 627 33.18 36.51 -46.32
CA GLU E 627 31.88 36.64 -45.68
C GLU E 627 30.83 35.73 -46.28
N SER E 628 31.12 35.09 -47.41
CA SER E 628 30.14 34.27 -48.11
C SER E 628 30.85 33.06 -48.69
N VAL E 629 30.45 31.91 -48.27
CA VAL E 629 30.97 30.68 -48.84
C VAL E 629 30.27 30.43 -50.16
N GLU E 630 31.05 30.02 -51.16
CA GLU E 630 30.56 29.66 -52.52
C GLU E 630 31.21 28.35 -52.87
N VAL E 631 30.61 27.26 -52.39
CA VAL E 631 31.25 25.97 -52.53
C VAL E 631 31.30 25.61 -53.99
N THR E 632 32.30 24.84 -54.38
CA THR E 632 32.52 24.39 -55.75
C THR E 632 32.96 22.94 -55.68
N PRO E 633 32.83 22.18 -56.77
CA PRO E 633 33.24 20.78 -56.72
C PRO E 633 34.71 20.58 -56.38
N GLU E 634 35.59 21.51 -56.75
CA GLU E 634 36.99 21.41 -56.38
C GLU E 634 37.25 21.93 -54.97
N ASN E 635 36.58 23.00 -54.56
CA ASN E 635 36.79 23.52 -53.22
C ASN E 635 36.33 22.54 -52.16
N LEU E 636 35.44 21.60 -52.52
CA LEU E 636 34.69 20.81 -51.54
C LEU E 636 35.60 20.06 -50.59
N GLN E 637 36.80 19.69 -51.06
CA GLN E 637 37.72 18.88 -50.26
C GLN E 637 37.98 19.55 -48.93
N ASP E 638 38.14 20.88 -48.95
CA ASP E 638 38.51 21.62 -47.74
C ASP E 638 37.49 21.46 -46.65
N PHE E 639 36.25 21.18 -47.01
CA PHE E 639 35.19 21.09 -46.02
C PHE E 639 34.87 19.66 -45.65
N VAL E 640 35.24 18.67 -46.48
CA VAL E 640 34.80 17.28 -46.23
C VAL E 640 35.93 16.26 -46.39
N GLY E 641 37.06 16.66 -46.92
CA GLY E 641 38.16 15.72 -47.07
C GLY E 641 37.99 14.80 -48.25
N LYS E 642 38.83 13.78 -48.29
CA LYS E 642 38.95 12.96 -49.48
C LYS E 642 37.75 12.05 -49.66
N PRO E 643 37.48 11.59 -50.89
CA PRO E 643 36.32 10.74 -51.13
C PRO E 643 36.38 9.45 -50.38
N VAL E 644 35.22 8.99 -49.93
CA VAL E 644 35.13 7.72 -49.24
C VAL E 644 34.97 6.63 -50.29
N PHE E 645 33.93 6.71 -51.10
CA PHE E 645 33.66 5.71 -52.12
C PHE E 645 34.05 6.23 -53.49
N THR E 646 34.92 5.50 -54.16
CA THR E 646 35.38 5.85 -55.50
C THR E 646 35.16 4.74 -56.52
N VAL E 647 35.36 3.49 -56.15
CA VAL E 647 35.05 2.37 -57.03
C VAL E 647 33.56 2.09 -56.96
N GLU E 648 32.90 2.02 -58.12
CA GLU E 648 31.44 1.93 -58.10
C GLU E 648 30.99 0.53 -57.77
N ARG E 649 31.29 -0.43 -58.64
CA ARG E 649 31.10 -1.84 -58.36
C ARG E 649 32.40 -2.41 -57.85
N MET E 650 32.36 -3.64 -57.36
CA MET E 650 33.58 -4.26 -56.83
C MET E 650 34.65 -4.35 -57.90
N TYR E 651 34.27 -4.73 -59.13
CA TYR E 651 35.16 -4.70 -60.30
C TYR E 651 34.42 -5.17 -61.54
N ASP E 652 35.03 -4.95 -62.70
CA ASP E 652 34.59 -5.54 -63.95
C ASP E 652 34.61 -7.04 -63.80
N VAL E 653 33.67 -7.76 -64.45
CA VAL E 653 33.55 -9.20 -64.22
C VAL E 653 34.86 -9.88 -64.55
N THR E 654 35.30 -10.76 -63.67
CA THR E 654 36.38 -11.64 -64.04
C THR E 654 35.83 -12.74 -64.94
N PRO E 655 36.45 -13.00 -66.09
CA PRO E 655 35.76 -13.78 -67.14
C PRO E 655 35.29 -15.16 -66.70
N PRO E 656 35.99 -15.88 -65.84
CA PRO E 656 35.52 -17.24 -65.60
C PRO E 656 34.35 -17.35 -64.64
N GLY E 657 34.34 -16.57 -63.57
CA GLY E 657 33.57 -16.98 -62.41
C GLY E 657 32.76 -15.98 -61.63
N VAL E 658 32.12 -15.00 -62.25
CA VAL E 658 31.30 -14.06 -61.49
C VAL E 658 30.14 -13.61 -62.33
N VAL E 659 29.02 -13.35 -61.67
CA VAL E 659 27.84 -12.75 -62.29
C VAL E 659 27.11 -11.94 -61.25
N MET E 660 26.86 -10.67 -61.55
CA MET E 660 26.23 -9.77 -60.58
C MET E 660 24.87 -10.30 -60.20
N GLY E 661 24.58 -10.29 -58.91
CA GLY E 661 23.31 -10.71 -58.38
C GLY E 661 22.74 -9.60 -57.53
N LEU E 662 21.63 -9.06 -57.96
CA LEU E 662 20.94 -8.05 -57.19
C LEU E 662 20.27 -8.73 -56.01
N ALA E 663 20.14 -8.02 -54.91
CA ALA E 663 19.50 -8.65 -53.77
C ALA E 663 18.89 -7.61 -52.85
N TRP E 664 17.80 -8.00 -52.22
CA TRP E 664 16.96 -7.11 -51.45
C TRP E 664 17.29 -7.28 -49.98
N THR E 665 18.43 -6.74 -49.57
CA THR E 665 18.82 -6.82 -48.17
C THR E 665 17.91 -5.93 -47.34
N ALA E 666 18.09 -5.99 -46.02
CA ALA E 666 17.17 -5.34 -45.11
C ALA E 666 17.07 -3.83 -45.35
N MET E 667 18.11 -3.20 -45.85
CA MET E 667 18.14 -1.76 -46.10
C MET E 667 18.44 -1.53 -47.58
N GLY E 668 17.39 -1.61 -48.38
CA GLY E 668 17.52 -1.27 -49.78
C GLY E 668 18.26 -2.32 -50.56
N GLY E 669 18.24 -2.21 -51.87
CA GLY E 669 18.89 -3.21 -52.69
C GLY E 669 20.40 -3.07 -52.67
N SER E 670 21.08 -4.13 -53.11
CA SER E 670 22.52 -4.08 -53.20
C SER E 670 22.97 -5.07 -54.24
N THR E 671 24.08 -4.75 -54.90
CA THR E 671 24.56 -5.53 -56.05
C THR E 671 25.63 -6.50 -55.60
N LEU E 672 25.19 -7.61 -55.02
CA LEU E 672 26.10 -8.68 -54.65
C LEU E 672 26.77 -9.26 -55.88
N PHE E 673 27.97 -9.76 -55.71
CA PHE E 673 28.61 -10.62 -56.68
C PHE E 673 28.50 -12.04 -56.19
N VAL E 674 28.76 -13.00 -57.07
CA VAL E 674 28.84 -14.41 -56.67
C VAL E 674 30.09 -14.96 -57.28
N GLU E 675 30.88 -15.67 -56.51
CA GLU E 675 32.25 -16.01 -56.90
C GLU E 675 32.50 -17.47 -56.60
N THR E 676 33.19 -18.14 -57.52
CA THR E 676 33.45 -19.56 -57.44
C THR E 676 34.81 -19.85 -58.00
N SER E 677 35.34 -21.01 -57.64
CA SER E 677 36.65 -21.38 -58.13
C SER E 677 36.87 -22.88 -58.07
N LEU E 678 37.64 -23.37 -59.02
CA LEU E 678 38.09 -24.73 -59.00
C LEU E 678 38.92 -24.99 -57.75
N ARG E 679 38.63 -26.08 -57.06
CA ARG E 679 39.24 -26.34 -55.77
C ARG E 679 40.40 -27.31 -55.84
N ARG E 680 40.75 -27.82 -57.02
CA ARG E 680 41.74 -28.88 -57.09
C ARG E 680 42.05 -29.10 -58.56
N PRO E 681 43.19 -29.70 -58.89
CA PRO E 681 43.41 -30.08 -60.29
C PRO E 681 42.33 -31.04 -60.74
N GLN E 682 41.93 -30.87 -61.99
CA GLN E 682 40.77 -31.58 -62.50
C GLN E 682 41.10 -32.96 -63.02
N ASP E 683 42.25 -33.14 -63.67
CA ASP E 683 42.53 -34.33 -64.45
C ASP E 683 43.70 -35.12 -63.89
N LYS E 684 43.73 -35.31 -62.57
CA LYS E 684 44.66 -36.29 -62.03
C LYS E 684 44.32 -37.69 -62.54
N ASP E 685 43.03 -37.95 -62.76
CA ASP E 685 42.53 -39.25 -63.24
C ASP E 685 41.47 -38.96 -64.29
N ALA E 686 41.84 -39.09 -65.56
CA ALA E 686 40.88 -38.92 -66.64
C ALA E 686 39.80 -40.00 -66.63
N LYS E 687 40.09 -41.19 -66.09
CA LYS E 687 39.18 -42.33 -66.09
C LYS E 687 38.52 -42.63 -64.75
N GLY E 688 39.23 -42.44 -63.63
CA GLY E 688 38.63 -42.64 -62.32
C GLY E 688 37.45 -41.70 -62.16
N ASP E 689 36.32 -42.23 -61.68
CA ASP E 689 35.03 -41.53 -61.78
C ASP E 689 34.45 -41.25 -60.39
N LYS E 690 34.61 -40.02 -59.92
CA LYS E 690 34.07 -39.53 -58.67
C LYS E 690 33.48 -38.15 -58.86
N ASP E 691 32.37 -37.89 -58.20
CA ASP E 691 31.68 -36.62 -58.37
C ASP E 691 32.42 -35.50 -57.65
N GLY E 692 32.29 -34.29 -58.20
CA GLY E 692 32.89 -33.10 -57.61
C GLY E 692 31.86 -32.25 -56.89
N SER E 693 31.81 -32.41 -55.58
CA SER E 693 30.83 -31.73 -54.77
C SER E 693 31.22 -30.28 -54.49
N LEU E 694 30.21 -29.48 -54.18
CA LEU E 694 30.43 -28.10 -53.80
C LEU E 694 31.01 -27.99 -52.41
N GLU E 695 31.61 -26.83 -52.16
CA GLU E 695 31.73 -26.33 -50.79
C GLU E 695 31.19 -24.90 -50.83
N VAL E 696 29.95 -24.74 -50.39
CA VAL E 696 29.35 -23.43 -50.28
C VAL E 696 29.79 -22.78 -48.98
N THR E 697 29.87 -21.44 -48.96
CA THR E 697 30.34 -20.68 -47.81
C THR E 697 29.46 -19.45 -47.72
N GLY E 698 29.94 -18.41 -47.04
CA GLY E 698 29.22 -17.16 -46.97
C GLY E 698 28.16 -17.06 -45.91
N GLN E 699 28.28 -17.83 -44.83
CA GLN E 699 27.38 -17.76 -43.68
C GLN E 699 25.94 -18.00 -44.16
N LEU E 700 25.81 -19.02 -44.99
CA LEU E 700 24.53 -19.39 -45.57
C LEU E 700 23.50 -19.76 -44.52
N GLY E 701 22.26 -19.37 -44.75
CA GLY E 701 21.15 -20.05 -44.12
C GLY E 701 20.91 -21.41 -44.75
N GLU E 702 20.30 -22.31 -43.98
CA GLU E 702 20.14 -23.70 -44.44
C GLU E 702 19.29 -23.79 -45.70
N VAL E 703 18.34 -22.87 -45.86
CA VAL E 703 17.52 -22.90 -47.05
C VAL E 703 18.37 -22.55 -48.25
N MET E 704 19.34 -21.65 -48.08
CA MET E 704 20.20 -21.36 -49.21
C MET E 704 21.01 -22.57 -49.59
N LYS E 705 21.37 -23.42 -48.61
CA LYS E 705 22.14 -24.63 -48.91
C LYS E 705 21.36 -25.47 -49.88
N GLU E 706 20.09 -25.71 -49.55
CA GLU E 706 19.30 -26.54 -50.44
C GLU E 706 19.07 -25.87 -51.79
N SER E 707 18.83 -24.55 -51.78
CA SER E 707 18.57 -23.83 -53.02
C SER E 707 19.76 -23.93 -53.96
N ALA E 708 20.94 -23.64 -53.45
CA ALA E 708 22.13 -23.74 -54.28
C ALA E 708 22.38 -25.16 -54.72
N ARG E 709 22.04 -26.13 -53.86
CA ARG E 709 22.24 -27.52 -54.24
C ARG E 709 21.38 -27.86 -55.45
N ILE E 710 20.13 -27.38 -55.44
CA ILE E 710 19.26 -27.62 -56.59
C ILE E 710 19.83 -26.94 -57.81
N ALA E 711 20.36 -25.74 -57.63
CA ALA E 711 20.95 -25.05 -58.75
C ALA E 711 22.10 -25.84 -59.33
N TYR E 712 22.86 -26.47 -58.45
CA TYR E 712 24.00 -27.25 -58.92
C TYR E 712 23.51 -28.43 -59.75
N THR E 713 22.48 -29.11 -59.27
CA THR E 713 22.01 -30.27 -59.99
C THR E 713 21.48 -29.88 -61.35
N PHE E 714 20.77 -28.75 -61.44
CA PHE E 714 20.31 -28.36 -62.76
C PHE E 714 21.50 -28.00 -63.64
N ALA E 715 22.54 -27.39 -63.06
CA ALA E 715 23.68 -26.99 -63.86
C ALA E 715 24.30 -28.18 -64.54
N ARG E 716 24.66 -29.18 -63.75
CA ARG E 716 25.29 -30.33 -64.38
C ARG E 716 24.31 -31.12 -65.20
N ALA E 717 23.01 -31.03 -64.91
CA ALA E 717 22.04 -31.67 -65.77
C ALA E 717 21.98 -31.02 -67.14
N PHE E 718 22.23 -29.72 -67.19
CA PHE E 718 22.10 -29.04 -68.44
C PHE E 718 23.31 -29.29 -69.28
N LEU E 719 24.48 -29.19 -68.64
CA LEU E 719 25.71 -29.16 -69.42
C LEU E 719 25.86 -30.42 -70.24
N MET E 720 25.60 -31.58 -69.62
CA MET E 720 25.54 -32.80 -70.40
C MET E 720 24.30 -32.85 -71.27
N GLN E 721 23.20 -32.15 -70.91
CA GLN E 721 22.03 -32.21 -71.76
C GLN E 721 22.31 -31.67 -73.16
N HIS E 722 23.23 -30.71 -73.30
CA HIS E 722 23.48 -30.09 -74.60
C HIS E 722 24.91 -30.20 -75.10
N ALA E 723 25.92 -30.33 -74.23
CA ALA E 723 27.32 -30.31 -74.64
C ALA E 723 28.04 -31.50 -74.04
N PRO E 724 27.80 -32.72 -74.54
CA PRO E 724 28.31 -33.92 -73.84
C PRO E 724 29.81 -33.97 -73.68
N ALA E 725 30.55 -33.46 -74.66
CA ALA E 725 32.00 -33.64 -74.65
C ALA E 725 32.63 -32.92 -73.46
N ASN E 726 32.08 -31.78 -73.07
CA ASN E 726 32.58 -31.13 -71.87
C ASN E 726 32.16 -31.98 -70.69
N ASP E 727 33.02 -32.03 -69.70
CA ASP E 727 32.73 -32.72 -68.45
C ASP E 727 33.26 -31.98 -67.25
N TYR E 728 33.71 -30.74 -67.41
CA TYR E 728 34.44 -30.04 -66.37
C TYR E 728 33.67 -29.95 -65.07
N LEU E 729 32.35 -29.91 -65.16
CA LEU E 729 31.50 -29.71 -64.00
C LEU E 729 31.01 -31.00 -63.39
N VAL E 730 30.88 -32.07 -64.20
CA VAL E 730 30.35 -33.30 -63.64
C VAL E 730 31.35 -34.01 -62.74
N THR E 731 32.66 -33.74 -62.88
CA THR E 731 33.69 -34.54 -62.23
C THR E 731 34.84 -33.73 -61.70
N SER E 732 34.62 -32.49 -61.28
CA SER E 732 35.69 -31.67 -60.74
C SER E 732 35.13 -30.83 -59.61
N HIS E 733 35.95 -30.60 -58.60
CA HIS E 733 35.48 -29.95 -57.40
C HIS E 733 35.29 -28.46 -57.64
N ILE E 734 34.44 -27.86 -56.82
CA ILE E 734 34.04 -26.48 -56.99
C ILE E 734 33.77 -25.86 -55.63
N HIS E 735 34.40 -24.73 -55.36
CA HIS E 735 34.06 -23.92 -54.22
C HIS E 735 33.19 -22.79 -54.72
N LEU E 736 32.21 -22.39 -53.91
CA LEU E 736 31.25 -21.36 -54.30
C LEU E 736 30.93 -20.51 -53.08
N HIS E 737 30.70 -19.22 -53.30
CA HIS E 737 30.58 -18.30 -52.17
C HIS E 737 29.53 -17.24 -52.46
N VAL E 738 28.29 -17.50 -52.07
CA VAL E 738 27.27 -16.47 -52.12
C VAL E 738 27.58 -15.49 -50.99
N PRO E 739 27.77 -14.20 -51.24
CA PRO E 739 27.99 -13.29 -50.13
C PRO E 739 26.78 -13.22 -49.22
N GLU E 740 27.05 -13.05 -47.95
CA GLU E 740 25.98 -12.82 -47.02
C GLU E 740 25.44 -11.41 -47.26
N GLY E 741 24.19 -11.22 -46.89
CA GLY E 741 23.55 -9.91 -46.97
C GLY E 741 22.10 -9.99 -47.35
N ALA E 742 21.72 -10.99 -48.13
CA ALA E 742 20.35 -11.10 -48.58
C ALA E 742 19.40 -11.27 -47.41
N THR E 743 18.21 -10.70 -47.55
CA THR E 743 17.14 -10.91 -46.59
C THR E 743 16.74 -12.38 -46.66
N PRO E 744 16.41 -13.03 -45.52
CA PRO E 744 16.21 -14.48 -45.56
C PRO E 744 15.16 -14.95 -46.55
N LYS E 745 14.12 -14.15 -46.76
CA LYS E 745 13.05 -14.59 -47.65
C LYS E 745 13.48 -14.56 -49.10
N ASP E 746 14.23 -13.54 -49.51
CA ASP E 746 14.61 -13.45 -50.92
C ASP E 746 15.84 -14.27 -51.27
N GLY E 747 16.50 -14.88 -50.28
CA GLY E 747 17.72 -15.65 -50.49
C GLY E 747 17.66 -16.52 -51.73
N PRO E 748 16.63 -17.35 -51.88
CA PRO E 748 16.56 -18.23 -53.04
C PRO E 748 16.56 -17.46 -54.34
N SER E 749 16.09 -16.21 -54.34
CA SER E 749 16.00 -15.40 -55.56
C SER E 749 17.35 -15.19 -56.22
N ALA E 750 18.44 -15.37 -55.49
CA ALA E 750 19.74 -15.28 -56.15
C ALA E 750 20.04 -16.47 -57.04
N GLY E 751 19.31 -17.56 -56.93
CA GLY E 751 19.74 -18.82 -57.48
C GLY E 751 19.96 -18.83 -58.98
N CYS E 752 19.22 -18.01 -59.71
CA CYS E 752 19.39 -17.96 -61.15
C CYS E 752 20.83 -17.62 -61.52
N THR E 753 21.38 -16.62 -60.81
CA THR E 753 22.75 -16.19 -61.05
C THR E 753 23.70 -17.33 -60.78
N ILE E 754 23.42 -18.12 -59.73
CA ILE E 754 24.31 -19.20 -59.32
C ILE E 754 24.47 -20.16 -60.47
N VAL E 755 23.40 -20.40 -61.22
CA VAL E 755 23.50 -21.36 -62.31
C VAL E 755 24.52 -20.87 -63.32
N THR E 756 24.36 -19.63 -63.78
CA THR E 756 25.35 -19.17 -64.73
C THR E 756 26.69 -18.91 -64.10
N ALA E 757 26.74 -18.78 -62.77
CA ALA E 757 28.01 -18.68 -62.08
C ALA E 757 28.80 -19.94 -62.31
N LEU E 758 28.13 -21.08 -62.39
CA LEU E 758 28.85 -22.31 -62.58
C LEU E 758 29.15 -22.48 -64.05
N LEU E 759 28.15 -22.25 -64.89
CA LEU E 759 28.33 -22.58 -66.31
C LEU E 759 29.44 -21.75 -66.95
N SER E 760 29.58 -20.49 -66.55
CA SER E 760 30.69 -19.70 -67.06
C SER E 760 31.98 -20.39 -66.73
N LEU E 761 32.13 -20.74 -65.45
CA LEU E 761 33.29 -21.46 -64.99
C LEU E 761 33.40 -22.81 -65.67
N ALA E 762 32.27 -23.38 -66.10
CA ALA E 762 32.34 -24.68 -66.75
C ALA E 762 32.82 -24.59 -68.17
N MET E 763 32.92 -23.39 -68.74
CA MET E 763 33.46 -23.20 -70.06
C MET E 763 34.60 -22.21 -70.11
N GLY E 764 34.86 -21.45 -69.06
CA GLY E 764 35.88 -20.44 -69.16
C GLY E 764 35.42 -19.22 -69.92
N ARG E 765 34.16 -19.14 -70.28
CA ARG E 765 33.63 -18.08 -71.09
C ARG E 765 33.36 -16.84 -70.24
N PRO E 766 33.74 -15.65 -70.68
CA PRO E 766 33.26 -14.46 -69.98
C PRO E 766 31.75 -14.37 -70.07
N VAL E 767 31.13 -13.88 -69.01
CA VAL E 767 29.72 -13.51 -69.07
C VAL E 767 29.64 -12.21 -69.85
N ARG E 768 28.52 -11.98 -70.53
CA ARG E 768 28.35 -10.69 -71.19
C ARG E 768 28.46 -9.58 -70.15
N GLN E 769 29.03 -8.46 -70.55
CA GLN E 769 29.41 -7.42 -69.60
C GLN E 769 28.18 -6.83 -68.96
N ASN E 770 28.33 -6.49 -67.67
CA ASN E 770 27.39 -5.71 -66.85
C ASN E 770 25.92 -6.05 -67.11
N LEU E 771 25.59 -7.29 -66.78
CA LEU E 771 24.28 -7.88 -67.06
C LEU E 771 23.74 -8.57 -65.82
N ALA E 772 23.15 -7.81 -64.93
CA ALA E 772 22.64 -8.39 -63.71
C ALA E 772 21.47 -9.28 -64.03
N MET E 773 21.21 -10.25 -63.16
CA MET E 773 20.10 -11.18 -63.32
C MET E 773 19.61 -11.58 -61.95
N THR E 774 18.50 -12.29 -61.94
CA THR E 774 18.00 -12.87 -60.70
C THR E 774 16.94 -13.91 -60.99
N GLY E 775 16.16 -14.30 -59.98
CA GLY E 775 15.14 -15.31 -60.13
C GLY E 775 15.60 -16.65 -59.61
N GLU E 776 14.64 -17.55 -59.45
CA GLU E 776 14.84 -18.89 -58.92
C GLU E 776 14.61 -19.93 -59.98
N VAL E 777 15.40 -20.99 -59.95
CA VAL E 777 15.24 -22.13 -60.84
C VAL E 777 14.76 -23.30 -60.03
N SER E 778 14.23 -24.29 -60.73
CA SER E 778 13.41 -25.32 -60.14
C SER E 778 13.74 -26.68 -60.71
N LEU E 779 15.02 -27.00 -60.85
CA LEU E 779 15.51 -28.34 -61.14
C LEU E 779 15.10 -28.87 -62.52
N THR E 780 14.39 -28.11 -63.33
CA THR E 780 14.17 -28.43 -64.72
C THR E 780 14.23 -27.20 -65.61
N GLY E 781 14.56 -26.03 -65.06
CA GLY E 781 14.75 -24.83 -65.83
C GLY E 781 13.60 -23.88 -65.88
N LYS E 782 12.44 -24.24 -65.35
CA LYS E 782 11.40 -23.22 -65.20
C LYS E 782 11.80 -22.26 -64.11
N ILE E 783 11.55 -20.98 -64.37
CA ILE E 783 11.90 -19.89 -63.47
C ILE E 783 10.64 -19.49 -62.75
N LEU E 784 10.78 -18.88 -61.58
CA LEU E 784 9.67 -18.55 -60.70
C LEU E 784 9.69 -17.09 -60.27
N PRO E 785 8.54 -16.50 -59.93
CA PRO E 785 8.53 -15.10 -59.51
C PRO E 785 9.32 -14.85 -58.25
N VAL E 786 9.91 -13.66 -58.18
CA VAL E 786 10.70 -13.20 -57.04
C VAL E 786 10.21 -11.84 -56.59
N GLY E 787 10.31 -11.61 -55.28
CA GLY E 787 9.86 -10.37 -54.69
C GLY E 787 10.92 -9.29 -54.66
N GLY E 788 10.53 -8.11 -54.19
CA GLY E 788 11.45 -7.02 -54.01
C GLY E 788 11.89 -6.31 -55.26
N ILE E 789 11.12 -6.39 -56.34
CA ILE E 789 11.62 -6.05 -57.66
C ILE E 789 12.07 -4.59 -57.74
N LYS E 790 11.36 -3.70 -57.08
CA LYS E 790 11.62 -2.27 -57.30
C LYS E 790 12.95 -1.86 -56.71
N GLU E 791 13.20 -2.22 -55.45
CA GLU E 791 14.46 -1.87 -54.84
C GLU E 791 15.61 -2.55 -55.55
N LYS E 792 15.41 -3.78 -56.04
CA LYS E 792 16.45 -4.45 -56.79
C LYS E 792 16.84 -3.62 -58.00
N THR E 793 15.86 -3.22 -58.80
CA THR E 793 16.22 -2.52 -60.01
C THR E 793 16.84 -1.17 -59.71
N ILE E 794 16.43 -0.52 -58.63
CA ILE E 794 17.08 0.74 -58.25
C ILE E 794 18.54 0.49 -57.95
N ALA E 795 18.83 -0.57 -57.18
CA ALA E 795 20.22 -0.88 -56.88
C ALA E 795 21.00 -1.19 -58.14
N ALA E 796 20.36 -1.86 -59.09
CA ALA E 796 21.03 -2.11 -60.34
C ALA E 796 21.31 -0.83 -61.09
N LYS E 797 20.44 0.16 -60.93
CA LYS E 797 20.72 1.46 -61.54
C LYS E 797 21.94 2.09 -60.91
N ARG E 798 22.08 1.95 -59.59
CA ARG E 798 23.14 2.67 -58.90
C ARG E 798 24.52 2.19 -59.32
N ALA E 799 24.65 0.92 -59.64
CA ALA E 799 25.95 0.35 -59.96
C ALA E 799 26.32 0.53 -61.43
N GLY E 800 25.45 1.13 -62.23
CA GLY E 800 25.74 1.29 -63.64
C GLY E 800 25.40 0.10 -64.50
N VAL E 801 24.70 -0.90 -63.96
CA VAL E 801 24.32 -2.06 -64.76
C VAL E 801 23.40 -1.60 -65.89
N THR E 802 23.43 -2.32 -67.02
CA THR E 802 22.71 -1.89 -68.20
C THR E 802 22.04 -2.99 -69.03
N CYS E 803 21.88 -4.22 -68.52
CA CYS E 803 21.13 -5.21 -69.30
C CYS E 803 20.37 -6.16 -68.39
N ILE E 804 19.67 -5.64 -67.38
CA ILE E 804 19.10 -6.48 -66.33
C ILE E 804 18.12 -7.52 -66.87
N VAL E 805 18.06 -8.69 -66.22
CA VAL E 805 17.21 -9.81 -66.64
C VAL E 805 16.33 -10.23 -65.47
N LEU E 806 15.06 -10.50 -65.73
CA LEU E 806 14.06 -10.80 -64.72
C LEU E 806 13.12 -11.92 -65.18
N PRO E 807 12.49 -12.64 -64.23
CA PRO E 807 11.54 -13.68 -64.63
C PRO E 807 10.37 -13.10 -65.40
N ALA E 808 9.89 -13.83 -66.40
CA ALA E 808 8.78 -13.33 -67.19
C ALA E 808 7.52 -13.21 -66.37
N GLU E 809 7.35 -14.10 -65.41
CA GLU E 809 6.14 -14.11 -64.62
C GLU E 809 6.04 -12.90 -63.71
N ASN E 810 7.14 -12.18 -63.49
CA ASN E 810 7.15 -10.95 -62.72
C ASN E 810 6.91 -9.71 -63.55
N LYS E 811 6.74 -9.84 -64.88
CA LYS E 811 6.87 -8.69 -65.78
C LYS E 811 5.91 -7.58 -65.43
N LYS E 812 4.72 -7.94 -64.99
CA LYS E 812 3.66 -6.96 -64.79
C LYS E 812 4.09 -5.91 -63.80
N ASP E 813 4.90 -6.30 -62.82
CA ASP E 813 5.29 -5.34 -61.81
C ASP E 813 6.29 -4.33 -62.38
N PHE E 814 7.19 -4.78 -63.26
CA PHE E 814 8.31 -3.93 -63.65
C PHE E 814 7.86 -2.69 -64.40
N TYR E 815 6.72 -2.76 -65.08
CA TYR E 815 6.23 -1.64 -65.85
C TYR E 815 5.36 -0.71 -65.03
N ASP E 816 5.25 -0.94 -63.73
CA ASP E 816 4.66 0.07 -62.87
C ASP E 816 5.67 1.16 -62.51
N LEU E 817 6.93 1.00 -62.87
CA LEU E 817 7.98 1.93 -62.51
C LEU E 817 7.95 3.19 -63.37
N ALA E 818 8.42 4.27 -62.77
CA ALA E 818 8.48 5.56 -63.42
C ALA E 818 9.47 5.54 -64.58
N ALA E 819 9.23 6.41 -65.56
CA ALA E 819 9.94 6.35 -66.83
C ALA E 819 11.43 6.58 -66.65
N PHE E 820 11.83 7.49 -65.76
CA PHE E 820 13.26 7.74 -65.63
C PHE E 820 13.96 6.53 -65.03
N ILE E 821 13.27 5.74 -64.21
CA ILE E 821 13.90 4.54 -63.70
C ILE E 821 14.13 3.54 -64.81
N THR E 822 13.16 3.36 -65.70
CA THR E 822 13.37 2.39 -66.76
C THR E 822 14.29 2.93 -67.84
N GLU E 823 14.57 4.24 -67.85
CA GLU E 823 15.47 4.77 -68.86
C GLU E 823 16.84 4.15 -68.69
N GLY E 824 17.40 3.69 -69.79
CA GLY E 824 18.76 3.22 -69.86
C GLY E 824 18.93 1.75 -69.53
N LEU E 825 17.98 1.15 -68.84
CA LEU E 825 17.94 -0.28 -68.70
C LEU E 825 17.29 -0.84 -69.93
N GLU E 826 17.61 -2.09 -70.23
CA GLU E 826 17.00 -2.77 -71.36
C GLU E 826 16.69 -4.18 -70.86
N VAL E 827 15.52 -4.34 -70.25
CA VAL E 827 15.19 -5.62 -69.65
C VAL E 827 14.91 -6.64 -70.75
N HIS E 828 15.29 -7.90 -70.51
CA HIS E 828 14.91 -9.04 -71.34
C HIS E 828 14.17 -10.01 -70.43
N PHE E 829 12.85 -9.99 -70.45
CA PHE E 829 12.11 -10.95 -69.65
C PHE E 829 12.33 -12.35 -70.20
N VAL E 830 12.27 -13.33 -69.30
CA VAL E 830 12.46 -14.74 -69.66
C VAL E 830 11.62 -15.58 -68.74
N GLU E 831 11.36 -16.82 -69.15
CA GLU E 831 10.58 -17.77 -68.39
C GLU E 831 11.31 -19.07 -68.09
N HIS E 832 11.97 -19.67 -69.07
CA HIS E 832 12.66 -20.95 -68.94
C HIS E 832 14.14 -20.70 -69.13
N TYR E 833 14.97 -21.34 -68.30
CA TYR E 833 16.37 -20.94 -68.20
C TYR E 833 17.13 -21.02 -69.52
N ARG E 834 16.66 -21.84 -70.47
CA ARG E 834 17.37 -22.00 -71.74
C ARG E 834 17.54 -20.67 -72.46
N GLU E 835 16.65 -19.73 -72.22
CA GLU E 835 16.75 -18.44 -72.86
C GLU E 835 17.89 -17.64 -72.23
N ILE E 836 17.94 -17.62 -70.89
CA ILE E 836 18.92 -16.77 -70.20
C ILE E 836 20.31 -17.17 -70.63
N PHE E 837 20.53 -18.46 -70.80
CA PHE E 837 21.84 -18.89 -71.22
C PHE E 837 22.15 -18.35 -72.59
N ASP E 838 21.15 -18.16 -73.43
CA ASP E 838 21.42 -17.84 -74.80
C ASP E 838 21.49 -16.34 -75.05
N ILE E 839 21.16 -15.51 -74.05
CA ILE E 839 21.49 -14.09 -74.16
C ILE E 839 22.77 -13.82 -73.39
N ALA E 840 23.01 -14.58 -72.33
CA ALA E 840 24.21 -14.36 -71.53
C ALA E 840 25.49 -14.70 -72.29
N PHE E 841 25.48 -15.72 -73.15
CA PHE E 841 26.68 -16.16 -73.88
C PHE E 841 26.32 -16.18 -75.36
N PRO E 842 26.19 -15.00 -76.00
CA PRO E 842 25.69 -14.92 -77.38
C PRO E 842 26.48 -15.73 -78.40
N HIS F 17 -53.78 75.91 52.13
CA HIS F 17 -52.94 76.93 52.75
C HIS F 17 -51.56 76.37 53.03
N LEU F 18 -50.82 76.09 51.96
CA LEU F 18 -49.47 75.57 51.97
C LEU F 18 -48.61 76.38 51.01
N PRO F 19 -47.29 76.49 51.25
CA PRO F 19 -46.44 77.22 50.29
C PRO F 19 -46.43 76.52 48.94
N LEU F 20 -46.25 77.31 47.89
CA LEU F 20 -46.19 76.79 46.53
C LEU F 20 -45.01 75.82 46.41
N ILE F 21 -45.23 74.71 45.69
CA ILE F 21 -44.19 73.71 45.54
C ILE F 21 -43.13 74.21 44.56
N ALA F 22 -41.89 73.74 44.79
CA ALA F 22 -40.75 73.99 43.91
C ALA F 22 -40.71 72.83 42.92
N ILE F 23 -41.26 73.05 41.72
CA ILE F 23 -41.32 71.99 40.73
C ILE F 23 -39.92 71.55 40.28
N THR F 24 -38.99 72.49 40.15
CA THR F 24 -37.58 72.23 39.80
C THR F 24 -37.45 71.31 38.57
N ARG F 25 -37.96 71.83 37.46
CA ARG F 25 -37.84 71.22 36.13
C ARG F 25 -38.46 69.82 36.05
N ASN F 26 -39.75 69.76 36.40
CA ASN F 26 -40.52 68.52 36.41
C ASN F 26 -41.90 68.76 35.84
N PRO F 27 -42.05 68.81 34.51
CA PRO F 27 -43.39 69.02 33.94
C PRO F 27 -44.30 67.85 34.31
N VAL F 28 -45.58 68.14 34.51
CA VAL F 28 -46.56 67.10 34.80
C VAL F 28 -47.77 67.30 33.90
N PHE F 29 -47.79 66.58 32.78
CA PHE F 29 -48.90 66.65 31.84
C PHE F 29 -50.12 65.99 32.48
N PRO F 30 -51.35 66.38 32.11
CA PRO F 30 -52.51 65.72 32.72
C PRO F 30 -52.51 64.23 32.39
N ARG F 31 -52.90 63.40 33.37
CA ARG F 31 -52.97 61.95 33.21
C ARG F 31 -51.68 61.35 32.63
N PHE F 32 -50.58 61.66 33.29
CA PHE F 32 -49.25 61.22 32.88
C PHE F 32 -48.48 61.08 34.18
N ILE F 33 -48.04 59.86 34.48
CA ILE F 33 -47.31 59.59 35.72
C ILE F 33 -46.01 60.37 35.70
N LYS F 34 -45.62 60.89 36.87
CA LYS F 34 -44.37 61.63 36.97
C LYS F 34 -43.81 61.53 38.38
N ILE F 35 -42.52 61.83 38.50
CA ILE F 35 -41.75 61.83 39.73
C ILE F 35 -41.22 63.25 39.93
N ILE F 36 -40.99 63.63 41.19
CA ILE F 36 -40.40 64.93 41.53
C ILE F 36 -39.31 64.68 42.57
N GLU F 37 -38.11 65.29 42.31
CA GLU F 37 -36.91 65.16 43.13
C GLU F 37 -36.23 66.52 43.29
N VAL F 38 -36.80 67.37 44.14
CA VAL F 38 -36.11 68.58 44.56
C VAL F 38 -34.98 68.20 45.51
N LYS F 39 -33.87 68.94 45.47
CA LYS F 39 -32.76 68.64 46.35
C LYS F 39 -32.96 69.23 47.74
N ASN F 40 -33.59 70.41 47.79
CA ASN F 40 -33.85 71.11 49.05
C ASN F 40 -34.68 70.22 49.98
N LYS F 41 -34.28 70.18 51.24
CA LYS F 41 -34.97 69.36 52.23
C LYS F 41 -36.22 70.01 52.83
N LYS F 42 -36.48 71.30 52.58
CA LYS F 42 -37.66 71.93 53.21
C LYS F 42 -38.96 71.29 52.72
N LEU F 43 -39.01 70.88 51.44
CA LEU F 43 -40.23 70.22 51.00
C LEU F 43 -40.39 68.88 51.69
N VAL F 44 -39.27 68.22 52.05
CA VAL F 44 -39.44 66.93 52.72
C VAL F 44 -40.13 67.19 54.05
N GLU F 45 -39.85 68.34 54.67
CA GLU F 45 -40.47 68.67 55.93
C GLU F 45 -41.97 68.88 55.75
N LEU F 46 -42.38 69.46 54.60
CA LEU F 46 -43.81 69.55 54.36
C LEU F 46 -44.43 68.18 54.09
N LEU F 47 -43.73 67.29 53.40
CA LEU F 47 -44.28 65.96 53.14
C LEU F 47 -44.42 65.16 54.41
N ARG F 48 -43.51 65.36 55.38
CA ARG F 48 -43.61 64.69 56.67
C ARG F 48 -44.68 65.32 57.55
N ARG F 49 -44.94 66.63 57.39
CA ARG F 49 -45.97 67.28 58.18
C ARG F 49 -47.39 66.91 57.76
N LYS F 50 -47.62 66.48 56.51
CA LYS F 50 -48.94 66.01 56.08
C LYS F 50 -49.20 64.54 56.40
N VAL F 51 -48.19 63.78 56.84
CA VAL F 51 -48.42 62.37 57.20
C VAL F 51 -49.35 62.27 58.38
N ARG F 52 -49.30 63.22 59.32
CA ARG F 52 -50.23 63.17 60.43
C ARG F 52 -51.66 63.46 59.94
N LEU F 53 -51.81 64.19 58.85
CA LEU F 53 -53.12 64.56 58.35
C LEU F 53 -53.87 63.35 57.85
N ALA F 54 -55.20 63.41 57.99
CA ALA F 54 -56.07 62.31 57.61
C ALA F 54 -55.97 61.98 56.12
N GLN F 55 -56.05 63.01 55.26
CA GLN F 55 -56.05 62.86 53.81
C GLN F 55 -54.72 63.30 53.20
N PRO F 56 -53.92 62.42 52.55
CA PRO F 56 -52.68 62.89 51.90
C PRO F 56 -52.96 63.43 50.50
N TYR F 57 -52.33 64.55 50.19
CA TYR F 57 -52.51 65.20 48.89
C TYR F 57 -51.36 66.15 48.60
N VAL F 58 -51.31 66.63 47.36
CA VAL F 58 -50.29 67.61 46.96
C VAL F 58 -50.77 68.34 45.71
N GLY F 59 -50.31 69.59 45.54
CA GLY F 59 -50.63 70.39 44.38
C GLY F 59 -49.40 70.57 43.51
N VAL F 60 -49.62 70.62 42.19
CA VAL F 60 -48.57 70.70 41.18
C VAL F 60 -48.84 71.95 40.36
N PHE F 61 -47.89 72.87 40.31
CA PHE F 61 -48.02 74.13 39.58
C PHE F 61 -46.97 74.17 38.48
N LEU F 62 -47.04 75.16 37.59
CA LEU F 62 -46.01 75.38 36.57
C LEU F 62 -45.35 76.73 36.78
N LYS F 63 -44.03 76.73 36.69
CA LYS F 63 -43.17 77.90 36.81
C LYS F 63 -43.12 78.70 35.52
N ARG F 64 -42.81 79.99 35.66
CA ARG F 64 -42.74 80.89 34.51
C ARG F 64 -41.33 80.91 33.92
N ASP F 65 -41.16 81.75 32.92
CA ASP F 65 -39.92 81.86 32.16
C ASP F 65 -38.79 82.43 33.01
N ASP F 66 -37.56 82.07 32.62
CA ASP F 66 -36.33 82.42 33.34
C ASP F 66 -36.35 81.90 34.78
N SER F 67 -36.17 80.58 34.89
CA SER F 67 -36.18 79.93 36.20
C SER F 67 -35.03 80.48 37.04
N ASN F 68 -35.29 80.63 38.34
CA ASN F 68 -34.30 81.18 39.26
C ASN F 68 -34.61 80.63 40.64
N GLU F 69 -33.66 79.90 41.24
CA GLU F 69 -33.87 79.35 42.57
C GLU F 69 -34.06 80.45 43.60
N SER F 70 -33.34 81.57 43.42
CA SER F 70 -33.49 82.66 44.37
C SER F 70 -34.88 83.25 44.26
N ASP F 71 -35.44 83.31 43.03
CA ASP F 71 -36.80 83.83 42.93
C ASP F 71 -37.79 82.84 43.54
N VAL F 72 -37.46 81.53 43.50
CA VAL F 72 -38.39 80.54 44.01
C VAL F 72 -38.56 80.72 45.50
N VAL F 73 -37.48 81.07 46.20
CA VAL F 73 -37.58 81.34 47.64
C VAL F 73 -37.87 82.80 47.98
N GLU F 74 -37.74 83.72 47.02
CA GLU F 74 -38.02 85.14 47.24
C GLU F 74 -39.43 85.60 46.90
N SER F 75 -39.95 85.21 45.72
CA SER F 75 -41.27 85.64 45.23
C SER F 75 -42.21 84.50 44.86
N LEU F 76 -43.51 84.81 44.97
CA LEU F 76 -44.59 83.89 44.62
C LEU F 76 -45.23 84.20 43.27
N ASP F 77 -44.74 85.21 42.53
CA ASP F 77 -45.32 85.52 41.22
C ASP F 77 -44.74 84.65 40.11
N GLU F 78 -43.65 83.93 40.37
CA GLU F 78 -43.05 83.08 39.35
C GLU F 78 -43.99 81.96 38.92
N ILE F 79 -44.79 81.45 39.85
CA ILE F 79 -45.72 80.39 39.52
C ILE F 79 -46.91 80.91 38.71
N TYR F 80 -47.38 80.06 37.80
CA TYR F 80 -48.53 80.30 36.93
C TYR F 80 -49.84 80.14 37.70
N HIS F 81 -50.89 80.80 37.18
CA HIS F 81 -52.21 80.70 37.82
C HIS F 81 -52.75 79.27 37.77
N THR F 82 -52.33 78.49 36.77
CA THR F 82 -52.79 77.11 36.64
C THR F 82 -52.22 76.21 37.73
N GLY F 83 -53.03 75.26 38.18
CA GLY F 83 -52.67 74.37 39.27
C GLY F 83 -53.21 72.99 38.96
N THR F 84 -52.66 71.98 39.66
CA THR F 84 -53.05 70.59 39.48
C THR F 84 -53.02 69.82 40.82
N PHE F 85 -54.09 69.91 41.58
CA PHE F 85 -54.19 69.07 42.78
C PHE F 85 -54.29 67.60 42.39
N ALA F 86 -53.75 66.76 43.27
CA ALA F 86 -53.78 65.33 43.09
C ALA F 86 -53.52 64.72 44.46
N GLN F 87 -53.75 63.42 44.56
CA GLN F 87 -53.49 62.68 45.79
C GLN F 87 -52.11 62.04 45.73
N ILE F 88 -51.43 62.04 46.87
CA ILE F 88 -50.12 61.39 46.93
C ILE F 88 -50.39 59.89 46.87
N HIS F 89 -49.45 59.16 46.30
CA HIS F 89 -49.58 57.72 46.13
C HIS F 89 -48.79 57.03 47.24
N GLU F 90 -47.46 57.04 47.13
CA GLU F 90 -46.64 56.46 48.17
C GLU F 90 -45.26 57.08 48.08
N MET F 91 -44.66 57.35 49.24
CA MET F 91 -43.30 57.85 49.28
C MET F 91 -42.35 56.68 49.07
N GLN F 92 -41.17 56.97 48.52
CA GLN F 92 -40.17 55.92 48.32
C GLN F 92 -38.83 56.38 48.84
N ASP F 93 -38.25 57.39 48.19
CA ASP F 93 -36.95 57.95 48.58
C ASP F 93 -35.90 56.84 48.57
N LEU F 94 -35.80 56.15 47.43
CA LEU F 94 -34.87 55.04 47.29
C LEU F 94 -33.41 55.51 47.37
N GLY F 95 -33.05 56.49 46.54
CA GLY F 95 -31.70 57.03 46.50
C GLY F 95 -31.63 58.42 47.08
N ASP F 96 -32.45 59.32 46.54
CA ASP F 96 -32.59 60.66 47.10
C ASP F 96 -33.60 60.61 48.25
N LYS F 97 -33.56 61.63 49.11
CA LYS F 97 -34.47 61.70 50.24
C LYS F 97 -35.82 62.29 49.85
N LEU F 98 -36.00 62.69 48.59
CA LEU F 98 -37.21 63.34 48.11
C LEU F 98 -37.48 62.77 46.71
N ARG F 99 -38.25 61.68 46.65
CA ARG F 99 -38.64 61.03 45.39
C ARG F 99 -40.16 60.87 45.46
N MET F 100 -40.85 62.01 45.56
CA MET F 100 -42.30 61.96 45.61
C MET F 100 -42.84 61.66 44.22
N ILE F 101 -44.04 61.04 44.16
CA ILE F 101 -44.73 60.76 42.90
C ILE F 101 -45.88 61.72 42.72
N VAL F 102 -46.08 62.18 41.47
CA VAL F 102 -47.13 63.12 41.12
C VAL F 102 -47.93 62.55 39.94
N MET F 103 -49.14 63.06 39.82
CA MET F 103 -50.10 62.68 38.80
C MET F 103 -51.04 63.87 38.57
N GLY F 104 -51.64 63.90 37.38
CA GLY F 104 -52.59 64.92 37.03
C GLY F 104 -54.01 64.40 37.11
N HIS F 105 -54.69 64.74 38.21
CA HIS F 105 -56.04 64.27 38.51
C HIS F 105 -57.02 65.43 38.52
N ARG F 106 -56.77 66.46 39.33
CA ARG F 106 -57.67 67.62 39.48
C ARG F 106 -56.94 68.86 38.95
N ARG F 107 -57.27 69.27 37.73
CA ARG F 107 -56.78 70.54 37.23
C ARG F 107 -57.55 71.65 37.93
N VAL F 108 -56.94 72.82 38.05
CA VAL F 108 -57.57 73.95 38.72
C VAL F 108 -56.91 75.24 38.26
N HIS F 109 -57.63 76.36 38.41
CA HIS F 109 -57.11 77.69 38.12
C HIS F 109 -57.43 78.57 39.33
N ILE F 110 -56.42 78.76 40.18
CA ILE F 110 -56.57 79.66 41.32
C ILE F 110 -56.85 81.04 40.79
N SER F 111 -57.77 81.75 41.44
CA SER F 111 -58.03 83.14 41.06
C SER F 111 -56.75 83.97 41.12
N ARG F 112 -56.18 84.10 42.32
CA ARG F 112 -55.04 84.96 42.61
C ARG F 112 -54.04 84.18 43.46
N GLN F 113 -52.92 83.77 42.85
CA GLN F 113 -51.91 83.05 43.62
C GLN F 113 -51.29 83.93 44.71
N LEU F 114 -51.29 85.26 44.48
CA LEU F 114 -50.79 86.19 45.48
C LEU F 114 -51.65 86.13 46.74
N GLU F 115 -52.94 85.84 46.58
CA GLU F 115 -53.89 85.74 47.67
C GLU F 115 -53.74 84.37 48.33
N MET F 166 -55.53 78.79 50.22
CA MET F 166 -55.84 79.64 49.08
C MET F 166 -57.03 79.11 48.29
N VAL F 167 -57.94 80.03 47.98
CA VAL F 167 -59.20 79.71 47.31
C VAL F 167 -58.94 79.04 45.97
N GLU F 168 -59.78 78.06 45.65
CA GLU F 168 -59.69 77.32 44.40
C GLU F 168 -61.07 76.80 44.03
N VAL F 169 -61.29 76.57 42.74
CA VAL F 169 -62.58 76.08 42.24
C VAL F 169 -62.28 75.21 41.03
N GLU F 170 -63.10 74.17 40.87
CA GLU F 170 -62.97 73.19 39.79
C GLU F 170 -63.69 73.67 38.53
N ASN F 171 -63.10 74.69 37.89
CA ASN F 171 -63.63 75.21 36.62
C ASN F 171 -63.13 74.37 35.44
N VAL F 172 -63.39 73.06 35.51
CA VAL F 172 -62.98 72.12 34.47
C VAL F 172 -64.01 72.15 33.35
N VAL F 173 -63.96 73.20 32.53
CA VAL F 173 -64.92 73.36 31.43
C VAL F 173 -64.77 72.20 30.44
N HIS F 174 -65.90 71.70 29.95
CA HIS F 174 -65.92 70.61 28.98
C HIS F 174 -67.19 70.67 28.12
N GLU F 175 -67.42 71.82 27.48
CA GLU F 175 -68.52 71.94 26.55
C GLU F 175 -68.27 71.03 25.35
N ASP F 176 -69.34 70.45 24.81
CA ASP F 176 -69.28 69.60 23.64
C ASP F 176 -70.57 69.76 22.86
N PHE F 177 -70.50 69.70 21.53
CA PHE F 177 -71.73 69.83 20.76
C PHE F 177 -72.61 68.63 21.08
N GLN F 178 -73.93 68.85 21.10
CA GLN F 178 -74.83 67.74 21.38
C GLN F 178 -74.71 66.68 20.29
N VAL F 179 -74.40 67.12 19.07
CA VAL F 179 -74.15 66.22 17.95
C VAL F 179 -72.70 65.75 18.06
N THR F 180 -72.54 64.44 18.26
CA THR F 180 -71.24 63.77 18.35
C THR F 180 -71.25 62.70 17.28
N GLU F 181 -71.38 63.10 16.01
CA GLU F 181 -71.37 62.18 14.89
C GLU F 181 -70.11 62.25 14.04
N GLU F 182 -69.92 63.29 13.20
CA GLU F 182 -68.72 63.31 12.34
C GLU F 182 -67.41 63.61 13.09
N VAL F 183 -67.46 64.50 14.10
CA VAL F 183 -66.26 64.96 14.83
C VAL F 183 -65.39 63.79 15.28
N LYS F 184 -66.02 62.83 15.97
CA LYS F 184 -65.31 61.72 16.58
C LYS F 184 -64.58 60.88 15.53
N ALA F 185 -64.93 61.01 14.21
CA ALA F 185 -64.30 60.25 13.12
C ALA F 185 -62.79 60.41 13.22
N LEU F 186 -62.37 61.60 13.70
CA LEU F 186 -61.02 62.06 13.83
C LEU F 186 -60.19 61.12 14.72
N THR F 187 -60.83 60.36 15.60
CA THR F 187 -60.09 59.56 16.56
C THR F 187 -59.20 58.50 15.94
N ALA F 188 -59.60 57.91 14.81
CA ALA F 188 -58.70 57.01 14.10
C ALA F 188 -57.43 57.74 13.71
N GLU F 189 -57.64 58.95 13.19
CA GLU F 189 -56.57 59.82 12.77
C GLU F 189 -55.72 60.26 13.96
N ILE F 190 -56.31 60.41 15.14
CA ILE F 190 -55.50 60.82 16.30
C ILE F 190 -54.46 59.74 16.63
N VAL F 191 -54.89 58.47 16.68
CA VAL F 191 -53.90 57.42 16.90
C VAL F 191 -52.97 57.29 15.70
N LYS F 192 -53.45 57.58 14.49
CA LYS F 192 -52.57 57.54 13.33
C LYS F 192 -51.48 58.61 13.39
N THR F 193 -51.79 59.82 13.89
CA THR F 193 -50.71 60.79 14.08
C THR F 193 -49.73 60.25 15.10
N ILE F 194 -50.22 59.81 16.26
CA ILE F 194 -49.35 59.24 17.28
C ILE F 194 -48.63 58.02 16.72
N ARG F 195 -49.29 57.26 15.83
CA ARG F 195 -48.67 56.12 15.18
C ARG F 195 -47.52 56.50 14.25
N ASP F 196 -47.60 57.64 13.57
CA ASP F 196 -46.44 58.03 12.76
C ASP F 196 -45.35 58.71 13.60
N ILE F 197 -45.72 59.27 14.76
CA ILE F 197 -44.69 59.89 15.59
C ILE F 197 -43.94 58.83 16.34
N ILE F 198 -44.62 57.83 16.87
CA ILE F 198 -43.90 56.80 17.58
C ILE F 198 -43.18 55.90 16.56
N ALA F 199 -43.62 55.85 15.28
CA ALA F 199 -42.89 54.97 14.37
C ALA F 199 -41.58 55.55 13.84
N LEU F 200 -41.59 56.78 13.31
CA LEU F 200 -40.35 57.39 12.83
C LEU F 200 -39.50 58.00 13.94
N ASN F 201 -40.12 58.40 15.05
CA ASN F 201 -39.43 58.96 16.21
C ASN F 201 -39.99 58.33 17.47
N PRO F 202 -39.69 57.04 17.72
CA PRO F 202 -40.25 56.39 18.92
C PRO F 202 -39.79 57.08 20.20
N LEU F 203 -40.71 57.15 21.16
CA LEU F 203 -40.46 57.77 22.46
C LEU F 203 -40.98 56.91 23.61
N TYR F 204 -42.23 56.46 23.56
CA TYR F 204 -42.78 55.59 24.60
C TYR F 204 -43.25 54.28 24.00
N ARG F 205 -43.48 53.30 24.88
CA ARG F 205 -43.92 51.97 24.47
C ARG F 205 -45.42 52.00 24.13
N GLU F 206 -45.82 51.19 23.14
CA GLU F 206 -47.12 51.34 22.47
C GLU F 206 -48.28 50.48 23.02
N SER F 207 -48.04 49.62 24.02
CA SER F 207 -49.11 48.85 24.64
C SER F 207 -50.12 49.72 25.38
N VAL F 208 -49.69 50.83 25.96
CA VAL F 208 -50.62 51.74 26.63
C VAL F 208 -51.66 52.29 25.66
N LEU F 209 -51.27 52.49 24.39
CA LEU F 209 -52.25 52.80 23.35
C LEU F 209 -53.19 51.62 23.11
N GLN F 210 -52.68 50.40 23.20
CA GLN F 210 -53.51 49.21 23.06
C GLN F 210 -54.41 48.96 24.28
N MET F 211 -54.06 49.52 25.44
CA MET F 211 -54.86 49.32 26.66
C MET F 211 -56.10 50.19 26.68
N MET F 212 -56.02 51.42 26.16
CA MET F 212 -57.15 52.36 26.09
C MET F 212 -57.43 52.57 24.61
N GLN F 213 -58.45 51.88 24.08
CA GLN F 213 -58.86 52.00 22.69
C GLN F 213 -60.27 52.58 22.61
N ALA F 214 -60.52 53.35 21.56
CA ALA F 214 -61.81 54.02 21.41
C ALA F 214 -62.95 53.04 21.13
N GLY F 215 -62.66 51.87 20.53
CA GLY F 215 -63.70 50.90 20.25
C GLY F 215 -64.15 50.08 21.45
N GLN F 216 -63.40 50.15 22.54
CA GLN F 216 -63.75 49.48 23.78
C GLN F 216 -64.86 50.24 24.52
N ARG F 217 -65.16 51.48 24.09
CA ARG F 217 -66.15 52.38 24.69
C ARG F 217 -65.76 52.77 26.12
N VAL F 218 -64.49 52.54 26.49
CA VAL F 218 -64.02 52.83 27.84
C VAL F 218 -63.58 54.27 28.01
N VAL F 219 -63.49 55.04 26.93
CA VAL F 219 -63.05 56.44 27.03
C VAL F 219 -64.26 57.30 27.39
N ASP F 220 -64.75 57.16 28.62
CA ASP F 220 -65.85 58.00 29.10
C ASP F 220 -65.47 59.48 29.11
N ASN F 221 -64.16 59.79 29.18
CA ASN F 221 -63.63 61.15 29.31
C ASN F 221 -62.59 61.35 28.21
N PRO F 222 -63.02 61.75 26.99
CA PRO F 222 -62.05 61.96 25.89
C PRO F 222 -60.97 63.00 26.17
N ILE F 223 -61.22 64.02 27.00
CA ILE F 223 -60.25 65.09 27.21
C ILE F 223 -58.98 64.53 27.85
N TYR F 224 -59.10 63.49 28.69
CA TYR F 224 -57.89 62.87 29.19
C TYR F 224 -57.08 62.21 28.08
N LEU F 225 -57.76 61.64 27.07
CA LEU F 225 -57.03 61.01 25.97
C LEU F 225 -56.36 62.06 25.08
N SER F 226 -57.05 63.17 24.79
CA SER F 226 -56.41 64.23 24.01
C SER F 226 -55.27 64.89 24.77
N ASP F 227 -55.34 64.93 26.11
CA ASP F 227 -54.23 65.46 26.89
C ASP F 227 -53.06 64.49 26.89
N MET F 228 -53.34 63.19 27.01
CA MET F 228 -52.26 62.21 26.98
C MET F 228 -51.56 62.25 25.63
N GLY F 229 -52.31 62.49 24.56
CA GLY F 229 -51.69 62.53 23.24
C GLY F 229 -50.95 63.81 22.96
N ALA F 230 -51.42 64.95 23.50
CA ALA F 230 -50.67 66.19 23.39
C ALA F 230 -49.43 66.19 24.26
N ALA F 231 -49.41 65.36 25.32
CA ALA F 231 -48.25 65.25 26.18
C ALA F 231 -47.05 64.67 25.44
N LEU F 232 -47.29 63.84 24.43
CA LEU F 232 -46.20 63.25 23.66
C LEU F 232 -45.43 64.29 22.84
N THR F 233 -46.01 65.48 22.63
CA THR F 233 -45.30 66.54 21.90
C THR F 233 -44.13 67.05 22.73
N GLY F 234 -43.09 67.50 22.04
CA GLY F 234 -41.89 68.02 22.65
C GLY F 234 -41.87 69.52 22.90
N ALA F 235 -43.01 70.19 22.77
CA ALA F 235 -43.06 71.65 22.77
C ALA F 235 -42.74 72.22 24.16
N GLU F 236 -42.31 73.50 24.15
CA GLU F 236 -41.89 74.19 25.36
C GLU F 236 -43.04 74.21 26.36
N SER F 237 -42.72 74.18 27.66
CA SER F 237 -43.78 74.32 28.65
C SER F 237 -44.52 75.65 28.50
N HIS F 238 -43.85 76.67 27.96
CA HIS F 238 -44.56 77.89 27.57
C HIS F 238 -45.58 77.59 26.48
N GLU F 239 -45.22 76.74 25.51
CA GLU F 239 -46.17 76.40 24.44
C GLU F 239 -47.33 75.58 25.00
N LEU F 240 -47.06 74.75 26.01
CA LEU F 240 -48.16 74.04 26.66
C LEU F 240 -49.06 75.02 27.39
N GLN F 241 -48.46 76.03 28.02
CA GLN F 241 -49.26 77.05 28.68
C GLN F 241 -50.06 77.83 27.66
N ASP F 242 -49.52 78.03 26.46
CA ASP F 242 -50.27 78.69 25.39
C ASP F 242 -51.45 77.83 24.95
N VAL F 243 -51.26 76.51 24.91
CA VAL F 243 -52.38 75.64 24.57
C VAL F 243 -53.42 75.71 25.67
N LEU F 244 -52.98 75.84 26.93
CA LEU F 244 -53.90 76.00 28.05
C LEU F 244 -54.63 77.33 28.04
N GLU F 245 -54.02 78.39 27.48
CA GLU F 245 -54.68 79.70 27.45
C GLU F 245 -55.94 79.66 26.60
N GLU F 246 -56.01 78.81 25.59
CA GLU F 246 -57.22 78.72 24.78
C GLU F 246 -58.33 78.17 25.65
N THR F 247 -59.55 78.64 25.42
CA THR F 247 -60.72 78.22 26.19
C THR F 247 -61.66 77.31 25.41
N ASN F 248 -62.02 77.68 24.19
CA ASN F 248 -62.93 76.86 23.40
C ASN F 248 -62.28 75.54 23.00
N ILE F 249 -63.07 74.46 23.06
CA ILE F 249 -62.53 73.12 22.78
C ILE F 249 -61.96 72.99 21.37
N PRO F 250 -62.68 73.37 20.28
CA PRO F 250 -62.05 73.26 18.95
C PRO F 250 -60.78 74.08 18.82
N LYS F 251 -60.70 75.22 19.49
CA LYS F 251 -59.50 76.05 19.39
C LYS F 251 -58.30 75.34 20.00
N ARG F 252 -58.45 74.78 21.21
CA ARG F 252 -57.32 74.05 21.79
C ARG F 252 -57.02 72.78 20.99
N LEU F 253 -58.04 72.17 20.35
CA LEU F 253 -57.77 71.03 19.49
C LEU F 253 -56.96 71.43 18.27
N TYR F 254 -57.23 72.62 17.74
CA TYR F 254 -56.51 73.04 16.54
C TYR F 254 -55.11 73.54 16.90
N LYS F 255 -54.96 74.28 18.00
CA LYS F 255 -53.62 74.69 18.39
C LYS F 255 -52.75 73.48 18.71
N ALA F 256 -53.32 72.47 19.37
CA ALA F 256 -52.57 71.25 19.67
C ALA F 256 -52.23 70.48 18.39
N LEU F 257 -53.15 70.51 17.41
CA LEU F 257 -52.90 69.87 16.12
C LEU F 257 -51.80 70.62 15.37
N SER F 258 -51.82 71.95 15.44
CA SER F 258 -50.78 72.75 14.80
C SER F 258 -49.44 72.50 15.48
N LEU F 259 -49.45 72.28 16.79
CA LEU F 259 -48.20 71.94 17.47
C LEU F 259 -47.69 70.59 17.03
N LEU F 260 -48.59 69.61 16.80
CA LEU F 260 -48.12 68.34 16.26
C LEU F 260 -47.56 68.51 14.85
N LYS F 261 -48.16 69.40 14.05
CA LYS F 261 -47.62 69.64 12.70
C LYS F 261 -46.24 70.29 12.75
N LYS F 262 -46.07 71.30 13.60
CA LYS F 262 -44.78 72.00 13.64
C LYS F 262 -43.71 71.10 14.24
N GLU F 263 -44.06 70.30 15.26
CA GLU F 263 -43.08 69.39 15.84
C GLU F 263 -42.71 68.31 14.86
N PHE F 264 -43.69 67.82 14.08
CA PHE F 264 -43.35 66.86 13.04
C PHE F 264 -42.48 67.49 11.95
N GLU F 265 -42.70 68.77 11.63
CA GLU F 265 -41.83 69.42 10.64
C GLU F 265 -40.41 69.59 11.17
N LEU F 266 -40.25 69.85 12.47
CA LEU F 266 -38.91 69.96 13.03
C LEU F 266 -38.23 68.60 13.06
N SER F 267 -38.95 67.56 13.52
CA SER F 267 -38.39 66.22 13.52
C SER F 267 -38.09 65.74 12.10
N LYS F 268 -38.91 66.15 11.13
CA LYS F 268 -38.68 65.75 9.74
C LYS F 268 -37.42 66.39 9.20
N LEU F 269 -37.27 67.71 9.40
CA LEU F 269 -36.07 68.36 8.92
C LEU F 269 -34.82 67.83 9.62
N GLN F 270 -34.93 67.49 10.90
CA GLN F 270 -33.76 66.92 11.57
C GLN F 270 -33.44 65.53 11.04
N GLN F 271 -34.46 64.69 10.83
CA GLN F 271 -34.22 63.36 10.27
C GLN F 271 -33.74 63.41 8.83
N ARG F 272 -34.19 64.40 8.04
CA ARG F 272 -33.74 64.47 6.65
C ARG F 272 -32.33 65.01 6.56
N LEU F 273 -32.03 66.09 7.30
CA LEU F 273 -30.67 66.59 7.36
C LEU F 273 -29.73 65.52 7.89
N GLY F 274 -30.23 64.66 8.80
CA GLY F 274 -29.37 63.64 9.35
C GLY F 274 -29.23 62.43 8.45
N ARG F 275 -30.26 62.12 7.67
CA ARG F 275 -30.11 61.13 6.61
C ARG F 275 -29.11 61.63 5.59
N GLU F 276 -29.00 62.94 5.43
CA GLU F 276 -28.02 63.50 4.53
C GLU F 276 -26.63 63.41 5.13
N VAL F 277 -26.46 63.76 6.41
CA VAL F 277 -25.13 63.66 7.01
C VAL F 277 -24.69 62.19 7.05
N GLU F 278 -25.64 61.28 7.29
CA GLU F 278 -25.30 59.86 7.31
C GLU F 278 -24.89 59.43 5.91
N GLU F 279 -25.55 59.97 4.88
CA GLU F 279 -25.16 59.67 3.51
C GLU F 279 -23.77 60.22 3.21
N LYS F 280 -23.46 61.43 3.69
CA LYS F 280 -22.16 62.02 3.44
C LYS F 280 -21.03 61.28 4.15
N ILE F 281 -21.34 60.63 5.28
CA ILE F 281 -20.35 59.74 5.87
C ILE F 281 -20.36 58.38 5.18
N LYS F 282 -21.51 57.97 4.63
CA LYS F 282 -21.56 56.75 3.83
C LYS F 282 -20.81 56.91 2.51
N GLN F 283 -20.55 58.14 2.04
CA GLN F 283 -19.73 58.30 0.84
C GLN F 283 -18.33 57.72 1.04
N THR F 284 -17.86 57.64 2.28
CA THR F 284 -16.62 56.96 2.60
C THR F 284 -16.70 55.52 2.11
N HIS F 285 -15.61 55.03 1.54
CA HIS F 285 -15.67 53.77 0.83
C HIS F 285 -15.80 52.59 1.79
N ARG F 286 -16.42 51.52 1.29
CA ARG F 286 -16.51 50.25 1.99
C ARG F 286 -15.13 49.65 2.24
N LYS F 287 -14.12 50.04 1.44
CA LYS F 287 -12.75 49.64 1.69
C LYS F 287 -12.28 50.09 3.07
N TYR F 288 -12.77 51.22 3.57
CA TYR F 288 -12.41 51.62 4.93
C TYR F 288 -12.96 50.64 5.96
N LEU F 289 -14.13 50.06 5.67
CA LEU F 289 -14.69 49.05 6.58
C LEU F 289 -13.92 47.73 6.45
N LEU F 290 -13.60 47.32 5.23
CA LEU F 290 -12.82 46.10 5.07
C LEU F 290 -11.40 46.26 5.59
N GLN F 291 -10.84 47.46 5.54
CA GLN F 291 -9.57 47.72 6.22
C GLN F 291 -9.71 47.64 7.72
N GLU F 292 -10.86 48.08 8.25
CA GLU F 292 -11.10 47.94 9.69
C GLU F 292 -11.20 46.49 10.10
N GLN F 293 -11.94 45.67 9.34
CA GLN F 293 -11.98 44.24 9.62
C GLN F 293 -10.61 43.57 9.41
N LEU F 294 -9.82 44.08 8.46
CA LEU F 294 -8.44 43.61 8.30
C LEU F 294 -7.63 43.87 9.56
N LYS F 295 -7.71 45.11 10.09
CA LYS F 295 -6.99 45.39 11.33
C LYS F 295 -7.52 44.53 12.47
N ILE F 296 -8.81 44.24 12.45
CA ILE F 296 -9.37 43.37 13.49
C ILE F 296 -8.76 41.98 13.38
N ILE F 297 -8.51 41.52 12.15
CA ILE F 297 -7.84 40.24 11.97
C ILE F 297 -6.45 40.29 12.60
N LYS F 298 -5.70 41.36 12.31
CA LYS F 298 -4.33 41.45 12.83
C LYS F 298 -4.25 41.57 14.35
N LYS F 299 -5.30 42.06 15.01
CA LYS F 299 -5.34 42.21 16.47
C LYS F 299 -6.32 41.20 17.06
N GLU F 300 -5.84 39.96 17.22
CA GLU F 300 -6.63 38.85 17.72
C GLU F 300 -5.74 37.96 18.57
N LEU F 301 -6.40 37.16 19.44
CA LEU F 301 -5.75 36.25 20.38
C LEU F 301 -4.78 37.04 21.27
N GLY F 302 -5.09 38.29 21.57
CA GLY F 302 -4.09 39.04 22.27
C GLY F 302 -2.90 39.42 21.41
N LEU F 303 -3.00 39.22 20.08
CA LEU F 303 -1.95 39.57 19.13
C LEU F 303 -0.80 38.58 19.23
N GLU F 304 0.28 38.85 18.50
CA GLU F 304 1.39 37.92 18.33
C GLU F 304 2.71 38.49 18.80
N LYS F 305 3.83 37.88 18.37
CA LYS F 305 5.14 38.27 18.84
C LYS F 305 6.12 38.48 17.69
N ASP F 306 7.19 39.21 17.99
CA ASP F 306 8.26 39.51 17.03
C ASP F 306 9.03 38.28 16.59
N ASP F 307 8.93 37.18 17.35
CA ASP F 307 9.69 35.96 17.06
C ASP F 307 9.40 35.42 15.66
N LYS F 308 8.15 35.54 15.21
CA LYS F 308 7.78 35.11 13.86
C LYS F 308 8.14 36.20 12.84
N ASP F 309 7.97 37.46 13.24
CA ASP F 309 8.22 38.57 12.35
C ASP F 309 9.67 38.65 11.91
N ALA F 310 10.59 38.24 12.79
CA ALA F 310 12.01 38.25 12.43
C ALA F 310 12.26 37.37 11.20
N ILE F 311 11.73 36.15 11.23
CA ILE F 311 11.93 35.24 10.11
C ILE F 311 11.23 35.80 8.88
N GLU F 312 10.01 36.29 9.05
CA GLU F 312 9.25 36.69 7.87
C GLU F 312 9.84 37.92 7.18
N GLU F 313 10.27 38.92 7.95
CA GLU F 313 10.96 40.05 7.34
C GLU F 313 12.28 39.61 6.74
N LYS F 314 12.94 38.61 7.33
CA LYS F 314 14.18 38.13 6.73
C LYS F 314 13.91 37.58 5.35
N PHE F 315 12.83 36.82 5.20
CA PHE F 315 12.44 36.36 3.87
C PHE F 315 12.14 37.55 2.96
N ARG F 316 11.53 38.60 3.50
CA ARG F 316 11.20 39.74 2.65
C ARG F 316 12.46 40.38 2.09
N GLU F 317 13.42 40.68 2.97
CA GLU F 317 14.64 41.33 2.48
C GLU F 317 15.43 40.41 1.56
N ARG F 318 15.43 39.11 1.82
CA ARG F 318 16.13 38.22 0.90
C ARG F 318 15.44 38.17 -0.45
N LEU F 319 14.13 38.38 -0.48
CA LEU F 319 13.38 38.32 -1.73
C LEU F 319 13.45 39.61 -2.54
N LYS F 320 13.59 40.76 -1.87
CA LYS F 320 13.29 42.05 -2.50
C LYS F 320 14.15 42.33 -3.72
N GLU F 321 15.43 42.01 -3.66
CA GLU F 321 16.33 42.30 -4.77
C GLU F 321 15.97 41.50 -6.01
N LEU F 322 15.46 40.29 -5.83
CA LEU F 322 15.17 39.42 -6.96
C LEU F 322 14.03 39.97 -7.81
N VAL F 323 14.18 39.88 -9.12
CA VAL F 323 13.11 40.27 -10.07
C VAL F 323 12.21 39.04 -10.21
N VAL F 324 11.31 38.89 -9.26
CA VAL F 324 10.52 37.67 -9.14
C VAL F 324 9.45 37.63 -10.22
N PRO F 325 9.23 36.48 -10.91
CA PRO F 325 8.04 36.35 -11.75
C PRO F 325 6.78 36.45 -10.91
N LYS F 326 5.72 37.01 -11.50
CA LYS F 326 4.51 37.28 -10.71
C LYS F 326 3.87 36.00 -10.18
N HIS F 327 4.14 34.84 -10.78
CA HIS F 327 3.56 33.59 -10.30
C HIS F 327 3.89 33.33 -8.84
N VAL F 328 5.03 33.82 -8.37
CA VAL F 328 5.50 33.51 -7.03
C VAL F 328 5.02 34.52 -6.00
N MET F 329 4.94 35.83 -6.35
CA MET F 329 4.67 36.87 -5.35
C MET F 329 3.41 36.59 -4.55
N ASP F 330 2.36 36.13 -5.24
CA ASP F 330 1.15 35.75 -4.53
C ASP F 330 1.43 34.61 -3.57
N VAL F 331 2.27 33.65 -4.00
CA VAL F 331 2.55 32.50 -3.14
C VAL F 331 3.34 32.93 -1.93
N VAL F 332 4.38 33.76 -2.12
CA VAL F 332 5.21 34.14 -0.98
C VAL F 332 4.39 34.92 0.03
N ASP F 333 3.48 35.77 -0.44
CA ASP F 333 2.71 36.56 0.51
C ASP F 333 1.70 35.68 1.24
N GLU F 334 0.95 34.85 0.50
CA GLU F 334 -0.06 34.05 1.17
C GLU F 334 0.58 32.99 2.06
N GLU F 335 1.70 32.39 1.64
CA GLU F 335 2.39 31.45 2.50
C GLU F 335 2.99 32.15 3.70
N LEU F 336 3.41 33.41 3.53
CA LEU F 336 3.90 34.16 4.66
C LEU F 336 2.79 34.41 5.67
N SER F 337 1.57 34.62 5.18
CA SER F 337 0.46 34.73 6.13
C SER F 337 0.17 33.39 6.78
N LYS F 338 0.28 32.30 6.00
CA LYS F 338 0.06 30.96 6.53
C LYS F 338 1.11 30.61 7.58
N LEU F 339 2.29 31.17 7.44
CA LEU F 339 3.32 31.00 8.46
C LEU F 339 3.18 32.03 9.57
N GLY F 340 2.52 33.16 9.29
CA GLY F 340 2.42 34.22 10.28
C GLY F 340 1.40 33.94 11.35
N LEU F 341 0.34 33.22 11.01
CA LEU F 341 -0.60 32.80 12.04
C LEU F 341 -0.10 31.59 12.81
N LEU F 342 0.60 30.68 12.14
CA LEU F 342 1.12 29.51 12.84
C LEU F 342 2.18 29.94 13.83
N ASP F 343 2.12 29.37 15.03
CA ASP F 343 3.07 29.66 16.08
C ASP F 343 4.38 28.93 15.80
N ASN F 344 5.46 29.46 16.39
CA ASN F 344 6.80 28.94 16.16
C ASN F 344 6.94 27.48 16.51
N HIS F 345 6.18 27.00 17.49
CA HIS F 345 6.36 25.63 17.91
C HIS F 345 5.69 24.62 16.98
N SER F 346 4.81 25.05 16.09
CA SER F 346 4.17 24.12 15.18
C SER F 346 5.19 23.48 14.26
N SER F 347 5.11 22.15 14.12
CA SER F 347 5.98 21.45 13.20
C SER F 347 5.72 21.93 11.77
N GLU F 348 4.45 22.16 11.47
CA GLU F 348 4.08 22.73 10.18
C GLU F 348 4.64 24.13 10.01
N PHE F 349 4.79 24.91 11.09
CA PHE F 349 5.43 26.21 10.95
C PHE F 349 6.86 26.05 10.44
N ASN F 350 7.59 25.08 11.00
CA ASN F 350 8.98 24.92 10.58
C ASN F 350 9.07 24.44 9.14
N VAL F 351 8.37 23.33 8.81
CA VAL F 351 8.52 22.80 7.47
C VAL F 351 7.99 23.79 6.44
N THR F 352 6.95 24.55 6.80
CA THR F 352 6.48 25.60 5.91
C THR F 352 7.50 26.71 5.77
N ARG F 353 8.24 27.01 6.85
CA ARG F 353 9.32 27.97 6.73
C ARG F 353 10.33 27.50 5.71
N ASN F 354 10.59 26.19 5.70
CA ASN F 354 11.53 25.65 4.74
C ASN F 354 10.95 25.75 3.32
N TYR F 355 9.67 25.44 3.17
CA TYR F 355 9.09 25.46 1.84
C TYR F 355 9.07 26.87 1.28
N LEU F 356 8.82 27.87 2.12
CA LEU F 356 8.98 29.23 1.65
C LEU F 356 10.44 29.55 1.41
N ASP F 357 11.34 28.95 2.19
CA ASP F 357 12.75 29.29 2.09
C ASP F 357 13.31 28.92 0.72
N TRP F 358 12.91 27.77 0.17
CA TRP F 358 13.46 27.41 -1.13
C TRP F 358 13.02 28.40 -2.19
N LEU F 359 11.75 28.76 -2.18
CA LEU F 359 11.25 29.68 -3.19
C LEU F 359 11.89 31.04 -3.06
N THR F 360 12.25 31.46 -1.85
CA THR F 360 12.94 32.74 -1.76
C THR F 360 14.39 32.61 -2.21
N SER F 361 15.06 31.56 -1.76
CA SER F 361 16.47 31.38 -2.05
C SER F 361 16.73 31.13 -3.53
N ILE F 362 15.77 30.57 -4.24
CA ILE F 362 16.00 30.21 -5.64
C ILE F 362 16.18 31.50 -6.46
N PRO F 363 17.12 31.58 -7.40
CA PRO F 363 17.27 32.82 -8.17
C PRO F 363 16.06 33.07 -9.05
N TRP F 364 15.76 34.35 -9.27
CA TRP F 364 14.66 34.76 -10.14
C TRP F 364 15.16 35.82 -11.09
N GLY F 365 15.27 35.46 -12.36
CA GLY F 365 15.59 36.38 -13.42
C GLY F 365 17.04 36.76 -13.56
N LYS F 366 17.96 36.09 -12.88
CA LYS F 366 19.38 36.41 -12.94
C LYS F 366 20.09 35.54 -13.98
N TYR F 367 20.19 36.04 -15.21
CA TYR F 367 20.99 35.39 -16.22
C TYR F 367 22.44 35.80 -16.04
N SER F 368 23.35 34.83 -16.11
CA SER F 368 24.76 35.19 -16.22
C SER F 368 25.03 35.74 -17.60
N ASN F 369 25.86 36.79 -17.67
CA ASN F 369 26.32 37.23 -18.96
C ASN F 369 27.30 36.21 -19.48
N GLU F 370 27.28 35.96 -20.79
CA GLU F 370 28.13 34.93 -21.41
C GLU F 370 28.75 35.47 -22.69
N ASN F 371 30.08 35.44 -22.75
CA ASN F 371 30.77 35.85 -23.94
C ASN F 371 30.58 34.82 -25.03
N LEU F 372 30.69 35.27 -26.27
CA LEU F 372 30.58 34.40 -27.43
C LEU F 372 31.66 34.62 -28.46
N ASP F 373 32.37 35.76 -28.44
CA ASP F 373 33.36 36.07 -29.45
C ASP F 373 34.44 35.01 -29.48
N LEU F 374 34.80 34.59 -30.69
CA LEU F 374 35.60 33.38 -30.84
C LEU F 374 37.01 33.50 -30.29
N ALA F 375 37.54 34.72 -30.13
CA ALA F 375 38.91 34.90 -29.68
C ALA F 375 39.11 34.27 -28.31
N ARG F 376 38.50 34.85 -27.29
CA ARG F 376 38.59 34.29 -25.97
C ARG F 376 37.78 33.04 -25.81
N ALA F 377 36.89 32.74 -26.74
CA ALA F 377 36.22 31.46 -26.70
C ALA F 377 37.21 30.34 -26.92
N GLN F 378 38.04 30.46 -27.96
CA GLN F 378 38.96 29.39 -28.29
C GLN F 378 40.19 29.42 -27.44
N ALA F 379 40.73 30.62 -27.18
CA ALA F 379 42.03 30.71 -26.54
C ALA F 379 42.04 30.04 -25.18
N VAL F 380 40.94 30.14 -24.44
CA VAL F 380 40.85 29.36 -23.22
C VAL F 380 40.74 27.88 -23.53
N LEU F 381 40.15 27.54 -24.67
CA LEU F 381 39.94 26.14 -24.95
C LEU F 381 41.25 25.42 -25.20
N GLU F 382 42.27 26.11 -25.69
CA GLU F 382 43.57 25.48 -25.82
C GLU F 382 44.32 25.39 -24.51
N GLU F 383 43.94 26.18 -23.51
CA GLU F 383 44.73 26.26 -22.29
C GLU F 383 44.78 24.97 -21.53
N ASP F 384 43.72 24.17 -21.63
CA ASP F 384 43.47 23.13 -20.66
C ASP F 384 43.14 21.78 -21.26
N HIS F 385 43.56 21.50 -22.49
CA HIS F 385 43.42 20.16 -23.06
C HIS F 385 44.45 20.02 -24.15
N TYR F 386 45.50 19.26 -23.88
CA TYR F 386 46.51 19.06 -24.89
C TYR F 386 45.94 18.25 -26.02
N GLY F 387 46.35 18.55 -27.24
CA GLY F 387 45.87 17.83 -28.39
C GLY F 387 44.38 17.98 -28.54
N MET F 388 43.73 16.85 -28.84
CA MET F 388 42.27 16.79 -28.95
C MET F 388 41.81 17.81 -29.99
N GLU F 389 42.55 17.91 -31.08
CA GLU F 389 42.31 18.98 -32.05
C GLU F 389 40.95 18.87 -32.69
N ASP F 390 40.44 17.66 -32.86
CA ASP F 390 39.19 17.47 -33.59
C ASP F 390 38.03 18.10 -32.82
N VAL F 391 37.85 17.71 -31.56
CA VAL F 391 36.76 18.30 -30.80
C VAL F 391 36.99 19.78 -30.58
N LYS F 392 38.26 20.20 -30.53
CA LYS F 392 38.53 21.62 -30.43
C LYS F 392 38.03 22.35 -31.65
N LYS F 393 37.99 21.70 -32.81
CA LYS F 393 37.39 22.36 -33.96
C LYS F 393 35.88 22.36 -33.87
N ARG F 394 35.31 21.21 -33.53
CA ARG F 394 33.87 21.07 -33.56
C ARG F 394 33.20 22.03 -32.58
N ILE F 395 33.84 22.27 -31.44
CA ILE F 395 33.20 23.13 -30.46
C ILE F 395 33.21 24.58 -30.92
N LEU F 396 34.28 25.01 -31.59
CA LEU F 396 34.22 26.34 -32.16
C LEU F 396 33.13 26.43 -33.19
N GLU F 397 32.91 25.35 -33.94
CA GLU F 397 31.84 25.38 -34.93
C GLU F 397 30.50 25.61 -34.25
N PHE F 398 30.27 24.89 -33.16
CA PHE F 398 29.02 25.05 -32.46
C PHE F 398 28.87 26.44 -31.87
N ILE F 399 29.95 26.99 -31.34
CA ILE F 399 29.89 28.33 -30.78
C ILE F 399 29.52 29.31 -31.88
N ALA F 400 30.07 29.12 -33.07
CA ALA F 400 29.81 30.03 -34.17
C ALA F 400 28.34 30.00 -34.52
N VAL F 401 27.80 28.80 -34.76
CA VAL F 401 26.42 28.72 -35.21
C VAL F 401 25.47 29.27 -34.15
N SER F 402 25.76 29.00 -32.87
CA SER F 402 24.89 29.55 -31.85
C SER F 402 24.99 31.07 -31.81
N GLN F 403 26.17 31.60 -32.04
CA GLN F 403 26.30 33.04 -32.08
C GLN F 403 25.53 33.64 -33.23
N LEU F 404 25.34 32.87 -34.30
CA LEU F 404 24.63 33.40 -35.46
C LEU F 404 23.13 33.24 -35.28
N ARG F 405 22.66 32.02 -35.04
CA ARG F 405 21.23 31.74 -34.97
C ARG F 405 20.69 32.10 -33.58
N GLY F 406 20.86 33.35 -33.19
CA GLY F 406 20.17 33.85 -32.01
C GLY F 406 20.68 33.26 -30.72
N SER F 407 20.41 31.98 -30.47
CA SER F 407 20.77 31.39 -29.18
C SER F 407 20.65 29.87 -29.25
N THR F 408 21.21 29.21 -28.24
CA THR F 408 21.36 27.75 -28.23
C THR F 408 20.06 27.11 -27.81
N GLN F 409 19.20 26.84 -28.78
CA GLN F 409 18.00 26.05 -28.56
C GLN F 409 17.95 24.81 -29.45
N GLY F 410 18.88 24.64 -30.38
CA GLY F 410 18.71 23.65 -31.41
C GLY F 410 18.75 22.21 -30.98
N LYS F 411 19.91 21.71 -30.61
CA LYS F 411 20.05 20.29 -30.30
C LYS F 411 21.19 20.15 -29.30
N ILE F 412 21.02 19.22 -28.39
CA ILE F 412 22.06 19.02 -27.39
C ILE F 412 23.25 18.37 -28.06
N LEU F 413 24.44 18.79 -27.67
CA LEU F 413 25.64 18.11 -28.11
C LEU F 413 25.83 16.83 -27.32
N CYS F 414 26.54 15.89 -27.91
CA CYS F 414 26.83 14.65 -27.24
C CYS F 414 28.28 14.29 -27.49
N PHE F 415 28.78 13.36 -26.68
CA PHE F 415 30.13 12.86 -26.82
C PHE F 415 30.10 11.39 -26.52
N TYR F 416 30.95 10.65 -27.22
CA TYR F 416 31.07 9.24 -26.95
C TYR F 416 32.44 8.76 -27.40
N GLY F 417 33.00 7.82 -26.65
CA GLY F 417 34.32 7.32 -26.90
C GLY F 417 34.76 6.45 -25.75
N PRO F 418 35.98 5.92 -25.83
CA PRO F 418 36.46 5.03 -24.78
C PRO F 418 36.52 5.75 -23.45
N PRO F 419 36.24 5.05 -22.35
CA PRO F 419 36.22 5.72 -21.05
C PRO F 419 37.58 6.28 -20.70
N GLY F 420 37.56 7.40 -20.00
CA GLY F 420 38.80 8.02 -19.59
C GLY F 420 39.46 8.88 -20.64
N VAL F 421 38.79 9.11 -21.77
CA VAL F 421 39.31 10.04 -22.78
C VAL F 421 39.05 11.49 -22.42
N GLY F 422 38.37 11.77 -21.33
CA GLY F 422 38.25 13.14 -20.88
C GLY F 422 36.95 13.86 -21.21
N LYS F 423 35.92 13.15 -21.63
CA LYS F 423 34.60 13.74 -21.83
C LYS F 423 34.24 14.72 -20.71
N THR F 424 34.22 14.21 -19.47
CA THR F 424 33.94 15.05 -18.33
C THR F 424 34.98 16.15 -18.19
N SER F 425 36.20 15.91 -18.67
CA SER F 425 37.23 16.93 -18.63
C SER F 425 36.92 18.08 -19.55
N ILE F 426 36.25 17.80 -20.67
CA ILE F 426 36.03 18.83 -21.68
C ILE F 426 34.80 19.65 -21.36
N ALA F 427 33.78 19.03 -20.77
CA ALA F 427 32.59 19.82 -20.45
C ALA F 427 32.95 20.98 -19.55
N ARG F 428 33.80 20.73 -18.56
CA ARG F 428 34.17 21.77 -17.61
C ARG F 428 34.88 22.89 -18.32
N SER F 429 35.71 22.57 -19.31
CA SER F 429 36.40 23.61 -20.03
C SER F 429 35.43 24.44 -20.82
N ILE F 430 34.41 23.80 -21.42
CA ILE F 430 33.45 24.58 -22.19
C ILE F 430 32.72 25.55 -21.28
N ALA F 431 32.47 25.15 -20.03
CA ALA F 431 31.72 26.00 -19.11
C ALA F 431 32.35 27.37 -18.98
N ARG F 432 33.63 27.41 -18.64
CA ARG F 432 34.31 28.68 -18.60
C ARG F 432 34.39 29.28 -19.99
N ALA F 433 34.50 28.43 -21.04
CA ALA F 433 34.73 28.95 -22.37
C ALA F 433 33.61 29.88 -22.81
N LEU F 434 32.39 29.55 -22.42
CA LEU F 434 31.26 30.44 -22.67
C LEU F 434 30.98 31.38 -21.50
N ASN F 435 31.65 31.22 -20.36
CA ASN F 435 31.55 32.05 -19.16
C ASN F 435 30.27 31.71 -18.37
N ARG F 436 29.37 30.88 -18.87
CA ARG F 436 28.23 30.49 -18.06
C ARG F 436 28.66 29.47 -17.02
N GLU F 437 27.90 29.41 -15.93
CA GLU F 437 28.23 28.59 -14.78
C GLU F 437 28.05 27.11 -15.04
N TYR F 438 28.82 26.29 -14.32
CA TYR F 438 28.85 24.85 -14.47
C TYR F 438 28.03 24.17 -13.38
N PHE F 439 27.50 23.00 -13.74
CA PHE F 439 27.10 22.02 -12.75
C PHE F 439 26.93 20.69 -13.44
N ARG F 440 27.34 19.61 -12.79
CA ARG F 440 27.24 18.27 -13.32
C ARG F 440 26.17 17.51 -12.56
N PHE F 441 25.52 16.58 -13.24
CA PHE F 441 24.43 15.79 -12.65
C PHE F 441 24.44 14.41 -13.30
N SER F 442 25.17 13.51 -12.66
CA SER F 442 25.21 12.15 -13.15
C SER F 442 23.85 11.52 -12.99
N VAL F 443 23.47 10.73 -13.98
CA VAL F 443 22.22 9.99 -13.95
C VAL F 443 22.45 8.55 -14.38
N GLY F 444 23.72 8.13 -14.50
CA GLY F 444 24.04 6.79 -14.96
C GLY F 444 23.44 5.74 -14.07
N GLY F 445 22.55 4.91 -14.62
CA GLY F 445 21.92 3.86 -13.85
C GLY F 445 20.76 4.32 -12.99
N MET F 446 20.37 5.58 -13.07
CA MET F 446 19.32 6.10 -12.22
C MET F 446 17.97 5.48 -12.55
N THR F 447 17.13 5.37 -11.52
CA THR F 447 15.80 4.78 -11.63
C THR F 447 14.68 5.73 -11.23
N ASP F 448 14.72 6.30 -10.04
CA ASP F 448 13.61 7.12 -9.57
C ASP F 448 13.44 8.36 -10.42
N VAL F 449 12.19 8.66 -10.79
CA VAL F 449 11.88 9.93 -11.42
C VAL F 449 11.53 11.01 -10.41
N ALA F 450 11.23 10.63 -9.16
CA ALA F 450 10.90 11.62 -8.15
C ALA F 450 12.08 12.51 -7.83
N GLU F 451 13.29 11.97 -7.86
CA GLU F 451 14.47 12.76 -7.56
C GLU F 451 14.68 13.84 -8.61
N ILE F 452 14.26 13.61 -9.85
CA ILE F 452 14.24 14.69 -10.81
C ILE F 452 13.07 15.62 -10.51
N LYS F 453 11.90 15.03 -10.26
CA LYS F 453 10.69 15.82 -10.10
C LYS F 453 10.51 16.39 -8.70
N GLY F 454 11.30 15.92 -7.72
CA GLY F 454 11.05 16.25 -6.33
C GLY F 454 9.85 15.51 -5.77
N HIS F 455 9.74 15.44 -4.45
CA HIS F 455 8.60 14.83 -3.79
C HIS F 455 7.57 15.90 -3.46
N ARG F 456 6.36 15.45 -3.10
CA ARG F 456 5.24 16.36 -2.96
C ARG F 456 5.38 17.38 -1.83
N ARG F 457 6.29 17.15 -0.88
CA ARG F 457 6.42 17.78 0.43
C ARG F 457 5.46 17.13 1.42
N THR F 458 4.60 16.21 0.98
CA THR F 458 3.77 15.44 1.87
C THR F 458 4.53 14.27 2.47
N TYR F 459 5.37 13.63 1.67
CA TYR F 459 6.14 12.48 2.13
C TYR F 459 7.20 12.92 3.11
N VAL F 460 7.56 11.99 4.00
CA VAL F 460 8.61 12.25 4.96
C VAL F 460 9.91 12.55 4.23
N GLY F 461 10.58 13.62 4.64
CA GLY F 461 11.88 13.89 4.08
C GLY F 461 11.88 14.45 2.69
N ALA F 462 10.74 14.87 2.16
CA ALA F 462 10.65 15.30 0.78
C ALA F 462 11.52 16.53 0.54
N MET F 463 12.24 16.52 -0.60
CA MET F 463 13.13 17.60 -1.01
C MET F 463 12.90 17.90 -2.48
N PRO F 464 13.19 19.12 -2.94
CA PRO F 464 13.00 19.43 -4.35
C PRO F 464 13.91 18.59 -5.22
N GLY F 465 13.41 18.25 -6.41
CA GLY F 465 14.15 17.43 -7.35
C GLY F 465 15.53 17.97 -7.65
N LYS F 466 16.42 17.20 -8.31
CA LYS F 466 17.83 17.58 -8.40
C LYS F 466 18.07 18.93 -9.06
N ILE F 467 17.23 19.30 -10.02
CA ILE F 467 17.53 20.50 -10.79
C ILE F 467 17.48 21.74 -9.91
N ILE F 468 16.59 21.76 -8.92
CA ILE F 468 16.46 22.95 -8.10
C ILE F 468 17.71 23.22 -7.28
N GLN F 469 18.43 22.17 -6.86
CA GLN F 469 19.66 22.39 -6.11
C GLN F 469 20.63 23.20 -6.95
N CYS F 470 20.84 22.76 -8.18
CA CYS F 470 21.76 23.48 -9.04
C CYS F 470 21.26 24.87 -9.37
N LEU F 471 19.94 25.01 -9.52
CA LEU F 471 19.44 26.34 -9.80
C LEU F 471 19.68 27.26 -8.61
N LYS F 472 19.78 26.70 -7.41
CA LYS F 472 20.20 27.53 -6.28
C LYS F 472 21.69 27.77 -6.33
N LYS F 473 22.46 26.71 -6.53
CA LYS F 473 23.91 26.77 -6.36
C LYS F 473 24.55 27.69 -7.37
N THR F 474 24.11 27.61 -8.62
CA THR F 474 24.65 28.47 -9.63
C THR F 474 24.18 29.91 -9.49
N LYS F 475 23.14 30.15 -8.69
CA LYS F 475 22.56 31.47 -8.46
C LYS F 475 22.23 32.19 -9.75
N THR F 476 21.80 31.41 -10.73
CA THR F 476 21.51 31.91 -12.06
C THR F 476 20.52 30.97 -12.72
N GLU F 477 19.99 31.41 -13.87
CA GLU F 477 19.03 30.63 -14.66
C GLU F 477 19.64 30.09 -15.95
N ASN F 478 20.94 30.27 -16.18
CA ASN F 478 21.61 29.72 -17.35
C ASN F 478 22.88 29.00 -16.90
N PRO F 479 22.74 27.92 -16.14
CA PRO F 479 23.85 27.00 -15.92
C PRO F 479 24.13 26.18 -17.17
N LEU F 480 25.35 25.66 -17.24
CA LEU F 480 25.68 24.60 -18.19
C LEU F 480 25.44 23.25 -17.53
N ILE F 481 24.17 22.95 -17.29
CA ILE F 481 23.85 21.66 -16.67
C ILE F 481 24.35 20.59 -17.62
N LEU F 482 24.73 19.46 -17.07
CA LEU F 482 25.43 18.43 -17.81
C LEU F 482 24.91 17.09 -17.34
N ILE F 483 24.29 16.35 -18.21
CA ILE F 483 23.98 14.97 -17.89
C ILE F 483 25.28 14.20 -18.04
N ASP F 484 25.43 13.07 -17.35
CA ASP F 484 26.65 12.29 -17.39
C ASP F 484 26.28 10.82 -17.50
N GLU F 485 27.11 10.08 -18.23
CA GLU F 485 27.03 8.63 -18.41
C GLU F 485 25.59 8.22 -18.74
N VAL F 486 25.16 8.68 -19.91
CA VAL F 486 23.77 8.48 -20.31
C VAL F 486 23.48 7.12 -20.92
N ASP F 487 24.50 6.30 -21.20
CA ASP F 487 24.25 5.06 -21.93
C ASP F 487 23.30 4.11 -21.20
N LYS F 488 23.24 4.19 -19.87
CA LYS F 488 22.63 3.14 -19.05
C LYS F 488 21.59 3.69 -18.08
N ILE F 489 20.62 4.46 -18.57
CA ILE F 489 19.41 4.73 -17.79
C ILE F 489 18.35 3.77 -18.30
N GLY F 490 17.40 3.44 -17.44
CA GLY F 490 16.25 2.63 -17.78
C GLY F 490 15.89 1.70 -16.65
N ARG F 491 14.79 0.99 -16.84
CA ARG F 491 14.38 -0.11 -15.96
C ARG F 491 14.20 0.38 -14.53
N GLY F 492 13.49 1.50 -14.39
CA GLY F 492 13.21 2.09 -13.11
C GLY F 492 11.99 1.48 -12.43
N TYR F 493 11.71 2.00 -11.23
CA TYR F 493 10.54 1.55 -10.48
C TYR F 493 9.23 1.85 -11.19
N GLN F 494 9.22 2.84 -12.09
CA GLN F 494 8.06 3.17 -12.90
C GLN F 494 8.31 2.86 -14.38
N GLY F 495 9.05 1.78 -14.66
CA GLY F 495 9.46 1.48 -16.02
C GLY F 495 10.79 2.12 -16.34
N ASP F 496 10.79 3.44 -16.56
CA ASP F 496 12.03 4.20 -16.67
C ASP F 496 11.82 5.64 -16.22
N PRO F 497 12.77 6.23 -15.48
CA PRO F 497 12.70 7.68 -15.26
C PRO F 497 12.77 8.51 -16.52
N SER F 498 13.44 7.99 -17.57
CA SER F 498 13.96 8.81 -18.65
C SER F 498 12.90 9.64 -19.35
N SER F 499 11.67 9.13 -19.48
CA SER F 499 10.62 9.86 -20.17
C SER F 499 10.43 11.26 -19.61
N ALA F 500 10.33 11.37 -18.28
CA ALA F 500 10.19 12.71 -17.74
C ALA F 500 11.43 13.53 -18.04
N LEU F 501 12.61 12.89 -18.08
CA LEU F 501 13.74 13.72 -18.44
C LEU F 501 13.58 14.23 -19.86
N LEU F 502 12.92 13.45 -20.75
CA LEU F 502 12.69 14.01 -22.07
C LEU F 502 11.82 15.24 -21.97
N GLU F 503 10.90 15.25 -20.98
CA GLU F 503 10.09 16.45 -20.76
C GLU F 503 10.97 17.62 -20.42
N LEU F 504 12.06 17.36 -19.71
CA LEU F 504 12.96 18.46 -19.42
C LEU F 504 13.77 18.84 -20.65
N LEU F 505 14.36 17.85 -21.32
CA LEU F 505 15.22 18.13 -22.46
C LEU F 505 14.49 18.78 -23.60
N ASP F 506 13.20 18.52 -23.76
CA ASP F 506 12.49 19.10 -24.89
C ASP F 506 12.42 20.62 -24.70
N PRO F 507 12.90 21.44 -25.65
CA PRO F 507 12.98 22.90 -25.42
C PRO F 507 11.67 23.58 -25.12
N GLU F 508 10.56 23.07 -25.64
CA GLU F 508 9.28 23.72 -25.47
C GLU F 508 8.52 23.16 -24.27
N GLN F 509 8.52 21.83 -24.11
CA GLN F 509 7.75 21.21 -23.05
C GLN F 509 8.27 21.63 -21.67
N ASN F 510 9.56 21.93 -21.58
CA ASN F 510 10.14 22.43 -20.34
C ASN F 510 9.96 23.92 -20.14
N ALA F 511 9.37 24.63 -21.10
CA ALA F 511 9.17 26.06 -20.94
C ALA F 511 8.35 26.38 -19.70
N ASN F 512 7.47 25.48 -19.31
CA ASN F 512 6.71 25.54 -18.07
C ASN F 512 6.89 24.24 -17.33
N PHE F 513 8.15 23.86 -17.18
CA PHE F 513 8.48 22.68 -16.42
C PHE F 513 8.00 22.83 -14.99
N LEU F 514 7.55 21.72 -14.40
CA LEU F 514 6.96 21.76 -13.06
C LEU F 514 7.46 20.58 -12.23
N ASP F 515 8.21 20.88 -11.18
CA ASP F 515 8.56 19.89 -10.16
C ASP F 515 7.35 19.60 -9.28
N HIS F 516 7.27 18.37 -8.79
CA HIS F 516 6.22 18.06 -7.82
C HIS F 516 6.39 18.82 -6.51
N TYR F 517 7.62 19.12 -6.12
CA TYR F 517 7.87 19.73 -4.82
C TYR F 517 7.52 21.21 -4.78
N LEU F 518 7.28 21.85 -5.91
CA LEU F 518 6.89 23.26 -5.92
C LEU F 518 5.89 23.44 -7.04
N ASP F 519 4.71 23.94 -6.69
CA ASP F 519 3.65 24.09 -7.68
C ASP F 519 4.01 25.09 -8.76
N VAL F 520 4.88 26.06 -8.47
CA VAL F 520 5.15 27.10 -9.45
C VAL F 520 5.99 26.53 -10.58
N PRO F 521 5.60 26.63 -11.86
CA PRO F 521 6.56 26.38 -12.93
C PRO F 521 7.65 27.44 -12.91
N VAL F 522 8.85 27.04 -13.29
CA VAL F 522 9.98 27.94 -13.39
C VAL F 522 10.57 27.83 -14.79
N ASP F 523 10.88 28.98 -15.37
CA ASP F 523 11.50 29.00 -16.68
C ASP F 523 12.88 28.37 -16.59
N LEU F 524 13.23 27.60 -17.60
CA LEU F 524 14.58 27.05 -17.67
C LEU F 524 15.10 26.96 -19.08
N SER F 525 14.48 27.65 -20.03
CA SER F 525 14.77 27.43 -21.45
C SER F 525 16.22 27.69 -21.79
N LYS F 526 16.86 28.62 -21.09
CA LYS F 526 18.18 29.06 -21.51
C LYS F 526 19.30 28.14 -21.02
N VAL F 527 19.01 27.14 -20.19
CA VAL F 527 20.04 26.22 -19.73
C VAL F 527 20.67 25.60 -20.96
N LEU F 528 21.98 25.54 -20.98
CA LEU F 528 22.70 24.95 -22.10
C LEU F 528 23.02 23.51 -21.74
N PHE F 529 22.13 22.61 -22.04
CA PHE F 529 22.35 21.23 -21.66
C PHE F 529 23.46 20.61 -22.48
N ILE F 530 24.06 19.55 -21.93
CA ILE F 530 25.04 18.73 -22.62
C ILE F 530 24.81 17.32 -22.10
N CYS F 531 25.24 16.33 -22.89
CA CYS F 531 25.08 14.93 -22.59
C CYS F 531 26.35 14.18 -22.98
N THR F 532 26.60 13.06 -22.33
CA THR F 532 27.82 12.29 -22.56
C THR F 532 27.58 10.84 -22.19
N ALA F 533 28.29 9.94 -22.85
CA ALA F 533 28.08 8.52 -22.57
C ALA F 533 29.22 7.69 -23.15
N ASN F 534 29.33 6.45 -22.66
CA ASN F 534 30.40 5.57 -23.14
C ASN F 534 30.15 5.04 -24.54
N VAL F 535 28.93 4.58 -24.80
CA VAL F 535 28.56 4.03 -26.10
C VAL F 535 27.08 4.26 -26.30
N THR F 536 26.72 4.66 -27.51
CA THR F 536 25.37 5.12 -27.84
C THR F 536 24.54 4.07 -28.55
N ASP F 537 24.16 3.05 -27.82
CA ASP F 537 23.22 2.06 -28.35
C ASP F 537 22.04 1.83 -27.43
N THR F 538 22.28 1.74 -26.13
CA THR F 538 21.21 1.51 -25.18
C THR F 538 20.37 2.76 -24.91
N ILE F 539 20.83 3.94 -25.35
CA ILE F 539 20.05 5.16 -25.12
C ILE F 539 18.71 5.01 -25.83
N PRO F 540 17.57 5.43 -25.24
CA PRO F 540 16.31 5.36 -25.98
C PRO F 540 16.38 6.20 -27.23
N GLU F 541 15.79 5.68 -28.31
CA GLU F 541 15.86 6.36 -29.61
C GLU F 541 15.34 7.79 -29.58
N PRO F 542 14.18 8.12 -28.96
CA PRO F 542 13.67 9.49 -29.05
C PRO F 542 14.65 10.51 -28.52
N LEU F 543 15.44 10.15 -27.51
CA LEU F 543 16.58 11.00 -27.18
C LEU F 543 17.62 10.97 -28.28
N ARG F 544 17.90 9.81 -28.88
CA ARG F 544 19.07 9.69 -29.75
C ARG F 544 19.00 10.59 -30.97
N ASP F 545 17.80 10.86 -31.49
CA ASP F 545 17.65 11.85 -32.55
C ASP F 545 17.49 13.27 -32.01
N ARG F 546 17.33 13.46 -30.70
CA ARG F 546 17.19 14.81 -30.13
C ARG F 546 18.51 15.53 -29.99
N MET F 547 19.64 14.90 -30.31
CA MET F 547 20.94 15.41 -29.94
C MET F 547 21.96 14.91 -30.93
N GLU F 548 22.98 15.72 -31.18
CA GLU F 548 24.03 15.31 -32.12
C GLU F 548 24.87 14.22 -31.49
N MET F 549 25.94 13.82 -32.19
CA MET F 549 26.85 12.79 -31.68
C MET F 549 28.25 13.12 -32.18
N ILE F 550 28.99 13.89 -31.40
CA ILE F 550 30.41 14.08 -31.65
C ILE F 550 31.12 12.85 -31.13
N ASN F 551 32.25 12.51 -31.75
CA ASN F 551 32.98 11.30 -31.44
C ASN F 551 34.32 11.72 -30.85
N VAL F 552 34.39 11.77 -29.52
CA VAL F 552 35.68 11.84 -28.89
C VAL F 552 36.41 10.53 -29.15
N SER F 553 37.72 10.59 -29.31
CA SER F 553 38.54 9.46 -29.72
C SER F 553 39.61 9.17 -28.67
N GLY F 554 40.54 8.29 -29.03
CA GLY F 554 41.59 7.85 -28.14
C GLY F 554 42.82 8.74 -28.20
N TYR F 555 43.93 8.21 -27.70
CA TYR F 555 45.21 8.90 -27.64
C TYR F 555 46.29 8.05 -28.28
N VAL F 556 47.48 8.63 -28.37
CA VAL F 556 48.66 8.00 -28.94
C VAL F 556 49.72 7.91 -27.87
N ALA F 557 50.49 6.81 -27.88
CA ALA F 557 51.47 6.62 -26.84
C ALA F 557 52.53 7.71 -26.85
N GLN F 558 52.91 8.20 -28.02
CA GLN F 558 53.99 9.16 -28.08
C GLN F 558 53.59 10.46 -27.40
N GLU F 559 52.31 10.81 -27.50
CA GLU F 559 51.72 12.04 -26.99
C GLU F 559 51.05 11.91 -25.66
N LYS F 560 50.60 10.72 -25.27
CA LYS F 560 49.97 10.56 -23.97
C LYS F 560 50.88 11.02 -22.84
N LEU F 561 52.21 10.98 -23.06
CA LEU F 561 53.15 11.49 -22.09
C LEU F 561 52.94 12.97 -21.84
N ALA F 562 52.54 13.71 -22.88
CA ALA F 562 52.42 15.16 -22.72
C ALA F 562 51.36 15.52 -21.72
N ILE F 563 50.33 14.68 -21.57
CA ILE F 563 49.35 14.95 -20.55
C ILE F 563 49.99 14.78 -19.18
N ALA F 564 50.69 13.66 -18.99
CA ALA F 564 51.18 13.30 -17.67
C ALA F 564 52.19 14.30 -17.14
N GLU F 565 52.98 14.91 -18.01
CA GLU F 565 53.95 15.88 -17.53
C GLU F 565 53.33 17.26 -17.39
N ARG F 566 52.07 17.45 -17.79
CA ARG F 566 51.46 18.78 -17.76
C ARG F 566 50.19 18.88 -16.95
N TYR F 567 49.37 17.84 -16.87
CA TYR F 567 48.14 17.89 -16.10
C TYR F 567 48.12 16.88 -14.96
N LEU F 568 48.26 15.59 -15.24
CA LEU F 568 48.01 14.56 -14.23
C LEU F 568 48.92 14.70 -13.03
N VAL F 569 50.24 14.68 -13.26
CA VAL F 569 51.18 14.76 -12.14
C VAL F 569 50.98 16.03 -11.35
N PRO F 570 50.92 17.22 -11.95
CA PRO F 570 50.83 18.44 -11.14
C PRO F 570 49.63 18.48 -10.22
N GLN F 571 48.49 17.92 -10.63
CA GLN F 571 47.32 17.97 -9.75
C GLN F 571 47.31 16.80 -8.78
N ALA F 572 47.66 15.58 -9.22
CA ALA F 572 47.67 14.48 -8.26
C ALA F 572 48.71 14.72 -7.19
N ARG F 573 49.81 15.38 -7.53
CA ARG F 573 50.81 15.75 -6.56
C ARG F 573 50.24 16.70 -5.54
N ALA F 574 49.28 17.53 -5.94
CA ALA F 574 48.62 18.39 -4.98
C ALA F 574 47.66 17.59 -4.14
N LEU F 575 46.94 16.67 -4.77
CA LEU F 575 46.00 15.84 -4.02
C LEU F 575 46.70 15.06 -2.93
N CYS F 576 47.92 14.63 -3.19
CA CYS F 576 48.74 14.03 -2.15
C CYS F 576 49.45 15.06 -1.29
N GLY F 577 49.46 16.32 -1.68
CA GLY F 577 49.94 17.40 -0.85
C GLY F 577 51.43 17.57 -0.85
N LEU F 578 52.17 16.76 -1.59
CA LEU F 578 53.61 16.76 -1.52
C LEU F 578 54.18 18.07 -2.02
N ASP F 579 55.34 18.42 -1.49
CA ASP F 579 56.13 19.49 -2.08
C ASP F 579 56.59 19.09 -3.47
N GLU F 580 56.61 20.07 -4.39
CA GLU F 580 57.13 19.78 -5.72
C GLU F 580 58.58 19.33 -5.68
N SER F 581 59.32 19.72 -4.66
CA SER F 581 60.74 19.43 -4.61
C SER F 581 61.06 18.04 -4.08
N LYS F 582 60.07 17.27 -3.61
CA LYS F 582 60.32 15.96 -3.02
C LYS F 582 59.81 14.77 -3.81
N ALA F 583 59.07 14.98 -4.90
CA ALA F 583 58.42 13.87 -5.58
C ALA F 583 58.49 14.03 -7.09
N LYS F 584 59.66 14.41 -7.59
CA LYS F 584 59.79 14.62 -9.02
C LYS F 584 59.83 13.29 -9.77
N LEU F 585 59.39 13.35 -11.03
CA LEU F 585 59.25 12.18 -11.89
C LEU F 585 59.92 12.46 -13.22
N SER F 586 60.91 11.66 -13.56
CA SER F 586 61.56 11.75 -14.86
C SER F 586 60.58 11.39 -15.95
N SER F 587 60.57 12.19 -17.02
CA SER F 587 59.59 12.03 -18.07
C SER F 587 59.71 10.65 -18.70
N ASP F 588 60.94 10.15 -18.79
CA ASP F 588 61.15 8.83 -19.35
C ASP F 588 60.54 7.77 -18.46
N VAL F 589 60.44 8.00 -17.15
CA VAL F 589 59.73 7.04 -16.32
C VAL F 589 58.27 7.00 -16.71
N LEU F 590 57.69 8.16 -17.00
CA LEU F 590 56.31 8.13 -17.48
C LEU F 590 56.22 7.46 -18.84
N THR F 591 57.24 7.61 -19.67
CA THR F 591 57.28 6.87 -20.92
C THR F 591 57.22 5.40 -20.64
N LEU F 592 58.04 4.95 -19.72
CA LEU F 592 58.11 3.54 -19.41
C LEU F 592 56.80 3.06 -18.82
N LEU F 593 56.16 3.90 -18.00
CA LEU F 593 54.90 3.49 -17.39
C LEU F 593 53.83 3.32 -18.45
N ILE F 594 53.80 4.21 -19.43
CA ILE F 594 52.84 4.05 -20.51
C ILE F 594 53.19 2.83 -21.32
N LYS F 595 54.46 2.67 -21.64
CA LYS F 595 54.87 1.61 -22.53
C LYS F 595 54.71 0.24 -21.92
N GLN F 596 54.70 0.13 -20.59
CA GLN F 596 54.68 -1.15 -19.91
C GLN F 596 53.37 -1.41 -19.17
N TYR F 597 53.00 -0.54 -18.25
CA TYR F 597 51.95 -0.84 -17.29
C TYR F 597 50.55 -0.50 -17.76
N CYS F 598 50.38 0.04 -18.96
CA CYS F 598 49.05 0.27 -19.49
C CYS F 598 49.10 0.59 -20.97
N ARG F 599 48.32 -0.10 -21.79
CA ARG F 599 48.28 0.18 -23.22
C ARG F 599 46.83 0.08 -23.66
N GLU F 600 46.25 1.22 -24.01
CA GLU F 600 44.82 1.35 -24.25
C GLU F 600 44.60 2.70 -24.91
N SER F 601 43.35 3.14 -24.95
CA SER F 601 42.99 4.49 -25.36
C SER F 601 42.90 5.45 -24.18
N GLY F 602 42.12 5.11 -23.16
CA GLY F 602 41.84 6.05 -22.09
C GLY F 602 43.05 6.33 -21.22
N VAL F 603 43.09 7.55 -20.67
CA VAL F 603 44.14 7.96 -19.74
C VAL F 603 43.81 7.64 -18.28
N ARG F 604 42.60 7.19 -17.97
CA ARG F 604 42.19 6.98 -16.59
C ARG F 604 43.11 6.01 -15.85
N ASN F 605 43.37 4.86 -16.48
CA ASN F 605 44.16 3.85 -15.80
C ASN F 605 45.58 4.35 -15.57
N LEU F 606 46.09 5.23 -16.45
CA LEU F 606 47.38 5.81 -16.14
C LEU F 606 47.28 6.63 -14.87
N GLN F 607 46.11 7.24 -14.64
CA GLN F 607 45.98 8.12 -13.49
C GLN F 607 46.17 7.34 -12.23
N LYS F 608 45.71 6.07 -12.25
CA LYS F 608 45.85 5.27 -11.03
C LYS F 608 47.31 4.97 -10.73
N GLN F 609 48.09 4.62 -11.74
CA GLN F 609 49.51 4.35 -11.48
C GLN F 609 50.23 5.58 -11.03
N VAL F 610 49.85 6.74 -11.56
CA VAL F 610 50.51 7.98 -11.14
C VAL F 610 50.23 8.24 -9.66
N GLU F 611 48.96 8.18 -9.27
CA GLU F 611 48.67 8.44 -7.87
C GLU F 611 49.30 7.40 -6.98
N LYS F 612 49.44 6.16 -7.46
CA LYS F 612 50.04 5.15 -6.59
C LYS F 612 51.51 5.43 -6.36
N VAL F 613 52.22 5.80 -7.42
CA VAL F 613 53.61 6.20 -7.28
C VAL F 613 53.74 7.35 -6.29
N LEU F 614 52.78 8.27 -6.35
CA LEU F 614 52.83 9.42 -5.45
C LEU F 614 52.64 8.99 -4.01
N ARG F 615 51.60 8.21 -3.74
CA ARG F 615 51.30 7.91 -2.34
C ARG F 615 52.42 7.10 -1.71
N LYS F 616 53.05 6.21 -2.48
CA LYS F 616 54.18 5.52 -1.90
C LYS F 616 55.33 6.47 -1.67
N SER F 617 55.49 7.49 -2.52
CA SER F 617 56.46 8.52 -2.18
C SER F 617 56.07 9.21 -0.89
N ALA F 618 54.78 9.35 -0.65
CA ALA F 618 54.34 10.04 0.55
C ALA F 618 54.72 9.26 1.79
N TYR F 619 54.44 7.95 1.77
CA TYR F 619 54.81 7.14 2.92
C TYR F 619 56.33 7.06 3.07
N LYS F 620 57.06 7.19 1.98
CA LYS F 620 58.51 7.25 2.11
C LYS F 620 58.99 8.61 2.56
N ILE F 621 58.13 9.62 2.58
CA ILE F 621 58.47 10.90 3.20
C ILE F 621 58.11 10.91 4.67
N VAL F 622 56.90 10.47 5.02
CA VAL F 622 56.35 10.78 6.33
C VAL F 622 57.22 10.20 7.44
N SER F 623 57.63 8.95 7.29
CA SER F 623 58.43 8.31 8.32
C SER F 623 59.50 7.40 7.78
N GLY F 624 59.76 7.41 6.48
CA GLY F 624 60.75 6.50 5.93
C GLY F 624 62.11 7.13 6.08
N GLU F 625 63.02 6.67 5.24
CA GLU F 625 64.39 7.18 5.22
C GLU F 625 64.62 7.96 3.92
N ALA F 626 63.64 8.79 3.55
CA ALA F 626 63.75 9.58 2.35
C ALA F 626 63.16 10.95 2.60
N GLU F 627 63.96 11.97 2.33
CA GLU F 627 63.55 13.36 2.47
C GLU F 627 62.96 13.88 1.16
N SER F 628 63.38 13.31 0.02
CA SER F 628 62.87 13.73 -1.27
C SER F 628 62.99 12.57 -2.24
N VAL F 629 61.86 11.96 -2.56
CA VAL F 629 61.87 10.86 -3.51
C VAL F 629 62.13 11.43 -4.90
N GLU F 630 62.73 10.62 -5.77
CA GLU F 630 62.91 10.99 -7.16
C GLU F 630 62.90 9.68 -7.93
N VAL F 631 61.74 9.34 -8.49
CA VAL F 631 61.56 8.05 -9.13
C VAL F 631 62.50 7.94 -10.32
N THR F 632 63.05 6.76 -10.51
CA THR F 632 63.99 6.45 -11.56
C THR F 632 63.66 5.06 -12.11
N PRO F 633 64.02 4.77 -13.37
CA PRO F 633 63.63 3.47 -13.96
C PRO F 633 64.15 2.27 -13.21
N GLU F 634 65.33 2.36 -12.60
CA GLU F 634 65.86 1.20 -11.89
C GLU F 634 65.11 0.96 -10.58
N ASN F 635 64.86 2.02 -9.79
CA ASN F 635 64.12 1.83 -8.54
C ASN F 635 62.61 1.74 -8.77
N LEU F 636 62.14 2.03 -9.98
CA LEU F 636 60.70 2.00 -10.27
C LEU F 636 60.09 0.65 -9.94
N GLN F 637 60.87 -0.43 -10.05
CA GLN F 637 60.33 -1.75 -9.81
C GLN F 637 59.75 -1.86 -8.42
N ASP F 638 60.35 -1.15 -7.45
CA ASP F 638 59.84 -1.25 -6.10
C ASP F 638 58.46 -0.65 -5.97
N PHE F 639 58.13 0.34 -6.80
CA PHE F 639 56.91 1.10 -6.57
C PHE F 639 55.67 0.50 -7.17
N VAL F 640 55.78 -0.36 -8.16
CA VAL F 640 54.58 -0.99 -8.73
C VAL F 640 54.82 -2.49 -8.98
N GLY F 641 56.05 -2.97 -8.78
CA GLY F 641 56.29 -4.39 -9.00
C GLY F 641 56.40 -4.76 -10.47
N LYS F 642 56.15 -6.04 -10.73
CA LYS F 642 56.52 -6.66 -11.99
C LYS F 642 55.77 -6.03 -13.16
N PRO F 643 56.40 -5.87 -14.34
CA PRO F 643 55.68 -5.30 -15.47
C PRO F 643 54.56 -6.23 -15.90
N VAL F 644 53.49 -5.63 -16.42
CA VAL F 644 52.40 -6.42 -16.96
C VAL F 644 52.73 -6.80 -18.39
N PHE F 645 52.80 -5.81 -19.27
CA PHE F 645 52.97 -6.04 -20.69
C PHE F 645 54.43 -6.10 -21.08
N THR F 646 54.70 -6.72 -22.23
CA THR F 646 56.06 -6.94 -22.71
C THR F 646 56.16 -6.53 -24.17
N VAL F 647 57.38 -6.56 -24.67
CA VAL F 647 57.75 -6.02 -25.96
C VAL F 647 58.09 -7.18 -26.89
N GLU F 648 57.34 -8.27 -26.74
CA GLU F 648 57.71 -9.64 -27.16
C GLU F 648 58.54 -9.78 -28.43
N ARG F 649 58.09 -9.25 -29.57
CA ARG F 649 58.73 -9.52 -30.86
C ARG F 649 58.93 -11.04 -31.00
N MET F 650 57.79 -11.73 -31.13
CA MET F 650 57.70 -13.15 -30.86
C MET F 650 58.68 -13.97 -31.71
N TYR F 651 59.07 -13.46 -32.87
CA TYR F 651 60.02 -14.11 -33.77
C TYR F 651 61.04 -13.08 -34.22
N ASP F 652 62.12 -13.60 -34.77
CA ASP F 652 63.29 -12.81 -35.14
C ASP F 652 63.38 -12.51 -36.62
N VAL F 653 63.24 -13.53 -37.48
CA VAL F 653 63.41 -13.40 -38.91
C VAL F 653 62.28 -14.05 -39.69
N THR F 654 61.33 -14.69 -39.04
CA THR F 654 60.18 -15.29 -39.71
C THR F 654 60.59 -16.38 -40.70
N PRO F 655 61.00 -17.58 -40.25
CA PRO F 655 61.39 -18.65 -41.19
C PRO F 655 60.21 -19.09 -42.03
N PRO F 656 60.36 -20.05 -42.96
CA PRO F 656 59.29 -20.27 -43.96
C PRO F 656 57.98 -20.67 -43.32
N GLY F 657 56.89 -20.22 -43.92
CA GLY F 657 55.60 -20.56 -43.40
C GLY F 657 55.17 -19.79 -42.18
N VAL F 658 55.56 -18.53 -42.03
CA VAL F 658 55.09 -17.71 -40.93
C VAL F 658 55.08 -16.28 -41.40
N VAL F 659 54.10 -15.50 -40.98
CA VAL F 659 54.03 -14.09 -41.39
C VAL F 659 53.30 -13.34 -40.31
N MET F 660 53.71 -12.09 -40.08
CA MET F 660 53.06 -11.25 -39.10
C MET F 660 51.76 -10.71 -39.65
N GLY F 661 50.86 -10.34 -38.76
CA GLY F 661 49.64 -9.70 -39.18
C GLY F 661 49.16 -8.73 -38.14
N LEU F 662 48.72 -7.55 -38.56
CA LEU F 662 48.17 -6.58 -37.65
C LEU F 662 46.77 -6.98 -37.23
N ALA F 663 46.38 -6.54 -36.05
CA ALA F 663 45.05 -6.83 -35.55
C ALA F 663 44.57 -5.71 -34.66
N TRP F 664 43.29 -5.37 -34.80
CA TRP F 664 42.66 -4.31 -34.04
C TRP F 664 41.99 -4.98 -32.85
N THR F 665 42.73 -5.14 -31.78
CA THR F 665 42.19 -5.72 -30.57
C THR F 665 41.16 -4.76 -30.00
N ALA F 666 40.21 -5.31 -29.22
CA ALA F 666 39.22 -4.48 -28.56
C ALA F 666 39.83 -3.43 -27.65
N MET F 667 41.04 -3.67 -27.16
CA MET F 667 41.85 -2.68 -26.47
C MET F 667 43.07 -2.47 -27.35
N GLY F 668 43.22 -1.26 -27.90
CA GLY F 668 44.39 -0.90 -28.68
C GLY F 668 44.72 -1.83 -29.84
N GLY F 669 45.84 -1.58 -30.50
CA GLY F 669 46.28 -2.42 -31.59
C GLY F 669 47.10 -3.60 -31.09
N SER F 670 47.60 -4.39 -32.04
CA SER F 670 48.44 -5.52 -31.71
C SER F 670 49.13 -6.00 -32.97
N THR F 671 50.20 -6.77 -32.80
CA THR F 671 51.02 -7.25 -33.90
C THR F 671 51.18 -8.77 -33.85
N LEU F 672 50.07 -9.47 -33.71
CA LEU F 672 50.11 -10.92 -33.59
C LEU F 672 50.69 -11.60 -34.82
N PHE F 673 51.44 -12.67 -34.61
CA PHE F 673 52.02 -13.45 -35.68
C PHE F 673 51.03 -14.50 -36.18
N VAL F 674 51.36 -15.16 -37.28
CA VAL F 674 50.58 -16.27 -37.80
C VAL F 674 51.54 -17.31 -38.32
N GLU F 675 51.26 -18.58 -38.02
CA GLU F 675 52.19 -19.67 -38.18
C GLU F 675 51.49 -20.86 -38.81
N THR F 676 52.28 -21.68 -39.48
CA THR F 676 51.76 -22.78 -40.26
C THR F 676 52.77 -23.90 -40.30
N SER F 677 52.30 -25.13 -40.36
CA SER F 677 53.24 -26.23 -40.48
C SER F 677 52.58 -27.48 -41.01
N LEU F 678 53.42 -28.29 -41.62
CA LEU F 678 53.02 -29.61 -42.07
C LEU F 678 52.64 -30.44 -40.85
N ARG F 679 51.70 -31.36 -41.04
CA ARG F 679 51.16 -32.13 -39.93
C ARG F 679 51.20 -33.64 -40.15
N ARG F 680 51.56 -34.11 -41.32
CA ARG F 680 51.71 -35.53 -41.60
C ARG F 680 52.75 -35.65 -42.69
N PRO F 681 53.38 -36.80 -42.85
CA PRO F 681 54.33 -36.93 -43.95
C PRO F 681 53.61 -36.68 -45.25
N GLN F 682 54.26 -35.93 -46.12
CA GLN F 682 53.59 -35.49 -47.35
C GLN F 682 53.38 -36.63 -48.36
N ASP F 683 54.23 -37.67 -48.33
CA ASP F 683 54.28 -38.64 -49.42
C ASP F 683 53.88 -40.03 -48.96
N LYS F 684 52.79 -40.15 -48.20
CA LYS F 684 52.29 -41.48 -47.85
C LYS F 684 51.89 -42.27 -49.09
N ASP F 685 51.46 -41.57 -50.14
CA ASP F 685 51.23 -42.17 -51.45
C ASP F 685 51.55 -41.07 -52.46
N ALA F 686 52.65 -41.24 -53.20
CA ALA F 686 53.10 -40.19 -54.11
C ALA F 686 52.03 -39.85 -55.15
N LYS F 687 51.27 -40.84 -55.59
CA LYS F 687 50.14 -40.61 -56.50
C LYS F 687 48.81 -40.44 -55.79
N GLY F 688 48.74 -40.64 -54.47
CA GLY F 688 47.48 -40.70 -53.75
C GLY F 688 46.64 -39.46 -53.89
N ASP F 689 45.40 -39.64 -54.35
CA ASP F 689 44.48 -38.52 -54.53
C ASP F 689 43.64 -38.38 -53.26
N LYS F 690 44.13 -37.56 -52.34
CA LYS F 690 43.46 -37.36 -51.07
C LYS F 690 43.73 -35.95 -50.59
N ASP F 691 42.72 -35.38 -49.93
CA ASP F 691 42.68 -33.95 -49.68
C ASP F 691 43.84 -33.50 -48.81
N GLY F 692 44.39 -32.34 -49.12
CA GLY F 692 45.34 -31.68 -48.26
C GLY F 692 44.62 -30.87 -47.21
N SER F 693 43.91 -31.54 -46.31
CA SER F 693 43.00 -30.86 -45.40
C SER F 693 43.71 -29.87 -44.50
N LEU F 694 43.09 -28.72 -44.30
CA LEU F 694 43.53 -27.78 -43.28
C LEU F 694 43.09 -28.25 -41.91
N GLU F 695 43.81 -27.80 -40.90
CA GLU F 695 43.38 -27.98 -39.52
C GLU F 695 43.74 -26.67 -38.81
N VAL F 696 42.80 -25.75 -38.81
CA VAL F 696 43.01 -24.46 -38.18
C VAL F 696 42.77 -24.60 -36.69
N THR F 697 43.44 -23.75 -35.91
CA THR F 697 43.23 -23.67 -34.46
C THR F 697 43.53 -22.26 -33.98
N GLY F 698 43.04 -21.98 -32.78
CA GLY F 698 43.13 -20.66 -32.18
C GLY F 698 41.80 -20.09 -31.72
N GLN F 699 40.83 -20.95 -31.39
CA GLN F 699 39.53 -20.53 -30.85
C GLN F 699 38.81 -19.62 -31.84
N LEU F 700 38.89 -19.97 -33.10
CA LEU F 700 38.21 -19.20 -34.12
C LEU F 700 36.70 -19.31 -34.01
N GLY F 701 36.03 -18.16 -34.18
CA GLY F 701 34.61 -18.15 -34.41
C GLY F 701 34.27 -18.54 -35.83
N GLU F 702 33.00 -18.93 -36.04
CA GLU F 702 32.60 -19.45 -37.34
C GLU F 702 32.76 -18.42 -38.44
N VAL F 703 32.58 -17.13 -38.11
CA VAL F 703 32.81 -16.07 -39.07
C VAL F 703 34.23 -16.14 -39.60
N MET F 704 35.17 -16.60 -38.77
CA MET F 704 36.49 -16.91 -39.28
C MET F 704 36.53 -18.24 -39.98
N LYS F 705 35.89 -19.28 -39.41
CA LYS F 705 36.04 -20.64 -39.94
C LYS F 705 35.69 -20.74 -41.41
N GLU F 706 34.78 -19.88 -41.86
CA GLU F 706 34.51 -19.77 -43.28
C GLU F 706 35.61 -19.00 -43.98
N SER F 707 36.04 -17.87 -43.40
CA SER F 707 36.99 -17.00 -44.09
C SER F 707 38.34 -17.66 -44.26
N ALA F 708 38.77 -18.44 -43.28
CA ALA F 708 40.00 -19.19 -43.44
C ALA F 708 39.86 -20.17 -44.59
N ARG F 709 38.66 -20.71 -44.78
CA ARG F 709 38.46 -21.68 -45.83
C ARG F 709 38.53 -21.03 -47.21
N ILE F 710 37.89 -19.87 -47.37
CA ILE F 710 37.94 -19.21 -48.68
C ILE F 710 39.35 -18.79 -49.00
N ALA F 711 40.08 -18.34 -47.99
CA ALA F 711 41.48 -18.03 -48.22
C ALA F 711 42.23 -19.26 -48.63
N TYR F 712 41.91 -20.40 -48.03
CA TYR F 712 42.61 -21.62 -48.36
C TYR F 712 42.38 -21.99 -49.81
N THR F 713 41.13 -21.92 -50.24
CA THR F 713 40.83 -22.26 -51.62
C THR F 713 41.51 -21.32 -52.57
N PHE F 714 41.59 -20.03 -52.20
CA PHE F 714 42.29 -19.12 -53.09
C PHE F 714 43.77 -19.46 -53.14
N ALA F 715 44.33 -19.94 -52.03
CA ALA F 715 45.73 -20.34 -52.05
C ALA F 715 45.92 -21.47 -53.03
N ARG F 716 45.08 -22.48 -52.89
CA ARG F 716 45.20 -23.66 -53.72
C ARG F 716 44.98 -23.33 -55.19
N ALA F 717 44.18 -22.30 -55.47
CA ALA F 717 43.96 -21.88 -56.84
C ALA F 717 45.14 -21.09 -57.38
N PHE F 718 45.59 -20.10 -56.62
CA PHE F 718 46.65 -19.21 -57.09
C PHE F 718 47.86 -20.03 -57.43
N LEU F 719 48.27 -20.91 -56.52
CA LEU F 719 49.51 -21.61 -56.74
C LEU F 719 49.43 -22.46 -58.00
N MET F 720 48.38 -23.27 -58.13
CA MET F 720 48.28 -24.17 -59.28
C MET F 720 48.20 -23.38 -60.57
N GLN F 721 47.59 -22.19 -60.55
CA GLN F 721 47.68 -21.34 -61.73
C GLN F 721 49.09 -20.86 -61.96
N HIS F 722 49.88 -20.70 -60.90
CA HIS F 722 51.17 -20.06 -61.04
C HIS F 722 52.28 -21.01 -61.36
N ALA F 723 52.39 -22.09 -60.58
CA ALA F 723 53.53 -23.00 -60.62
C ALA F 723 53.00 -24.41 -60.76
N PRO F 724 52.63 -24.82 -61.98
CA PRO F 724 51.89 -26.09 -62.14
C PRO F 724 52.62 -27.30 -61.62
N ALA F 725 53.95 -27.32 -61.71
CA ALA F 725 54.69 -28.52 -61.32
C ALA F 725 54.56 -28.78 -59.82
N ASN F 726 54.75 -27.75 -59.00
CA ASN F 726 54.61 -27.89 -57.56
C ASN F 726 53.18 -28.32 -57.27
N ASP F 727 53.05 -29.34 -56.43
CA ASP F 727 51.74 -29.84 -56.03
C ASP F 727 51.56 -29.97 -54.53
N TYR F 728 52.52 -29.47 -53.75
CA TYR F 728 52.53 -29.59 -52.30
C TYR F 728 51.17 -29.32 -51.71
N LEU F 729 50.70 -28.08 -51.91
CA LEU F 729 49.59 -27.57 -51.14
C LEU F 729 48.31 -28.32 -51.44
N VAL F 730 48.17 -28.86 -52.66
CA VAL F 730 46.96 -29.62 -52.96
C VAL F 730 46.88 -30.86 -52.07
N THR F 731 48.03 -31.48 -51.82
CA THR F 731 48.09 -32.79 -51.16
C THR F 731 49.14 -32.78 -50.05
N SER F 732 48.75 -32.23 -48.90
CA SER F 732 49.46 -32.50 -47.67
C SER F 732 48.72 -31.79 -46.55
N HIS F 733 48.51 -32.50 -45.47
CA HIS F 733 47.77 -31.92 -44.36
C HIS F 733 48.55 -30.75 -43.81
N ILE F 734 47.85 -29.71 -43.37
CA ILE F 734 48.48 -28.46 -42.97
C ILE F 734 47.77 -27.96 -41.74
N HIS F 735 48.46 -27.95 -40.62
CA HIS F 735 47.95 -27.33 -39.41
C HIS F 735 48.33 -25.87 -39.41
N LEU F 736 47.43 -25.04 -38.89
CA LEU F 736 47.57 -23.61 -38.98
C LEU F 736 47.07 -22.98 -37.69
N HIS F 737 47.77 -21.96 -37.23
CA HIS F 737 47.47 -21.32 -35.97
C HIS F 737 47.19 -19.87 -36.22
N VAL F 738 46.13 -19.36 -35.61
CA VAL F 738 45.76 -17.94 -35.68
C VAL F 738 45.64 -17.42 -34.26
N PRO F 739 46.63 -16.71 -33.71
CA PRO F 739 46.53 -16.28 -32.32
C PRO F 739 45.34 -15.37 -32.09
N GLU F 740 44.75 -15.51 -30.92
CA GLU F 740 43.56 -14.78 -30.58
C GLU F 740 43.91 -13.31 -30.43
N GLY F 741 42.89 -12.46 -30.59
CA GLY F 741 43.02 -11.05 -30.30
C GLY F 741 42.21 -10.12 -31.16
N ALA F 742 41.86 -10.49 -32.37
CA ALA F 742 41.02 -9.60 -33.17
C ALA F 742 39.61 -9.55 -32.58
N THR F 743 39.03 -8.38 -32.60
CA THR F 743 37.59 -8.27 -32.35
C THR F 743 36.85 -8.89 -33.53
N PRO F 744 35.81 -9.72 -33.31
CA PRO F 744 35.29 -10.56 -34.40
C PRO F 744 34.82 -9.83 -35.63
N LYS F 745 34.21 -8.65 -35.49
CA LYS F 745 33.84 -7.92 -36.69
C LYS F 745 35.07 -7.50 -37.47
N ASP F 746 36.17 -7.25 -36.76
CA ASP F 746 37.44 -6.93 -37.34
C ASP F 746 38.31 -8.17 -37.50
N GLY F 747 37.78 -9.35 -37.17
CA GLY F 747 38.48 -10.59 -37.23
C GLY F 747 38.97 -10.92 -38.62
N PRO F 748 38.09 -10.86 -39.63
CA PRO F 748 38.52 -11.22 -40.99
C PRO F 748 39.65 -10.38 -41.51
N SER F 749 39.82 -9.15 -41.01
CA SER F 749 40.85 -8.22 -41.44
C SER F 749 42.24 -8.79 -41.70
N ALA F 750 42.62 -9.86 -41.01
CA ALA F 750 43.91 -10.51 -41.18
C ALA F 750 43.90 -11.59 -42.26
N GLY F 751 42.88 -11.62 -43.10
CA GLY F 751 42.70 -12.72 -44.02
C GLY F 751 43.84 -12.87 -44.98
N CYS F 752 44.42 -11.76 -45.43
CA CYS F 752 45.42 -11.83 -46.47
C CYS F 752 46.66 -12.53 -45.97
N THR F 753 46.94 -12.40 -44.66
CA THR F 753 48.15 -12.99 -44.11
C THR F 753 48.13 -14.50 -44.25
N ILE F 754 46.94 -15.10 -44.11
CA ILE F 754 46.82 -16.54 -44.29
C ILE F 754 47.13 -16.92 -45.71
N VAL F 755 46.65 -16.15 -46.66
CA VAL F 755 46.83 -16.49 -48.07
C VAL F 755 48.29 -16.47 -48.42
N THR F 756 49.07 -15.63 -47.76
CA THR F 756 50.51 -15.63 -48.00
C THR F 756 51.25 -16.66 -47.19
N ALA F 757 50.78 -16.97 -45.97
CA ALA F 757 51.48 -17.93 -45.13
C ALA F 757 51.58 -19.28 -45.80
N LEU F 758 50.46 -19.75 -46.36
CA LEU F 758 50.45 -21.06 -46.99
C LEU F 758 51.39 -21.08 -48.17
N LEU F 759 51.46 -19.96 -48.89
CA LEU F 759 52.34 -19.88 -50.04
C LEU F 759 53.78 -19.98 -49.61
N SER F 760 54.15 -19.30 -48.53
CA SER F 760 55.53 -19.40 -48.09
C SER F 760 55.86 -20.83 -47.73
N LEU F 761 54.91 -21.55 -47.11
CA LEU F 761 55.16 -22.95 -46.78
C LEU F 761 55.32 -23.77 -48.04
N ALA F 762 54.70 -23.35 -49.13
CA ALA F 762 54.96 -24.08 -50.34
C ALA F 762 56.38 -23.79 -50.78
N MET F 763 56.69 -22.54 -51.12
CA MET F 763 58.01 -22.26 -51.68
C MET F 763 59.15 -22.47 -50.70
N GLY F 764 58.90 -22.36 -49.40
CA GLY F 764 60.00 -22.49 -48.47
C GLY F 764 60.88 -21.26 -48.41
N ARG F 765 60.40 -20.11 -48.88
CA ARG F 765 61.18 -18.88 -48.94
C ARG F 765 60.62 -17.85 -47.98
N PRO F 766 61.36 -17.31 -47.01
CA PRO F 766 60.76 -16.33 -46.10
C PRO F 766 60.36 -15.07 -46.83
N VAL F 767 59.40 -14.39 -46.23
CA VAL F 767 58.90 -13.11 -46.71
C VAL F 767 60.03 -12.09 -46.65
N ARG F 768 59.86 -10.91 -47.22
CA ARG F 768 60.74 -9.84 -46.79
C ARG F 768 60.50 -9.61 -45.31
N GLN F 769 61.55 -9.35 -44.57
CA GLN F 769 61.43 -9.30 -43.13
C GLN F 769 60.68 -8.06 -42.72
N ASN F 770 60.05 -8.14 -41.54
CA ASN F 770 59.35 -7.02 -40.87
C ASN F 770 58.42 -6.28 -41.83
N LEU F 771 57.71 -7.07 -42.64
CA LEU F 771 56.74 -6.59 -43.61
C LEU F 771 55.37 -6.96 -43.09
N ALA F 772 54.81 -6.08 -42.30
CA ALA F 772 53.43 -6.24 -41.85
C ALA F 772 52.49 -6.15 -43.02
N MET F 773 51.34 -6.81 -42.90
CA MET F 773 50.34 -6.71 -43.95
C MET F 773 49.00 -7.21 -43.46
N THR F 774 47.94 -6.63 -44.01
CA THR F 774 46.59 -6.95 -43.56
C THR F 774 45.68 -7.00 -44.78
N GLY F 775 44.38 -6.96 -44.53
CA GLY F 775 43.37 -6.81 -45.57
C GLY F 775 42.61 -8.09 -45.83
N GLU F 776 41.30 -7.96 -46.06
CA GLU F 776 40.45 -9.09 -46.36
C GLU F 776 40.66 -9.56 -47.79
N VAL F 777 40.39 -10.85 -48.05
CA VAL F 777 40.50 -11.42 -49.40
C VAL F 777 39.20 -12.11 -49.75
N SER F 778 38.88 -12.14 -51.04
CA SER F 778 37.75 -12.84 -51.61
C SER F 778 38.28 -13.78 -52.68
N LEU F 779 37.43 -14.66 -53.16
CA LEU F 779 37.86 -15.84 -53.91
C LEU F 779 38.61 -15.61 -55.20
N THR F 780 38.84 -14.36 -55.61
CA THR F 780 39.76 -14.12 -56.70
C THR F 780 40.69 -12.96 -56.35
N GLY F 781 40.97 -12.79 -55.07
CA GLY F 781 42.01 -11.90 -54.64
C GLY F 781 41.71 -10.44 -54.71
N LYS F 782 40.45 -10.04 -54.69
CA LYS F 782 40.10 -8.63 -54.73
C LYS F 782 40.05 -8.16 -53.29
N ILE F 783 41.17 -7.58 -52.82
CA ILE F 783 41.27 -7.10 -51.46
C ILE F 783 40.19 -6.07 -51.24
N LEU F 784 39.57 -6.12 -50.06
CA LEU F 784 38.44 -5.27 -49.72
C LEU F 784 38.79 -4.42 -48.51
N PRO F 785 38.22 -3.23 -48.38
CA PRO F 785 38.65 -2.32 -47.32
C PRO F 785 38.42 -2.86 -45.93
N VAL F 786 39.31 -2.50 -45.02
CA VAL F 786 39.29 -2.93 -43.63
C VAL F 786 39.41 -1.69 -42.77
N GLY F 787 38.85 -1.76 -41.57
CA GLY F 787 38.78 -0.63 -40.67
C GLY F 787 39.96 -0.50 -39.72
N GLY F 788 39.89 0.53 -38.88
CA GLY F 788 40.82 0.65 -37.79
C GLY F 788 42.25 1.00 -38.13
N ILE F 789 42.48 1.75 -39.20
CA ILE F 789 43.84 1.94 -39.70
C ILE F 789 44.73 2.63 -38.66
N LYS F 790 44.15 3.46 -37.81
CA LYS F 790 44.93 4.20 -36.82
C LYS F 790 45.66 3.25 -35.88
N GLU F 791 44.92 2.46 -35.11
CA GLU F 791 45.55 1.62 -34.11
C GLU F 791 46.47 0.60 -34.74
N LYS F 792 46.06 0.05 -35.90
CA LYS F 792 46.90 -0.94 -36.55
C LYS F 792 48.23 -0.34 -36.98
N THR F 793 48.22 0.90 -37.47
CA THR F 793 49.47 1.51 -37.89
C THR F 793 50.37 1.78 -36.71
N ILE F 794 49.82 2.41 -35.66
CA ILE F 794 50.68 2.73 -34.52
C ILE F 794 51.18 1.46 -33.86
N ALA F 795 50.39 0.39 -33.90
CA ALA F 795 50.85 -0.86 -33.32
C ALA F 795 52.03 -1.40 -34.09
N ALA F 796 51.93 -1.42 -35.42
CA ALA F 796 53.05 -1.91 -36.20
C ALA F 796 54.28 -1.06 -36.00
N LYS F 797 54.11 0.24 -35.75
CA LYS F 797 55.27 1.14 -35.65
C LYS F 797 56.23 0.74 -34.55
N ARG F 798 55.71 0.15 -33.48
CA ARG F 798 56.53 -0.26 -32.36
C ARG F 798 57.08 -1.67 -32.52
N ALA F 799 56.71 -2.39 -33.59
CA ALA F 799 57.19 -3.74 -33.83
C ALA F 799 58.38 -3.79 -34.78
N GLY F 800 59.02 -2.66 -35.04
CA GLY F 800 60.09 -2.66 -36.01
C GLY F 800 59.61 -2.74 -37.44
N VAL F 801 58.35 -2.40 -37.71
CA VAL F 801 57.81 -2.52 -39.06
C VAL F 801 58.55 -1.60 -40.01
N THR F 802 58.76 -2.07 -41.23
CA THR F 802 59.39 -1.28 -42.28
C THR F 802 58.38 -0.90 -43.34
N CYS F 803 57.60 -1.86 -43.82
CA CYS F 803 56.85 -1.71 -45.06
C CYS F 803 55.45 -2.29 -44.91
N ILE F 804 54.53 -1.50 -44.39
CA ILE F 804 53.14 -1.91 -44.32
C ILE F 804 52.55 -1.94 -45.72
N VAL F 805 51.60 -2.85 -45.98
CA VAL F 805 50.82 -2.86 -47.23
C VAL F 805 49.36 -2.95 -46.86
N LEU F 806 48.55 -2.10 -47.48
CA LEU F 806 47.16 -1.88 -47.14
C LEU F 806 46.28 -1.93 -48.37
N PRO F 807 44.98 -2.17 -48.20
CA PRO F 807 44.09 -2.22 -49.36
C PRO F 807 44.12 -0.92 -50.11
N ALA F 808 44.15 -0.99 -51.44
CA ALA F 808 44.19 0.24 -52.22
C ALA F 808 42.93 1.06 -52.06
N GLU F 809 41.84 0.46 -51.61
CA GLU F 809 40.60 1.16 -51.44
C GLU F 809 40.55 1.95 -50.14
N ASN F 810 41.55 1.79 -49.27
CA ASN F 810 41.56 2.37 -47.95
C ASN F 810 42.54 3.52 -47.76
N LYS F 811 43.25 3.95 -48.81
CA LYS F 811 44.40 4.84 -48.66
C LYS F 811 44.03 6.11 -47.92
N LYS F 812 42.81 6.60 -48.16
CA LYS F 812 42.42 7.91 -47.63
C LYS F 812 42.55 7.91 -46.12
N ASP F 813 42.10 6.85 -45.47
CA ASP F 813 42.11 6.83 -44.02
C ASP F 813 43.53 6.86 -43.52
N PHE F 814 44.42 6.17 -44.22
CA PHE F 814 45.80 6.17 -43.79
C PHE F 814 46.43 7.54 -43.95
N TYR F 815 45.98 8.33 -44.93
CA TYR F 815 46.53 9.66 -45.15
C TYR F 815 45.81 10.75 -44.37
N ASP F 816 44.69 10.45 -43.72
CA ASP F 816 44.10 11.42 -42.81
C ASP F 816 44.75 11.40 -41.44
N LEU F 817 45.60 10.41 -41.15
CA LEU F 817 46.21 10.32 -39.84
C LEU F 817 47.22 11.42 -39.62
N ALA F 818 47.43 11.74 -38.35
CA ALA F 818 48.31 12.82 -37.95
C ALA F 818 49.69 12.59 -38.53
N ALA F 819 50.34 13.68 -38.92
CA ALA F 819 51.55 13.61 -39.73
C ALA F 819 52.64 12.78 -39.07
N PHE F 820 52.94 13.05 -37.79
CA PHE F 820 54.12 12.46 -37.18
C PHE F 820 54.04 10.93 -37.12
N ILE F 821 52.83 10.37 -37.06
CA ILE F 821 52.66 8.94 -36.89
C ILE F 821 53.23 8.17 -38.08
N THR F 822 52.88 8.59 -39.28
CA THR F 822 53.26 7.81 -40.45
C THR F 822 54.71 7.98 -40.84
N GLU F 823 55.42 8.96 -40.27
CA GLU F 823 56.80 9.23 -40.66
C GLU F 823 57.67 8.01 -40.46
N GLY F 824 58.60 7.82 -41.38
CA GLY F 824 59.43 6.63 -41.37
C GLY F 824 58.90 5.63 -42.37
N LEU F 825 58.11 4.66 -41.89
CA LEU F 825 57.82 3.45 -42.66
C LEU F 825 57.21 3.75 -44.01
N GLU F 826 57.68 3.03 -45.02
CA GLU F 826 57.09 3.07 -46.33
C GLU F 826 55.80 2.28 -46.32
N VAL F 827 54.90 2.62 -47.23
CA VAL F 827 53.60 2.00 -47.34
C VAL F 827 53.41 1.60 -48.79
N HIS F 828 52.48 0.70 -49.03
CA HIS F 828 52.13 0.27 -50.38
C HIS F 828 50.65 0.00 -50.42
N PHE F 829 50.03 0.32 -51.53
CA PHE F 829 48.62 0.10 -51.74
C PHE F 829 48.42 -0.92 -52.84
N VAL F 830 47.47 -1.82 -52.62
CA VAL F 830 47.17 -2.87 -53.58
C VAL F 830 45.70 -3.19 -53.52
N GLU F 831 45.18 -3.72 -54.63
CA GLU F 831 43.79 -4.13 -54.75
C GLU F 831 43.66 -5.61 -55.08
N HIS F 832 44.30 -6.10 -56.13
CA HIS F 832 44.30 -7.51 -56.46
C HIS F 832 45.47 -8.17 -55.77
N TYR F 833 45.23 -9.30 -55.11
CA TYR F 833 46.27 -9.91 -54.27
C TYR F 833 47.52 -10.24 -55.06
N ARG F 834 47.40 -10.50 -56.35
CA ARG F 834 48.56 -10.89 -57.13
C ARG F 834 49.66 -9.85 -57.09
N GLU F 835 49.32 -8.59 -56.82
CA GLU F 835 50.32 -7.55 -56.68
C GLU F 835 51.22 -7.85 -55.50
N ILE F 836 50.63 -8.22 -54.35
CA ILE F 836 51.41 -8.41 -53.12
C ILE F 836 52.44 -9.50 -53.31
N PHE F 837 52.09 -10.53 -54.06
CA PHE F 837 53.00 -11.64 -54.21
C PHE F 837 54.25 -11.24 -54.99
N ASP F 838 54.24 -10.12 -55.71
CA ASP F 838 55.45 -9.60 -56.29
C ASP F 838 56.25 -8.73 -55.32
N ILE F 839 55.69 -8.40 -54.16
CA ILE F 839 56.39 -7.66 -53.13
C ILE F 839 56.96 -8.61 -52.10
N ALA F 840 56.13 -9.52 -51.61
CA ALA F 840 56.51 -10.35 -50.50
C ALA F 840 57.65 -11.30 -50.83
N PHE F 841 57.83 -11.67 -52.09
CA PHE F 841 58.83 -12.67 -52.49
C PHE F 841 59.68 -12.12 -53.62
N PRO F 842 60.60 -11.17 -53.34
CA PRO F 842 61.43 -10.56 -54.39
C PRO F 842 62.19 -11.51 -55.34
N UNK G 1 -24.21 22.95 28.74
CA UNK G 1 -23.18 23.51 29.60
C UNK G 1 -21.80 23.22 29.03
N UNK G 2 -21.03 24.28 28.78
CA UNK G 2 -19.63 24.15 28.37
C UNK G 2 -18.80 23.34 29.34
N UNK G 3 -18.95 22.02 29.28
CA UNK G 3 -18.15 21.12 30.10
C UNK G 3 -16.76 21.02 29.51
N UNK G 4 -15.92 20.19 30.13
CA UNK G 4 -14.64 19.82 29.53
C UNK G 4 -14.88 18.93 28.32
N UNK G 5 -13.82 18.69 27.54
CA UNK G 5 -13.91 17.91 26.31
C UNK G 5 -12.52 17.68 25.72
N UNK G 6 -11.78 16.76 26.33
CA UNK G 6 -10.37 16.52 25.97
C UNK G 6 -10.15 16.07 24.53
N UNK G 7 -8.89 15.87 24.16
CA UNK G 7 -8.53 15.37 22.83
C UNK G 7 -7.03 15.08 22.72
N UNK G 8 -6.66 13.80 22.76
CA UNK G 8 -5.27 13.36 22.64
C UNK G 8 -4.97 12.88 21.23
N UNK G 9 -3.69 12.80 20.88
CA UNK G 9 -3.28 12.42 19.53
C UNK G 9 -1.79 12.15 19.41
N UNK G 10 -1.46 11.13 18.63
CA UNK G 10 -0.11 10.75 18.28
C UNK G 10 -0.19 9.46 17.45
N UNK G 11 -0.09 9.60 16.14
CA UNK G 11 -0.50 8.53 15.23
C UNK G 11 0.58 7.47 15.02
N UNK G 12 0.46 6.31 15.68
CA UNK G 12 1.38 5.22 15.45
C UNK G 12 1.27 4.73 14.03
N UNK G 13 2.31 4.08 13.52
CA UNK G 13 2.41 3.74 12.12
C UNK G 13 2.30 2.26 11.86
N UNK G 14 1.09 1.72 11.81
CA UNK G 14 0.91 0.32 11.49
C UNK G 14 1.41 0.03 10.10
N UNK G 15 2.46 -0.78 9.95
CA UNK G 15 3.07 -1.03 8.64
C UNK G 15 2.11 -1.76 7.74
N UNK G 16 2.50 -1.99 6.50
CA UNK G 16 1.64 -2.76 5.61
C UNK G 16 2.45 -3.37 4.50
N UNK G 17 2.17 -4.62 4.19
CA UNK G 17 2.93 -5.31 3.17
C UNK G 17 2.61 -4.74 1.82
N UNK G 18 3.24 -5.30 0.81
CA UNK G 18 2.88 -4.97 -0.55
C UNK G 18 3.50 -5.98 -1.47
N UNK G 19 2.72 -6.51 -2.40
CA UNK G 19 3.27 -7.42 -3.38
C UNK G 19 4.16 -6.62 -4.28
N UNK G 20 4.96 -7.28 -5.09
CA UNK G 20 5.77 -6.58 -6.07
C UNK G 20 6.21 -7.50 -7.18
N UNK G 21 5.87 -7.13 -8.40
CA UNK G 21 6.39 -7.81 -9.56
C UNK G 21 7.78 -7.25 -9.75
N UNK G 22 8.79 -7.97 -9.26
CA UNK G 22 10.18 -7.56 -9.39
C UNK G 22 10.58 -7.34 -10.85
N UNK G 23 11.06 -8.37 -11.53
CA UNK G 23 11.51 -8.25 -12.91
C UNK G 23 12.63 -7.22 -13.04
N UNK G 24 13.87 -7.72 -13.05
CA UNK G 24 15.06 -6.89 -13.29
C UNK G 24 15.53 -7.06 -14.72
#